data_8IVW
#
_entry.id   8IVW
#
_cell.length_a   70.424
_cell.length_b   225.164
_cell.length_c   142.996
_cell.angle_alpha   90.000
_cell.angle_beta   91.300
_cell.angle_gamma   90.000
#
_symmetry.space_group_name_H-M   'P 1 21 1'
#
loop_
_entity.id
_entity.type
_entity.pdbx_description
1 polymer Neuropilin-2
2 polymer 'Heavy chian of antibody 10V8 Fab fragment'
3 polymer 'Light chain of antibody 10V8 Fab fragment'
#
loop_
_entity_poly.entity_id
_entity_poly.type
_entity_poly.pdbx_seq_one_letter_code
_entity_poly.pdbx_strand_id
1 'polypeptide(L)'
;HHHHHHENLYFQDPPCGGRLNSKDAGYITSPGYPQDYPSHQNCEWIVYAPEPNQKIVLNFNPHFEIEKHDCKYDFIEIRD
GDSESADLLGKHCGNIAPPTIISSGSMLYIKFTSDYARQGAGFSLRYEIFKTGSEDCSKNFTSPNGTIESPGFPEKYPHN
LDCTFTILAKPKMEIILQFLIFDLEHDPLQVGEGDCKYDWLDIWDGIPHVGPLIGKYCGTKTPSELRSSTGILSLTFHTD
MAVAKDGFSARYYLVHQEPLENFQCNVPLGMESGRIANEQISASSTYSDGRWTPQQSRLHGDDNGWTPNLDSNKEYLQVD
LRFLTMLTAIATQGAISRETQNGYYVKSYKLEVSTNGEDWMVYRHGKNHKVFQANNDATEVVLNKLHAPLLTRFVRIRPQ
TWHSGIALRLELFGCRVTDAPCSNMLGMLSGLIADSQISASSTQEYLWSPSAARLVSSRSGWFPRIPQAQPGEEWLQVDL
GTPKTVKGVIIQGARGGDSITAVEARAFVRKFKVSYSLNGKDWEYIQDPRTQQPKLFEGNMHYDTPDIRRFDPIPAQYVR
VYPERWSPAGIGMRLEVLGCDWT
;
A,D,G,J
2 'polypeptide(L)'
;EVQLVQSGAEVKKPGATVKISCKVSGFNIKDYYIHWVQQAPGKGLEWMGRIDVEDDETKYAPKFQGRVTITADTSTDTAY
MELSSLRSEDTAVYYCATPIYGSREAWFAYWGQGTLVTVSSASTKGPSVFPLAPCSRSTSESTAALGCLVKDYFPEPVTV
SWNSGALTSGVHTFPAVLQSSGLYSLSSVVTVPSSSLGTKTYTCNVDHKPSNTKVDKRVGGSHHHHHH
;
B,E,H,K
3 'polypeptide(L)'
;DIQMTQSPSSLSASVGDRVTITCTASSSVSSSYLHWYQQKPGKAPKLLIYRTSNLASGVPSRFSGSGSGTDFTLTISSLQ
PEDFATYYCHQYYRSPPTFGGGTKVEIKRTVAAPSVFIFPPSDEQLKSGTASVVCLLNNFYPREAKVQWKVDNALQSGNS
QESVTEQDSKDSTYSLSSTLTLSKADYEKHKVYACEVTHQGLSSPVTKSFNRGEC
;
C,F,I,L
#
# COMPACT_ATOMS: atom_id res chain seq x y z
N CYS A 137 -20.04 -9.87 69.77
CA CYS A 137 -20.43 -10.19 68.37
C CYS A 137 -20.68 -11.69 68.21
N SER A 138 -19.91 -12.51 68.95
CA SER A 138 -19.89 -13.94 68.79
C SER A 138 -21.16 -14.61 69.33
N LYS A 139 -21.54 -15.77 68.72
CA LYS A 139 -22.69 -16.58 69.13
C LYS A 139 -22.39 -18.07 69.01
N ASN A 140 -23.17 -18.91 69.73
CA ASN A 140 -23.13 -20.37 69.65
C ASN A 140 -24.51 -20.88 69.25
N PHE A 141 -24.55 -21.92 68.39
CA PHE A 141 -25.76 -22.48 67.80
C PHE A 141 -25.82 -23.99 68.11
N THR A 142 -26.94 -24.41 68.73
CA THR A 142 -27.19 -25.79 69.15
C THR A 142 -28.61 -26.27 68.80
N SER A 143 -29.54 -25.34 68.51
CA SER A 143 -30.94 -25.67 68.20
C SER A 143 -31.03 -26.34 66.83
N PRO A 144 -32.06 -27.17 66.56
CA PRO A 144 -32.13 -27.97 65.33
C PRO A 144 -32.03 -27.18 64.02
N ASN A 145 -32.89 -26.14 63.89
CA ASN A 145 -32.87 -25.22 62.76
C ASN A 145 -32.48 -23.84 63.27
N GLY A 146 -31.61 -23.11 62.55
CA GLY A 146 -31.25 -21.77 62.96
C GLY A 146 -30.87 -20.84 61.81
N THR A 147 -30.68 -19.55 62.14
CA THR A 147 -30.29 -18.49 61.22
C THR A 147 -28.97 -17.87 61.70
N ILE A 148 -28.06 -17.56 60.77
CA ILE A 148 -26.82 -16.84 61.05
C ILE A 148 -26.68 -15.72 60.02
N GLU A 149 -26.36 -14.50 60.46
CA GLU A 149 -26.19 -13.37 59.54
C GLU A 149 -25.28 -12.32 60.16
N SER A 150 -24.76 -11.42 59.32
CA SER A 150 -23.98 -10.27 59.76
C SER A 150 -24.84 -9.36 60.64
N PRO A 151 -24.25 -8.75 61.71
CA PRO A 151 -24.99 -7.89 62.63
C PRO A 151 -25.83 -6.81 61.93
N GLY A 152 -27.11 -6.71 62.33
CA GLY A 152 -28.00 -5.67 61.85
C GLY A 152 -28.65 -5.98 60.50
N PHE A 153 -28.35 -7.15 59.90
CA PHE A 153 -28.94 -7.51 58.61
C PHE A 153 -30.47 -7.49 58.74
N PRO A 154 -31.23 -6.90 57.78
CA PRO A 154 -30.74 -6.53 56.44
C PRO A 154 -29.96 -5.22 56.24
N GLU A 155 -29.59 -4.50 57.31
CA GLU A 155 -28.78 -3.29 57.20
C GLU A 155 -27.33 -3.65 56.86
N LYS A 156 -26.59 -2.68 56.32
CA LYS A 156 -25.16 -2.80 56.03
C LYS A 156 -24.42 -2.92 57.37
N TYR A 157 -23.31 -3.69 57.38
CA TYR A 157 -22.66 -4.15 58.61
C TYR A 157 -21.77 -3.08 59.24
N PRO A 158 -21.72 -2.99 60.60
CA PRO A 158 -20.80 -2.10 61.31
C PRO A 158 -19.31 -2.42 61.08
N HIS A 159 -18.46 -1.38 61.18
CA HIS A 159 -17.03 -1.48 60.88
C HIS A 159 -16.28 -2.06 62.09
N ASN A 160 -15.05 -2.55 61.84
CA ASN A 160 -14.10 -3.05 62.82
C ASN A 160 -14.78 -4.08 63.72
N LEU A 161 -15.36 -5.11 63.08
CA LEU A 161 -16.00 -6.25 63.73
C LEU A 161 -15.15 -7.50 63.52
N ASP A 162 -15.10 -8.35 64.57
CA ASP A 162 -14.41 -9.65 64.56
C ASP A 162 -15.20 -10.66 65.38
N CYS A 163 -16.23 -11.27 64.75
CA CYS A 163 -17.17 -12.16 65.43
C CYS A 163 -16.94 -13.61 65.00
N THR A 164 -17.29 -14.55 65.90
CA THR A 164 -17.22 -15.99 65.66
C THR A 164 -18.61 -16.59 65.83
N PHE A 165 -19.11 -17.28 64.80
CA PHE A 165 -20.35 -18.04 64.88
C PHE A 165 -20.01 -19.53 64.87
N THR A 166 -20.30 -20.22 65.99
CA THR A 166 -19.96 -21.63 66.12
C THR A 166 -21.25 -22.44 66.17
N ILE A 167 -21.35 -23.46 65.30
CA ILE A 167 -22.44 -24.43 65.33
C ILE A 167 -21.92 -25.71 65.96
N LEU A 168 -22.66 -26.24 66.95
CA LEU A 168 -22.27 -27.47 67.61
C LEU A 168 -23.34 -28.52 67.27
N ALA A 169 -22.92 -29.77 67.10
CA ALA A 169 -23.87 -30.83 66.80
C ALA A 169 -23.52 -32.06 67.63
N LYS A 170 -24.53 -32.90 67.87
CA LYS A 170 -24.35 -34.13 68.63
C LYS A 170 -23.78 -35.19 67.70
N PRO A 171 -23.04 -36.19 68.22
CA PRO A 171 -22.54 -37.27 67.38
C PRO A 171 -23.70 -37.98 66.68
N LYS A 172 -23.48 -38.34 65.39
CA LYS A 172 -24.44 -38.91 64.45
C LYS A 172 -25.33 -37.82 63.83
N MET A 173 -25.09 -36.53 64.12
CA MET A 173 -25.80 -35.44 63.47
C MET A 173 -24.85 -34.73 62.51
N GLU A 174 -25.39 -34.32 61.35
CA GLU A 174 -24.65 -33.59 60.32
C GLU A 174 -25.16 -32.15 60.30
N ILE A 175 -24.22 -31.21 60.14
CA ILE A 175 -24.47 -29.78 60.05
C ILE A 175 -24.60 -29.40 58.59
N ILE A 176 -25.77 -28.87 58.19
CA ILE A 176 -25.99 -28.32 56.86
C ILE A 176 -26.02 -26.80 56.97
N LEU A 177 -25.12 -26.12 56.22
CA LEU A 177 -25.04 -24.67 56.21
C LEU A 177 -25.35 -24.17 54.80
N GLN A 178 -26.38 -23.31 54.67
CA GLN A 178 -26.77 -22.74 53.39
C GLN A 178 -26.84 -21.22 53.51
N PHE A 179 -26.11 -20.53 52.61
CA PHE A 179 -26.13 -19.07 52.52
C PHE A 179 -27.21 -18.65 51.51
N LEU A 180 -27.97 -17.60 51.88
CA LEU A 180 -29.06 -17.04 51.11
C LEU A 180 -28.63 -15.72 50.45
N ILE A 181 -27.86 -14.88 51.17
CA ILE A 181 -27.33 -13.63 50.64
C ILE A 181 -25.89 -13.43 51.10
N PHE A 182 -25.05 -12.80 50.25
CA PHE A 182 -23.64 -12.54 50.55
C PHE A 182 -23.12 -11.39 49.68
N ASP A 183 -22.76 -10.28 50.35
CA ASP A 183 -22.17 -9.09 49.73
C ASP A 183 -21.11 -8.50 50.66
N LEU A 184 -19.82 -8.77 50.35
CA LEU A 184 -18.67 -8.29 51.09
C LEU A 184 -17.63 -7.61 50.20
N GLU A 185 -17.91 -7.45 48.89
CA GLU A 185 -16.90 -7.09 47.90
C GLU A 185 -16.52 -5.61 48.04
N HIS A 186 -15.24 -5.28 47.73
CA HIS A 186 -14.68 -3.94 47.81
C HIS A 186 -13.87 -3.63 46.54
N ASP A 195 -7.13 -11.47 46.73
CA ASP A 195 -6.91 -11.46 48.20
C ASP A 195 -8.03 -10.67 48.88
N CYS A 196 -8.85 -11.36 49.70
CA CYS A 196 -9.71 -10.74 50.69
C CYS A 196 -8.85 -10.14 51.82
N LYS A 197 -8.41 -8.89 51.65
CA LYS A 197 -7.55 -8.20 52.62
C LYS A 197 -8.32 -7.10 53.35
N TYR A 198 -9.61 -6.89 53.00
CA TYR A 198 -10.43 -5.88 53.65
C TYR A 198 -11.51 -6.52 54.54
N ASP A 199 -12.59 -7.00 53.92
CA ASP A 199 -13.69 -7.64 54.63
C ASP A 199 -13.79 -9.08 54.14
N TRP A 200 -13.96 -10.05 55.07
CA TRP A 200 -13.97 -11.46 54.72
C TRP A 200 -14.83 -12.27 55.69
N LEU A 201 -15.27 -13.46 55.24
CA LEU A 201 -15.88 -14.48 56.11
C LEU A 201 -15.06 -15.77 55.99
N ASP A 202 -14.53 -16.26 57.13
CA ASP A 202 -13.75 -17.50 57.19
C ASP A 202 -14.66 -18.64 57.66
N ILE A 203 -14.65 -19.80 56.97
CA ILE A 203 -15.37 -20.98 57.43
C ILE A 203 -14.34 -22.01 57.92
N TRP A 204 -14.54 -22.54 59.13
CA TRP A 204 -13.58 -23.36 59.85
C TRP A 204 -14.18 -24.74 60.15
N ASP A 205 -13.38 -25.78 59.85
CA ASP A 205 -13.71 -27.17 60.17
C ASP A 205 -13.21 -27.45 61.57
N GLY A 206 -13.95 -26.93 62.57
CA GLY A 206 -13.53 -26.92 63.96
C GLY A 206 -13.48 -25.50 64.52
N ILE A 207 -12.67 -25.32 65.58
CA ILE A 207 -12.43 -24.03 66.20
C ILE A 207 -11.59 -23.18 65.27
N PRO A 208 -11.90 -21.87 65.12
CA PRO A 208 -11.14 -20.98 64.24
C PRO A 208 -9.67 -20.87 64.64
N HIS A 209 -8.79 -20.95 63.64
CA HIS A 209 -7.34 -20.77 63.74
C HIS A 209 -6.68 -21.98 64.41
N VAL A 210 -7.45 -23.06 64.61
CA VAL A 210 -6.95 -24.32 65.17
C VAL A 210 -7.27 -25.44 64.17
N GLY A 211 -8.56 -25.57 63.84
CA GLY A 211 -9.02 -26.50 62.82
C GLY A 211 -8.69 -26.00 61.41
N PRO A 212 -8.75 -26.87 60.37
CA PRO A 212 -8.41 -26.46 59.02
C PRO A 212 -9.44 -25.44 58.50
N LEU A 213 -8.95 -24.49 57.68
CA LEU A 213 -9.77 -23.48 57.02
C LEU A 213 -10.43 -24.09 55.78
N ILE A 214 -11.76 -24.01 55.70
CA ILE A 214 -12.50 -24.58 54.58
C ILE A 214 -12.40 -23.63 53.39
N GLY A 215 -12.72 -22.34 53.63
CA GLY A 215 -12.59 -21.29 52.64
C GLY A 215 -12.74 -19.90 53.25
N LYS A 216 -12.22 -18.88 52.53
CA LYS A 216 -12.38 -17.46 52.84
C LYS A 216 -13.16 -16.80 51.71
N TYR A 217 -14.27 -16.09 52.05
CA TYR A 217 -15.14 -15.47 51.06
C TYR A 217 -15.25 -13.96 51.29
N CYS A 218 -15.14 -13.19 50.19
CA CYS A 218 -15.29 -11.73 50.22
C CYS A 218 -15.80 -11.22 48.87
N GLY A 219 -16.97 -11.70 48.41
CA GLY A 219 -17.53 -11.29 47.14
C GLY A 219 -19.04 -11.08 47.19
N THR A 220 -19.66 -11.03 45.99
CA THR A 220 -21.11 -11.05 45.81
C THR A 220 -21.57 -12.49 45.61
N LYS A 221 -20.61 -13.44 45.73
CA LYS A 221 -20.83 -14.86 45.51
C LYS A 221 -21.26 -15.50 46.84
N THR A 222 -22.45 -16.11 46.85
CA THR A 222 -22.96 -16.87 47.97
C THR A 222 -22.14 -18.15 48.09
N PRO A 223 -21.58 -18.50 49.28
CA PRO A 223 -20.86 -19.76 49.44
C PRO A 223 -21.78 -20.95 49.23
N SER A 224 -21.24 -22.06 48.71
CA SER A 224 -22.05 -23.23 48.44
C SER A 224 -22.39 -23.95 49.74
N GLU A 225 -23.42 -24.80 49.67
CA GLU A 225 -23.86 -25.64 50.78
C GLU A 225 -22.69 -26.45 51.34
N LEU A 226 -22.66 -26.61 52.68
CA LEU A 226 -21.65 -27.45 53.33
C LEU A 226 -22.34 -28.51 54.18
N ARG A 227 -21.90 -29.78 54.07
CA ARG A 227 -22.34 -30.83 54.98
C ARG A 227 -21.15 -31.24 55.86
N SER A 228 -21.18 -30.86 57.15
CA SER A 228 -20.12 -31.22 58.10
C SER A 228 -20.58 -32.31 59.07
N SER A 229 -19.76 -33.36 59.24
CA SER A 229 -19.94 -34.36 60.30
C SER A 229 -18.73 -34.33 61.25
N THR A 230 -18.01 -33.20 61.29
CA THR A 230 -16.97 -32.96 62.27
C THR A 230 -17.61 -32.75 63.65
N GLY A 231 -18.87 -32.27 63.65
CA GLY A 231 -19.60 -31.98 64.86
C GLY A 231 -19.53 -30.50 65.24
N ILE A 232 -18.58 -29.76 64.63
CA ILE A 232 -18.37 -28.35 64.88
C ILE A 232 -17.98 -27.66 63.57
N LEU A 233 -18.75 -26.60 63.23
CA LEU A 233 -18.47 -25.75 62.08
C LEU A 233 -18.48 -24.29 62.53
N SER A 234 -17.39 -23.54 62.24
CA SER A 234 -17.26 -22.17 62.74
C SER A 234 -17.07 -21.18 61.59
N LEU A 235 -17.64 -19.97 61.76
CA LEU A 235 -17.54 -18.85 60.83
C LEU A 235 -16.86 -17.70 61.58
N THR A 236 -15.86 -17.04 61.00
CA THR A 236 -15.32 -15.79 61.53
C THR A 236 -15.63 -14.66 60.55
N PHE A 237 -16.34 -13.63 61.03
CA PHE A 237 -16.73 -12.48 60.22
C PHE A 237 -15.84 -11.29 60.59
N HIS A 238 -15.06 -10.80 59.62
CA HIS A 238 -14.12 -9.69 59.84
C HIS A 238 -14.49 -8.51 58.94
N THR A 239 -14.70 -7.32 59.56
CA THR A 239 -15.02 -6.11 58.82
C THR A 239 -13.93 -5.06 59.07
N ASP A 240 -13.68 -4.18 58.07
CA ASP A 240 -12.69 -3.11 58.14
C ASP A 240 -13.40 -1.84 58.59
N MET A 241 -12.94 -0.65 58.13
CA MET A 241 -13.48 0.64 58.57
C MET A 241 -14.08 1.43 57.42
N ALA A 242 -14.11 0.84 56.21
CA ALA A 242 -14.54 1.52 55.00
C ALA A 242 -15.71 0.76 54.36
N VAL A 243 -16.61 1.50 53.70
CA VAL A 243 -17.67 1.01 52.83
C VAL A 243 -18.40 -0.21 53.42
N ALA A 244 -19.28 0.02 54.41
CA ALA A 244 -20.14 -1.01 54.95
C ALA A 244 -20.97 -1.62 53.81
N LYS A 245 -20.91 -2.96 53.67
CA LYS A 245 -21.66 -3.70 52.66
C LYS A 245 -22.90 -4.32 53.31
N ASP A 246 -23.72 -4.98 52.48
CA ASP A 246 -25.00 -5.54 52.86
C ASP A 246 -24.83 -6.73 53.82
N GLY A 247 -23.66 -7.39 53.75
CA GLY A 247 -23.33 -8.48 54.66
C GLY A 247 -23.74 -9.84 54.09
N PHE A 248 -24.15 -10.75 54.99
CA PHE A 248 -24.54 -12.11 54.63
C PHE A 248 -25.74 -12.57 55.46
N SER A 249 -26.52 -13.48 54.86
CA SER A 249 -27.64 -14.19 55.46
C SER A 249 -27.46 -15.69 55.20
N ALA A 250 -27.61 -16.53 56.23
CA ALA A 250 -27.37 -17.95 56.14
C ALA A 250 -28.25 -18.68 57.15
N ARG A 251 -28.48 -19.98 56.92
CA ARG A 251 -29.25 -20.82 57.82
C ARG A 251 -28.59 -22.20 57.90
N TYR A 252 -28.82 -22.89 59.04
CA TYR A 252 -28.19 -24.17 59.33
C TYR A 252 -29.26 -25.17 59.77
N TYR A 253 -28.95 -26.47 59.57
CA TYR A 253 -29.80 -27.58 60.02
C TYR A 253 -28.94 -28.66 60.66
N LEU A 254 -29.37 -29.15 61.84
CA LEU A 254 -28.76 -30.30 62.48
C LEU A 254 -29.59 -31.54 62.14
N VAL A 255 -29.05 -32.43 61.29
CA VAL A 255 -29.80 -33.60 60.80
C VAL A 255 -29.13 -34.87 61.29
N HIS A 256 -29.93 -35.87 61.69
CA HIS A 256 -29.40 -37.16 62.09
C HIS A 256 -28.78 -37.83 60.86
N GLN A 257 -27.53 -38.33 61.03
CA GLN A 257 -26.76 -39.00 59.99
C GLN A 257 -27.43 -40.34 59.72
N GLU A 258 -27.42 -40.80 58.47
CA GLU A 258 -27.96 -42.10 58.10
C GLU A 258 -26.87 -42.89 57.38
N PRO A 259 -26.14 -43.84 58.04
CA PRO A 259 -25.03 -44.56 57.40
C PRO A 259 -25.53 -45.39 56.22
N LEU A 260 -24.68 -45.50 55.16
CA LEU A 260 -25.11 -45.85 53.80
C LEU A 260 -25.21 -47.38 53.59
N GLU A 261 -26.45 -47.86 53.46
CA GLU A 261 -26.85 -49.21 53.04
C GLU A 261 -26.35 -50.30 54.01
N ASN A 262 -25.05 -50.59 54.01
CA ASN A 262 -24.42 -51.36 55.08
C ASN A 262 -23.44 -50.41 55.78
N PHE A 263 -22.15 -50.73 55.74
CA PHE A 263 -21.13 -49.70 55.92
C PHE A 263 -20.26 -49.71 54.66
N GLN A 264 -20.94 -49.64 53.51
CA GLN A 264 -20.34 -49.51 52.20
C GLN A 264 -19.76 -48.11 52.02
N CYS A 265 -18.68 -48.03 51.20
CA CYS A 265 -17.91 -46.81 50.97
C CYS A 265 -17.70 -46.66 49.46
N ASN A 266 -18.79 -46.86 48.68
CA ASN A 266 -18.77 -46.68 47.24
C ASN A 266 -19.84 -45.67 46.83
N VAL A 267 -20.12 -44.73 47.74
CA VAL A 267 -21.10 -43.66 47.52
C VAL A 267 -20.48 -42.62 46.57
N PRO A 268 -21.23 -42.14 45.54
CA PRO A 268 -20.77 -41.02 44.72
C PRO A 268 -20.67 -39.79 45.62
N LEU A 269 -19.55 -39.08 45.54
CA LEU A 269 -19.20 -38.01 46.47
C LEU A 269 -19.82 -36.69 46.04
N GLY A 270 -20.28 -36.57 44.78
CA GLY A 270 -21.17 -35.49 44.39
C GLY A 270 -20.83 -34.75 43.08
N MET A 271 -20.05 -35.37 42.19
CA MET A 271 -19.70 -34.70 40.94
C MET A 271 -20.94 -34.63 40.05
N GLU A 272 -21.63 -35.77 39.85
CA GLU A 272 -22.83 -35.82 39.04
C GLU A 272 -24.00 -35.15 39.77
N SER A 273 -24.11 -35.36 41.09
CA SER A 273 -25.25 -34.96 41.88
C SER A 273 -25.23 -33.46 42.21
N GLY A 274 -24.05 -32.82 42.12
CA GLY A 274 -23.93 -31.40 42.42
C GLY A 274 -23.66 -31.16 43.90
N ARG A 275 -23.41 -32.26 44.64
CA ARG A 275 -23.14 -32.20 46.07
C ARG A 275 -21.81 -31.46 46.29
N ILE A 276 -20.79 -31.83 45.48
CA ILE A 276 -19.59 -31.03 45.28
C ILE A 276 -20.00 -29.78 44.51
N ALA A 277 -19.62 -28.58 44.97
CA ALA A 277 -20.04 -27.35 44.32
C ALA A 277 -19.14 -27.08 43.12
N ASN A 278 -19.56 -26.14 42.25
CA ASN A 278 -18.72 -25.61 41.19
C ASN A 278 -17.42 -25.03 41.75
N GLU A 279 -17.51 -24.36 42.92
CA GLU A 279 -16.38 -23.78 43.63
C GLU A 279 -15.29 -24.82 43.93
N GLN A 280 -15.74 -26.06 44.20
CA GLN A 280 -14.86 -27.12 44.66
C GLN A 280 -14.06 -27.70 43.50
N ILE A 281 -14.51 -27.42 42.25
CA ILE A 281 -13.82 -27.89 41.06
C ILE A 281 -12.97 -26.76 40.50
N SER A 282 -11.72 -27.11 40.18
CA SER A 282 -10.77 -26.22 39.56
C SER A 282 -9.90 -27.04 38.63
N ALA A 283 -9.02 -26.38 37.87
CA ALA A 283 -8.10 -27.06 36.99
C ALA A 283 -6.80 -26.26 36.90
N SER A 284 -5.75 -26.92 36.38
CA SER A 284 -4.49 -26.24 36.11
C SER A 284 -4.70 -25.11 35.11
N SER A 285 -5.57 -25.38 34.12
CA SER A 285 -5.85 -24.50 32.98
C SER A 285 -7.12 -24.99 32.29
N THR A 286 -7.66 -24.21 31.35
CA THR A 286 -8.83 -24.60 30.60
C THR A 286 -8.63 -24.17 29.14
N TYR A 287 -9.34 -24.80 28.20
CA TYR A 287 -9.15 -24.47 26.79
C TYR A 287 -9.57 -23.03 26.53
N SER A 288 -8.86 -22.41 25.56
CA SER A 288 -8.97 -21.01 25.16
C SER A 288 -10.39 -20.59 24.78
N ASP A 289 -11.14 -21.44 24.08
CA ASP A 289 -12.47 -21.07 23.63
C ASP A 289 -13.44 -20.97 24.81
N GLY A 290 -13.08 -21.57 25.96
CA GLY A 290 -13.88 -21.47 27.17
C GLY A 290 -15.15 -22.33 27.11
N ARG A 291 -15.10 -23.37 26.27
CA ARG A 291 -16.22 -24.28 26.08
C ARG A 291 -15.97 -25.60 26.82
N TRP A 292 -14.82 -25.72 27.51
CA TRP A 292 -14.44 -26.96 28.18
C TRP A 292 -13.93 -26.69 29.61
N THR A 293 -14.79 -26.07 30.44
CA THR A 293 -14.41 -25.58 31.77
C THR A 293 -14.33 -26.71 32.80
N PRO A 294 -13.60 -26.52 33.93
CA PRO A 294 -13.54 -27.55 34.98
C PRO A 294 -14.92 -27.95 35.49
N GLN A 295 -15.86 -26.98 35.48
CA GLN A 295 -17.23 -27.17 35.95
C GLN A 295 -18.04 -28.06 34.99
N GLN A 296 -17.49 -28.33 33.78
CA GLN A 296 -18.11 -29.25 32.85
C GLN A 296 -17.58 -30.68 33.00
N SER A 297 -16.84 -30.98 34.09
CA SER A 297 -16.17 -32.27 34.27
C SER A 297 -17.02 -33.26 35.07
N ARG A 298 -18.32 -32.96 35.26
CA ARG A 298 -19.21 -33.78 36.06
C ARG A 298 -19.60 -35.00 35.22
N LEU A 299 -19.61 -36.20 35.83
CA LEU A 299 -19.98 -37.41 35.10
C LEU A 299 -21.38 -37.26 34.50
N HIS A 300 -21.52 -37.66 33.22
CA HIS A 300 -22.75 -37.61 32.44
C HIS A 300 -23.18 -36.18 32.10
N GLY A 301 -22.28 -35.19 32.30
CA GLY A 301 -22.56 -33.83 31.88
C GLY A 301 -22.79 -33.76 30.37
N ASP A 302 -23.74 -32.91 29.94
CA ASP A 302 -24.27 -32.99 28.58
C ASP A 302 -23.58 -31.98 27.65
N ASP A 303 -22.64 -31.19 28.18
CA ASP A 303 -22.02 -30.09 27.44
C ASP A 303 -20.50 -30.22 27.49
N ASN A 304 -19.96 -31.01 26.55
CA ASN A 304 -18.53 -31.26 26.46
C ASN A 304 -18.05 -31.87 27.78
N GLY A 305 -16.85 -31.45 28.23
CA GLY A 305 -16.23 -31.86 29.49
C GLY A 305 -15.07 -30.91 29.78
N TRP A 306 -14.19 -31.22 30.74
CA TRP A 306 -13.07 -30.32 31.02
C TRP A 306 -11.92 -30.61 30.05
N THR A 307 -11.38 -29.54 29.41
CA THR A 307 -10.17 -29.65 28.62
C THR A 307 -9.20 -28.54 29.05
N PRO A 308 -7.89 -28.85 29.24
CA PRO A 308 -6.90 -27.82 29.58
C PRO A 308 -6.43 -27.00 28.37
N ASN A 309 -5.76 -25.87 28.67
CA ASN A 309 -5.25 -24.91 27.70
C ASN A 309 -4.22 -25.57 26.77
N LEU A 310 -3.44 -26.54 27.28
CA LEU A 310 -2.57 -27.37 26.47
C LEU A 310 -2.72 -28.83 26.86
N ASP A 311 -2.54 -29.75 25.90
CA ASP A 311 -2.55 -31.19 26.19
C ASP A 311 -1.14 -31.63 26.53
N SER A 312 -0.92 -31.90 27.83
CA SER A 312 0.34 -32.32 28.41
C SER A 312 0.00 -33.04 29.71
N ASN A 313 1.00 -33.70 30.31
CA ASN A 313 0.79 -34.51 31.50
C ASN A 313 0.99 -33.67 32.77
N LYS A 314 1.23 -32.35 32.60
CA LYS A 314 1.42 -31.39 33.68
C LYS A 314 0.10 -30.71 34.04
N GLU A 315 -0.92 -30.96 33.21
CA GLU A 315 -2.25 -30.42 33.41
C GLU A 315 -3.03 -31.37 34.31
N TYR A 316 -4.02 -30.84 35.05
CA TYR A 316 -4.80 -31.63 35.98
C TYR A 316 -6.15 -30.99 36.29
N LEU A 317 -7.12 -31.87 36.66
CA LEU A 317 -8.44 -31.48 37.12
C LEU A 317 -8.48 -31.73 38.63
N GLN A 318 -8.83 -30.70 39.41
CA GLN A 318 -8.72 -30.72 40.86
C GLN A 318 -10.10 -30.59 41.50
N VAL A 319 -10.33 -31.39 42.56
CA VAL A 319 -11.54 -31.32 43.36
C VAL A 319 -11.15 -31.22 44.83
N ASP A 320 -11.71 -30.20 45.50
CA ASP A 320 -11.58 -29.99 46.94
C ASP A 320 -12.85 -30.48 47.62
N LEU A 321 -12.76 -31.59 48.37
CA LEU A 321 -13.93 -32.15 49.05
C LEU A 321 -14.28 -31.36 50.31
N ARG A 322 -13.36 -30.45 50.73
CA ARG A 322 -13.53 -29.44 51.79
C ARG A 322 -13.23 -30.02 53.18
N PHE A 323 -13.46 -31.33 53.33
CA PHE A 323 -13.29 -32.07 54.57
C PHE A 323 -12.55 -33.37 54.26
N LEU A 324 -11.81 -33.90 55.24
CA LEU A 324 -11.12 -35.17 55.06
C LEU A 324 -12.16 -36.27 54.80
N THR A 325 -11.98 -37.06 53.74
CA THR A 325 -12.94 -38.04 53.25
C THR A 325 -12.20 -39.33 52.85
N MET A 326 -12.89 -40.47 52.96
CA MET A 326 -12.36 -41.74 52.47
C MET A 326 -12.65 -41.78 50.96
N LEU A 327 -11.62 -42.01 50.15
CA LEU A 327 -11.73 -42.18 48.70
C LEU A 327 -11.49 -43.64 48.34
N THR A 328 -12.40 -44.25 47.56
CA THR A 328 -12.27 -45.68 47.26
C THR A 328 -12.26 -45.99 45.75
N ALA A 329 -12.78 -45.06 44.92
CA ALA A 329 -12.91 -45.31 43.49
C ALA A 329 -13.04 -44.00 42.70
N ILE A 330 -12.67 -44.07 41.40
CA ILE A 330 -12.75 -42.94 40.47
C ILE A 330 -13.38 -43.42 39.16
N ALA A 331 -14.41 -42.69 38.70
CA ALA A 331 -15.03 -42.92 37.40
C ALA A 331 -14.73 -41.76 36.46
N THR A 332 -14.33 -42.09 35.21
CA THR A 332 -14.02 -41.07 34.22
C THR A 332 -14.72 -41.38 32.89
N GLN A 333 -14.96 -40.31 32.12
CA GLN A 333 -15.48 -40.30 30.77
C GLN A 333 -14.61 -39.35 29.94
N GLY A 334 -14.67 -39.48 28.61
CA GLY A 334 -14.23 -38.43 27.70
C GLY A 334 -15.36 -37.44 27.42
N ALA A 335 -15.32 -36.79 26.25
CA ALA A 335 -16.35 -35.86 25.81
C ALA A 335 -16.34 -35.78 24.28
N ILE A 336 -17.54 -35.84 23.69
CA ILE A 336 -17.74 -35.53 22.28
C ILE A 336 -18.08 -34.06 22.17
N SER A 337 -17.26 -33.29 21.43
CA SER A 337 -17.45 -31.86 21.21
C SER A 337 -18.85 -31.57 20.67
N ARG A 338 -19.52 -30.58 21.30
CA ARG A 338 -20.84 -30.14 20.89
C ARG A 338 -20.77 -29.51 19.50
N GLU A 339 -19.60 -28.92 19.19
CA GLU A 339 -19.38 -28.19 17.95
C GLU A 339 -18.91 -29.15 16.86
N THR A 340 -17.70 -29.71 17.01
CA THR A 340 -17.05 -30.46 15.94
C THR A 340 -17.58 -31.89 15.85
N GLN A 341 -18.16 -32.40 16.95
CA GLN A 341 -18.55 -33.79 17.14
C GLN A 341 -17.30 -34.68 17.26
N ASN A 342 -16.15 -34.10 17.64
CA ASN A 342 -14.92 -34.86 17.81
C ASN A 342 -14.91 -35.50 19.18
N GLY A 343 -14.45 -36.75 19.27
CA GLY A 343 -14.39 -37.48 20.52
C GLY A 343 -13.03 -37.38 21.19
N TYR A 344 -12.99 -36.78 22.39
CA TYR A 344 -11.77 -36.59 23.16
C TYR A 344 -11.87 -37.44 24.43
N TYR A 345 -10.80 -38.17 24.79
CA TYR A 345 -10.84 -38.95 26.02
C TYR A 345 -9.43 -39.19 26.54
N VAL A 346 -9.34 -39.38 27.86
CA VAL A 346 -8.11 -39.73 28.54
C VAL A 346 -7.96 -41.24 28.50
N LYS A 347 -6.78 -41.73 28.09
CA LYS A 347 -6.57 -43.16 27.97
C LYS A 347 -6.00 -43.70 29.29
N SER A 348 -5.13 -42.89 29.95
CA SER A 348 -4.56 -43.27 31.24
C SER A 348 -4.26 -42.02 32.08
N TYR A 349 -4.31 -42.15 33.42
CA TYR A 349 -4.07 -41.01 34.30
C TYR A 349 -3.37 -41.46 35.59
N LYS A 350 -2.87 -40.47 36.34
CA LYS A 350 -2.26 -40.63 37.65
C LYS A 350 -3.13 -39.89 38.67
N LEU A 351 -3.08 -40.35 39.93
CA LEU A 351 -3.85 -39.76 41.01
C LEU A 351 -2.92 -39.05 41.99
N GLU A 352 -3.22 -37.78 42.28
CA GLU A 352 -2.50 -36.99 43.26
C GLU A 352 -3.48 -36.59 44.37
N VAL A 353 -3.07 -36.69 45.65
CA VAL A 353 -3.97 -36.39 46.77
C VAL A 353 -3.25 -35.56 47.84
N SER A 354 -4.01 -34.69 48.51
CA SER A 354 -3.49 -33.77 49.53
C SER A 354 -4.52 -33.53 50.63
N THR A 355 -4.05 -33.17 51.84
CA THR A 355 -4.92 -32.86 52.97
C THR A 355 -5.08 -31.35 53.15
N ASN A 356 -4.11 -30.59 52.64
CA ASN A 356 -4.10 -29.13 52.74
C ASN A 356 -4.14 -28.50 51.34
N GLY A 357 -3.76 -29.28 50.32
CA GLY A 357 -3.71 -28.80 48.95
C GLY A 357 -2.36 -28.20 48.60
N GLU A 358 -1.38 -28.38 49.50
CA GLU A 358 -0.03 -27.84 49.33
C GLU A 358 0.96 -29.00 49.16
N ASP A 359 0.94 -29.95 50.10
CA ASP A 359 1.77 -31.13 50.03
C ASP A 359 0.99 -32.21 49.28
N TRP A 360 1.54 -32.77 48.19
CA TRP A 360 0.81 -33.72 47.34
C TRP A 360 1.48 -35.10 47.38
N MET A 361 0.67 -36.17 47.26
CA MET A 361 1.16 -37.54 47.10
C MET A 361 0.61 -38.16 45.83
N VAL A 362 1.50 -38.66 44.96
CA VAL A 362 1.10 -39.42 43.79
C VAL A 362 0.75 -40.83 44.25
N TYR A 363 -0.51 -41.26 44.02
CA TYR A 363 -0.99 -42.55 44.50
C TYR A 363 -0.16 -43.61 43.80
N ARG A 364 0.85 -44.12 44.50
CA ARG A 364 1.79 -45.10 43.97
C ARG A 364 1.19 -46.50 44.17
N HIS A 365 1.51 -47.45 43.25
CA HIS A 365 1.04 -48.83 43.35
C HIS A 365 2.26 -49.76 43.41
N GLY A 366 2.67 -50.12 44.63
CA GLY A 366 3.94 -50.80 44.84
C GLY A 366 5.01 -49.75 45.14
N LYS A 367 6.12 -49.79 44.40
CA LYS A 367 7.21 -48.84 44.61
C LYS A 367 7.20 -47.77 43.52
N ASN A 368 6.37 -47.96 42.48
CA ASN A 368 6.25 -47.02 41.37
C ASN A 368 4.88 -46.38 41.36
N HIS A 369 4.77 -45.24 40.65
CA HIS A 369 3.54 -44.48 40.46
C HIS A 369 2.45 -45.36 39.84
N LYS A 370 1.22 -45.30 40.36
CA LYS A 370 0.14 -46.11 39.80
C LYS A 370 -0.38 -45.36 38.58
N VAL A 371 -0.44 -46.06 37.44
CA VAL A 371 -0.96 -45.48 36.21
C VAL A 371 -2.31 -46.12 35.90
N PHE A 372 -3.42 -45.45 36.25
CA PHE A 372 -4.76 -46.00 36.07
C PHE A 372 -5.11 -46.02 34.58
N GLN A 373 -5.73 -47.11 34.12
CA GLN A 373 -6.16 -47.15 32.72
C GLN A 373 -7.57 -46.58 32.69
N ALA A 374 -7.83 -45.66 31.75
CA ALA A 374 -9.07 -44.91 31.68
C ALA A 374 -9.93 -45.38 30.50
N ASN A 375 -10.49 -44.45 29.70
CA ASN A 375 -11.54 -44.81 28.74
C ASN A 375 -10.91 -45.07 27.37
N ASN A 376 -11.68 -45.77 26.50
CA ASN A 376 -11.28 -46.13 25.15
C ASN A 376 -12.30 -45.56 24.14
N ASP A 377 -13.23 -44.76 24.65
CA ASP A 377 -14.18 -44.02 23.85
C ASP A 377 -14.62 -42.81 24.67
N ALA A 378 -15.36 -41.89 24.01
CA ALA A 378 -15.71 -40.62 24.61
C ALA A 378 -17.02 -40.69 25.39
N THR A 379 -17.72 -41.84 25.38
CA THR A 379 -19.09 -41.89 25.90
C THR A 379 -19.20 -42.81 27.11
N GLU A 380 -18.58 -44.00 27.04
CA GLU A 380 -18.72 -45.02 28.07
C GLU A 380 -17.93 -44.66 29.33
N VAL A 381 -18.47 -45.06 30.49
CA VAL A 381 -17.88 -44.72 31.78
C VAL A 381 -16.92 -45.83 32.18
N VAL A 382 -15.74 -45.47 32.74
CA VAL A 382 -14.77 -46.48 33.20
C VAL A 382 -14.48 -46.22 34.68
N LEU A 383 -14.72 -47.23 35.51
CA LEU A 383 -14.56 -47.13 36.96
C LEU A 383 -13.32 -47.91 37.37
N ASN A 384 -12.41 -47.23 38.11
CA ASN A 384 -11.24 -47.88 38.70
C ASN A 384 -11.38 -47.85 40.21
N LYS A 385 -11.44 -49.04 40.81
CA LYS A 385 -11.52 -49.19 42.26
C LYS A 385 -10.10 -49.15 42.82
N LEU A 386 -9.87 -48.29 43.83
CA LEU A 386 -8.60 -48.25 44.53
C LEU A 386 -8.45 -49.55 45.30
N HIS A 387 -7.25 -50.15 45.20
CA HIS A 387 -6.93 -51.41 45.86
C HIS A 387 -6.72 -51.18 47.35
N ALA A 388 -6.48 -49.92 47.77
CA ALA A 388 -6.30 -49.57 49.17
C ALA A 388 -6.97 -48.23 49.44
N PRO A 389 -8.15 -48.21 50.10
CA PRO A 389 -8.89 -46.96 50.36
C PRO A 389 -8.05 -45.81 50.92
N LEU A 390 -8.26 -44.59 50.42
CA LEU A 390 -7.40 -43.46 50.67
C LEU A 390 -8.15 -42.44 51.53
N LEU A 391 -7.40 -41.71 52.38
CA LEU A 391 -7.98 -40.68 53.21
C LEU A 391 -7.44 -39.34 52.72
N THR A 392 -8.29 -38.45 52.19
CA THR A 392 -7.77 -37.22 51.62
C THR A 392 -8.83 -36.13 51.59
N ARG A 393 -8.42 -34.92 51.16
CA ARG A 393 -9.36 -33.81 51.02
C ARG A 393 -9.33 -33.27 49.60
N PHE A 394 -8.13 -33.17 49.03
CA PHE A 394 -7.92 -32.68 47.68
C PHE A 394 -7.55 -33.83 46.75
N VAL A 395 -8.26 -33.89 45.61
CA VAL A 395 -8.03 -34.93 44.62
C VAL A 395 -7.64 -34.25 43.31
N ARG A 396 -6.59 -34.78 42.66
CA ARG A 396 -6.13 -34.25 41.37
C ARG A 396 -6.06 -35.40 40.36
N ILE A 397 -6.67 -35.24 39.18
CA ILE A 397 -6.53 -36.24 38.11
C ILE A 397 -5.55 -35.71 37.07
N ARG A 398 -4.38 -36.37 36.92
CA ARG A 398 -3.38 -35.96 35.94
C ARG A 398 -3.40 -36.94 34.77
N PRO A 399 -3.90 -36.53 33.60
CA PRO A 399 -3.89 -37.40 32.42
C PRO A 399 -2.46 -37.62 31.93
N GLN A 400 -2.14 -38.86 31.53
CA GLN A 400 -0.79 -39.21 31.06
C GLN A 400 -0.81 -39.46 29.54
N THR A 401 -1.84 -40.18 29.07
CA THR A 401 -2.06 -40.39 27.63
C THR A 401 -3.53 -40.09 27.32
N TRP A 402 -3.82 -39.71 26.07
CA TRP A 402 -5.16 -39.33 25.67
C TRP A 402 -5.34 -39.60 24.17
N HIS A 403 -6.61 -39.61 23.70
CA HIS A 403 -6.89 -39.74 22.27
C HIS A 403 -7.35 -38.41 21.69
N SER A 404 -6.44 -37.77 20.96
CA SER A 404 -6.65 -36.55 20.17
C SER A 404 -6.94 -35.30 21.02
N GLY A 405 -6.88 -35.40 22.36
CA GLY A 405 -7.01 -34.26 23.26
C GLY A 405 -7.42 -34.71 24.66
N ILE A 406 -7.19 -33.88 25.68
CA ILE A 406 -7.60 -34.24 27.03
C ILE A 406 -9.01 -33.71 27.24
N ALA A 407 -9.98 -34.62 27.38
CA ALA A 407 -11.33 -34.27 27.80
C ALA A 407 -11.73 -35.15 28.98
N LEU A 408 -12.28 -34.53 30.03
CA LEU A 408 -12.58 -35.30 31.24
C LEU A 408 -13.94 -34.94 31.82
N ARG A 409 -14.71 -36.01 32.09
CA ARG A 409 -15.86 -35.99 32.99
C ARG A 409 -15.59 -37.03 34.08
N LEU A 410 -16.01 -36.79 35.32
CA LEU A 410 -15.46 -37.45 36.50
C LEU A 410 -16.54 -37.64 37.57
N GLU A 411 -16.46 -38.79 38.28
CA GLU A 411 -17.14 -39.03 39.54
C GLU A 411 -16.15 -39.64 40.53
N LEU A 412 -16.25 -39.23 41.80
CA LEU A 412 -15.42 -39.72 42.88
C LEU A 412 -16.30 -40.53 43.82
N PHE A 413 -15.76 -41.65 44.35
CA PHE A 413 -16.53 -42.51 45.24
C PHE A 413 -15.80 -42.68 46.56
N GLY A 414 -16.59 -42.79 47.64
CA GLY A 414 -16.04 -42.91 48.97
C GLY A 414 -17.12 -42.76 50.04
N CYS A 415 -16.70 -42.29 51.21
CA CYS A 415 -17.59 -42.06 52.33
C CYS A 415 -16.82 -41.24 53.36
N ARG A 416 -17.43 -41.02 54.54
CA ARG A 416 -16.72 -40.34 55.62
C ARG A 416 -16.30 -41.39 56.64
N VAL A 417 -15.18 -41.12 57.32
CA VAL A 417 -14.67 -41.98 58.38
C VAL A 417 -15.75 -42.16 59.44
N THR A 418 -16.57 -41.10 59.64
CA THR A 418 -17.63 -41.02 60.63
C THR A 418 -18.85 -41.89 60.30
N ASP A 419 -18.93 -42.40 59.06
CA ASP A 419 -20.02 -43.28 58.67
C ASP A 419 -19.93 -44.63 59.41
N ALA A 420 -18.70 -45.11 59.66
CA ALA A 420 -18.47 -46.33 60.43
C ALA A 420 -18.86 -46.11 61.89
N PRO A 421 -19.39 -47.14 62.60
CA PRO A 421 -19.83 -46.97 63.98
C PRO A 421 -18.66 -46.57 64.88
N CYS A 422 -18.94 -45.68 65.84
CA CYS A 422 -18.00 -45.24 66.87
C CYS A 422 -16.68 -44.80 66.25
N SER A 423 -16.78 -43.90 65.26
CA SER A 423 -15.63 -43.42 64.51
C SER A 423 -15.67 -41.89 64.42
N ASN A 424 -16.01 -41.22 65.53
CA ASN A 424 -15.98 -39.76 65.57
C ASN A 424 -14.53 -39.30 65.76
N MET A 425 -14.15 -38.20 65.10
CA MET A 425 -12.86 -37.54 65.25
C MET A 425 -12.88 -36.82 66.60
N LEU A 426 -12.01 -37.19 67.55
CA LEU A 426 -12.24 -36.80 68.94
C LEU A 426 -11.77 -35.36 69.27
N GLY A 427 -11.10 -34.67 68.33
CA GLY A 427 -10.92 -33.22 68.45
C GLY A 427 -9.49 -32.71 68.21
N MET A 428 -8.54 -33.59 67.85
CA MET A 428 -7.17 -33.18 67.54
C MET A 428 -7.17 -32.26 66.31
N LEU A 429 -7.90 -32.69 65.27
CA LEU A 429 -8.04 -31.91 64.04
C LEU A 429 -8.81 -30.61 64.29
N SER A 430 -10.01 -30.73 64.88
CA SER A 430 -10.96 -29.61 65.02
C SER A 430 -10.53 -28.61 66.10
N GLY A 431 -9.74 -29.07 67.10
CA GLY A 431 -9.35 -28.22 68.21
C GLY A 431 -10.24 -28.40 69.44
N LEU A 432 -11.21 -29.34 69.35
CA LEU A 432 -12.06 -29.75 70.45
C LEU A 432 -11.20 -30.37 71.57
N ILE A 433 -10.08 -31.00 71.18
CA ILE A 433 -9.07 -31.44 72.14
C ILE A 433 -8.04 -30.32 72.21
N ALA A 434 -8.08 -29.48 73.24
CA ALA A 434 -7.25 -28.28 73.31
C ALA A 434 -5.78 -28.63 73.56
N ASP A 435 -4.92 -27.61 73.54
CA ASP A 435 -3.48 -27.70 73.77
C ASP A 435 -3.17 -28.37 75.12
N SER A 436 -3.88 -27.95 76.16
CA SER A 436 -3.67 -28.44 77.52
C SER A 436 -3.81 -29.95 77.62
N GLN A 437 -4.31 -30.62 76.57
CA GLN A 437 -4.56 -32.05 76.63
C GLN A 437 -3.48 -32.81 75.86
N ILE A 438 -2.68 -32.09 75.04
CA ILE A 438 -1.67 -32.73 74.20
C ILE A 438 -0.33 -32.67 74.93
N SER A 439 0.29 -33.85 75.17
CA SER A 439 1.63 -33.94 75.74
C SER A 439 2.47 -34.95 74.97
N ALA A 440 3.81 -34.82 75.05
CA ALA A 440 4.73 -35.75 74.42
C ALA A 440 5.84 -36.15 75.40
N SER A 441 6.47 -37.32 75.17
CA SER A 441 7.62 -37.77 75.93
C SER A 441 8.74 -36.73 75.93
N SER A 442 9.16 -36.35 74.72
CA SER A 442 10.21 -35.34 74.52
C SER A 442 9.68 -34.34 73.50
N THR A 443 10.54 -33.40 73.08
CA THR A 443 10.11 -32.34 72.17
C THR A 443 11.30 -31.51 71.67
N GLN A 444 11.68 -31.68 70.39
CA GLN A 444 12.77 -30.91 69.82
C GLN A 444 12.48 -29.43 69.99
N GLU A 445 13.42 -28.73 70.65
CA GLU A 445 13.40 -27.32 71.02
C GLU A 445 12.60 -27.11 72.31
N TYR A 446 13.06 -26.15 73.13
CA TYR A 446 12.42 -25.82 74.40
C TYR A 446 11.12 -25.04 74.09
N LEU A 447 10.14 -25.14 75.00
CA LEU A 447 8.86 -24.45 74.88
C LEU A 447 8.27 -24.69 73.48
N TRP A 448 7.94 -25.96 73.21
CA TRP A 448 7.21 -26.36 72.02
C TRP A 448 5.74 -26.01 72.22
N SER A 449 4.98 -25.93 71.11
CA SER A 449 3.54 -25.73 71.14
C SER A 449 2.84 -27.07 70.98
N PRO A 450 1.73 -27.34 71.70
CA PRO A 450 1.06 -28.65 71.64
C PRO A 450 0.12 -28.78 70.46
N SER A 451 -0.08 -27.68 69.72
CA SER A 451 -1.02 -27.64 68.59
C SER A 451 -0.31 -27.97 67.27
N ALA A 452 0.93 -28.45 67.37
CA ALA A 452 1.72 -28.87 66.21
C ALA A 452 1.47 -30.34 65.88
N ALA A 453 0.88 -31.08 66.83
CA ALA A 453 0.66 -32.51 66.67
C ALA A 453 -0.70 -32.78 66.03
N ARG A 454 -1.55 -31.74 65.94
CA ARG A 454 -2.90 -31.85 65.40
C ARG A 454 -2.84 -32.48 64.00
N LEU A 455 -3.68 -33.50 63.74
CA LEU A 455 -3.75 -34.09 62.41
C LEU A 455 -4.30 -33.05 61.44
N VAL A 456 -3.72 -32.98 60.23
CA VAL A 456 -4.14 -32.13 59.11
C VAL A 456 -3.87 -30.65 59.40
N SER A 457 -4.56 -30.06 60.40
CA SER A 457 -4.49 -28.63 60.70
C SER A 457 -3.04 -28.17 60.78
N SER A 458 -2.24 -28.86 61.63
CA SER A 458 -0.85 -28.52 61.84
C SER A 458 -0.08 -28.52 60.52
N ARG A 459 0.71 -27.46 60.30
CA ARG A 459 1.50 -27.29 59.09
C ARG A 459 2.96 -27.59 59.42
N SER A 460 3.17 -28.56 60.31
CA SER A 460 4.50 -28.98 60.77
C SER A 460 4.44 -30.46 61.17
N GLY A 461 4.15 -30.73 62.46
CA GLY A 461 4.19 -32.07 63.01
C GLY A 461 4.81 -32.06 64.40
N TRP A 462 4.81 -33.22 65.06
CA TRP A 462 5.43 -33.39 66.36
C TRP A 462 6.84 -33.91 66.13
N PHE A 463 7.84 -33.34 66.83
CA PHE A 463 9.19 -33.84 66.73
C PHE A 463 9.75 -34.09 68.12
N PRO A 464 10.38 -35.26 68.37
CA PRO A 464 11.05 -35.55 69.64
C PRO A 464 12.35 -34.78 69.71
N ARG A 465 12.84 -34.51 70.93
CA ARG A 465 14.09 -33.78 71.12
C ARG A 465 15.23 -34.48 70.35
N ILE A 466 15.33 -35.80 70.51
CA ILE A 466 16.28 -36.63 69.78
C ILE A 466 15.73 -36.86 68.37
N PRO A 467 16.49 -36.58 67.29
CA PRO A 467 16.02 -36.85 65.94
C PRO A 467 15.84 -38.36 65.82
N GLN A 468 16.92 -39.10 66.11
CA GLN A 468 16.95 -40.55 66.10
C GLN A 468 16.98 -41.09 67.53
N ALA A 469 15.80 -41.35 68.11
CA ALA A 469 15.64 -41.92 69.44
C ALA A 469 15.33 -43.41 69.32
N GLN A 470 15.51 -44.17 70.40
CA GLN A 470 15.37 -45.62 70.33
C GLN A 470 13.89 -45.97 70.50
N PRO A 471 13.38 -47.00 69.79
CA PRO A 471 11.94 -47.33 69.81
C PRO A 471 11.37 -47.63 71.20
N GLY A 472 10.19 -47.09 71.50
CA GLY A 472 9.53 -47.26 72.78
C GLY A 472 9.94 -46.22 73.82
N GLU A 473 10.81 -45.26 73.44
CA GLU A 473 11.27 -44.23 74.37
C GLU A 473 10.59 -42.90 74.11
N GLU A 474 9.88 -42.80 72.98
CA GLU A 474 9.20 -41.56 72.59
C GLU A 474 7.71 -41.84 72.42
N TRP A 475 6.85 -40.86 72.73
CA TRP A 475 5.40 -41.04 72.66
C TRP A 475 4.67 -39.70 72.61
N LEU A 476 3.50 -39.71 71.94
CA LEU A 476 2.58 -38.58 71.94
C LEU A 476 1.32 -38.99 72.70
N GLN A 477 0.88 -38.17 73.66
CA GLN A 477 -0.24 -38.50 74.53
C GLN A 477 -1.36 -37.48 74.34
N VAL A 478 -2.59 -38.02 74.27
CA VAL A 478 -3.81 -37.24 74.14
C VAL A 478 -4.71 -37.54 75.34
N ASP A 479 -5.16 -36.46 76.02
CA ASP A 479 -6.17 -36.56 77.08
C ASP A 479 -7.52 -36.14 76.52
N LEU A 480 -8.52 -37.06 76.55
CA LEU A 480 -9.81 -36.85 75.90
C LEU A 480 -10.78 -36.10 76.83
N LYS A 484 -13.96 -42.47 77.43
CA LYS A 484 -14.69 -42.65 76.15
C LYS A 484 -14.33 -44.01 75.54
N THR A 485 -15.06 -44.44 74.51
CA THR A 485 -14.69 -45.61 73.73
C THR A 485 -13.75 -45.17 72.61
N VAL A 486 -12.58 -45.82 72.48
CA VAL A 486 -11.58 -45.56 71.47
C VAL A 486 -11.52 -46.76 70.53
N LYS A 487 -11.72 -46.51 69.22
CA LYS A 487 -11.77 -47.61 68.25
C LYS A 487 -10.71 -47.44 67.16
N GLY A 488 -9.73 -46.54 67.39
CA GLY A 488 -8.68 -46.33 66.41
C GLY A 488 -8.07 -44.94 66.48
N VAL A 489 -7.07 -44.75 65.60
CA VAL A 489 -6.37 -43.48 65.44
C VAL A 489 -6.17 -43.21 63.93
N ILE A 490 -5.94 -41.93 63.58
CA ILE A 490 -5.46 -41.54 62.27
C ILE A 490 -4.05 -40.99 62.45
N ILE A 491 -3.06 -41.57 61.76
CA ILE A 491 -1.66 -41.16 61.90
C ILE A 491 -1.20 -40.48 60.60
N GLN A 492 -0.42 -39.39 60.76
CA GLN A 492 0.12 -38.59 59.66
C GLN A 492 1.60 -38.34 59.92
N GLY A 493 2.37 -38.06 58.85
CA GLY A 493 3.76 -37.63 58.99
C GLY A 493 3.86 -36.13 59.25
N ALA A 494 5.07 -35.55 59.07
CA ALA A 494 5.30 -34.14 59.36
C ALA A 494 5.79 -33.39 58.11
N ARG A 495 5.25 -32.18 57.86
CA ARG A 495 5.66 -31.31 56.75
C ARG A 495 6.71 -30.30 57.23
N ALA A 505 14.48 -35.58 53.23
CA ALA A 505 13.93 -34.32 53.77
C ALA A 505 12.76 -34.60 54.73
N ARG A 506 11.93 -35.61 54.43
CA ARG A 506 10.58 -35.69 54.99
C ARG A 506 10.44 -36.89 55.93
N ALA A 507 9.75 -36.63 57.06
CA ALA A 507 9.66 -37.50 58.21
C ALA A 507 8.25 -38.06 58.39
N PHE A 508 8.15 -39.38 58.64
CA PHE A 508 6.90 -40.07 58.95
C PHE A 508 7.18 -41.41 59.65
N VAL A 509 6.18 -41.87 60.44
CA VAL A 509 6.27 -43.10 61.23
C VAL A 509 5.76 -44.29 60.40
N ARG A 510 6.53 -45.39 60.37
CA ARG A 510 6.29 -46.56 59.53
C ARG A 510 5.66 -47.71 60.32
N LYS A 511 5.95 -47.79 61.64
CA LYS A 511 5.36 -48.79 62.54
C LYS A 511 5.18 -48.14 63.92
N PHE A 512 4.10 -48.49 64.65
CA PHE A 512 3.86 -47.87 65.96
C PHE A 512 3.04 -48.78 66.88
N LYS A 513 3.10 -48.50 68.20
CA LYS A 513 2.29 -49.20 69.21
C LYS A 513 1.33 -48.20 69.85
N VAL A 514 0.18 -48.67 70.38
CA VAL A 514 -0.79 -47.82 71.05
C VAL A 514 -0.98 -48.32 72.48
N SER A 515 -0.95 -47.38 73.45
CA SER A 515 -1.25 -47.67 74.85
C SER A 515 -2.35 -46.73 75.35
N TYR A 516 -3.23 -47.23 76.23
CA TYR A 516 -4.44 -46.53 76.66
C TYR A 516 -4.63 -46.66 78.17
N SER A 517 -5.39 -45.70 78.75
CA SER A 517 -5.64 -45.62 80.18
C SER A 517 -6.92 -44.83 80.48
N LEU A 518 -7.56 -45.15 81.63
CA LEU A 518 -8.64 -44.37 82.25
C LEU A 518 -8.09 -43.44 83.33
N ASN A 519 -7.19 -44.00 84.16
CA ASN A 519 -6.46 -43.38 85.25
C ASN A 519 -5.54 -42.24 84.78
N GLY A 520 -4.72 -42.56 83.77
CA GLY A 520 -3.55 -41.76 83.43
C GLY A 520 -2.27 -42.30 84.08
N LYS A 521 -2.41 -43.22 85.04
CA LYS A 521 -1.31 -43.80 85.79
C LYS A 521 -1.13 -45.29 85.48
N ASP A 522 -2.22 -46.05 85.30
CA ASP A 522 -2.15 -47.44 84.87
C ASP A 522 -2.47 -47.54 83.37
N TRP A 523 -1.52 -48.10 82.61
CA TRP A 523 -1.57 -48.13 81.15
C TRP A 523 -1.63 -49.58 80.66
N GLU A 524 -2.32 -49.78 79.52
CA GLU A 524 -2.32 -51.05 78.80
C GLU A 524 -1.88 -50.79 77.35
N TYR A 525 -1.24 -51.79 76.71
CA TYR A 525 -0.98 -51.75 75.28
C TYR A 525 -2.03 -52.59 74.54
N ILE A 526 -2.45 -52.14 73.36
CA ILE A 526 -3.28 -52.99 72.50
C ILE A 526 -2.42 -54.21 72.18
N GLN A 527 -2.94 -55.43 72.40
CA GLN A 527 -2.12 -56.63 72.32
C GLN A 527 -2.55 -57.46 71.12
N ASP A 528 -1.56 -57.88 70.30
CA ASP A 528 -1.80 -58.89 69.28
C ASP A 528 -1.73 -60.25 69.98
N PRO A 529 -2.78 -61.11 69.88
CA PRO A 529 -2.77 -62.41 70.54
C PRO A 529 -1.58 -63.25 70.09
N ARG A 530 -1.28 -63.23 68.79
CA ARG A 530 -0.22 -64.05 68.21
C ARG A 530 1.13 -63.66 68.80
N THR A 531 1.37 -62.37 69.05
CA THR A 531 2.66 -61.92 69.53
C THR A 531 2.82 -62.20 71.03
N GLN A 532 1.68 -62.22 71.75
CA GLN A 532 1.63 -62.22 73.21
C GLN A 532 2.25 -60.93 73.76
N GLN A 533 2.50 -59.94 72.87
CA GLN A 533 3.08 -58.64 73.18
C GLN A 533 2.25 -57.55 72.50
N PRO A 534 2.46 -56.25 72.82
CA PRO A 534 1.74 -55.16 72.16
C PRO A 534 1.78 -55.25 70.65
N LYS A 535 0.61 -55.06 70.02
CA LYS A 535 0.44 -55.16 68.57
C LYS A 535 1.26 -54.05 67.91
N LEU A 536 1.81 -54.37 66.72
CA LEU A 536 2.63 -53.47 65.93
C LEU A 536 1.85 -52.96 64.71
N PHE A 537 1.39 -51.70 64.79
CA PHE A 537 0.54 -51.07 63.79
C PHE A 537 1.38 -50.51 62.65
N GLU A 538 0.92 -50.81 61.41
CA GLU A 538 1.47 -50.23 60.20
C GLU A 538 1.21 -48.73 60.23
N GLY A 539 2.25 -47.94 59.91
CA GLY A 539 2.19 -46.48 59.91
C GLY A 539 1.88 -45.95 58.50
N ASN A 540 2.59 -44.89 58.10
CA ASN A 540 2.38 -44.18 56.85
C ASN A 540 3.41 -44.62 55.79
N MET A 541 3.09 -44.29 54.53
CA MET A 541 3.95 -44.48 53.36
C MET A 541 4.51 -43.13 52.90
N HIS A 542 4.04 -42.03 53.51
CA HIS A 542 4.17 -40.67 53.00
C HIS A 542 3.89 -39.68 54.14
N TYR A 543 4.47 -38.48 54.03
CA TYR A 543 4.45 -37.47 55.07
C TYR A 543 3.09 -36.79 55.20
N ASP A 544 2.31 -36.69 54.11
CA ASP A 544 1.04 -35.95 54.13
C ASP A 544 -0.17 -36.89 54.27
N THR A 545 -0.20 -37.97 53.49
CA THR A 545 -1.37 -38.82 53.37
C THR A 545 -1.58 -39.58 54.68
N PRO A 546 -2.72 -39.35 55.38
CA PRO A 546 -3.01 -39.98 56.66
C PRO A 546 -3.45 -41.43 56.46
N ASP A 547 -3.21 -42.25 57.50
CA ASP A 547 -3.65 -43.63 57.52
C ASP A 547 -4.51 -43.83 58.76
N ILE A 548 -5.71 -44.38 58.55
CA ILE A 548 -6.62 -44.72 59.63
C ILE A 548 -6.31 -46.15 60.07
N ARG A 549 -6.08 -46.33 61.39
CA ARG A 549 -5.80 -47.63 61.98
C ARG A 549 -6.80 -47.88 63.11
N ARG A 550 -7.82 -48.69 62.80
CA ARG A 550 -8.90 -49.03 63.71
C ARG A 550 -8.46 -50.25 64.53
N PHE A 551 -9.01 -50.40 65.75
CA PHE A 551 -8.76 -51.56 66.62
C PHE A 551 -10.03 -51.86 67.41
N ASP A 552 -10.00 -52.94 68.23
CA ASP A 552 -11.15 -53.37 69.00
C ASP A 552 -11.51 -52.29 70.02
N PRO A 553 -12.80 -51.93 70.17
CA PRO A 553 -13.20 -50.76 70.96
C PRO A 553 -12.74 -50.93 72.40
N ILE A 554 -11.99 -49.93 72.91
CA ILE A 554 -11.42 -49.99 74.25
C ILE A 554 -11.80 -48.69 74.96
N PRO A 555 -12.28 -48.73 76.23
CA PRO A 555 -12.65 -47.52 76.96
C PRO A 555 -11.40 -46.92 77.61
N ALA A 556 -11.18 -45.62 77.40
CA ALA A 556 -10.03 -44.92 77.97
C ALA A 556 -10.27 -43.41 77.92
N GLN A 557 -9.49 -42.62 78.66
CA GLN A 557 -9.50 -41.16 78.54
C GLN A 557 -8.09 -40.68 78.16
N TYR A 558 -7.09 -41.57 78.24
CA TYR A 558 -5.73 -41.21 77.85
C TYR A 558 -5.22 -42.19 76.79
N VAL A 559 -4.62 -41.66 75.70
CA VAL A 559 -4.12 -42.48 74.61
C VAL A 559 -2.70 -42.02 74.25
N ARG A 560 -1.79 -43.00 74.04
CA ARG A 560 -0.41 -42.75 73.66
C ARG A 560 -0.04 -43.55 72.41
N VAL A 561 0.69 -42.90 71.48
CA VAL A 561 1.25 -43.56 70.30
C VAL A 561 2.77 -43.61 70.45
N TYR A 562 3.33 -44.85 70.44
CA TYR A 562 4.75 -45.12 70.58
C TYR A 562 5.35 -45.49 69.22
N PRO A 563 6.08 -44.57 68.54
CA PRO A 563 6.75 -44.88 67.27
C PRO A 563 7.79 -45.99 67.41
N GLU A 564 7.75 -46.98 66.51
CA GLU A 564 8.60 -48.16 66.54
C GLU A 564 9.60 -48.14 65.37
N ARG A 565 9.09 -47.91 64.14
CA ARG A 565 9.93 -47.71 62.95
C ARG A 565 9.45 -46.42 62.26
N TRP A 566 10.35 -45.77 61.49
CA TRP A 566 10.09 -44.48 60.87
C TRP A 566 11.00 -44.26 59.65
N SER A 567 10.77 -43.15 58.90
CA SER A 567 11.57 -42.81 57.73
C SER A 567 12.99 -42.34 58.11
N PRO A 568 13.99 -42.38 57.20
CA PRO A 568 15.35 -41.92 57.50
C PRO A 568 15.48 -40.53 58.09
N ALA A 569 14.56 -39.60 57.74
CA ALA A 569 14.50 -38.27 58.35
C ALA A 569 14.31 -38.34 59.87
N GLY A 570 13.64 -39.39 60.34
CA GLY A 570 13.36 -39.58 61.76
C GLY A 570 11.86 -39.54 62.08
N ILE A 571 11.53 -39.42 63.38
CA ILE A 571 10.15 -39.38 63.83
C ILE A 571 9.57 -37.99 63.59
N GLY A 572 8.52 -37.96 62.75
CA GLY A 572 7.63 -36.84 62.56
C GLY A 572 6.19 -37.35 62.50
N MET A 573 5.29 -36.71 63.26
CA MET A 573 3.96 -37.28 63.40
C MET A 573 2.90 -36.20 63.66
N ARG A 574 1.72 -36.40 63.03
CA ARG A 574 0.48 -35.69 63.37
C ARG A 574 -0.58 -36.77 63.65
N LEU A 575 -1.58 -36.45 64.49
CA LEU A 575 -2.43 -37.51 65.05
C LEU A 575 -3.84 -37.03 65.36
N GLU A 576 -4.80 -37.97 65.18
CA GLU A 576 -6.17 -37.84 65.63
C GLU A 576 -6.57 -39.15 66.29
N VAL A 577 -7.49 -39.09 67.27
CA VAL A 577 -8.04 -40.28 67.92
C VAL A 577 -9.51 -40.42 67.51
N LEU A 578 -9.93 -41.67 67.30
CA LEU A 578 -11.29 -42.01 66.87
C LEU A 578 -12.01 -42.80 67.95
N GLY A 579 -13.32 -42.54 68.07
CA GLY A 579 -14.16 -43.24 69.02
C GLY A 579 -15.52 -42.56 69.19
N CYS A 580 -16.12 -42.72 70.38
CA CYS A 580 -17.45 -42.21 70.68
C CYS A 580 -17.68 -42.18 72.20
N ASP A 581 -18.75 -41.51 72.65
CA ASP A 581 -19.11 -41.44 74.07
C ASP A 581 -19.68 -42.78 74.51
N TRP A 582 -19.60 -43.10 75.82
CA TRP A 582 -20.15 -44.33 76.38
C TRP A 582 -21.69 -44.38 76.21
N GLU B 1 7.45 -30.16 8.53
CA GLU B 1 6.36 -29.31 7.97
C GLU B 1 5.28 -30.24 7.42
N VAL B 2 4.04 -30.15 7.96
CA VAL B 2 3.00 -31.09 7.58
C VAL B 2 2.68 -30.87 6.11
N GLN B 3 2.51 -31.99 5.38
CA GLN B 3 2.24 -31.92 3.95
C GLN B 3 1.35 -33.10 3.58
N LEU B 4 0.30 -32.86 2.78
CA LEU B 4 -0.60 -33.90 2.29
C LEU B 4 -0.47 -33.96 0.77
N VAL B 5 -0.24 -35.18 0.25
CA VAL B 5 -0.04 -35.38 -1.17
C VAL B 5 -1.17 -36.27 -1.71
N GLN B 6 -1.91 -35.72 -2.69
CA GLN B 6 -3.12 -36.37 -3.15
C GLN B 6 -2.76 -37.25 -4.35
N SER B 7 -3.70 -38.14 -4.69
CA SER B 7 -3.65 -38.99 -5.87
C SER B 7 -3.71 -38.15 -7.16
N GLY B 8 -3.36 -38.76 -8.29
CA GLY B 8 -3.46 -38.09 -9.58
C GLY B 8 -4.90 -38.03 -10.11
N ALA B 9 -5.09 -37.12 -11.08
CA ALA B 9 -6.36 -36.92 -11.76
C ALA B 9 -6.81 -38.23 -12.41
N GLU B 10 -8.13 -38.48 -12.43
CA GLU B 10 -8.70 -39.66 -13.07
C GLU B 10 -9.92 -39.24 -13.89
N VAL B 11 -10.22 -40.07 -14.90
CA VAL B 11 -11.51 -40.06 -15.58
C VAL B 11 -12.16 -41.39 -15.24
N LYS B 12 -13.44 -41.33 -14.83
CA LYS B 12 -14.14 -42.52 -14.34
C LYS B 12 -15.54 -42.46 -14.97
N LYS B 13 -16.06 -43.59 -15.49
CA LYS B 13 -17.29 -43.57 -16.28
C LYS B 13 -18.47 -43.36 -15.32
N PRO B 14 -19.61 -42.76 -15.76
CA PRO B 14 -20.75 -42.54 -14.87
C PRO B 14 -21.27 -43.83 -14.23
N GLY B 15 -21.55 -43.78 -12.91
CA GLY B 15 -21.97 -44.96 -12.18
C GLY B 15 -20.81 -45.79 -11.61
N ALA B 16 -19.56 -45.42 -11.92
CA ALA B 16 -18.37 -46.09 -11.39
C ALA B 16 -18.04 -45.58 -9.99
N THR B 17 -16.90 -46.01 -9.41
CA THR B 17 -16.44 -45.54 -8.11
C THR B 17 -14.99 -45.05 -8.23
N VAL B 18 -14.63 -44.02 -7.44
CA VAL B 18 -13.28 -43.47 -7.41
C VAL B 18 -12.78 -43.49 -5.99
N LYS B 19 -11.57 -44.02 -5.78
CA LYS B 19 -10.87 -43.91 -4.52
C LYS B 19 -9.68 -42.98 -4.77
N ILE B 20 -9.52 -41.93 -3.93
CA ILE B 20 -8.35 -41.05 -4.02
C ILE B 20 -7.60 -41.02 -2.68
N SER B 21 -6.30 -40.68 -2.76
CA SER B 21 -5.32 -40.88 -1.70
C SER B 21 -4.91 -39.53 -1.12
N CYS B 22 -4.74 -39.46 0.20
CA CYS B 22 -4.20 -38.31 0.91
C CYS B 22 -3.03 -38.80 1.78
N LYS B 23 -1.77 -38.63 1.31
CA LYS B 23 -0.62 -39.13 2.04
C LYS B 23 -0.11 -38.07 3.03
N VAL B 24 -0.52 -38.19 4.30
CA VAL B 24 -0.06 -37.34 5.39
C VAL B 24 1.42 -37.62 5.67
N SER B 25 2.18 -36.56 5.90
CA SER B 25 3.61 -36.63 6.19
C SER B 25 4.06 -35.36 6.88
N GLY B 26 5.36 -35.23 7.16
CA GLY B 26 5.93 -33.97 7.59
C GLY B 26 6.07 -33.84 9.11
N PHE B 27 4.93 -33.80 9.80
CA PHE B 27 4.89 -33.87 11.25
C PHE B 27 4.19 -35.16 11.68
N ASN B 28 3.15 -35.55 10.93
CA ASN B 28 2.37 -36.74 11.21
C ASN B 28 1.99 -36.75 12.69
N ILE B 29 2.38 -37.81 13.44
CA ILE B 29 1.86 -38.17 14.77
C ILE B 29 0.49 -38.83 14.60
N LYS B 30 0.08 -39.68 15.55
CA LYS B 30 -1.24 -40.31 15.52
C LYS B 30 -2.32 -39.30 15.90
N ASP B 31 -3.59 -39.71 15.77
CA ASP B 31 -4.75 -38.86 16.05
C ASP B 31 -4.87 -37.72 15.05
N TYR B 32 -4.49 -37.97 13.79
CA TYR B 32 -4.68 -37.01 12.72
C TYR B 32 -6.15 -37.10 12.30
N TYR B 33 -6.67 -35.96 11.81
CA TYR B 33 -8.04 -35.77 11.39
C TYR B 33 -8.07 -35.34 9.92
N ILE B 34 -8.72 -36.15 9.05
CA ILE B 34 -8.71 -35.86 7.62
C ILE B 34 -10.13 -35.51 7.19
N HIS B 35 -10.25 -34.46 6.38
CA HIS B 35 -11.52 -33.96 5.90
C HIS B 35 -11.40 -33.89 4.39
N TRP B 36 -12.51 -34.21 3.69
CA TRP B 36 -12.54 -34.14 2.24
C TRP B 36 -13.52 -33.06 1.81
N VAL B 37 -13.10 -32.24 0.85
CA VAL B 37 -13.85 -31.11 0.36
C VAL B 37 -13.94 -31.28 -1.16
N GLN B 38 -15.09 -30.89 -1.74
CA GLN B 38 -15.35 -30.97 -3.15
C GLN B 38 -15.55 -29.54 -3.66
N GLN B 39 -14.76 -29.19 -4.68
CA GLN B 39 -14.87 -27.91 -5.37
C GLN B 39 -15.32 -28.21 -6.80
N ALA B 40 -16.60 -27.95 -7.08
CA ALA B 40 -17.17 -28.11 -8.41
C ALA B 40 -16.50 -27.10 -9.34
N PRO B 41 -16.37 -27.35 -10.67
CA PRO B 41 -15.68 -26.42 -11.55
C PRO B 41 -16.29 -25.02 -11.47
N GLY B 42 -17.64 -24.96 -11.40
CA GLY B 42 -18.38 -23.73 -11.22
C GLY B 42 -17.82 -22.87 -10.09
N LYS B 43 -17.77 -23.47 -8.89
CA LYS B 43 -17.10 -22.90 -7.71
C LYS B 43 -17.70 -23.58 -6.49
N GLY B 44 -17.32 -23.11 -5.29
CA GLY B 44 -17.87 -23.58 -4.05
C GLY B 44 -16.95 -24.61 -3.40
N LEU B 45 -16.97 -24.63 -2.07
CA LEU B 45 -16.27 -25.64 -1.30
C LEU B 45 -17.34 -26.39 -0.51
N GLU B 46 -17.47 -27.70 -0.75
CA GLU B 46 -18.50 -28.48 -0.08
C GLU B 46 -17.85 -29.61 0.70
N TRP B 47 -18.16 -29.70 1.99
CA TRP B 47 -17.53 -30.68 2.87
C TRP B 47 -18.16 -32.06 2.70
N MET B 48 -17.40 -33.02 2.19
CA MET B 48 -17.86 -34.39 2.01
C MET B 48 -17.90 -35.11 3.37
N GLY B 49 -16.84 -34.97 4.17
CA GLY B 49 -16.75 -35.72 5.41
C GLY B 49 -15.40 -35.58 6.12
N ARG B 50 -15.28 -36.29 7.26
CA ARG B 50 -14.09 -36.30 8.09
C ARG B 50 -13.82 -37.74 8.53
N ILE B 51 -12.61 -38.03 9.03
CA ILE B 51 -12.28 -39.34 9.57
C ILE B 51 -11.27 -39.19 10.72
N ASP B 52 -11.58 -39.85 11.85
CA ASP B 52 -10.64 -40.03 12.95
C ASP B 52 -9.68 -41.13 12.51
N VAL B 53 -8.38 -40.85 12.32
CA VAL B 53 -7.57 -41.88 11.69
C VAL B 53 -7.39 -43.03 12.66
N GLU B 54 -7.16 -42.72 13.94
CA GLU B 54 -6.84 -43.74 14.94
C GLU B 54 -8.06 -44.64 15.16
N ASP B 55 -9.23 -44.04 15.48
CA ASP B 55 -10.49 -44.77 15.60
C ASP B 55 -11.28 -44.50 14.32
N ASP B 56 -11.73 -45.54 13.60
CA ASP B 56 -12.50 -45.33 12.37
C ASP B 56 -13.87 -44.75 12.72
N GLU B 57 -13.94 -43.41 12.85
CA GLU B 57 -15.18 -42.72 13.21
C GLU B 57 -15.44 -41.61 12.20
N THR B 58 -15.78 -42.04 10.98
CA THR B 58 -16.13 -41.16 9.88
C THR B 58 -17.45 -40.44 10.17
N LYS B 59 -17.51 -39.14 9.84
CA LYS B 59 -18.74 -38.35 9.76
C LYS B 59 -18.87 -37.85 8.32
N TYR B 60 -20.06 -37.97 7.73
CA TYR B 60 -20.29 -37.63 6.33
C TYR B 60 -21.36 -36.55 6.22
N ALA B 61 -21.26 -35.75 5.15
CA ALA B 61 -22.31 -34.79 4.84
C ALA B 61 -23.52 -35.54 4.30
N PRO B 62 -24.74 -35.06 4.60
CA PRO B 62 -25.97 -35.75 4.20
C PRO B 62 -26.09 -35.90 2.68
N LYS B 63 -25.51 -34.96 1.94
CA LYS B 63 -25.54 -34.90 0.49
C LYS B 63 -24.82 -36.12 -0.10
N PHE B 64 -23.64 -36.44 0.46
CA PHE B 64 -22.79 -37.51 -0.06
C PHE B 64 -22.98 -38.80 0.72
N GLN B 65 -23.94 -38.81 1.68
CA GLN B 65 -24.20 -40.00 2.48
C GLN B 65 -24.83 -41.08 1.60
N GLY B 66 -24.39 -42.32 1.83
CA GLY B 66 -24.70 -43.44 0.96
C GLY B 66 -23.66 -43.67 -0.13
N ARG B 67 -22.91 -42.61 -0.50
CA ARG B 67 -22.11 -42.59 -1.73
C ARG B 67 -20.61 -42.35 -1.40
N VAL B 68 -20.27 -41.94 -0.17
CA VAL B 68 -18.88 -41.69 0.16
C VAL B 68 -18.46 -42.59 1.32
N THR B 69 -17.28 -43.21 1.17
CA THR B 69 -16.68 -43.99 2.24
C THR B 69 -15.25 -43.48 2.45
N ILE B 70 -14.91 -43.09 3.67
CA ILE B 70 -13.57 -42.64 3.99
C ILE B 70 -12.88 -43.73 4.81
N THR B 71 -11.65 -44.07 4.40
CA THR B 71 -10.83 -45.11 5.01
C THR B 71 -9.49 -44.49 5.40
N ALA B 72 -8.87 -45.04 6.45
CA ALA B 72 -7.54 -44.63 6.88
C ALA B 72 -6.68 -45.89 7.00
N ASP B 73 -5.44 -45.81 6.51
CA ASP B 73 -4.42 -46.80 6.82
C ASP B 73 -3.47 -46.20 7.86
N THR B 74 -3.36 -46.81 9.04
CA THR B 74 -2.48 -46.28 10.07
C THR B 74 -1.03 -46.65 9.71
N SER B 75 -0.84 -47.82 9.07
CA SER B 75 0.48 -48.35 8.75
C SER B 75 1.26 -47.41 7.83
N THR B 76 0.65 -47.02 6.71
CA THR B 76 1.13 -45.95 5.85
C THR B 76 0.17 -44.78 5.99
N ASP B 77 0.68 -43.59 6.30
CA ASP B 77 -0.16 -42.49 6.71
C ASP B 77 -0.95 -41.97 5.50
N THR B 78 -1.95 -42.72 5.06
CA THR B 78 -2.72 -42.40 3.86
C THR B 78 -4.21 -42.52 4.17
N ALA B 79 -5.00 -41.51 3.75
CA ALA B 79 -6.45 -41.56 3.93
C ALA B 79 -7.11 -41.61 2.54
N TYR B 80 -8.27 -42.28 2.41
CA TYR B 80 -8.89 -42.52 1.12
C TYR B 80 -10.33 -42.01 1.13
N MET B 81 -10.77 -41.46 -0.01
CA MET B 81 -12.18 -41.16 -0.20
C MET B 81 -12.69 -41.99 -1.38
N GLU B 82 -13.72 -42.81 -1.14
CA GLU B 82 -14.31 -43.63 -2.19
C GLU B 82 -15.70 -43.07 -2.51
N LEU B 83 -15.91 -42.67 -3.77
CA LEU B 83 -17.19 -42.09 -4.20
C LEU B 83 -17.90 -43.07 -5.13
N SER B 84 -18.95 -43.75 -4.63
CA SER B 84 -19.78 -44.70 -5.36
C SER B 84 -20.64 -43.98 -6.38
N SER B 85 -21.30 -44.73 -7.28
CA SER B 85 -22.39 -44.22 -8.12
C SER B 85 -22.13 -42.77 -8.51
N LEU B 86 -21.10 -42.57 -9.37
CA LEU B 86 -20.69 -41.23 -9.77
C LEU B 86 -21.77 -40.56 -10.61
N ARG B 87 -21.73 -39.22 -10.62
CA ARG B 87 -22.68 -38.37 -11.33
C ARG B 87 -21.91 -37.42 -12.23
N SER B 88 -22.56 -36.85 -13.26
CA SER B 88 -21.97 -35.82 -14.10
C SER B 88 -21.49 -34.64 -13.24
N GLU B 89 -22.32 -34.30 -12.25
CA GLU B 89 -22.06 -33.20 -11.33
C GLU B 89 -20.96 -33.56 -10.34
N ASP B 90 -20.46 -34.81 -10.36
CA ASP B 90 -19.40 -35.23 -9.46
C ASP B 90 -18.02 -34.89 -10.04
N THR B 91 -17.97 -34.35 -11.28
CA THR B 91 -16.69 -33.95 -11.83
C THR B 91 -16.28 -32.67 -11.12
N ALA B 92 -15.18 -32.75 -10.36
CA ALA B 92 -14.77 -31.66 -9.47
C ALA B 92 -13.33 -31.88 -9.03
N VAL B 93 -12.77 -30.89 -8.34
CA VAL B 93 -11.49 -31.06 -7.67
C VAL B 93 -11.82 -31.43 -6.22
N TYR B 94 -11.24 -32.54 -5.76
CA TYR B 94 -11.41 -33.04 -4.42
C TYR B 94 -10.14 -32.73 -3.64
N TYR B 95 -10.30 -32.01 -2.51
CA TYR B 95 -9.19 -31.67 -1.63
C TYR B 95 -9.33 -32.47 -0.35
N CYS B 96 -8.20 -32.86 0.24
CA CYS B 96 -8.16 -33.37 1.59
C CYS B 96 -7.46 -32.32 2.46
N ALA B 97 -7.92 -32.15 3.70
CA ALA B 97 -7.38 -31.15 4.61
C ALA B 97 -7.35 -31.74 6.02
N THR B 98 -6.44 -31.25 6.88
CA THR B 98 -6.34 -31.68 8.27
C THR B 98 -6.25 -30.45 9.15
N PRO B 99 -6.87 -30.42 10.35
CA PRO B 99 -6.58 -29.36 11.31
C PRO B 99 -5.30 -29.64 12.10
N ILE B 100 -4.85 -28.66 12.89
CA ILE B 100 -3.71 -28.79 13.80
C ILE B 100 -4.14 -29.70 14.97
N TYR B 101 -3.20 -30.18 15.82
CA TYR B 101 -3.53 -31.21 16.78
C TYR B 101 -4.57 -30.76 17.81
N GLY B 102 -4.24 -29.69 18.55
CA GLY B 102 -5.00 -29.29 19.73
C GLY B 102 -6.26 -28.50 19.40
N SER B 103 -6.37 -28.02 18.14
CA SER B 103 -7.52 -27.24 17.70
C SER B 103 -8.80 -28.06 17.80
N ARG B 104 -9.66 -27.68 18.77
CA ARG B 104 -11.03 -28.16 18.86
C ARG B 104 -11.91 -27.29 17.99
N GLU B 105 -11.26 -26.33 17.32
CA GLU B 105 -11.91 -25.29 16.54
C GLU B 105 -11.86 -25.70 15.07
N ALA B 106 -11.02 -26.69 14.77
CA ALA B 106 -11.03 -27.44 13.52
C ALA B 106 -10.92 -26.52 12.31
N TRP B 107 -10.07 -25.50 12.38
CA TRP B 107 -9.67 -24.77 11.17
C TRP B 107 -8.76 -25.69 10.36
N PHE B 108 -8.97 -25.70 9.02
CA PHE B 108 -8.19 -26.53 8.11
C PHE B 108 -6.84 -25.87 7.84
N ALA B 109 -5.86 -26.22 8.69
CA ALA B 109 -4.54 -25.61 8.65
C ALA B 109 -3.76 -26.04 7.42
N TYR B 110 -3.82 -27.35 7.09
CA TYR B 110 -3.05 -27.89 5.96
C TYR B 110 -3.99 -28.55 4.95
N TRP B 111 -3.72 -28.34 3.65
CA TRP B 111 -4.56 -28.81 2.56
C TRP B 111 -3.69 -29.57 1.55
N GLY B 112 -4.30 -30.51 0.81
CA GLY B 112 -3.66 -31.19 -0.30
C GLY B 112 -3.76 -30.38 -1.60
N GLN B 113 -3.03 -30.82 -2.64
CA GLN B 113 -2.90 -30.05 -3.87
C GLN B 113 -4.21 -30.10 -4.68
N GLY B 114 -4.96 -31.20 -4.54
CA GLY B 114 -6.22 -31.37 -5.24
C GLY B 114 -6.14 -32.48 -6.29
N THR B 115 -7.19 -33.32 -6.32
CA THR B 115 -7.34 -34.35 -7.34
C THR B 115 -8.56 -34.03 -8.20
N LEU B 116 -8.40 -34.02 -9.53
CA LEU B 116 -9.50 -33.77 -10.45
C LEU B 116 -10.10 -35.10 -10.89
N VAL B 117 -11.42 -35.26 -10.67
CA VAL B 117 -12.15 -36.38 -11.23
C VAL B 117 -13.04 -35.84 -12.34
N THR B 118 -12.94 -36.43 -13.54
CA THR B 118 -13.77 -36.07 -14.67
C THR B 118 -14.66 -37.28 -14.97
N VAL B 119 -15.88 -37.28 -14.42
CA VAL B 119 -16.87 -38.31 -14.71
C VAL B 119 -17.42 -38.11 -16.13
N SER B 120 -16.89 -38.92 -17.08
CA SER B 120 -17.24 -38.81 -18.49
C SER B 120 -17.34 -40.21 -19.08
N SER B 121 -18.21 -40.36 -20.09
CA SER B 121 -18.40 -41.63 -20.77
C SER B 121 -17.39 -41.80 -21.91
N ALA B 122 -16.69 -40.71 -22.24
CA ALA B 122 -15.96 -40.55 -23.50
C ALA B 122 -14.67 -41.38 -23.51
N SER B 123 -13.92 -41.32 -22.40
CA SER B 123 -12.66 -42.04 -22.23
C SER B 123 -11.52 -41.32 -22.95
N THR B 124 -10.29 -41.86 -22.78
CA THR B 124 -9.05 -41.10 -22.66
C THR B 124 -8.23 -41.09 -23.94
N LYS B 125 -7.75 -39.90 -24.37
CA LYS B 125 -6.80 -39.76 -25.48
C LYS B 125 -5.64 -38.85 -25.08
N GLY B 126 -4.41 -39.29 -25.43
CA GLY B 126 -3.20 -38.54 -25.17
C GLY B 126 -3.10 -37.27 -26.01
N PRO B 127 -2.35 -36.26 -25.54
CA PRO B 127 -2.20 -34.99 -26.25
C PRO B 127 -1.27 -35.04 -27.46
N SER B 128 -1.53 -34.17 -28.45
CA SER B 128 -0.59 -33.93 -29.55
C SER B 128 0.06 -32.56 -29.36
N VAL B 129 1.39 -32.47 -29.36
CA VAL B 129 2.09 -31.23 -29.08
C VAL B 129 2.76 -30.70 -30.35
N PHE B 130 2.47 -29.44 -30.70
CA PHE B 130 2.97 -28.81 -31.91
C PHE B 130 3.59 -27.46 -31.55
N PRO B 131 4.85 -27.17 -31.96
CA PRO B 131 5.50 -25.91 -31.62
C PRO B 131 4.79 -24.72 -32.27
N LEU B 132 4.76 -23.59 -31.55
CA LEU B 132 4.31 -22.31 -32.09
C LEU B 132 5.48 -21.34 -32.09
N ALA B 133 6.15 -21.19 -33.23
CA ALA B 133 7.23 -20.22 -33.39
C ALA B 133 6.86 -19.24 -34.50
N PRO B 134 7.25 -17.95 -34.40
CA PRO B 134 6.87 -16.97 -35.42
C PRO B 134 7.63 -17.23 -36.72
N CYS B 135 6.94 -17.26 -37.87
CA CYS B 135 7.65 -17.22 -39.15
C CYS B 135 8.23 -15.81 -39.29
N SER B 136 9.24 -15.64 -40.15
CA SER B 136 10.03 -14.41 -40.17
C SER B 136 10.49 -14.11 -38.74
N ARG B 137 11.15 -15.11 -38.12
CA ARG B 137 11.47 -15.13 -36.70
C ARG B 137 12.35 -13.95 -36.30
N SER B 138 13.38 -13.64 -37.12
CA SER B 138 14.30 -12.55 -36.80
C SER B 138 13.71 -11.20 -37.24
N THR B 139 12.62 -10.80 -36.57
CA THR B 139 12.04 -9.45 -36.65
C THR B 139 12.71 -8.56 -35.60
N SER B 140 12.26 -7.30 -35.45
CA SER B 140 12.94 -6.33 -34.59
C SER B 140 12.03 -5.76 -33.50
N GLU B 141 11.68 -6.63 -32.56
CA GLU B 141 11.14 -6.28 -31.26
C GLU B 141 12.11 -6.85 -30.23
N SER B 142 12.21 -6.21 -29.06
CA SER B 142 13.17 -6.55 -28.02
C SER B 142 12.96 -7.99 -27.55
N THR B 143 11.68 -8.42 -27.44
CA THR B 143 11.30 -9.74 -26.96
C THR B 143 10.38 -10.44 -27.98
N ALA B 144 10.47 -11.78 -28.03
CA ALA B 144 9.64 -12.63 -28.87
C ALA B 144 8.85 -13.60 -27.99
N ALA B 145 7.62 -13.90 -28.44
CA ALA B 145 6.77 -14.88 -27.79
C ALA B 145 6.92 -16.23 -28.51
N LEU B 146 7.16 -17.32 -27.74
CA LEU B 146 7.21 -18.67 -28.28
C LEU B 146 6.13 -19.51 -27.63
N GLY B 147 5.70 -20.57 -28.31
CA GLY B 147 4.51 -21.30 -27.94
C GLY B 147 4.67 -22.80 -28.06
N CYS B 148 3.67 -23.50 -27.52
CA CYS B 148 3.64 -24.95 -27.45
C CYS B 148 2.17 -25.39 -27.41
N LEU B 149 1.66 -25.96 -28.51
CA LEU B 149 0.22 -26.22 -28.68
C LEU B 149 -0.11 -27.68 -28.37
N VAL B 150 -1.01 -27.86 -27.40
CA VAL B 150 -1.45 -29.15 -26.89
C VAL B 150 -2.86 -29.41 -27.42
N LYS B 151 -2.99 -30.23 -28.46
CA LYS B 151 -4.25 -30.41 -29.18
C LYS B 151 -4.74 -31.85 -28.98
N ASP B 152 -6.09 -31.99 -28.99
CA ASP B 152 -6.79 -33.26 -29.03
C ASP B 152 -6.38 -34.13 -27.84
N TYR B 153 -6.71 -33.65 -26.63
CA TYR B 153 -6.44 -34.40 -25.40
C TYR B 153 -7.72 -34.51 -24.57
N PHE B 154 -7.95 -35.71 -24.01
CA PHE B 154 -9.01 -35.96 -23.04
C PHE B 154 -8.49 -36.99 -22.05
N PRO B 155 -8.85 -36.94 -20.73
CA PRO B 155 -9.60 -35.84 -20.10
C PRO B 155 -8.66 -34.73 -19.60
N GLU B 156 -9.20 -33.69 -18.94
CA GLU B 156 -8.35 -32.71 -18.28
C GLU B 156 -7.66 -33.37 -17.08
N PRO B 157 -6.47 -32.91 -16.61
CA PRO B 157 -5.70 -31.81 -17.20
C PRO B 157 -4.32 -32.15 -17.78
N VAL B 158 -3.67 -31.16 -18.41
CA VAL B 158 -2.27 -31.27 -18.81
C VAL B 158 -1.44 -30.27 -18.01
N THR B 159 -0.21 -30.69 -17.62
CA THR B 159 0.77 -29.80 -17.01
C THR B 159 1.79 -29.42 -18.07
N VAL B 160 1.81 -28.13 -18.47
CA VAL B 160 2.88 -27.65 -19.32
C VAL B 160 3.84 -26.82 -18.45
N SER B 161 5.09 -27.29 -18.34
CA SER B 161 6.18 -26.51 -17.79
C SER B 161 7.15 -26.22 -18.93
N TRP B 162 8.11 -25.30 -18.76
CA TRP B 162 9.00 -25.00 -19.87
C TRP B 162 10.31 -25.79 -19.75
N ASN B 163 11.43 -25.11 -19.50
CA ASN B 163 12.72 -25.76 -19.57
C ASN B 163 12.93 -26.55 -18.28
N SER B 164 12.21 -27.69 -18.18
CA SER B 164 12.15 -28.56 -17.02
C SER B 164 11.81 -27.79 -15.73
N GLY B 165 11.00 -26.72 -15.89
CA GLY B 165 10.60 -25.88 -14.77
C GLY B 165 11.59 -24.74 -14.50
N ALA B 166 12.62 -24.60 -15.35
CA ALA B 166 13.56 -23.49 -15.21
C ALA B 166 12.86 -22.16 -15.48
N LEU B 167 12.11 -22.08 -16.60
CA LEU B 167 11.41 -20.87 -17.02
C LEU B 167 10.02 -20.81 -16.40
N THR B 168 9.86 -19.96 -15.38
CA THR B 168 8.60 -19.75 -14.67
C THR B 168 8.11 -18.33 -14.88
N SER B 169 8.88 -17.54 -15.64
CA SER B 169 8.68 -16.11 -15.82
C SER B 169 8.23 -15.84 -17.24
N GLY B 170 7.17 -15.04 -17.42
CA GLY B 170 6.63 -14.68 -18.72
C GLY B 170 5.94 -15.86 -19.42
N VAL B 171 5.52 -16.84 -18.60
CA VAL B 171 4.87 -18.05 -19.07
C VAL B 171 3.38 -17.88 -18.80
N HIS B 172 2.56 -18.14 -19.84
CA HIS B 172 1.12 -18.17 -19.72
C HIS B 172 0.62 -19.49 -20.31
N THR B 173 0.13 -20.39 -19.45
CA THR B 173 -0.52 -21.60 -19.93
C THR B 173 -2.02 -21.32 -19.89
N PHE B 174 -2.67 -21.29 -21.06
CA PHE B 174 -4.05 -20.85 -21.15
C PHE B 174 -4.98 -21.91 -20.56
N PRO B 175 -6.18 -21.53 -20.08
CA PRO B 175 -7.21 -22.53 -19.82
C PRO B 175 -7.51 -23.27 -21.12
N ALA B 176 -7.69 -24.60 -21.01
CA ALA B 176 -8.09 -25.42 -22.15
C ALA B 176 -9.49 -25.05 -22.62
N VAL B 177 -9.76 -25.23 -23.92
CA VAL B 177 -11.11 -25.07 -24.48
C VAL B 177 -11.50 -26.40 -25.12
N LEU B 178 -12.72 -26.89 -24.81
CA LEU B 178 -13.24 -28.09 -25.43
C LEU B 178 -13.54 -27.77 -26.89
N GLN B 179 -13.11 -28.67 -27.78
CA GLN B 179 -13.15 -28.56 -29.23
C GLN B 179 -13.83 -29.84 -29.74
N SER B 180 -14.28 -29.85 -31.01
CA SER B 180 -14.91 -31.02 -31.60
C SER B 180 -16.07 -31.42 -30.71
N SER B 181 -16.10 -32.71 -30.31
CA SER B 181 -17.10 -33.27 -29.43
C SER B 181 -16.57 -33.36 -28.00
N GLY B 182 -15.40 -34.00 -27.81
CA GLY B 182 -14.81 -34.14 -26.49
C GLY B 182 -13.29 -34.13 -26.51
N LEU B 183 -12.71 -33.18 -27.26
CA LEU B 183 -11.26 -33.01 -27.30
C LEU B 183 -10.88 -31.62 -26.82
N TYR B 184 -9.95 -31.52 -25.85
CA TYR B 184 -9.52 -30.24 -25.30
C TYR B 184 -8.25 -29.78 -26.03
N SER B 185 -8.12 -28.44 -26.23
CA SER B 185 -6.95 -27.83 -26.83
C SER B 185 -6.46 -26.68 -25.95
N LEU B 186 -5.14 -26.67 -25.70
CA LEU B 186 -4.51 -25.73 -24.76
C LEU B 186 -3.25 -25.22 -25.42
N SER B 187 -2.84 -23.98 -25.08
CA SER B 187 -1.61 -23.40 -25.60
C SER B 187 -0.78 -22.87 -24.42
N SER B 188 0.56 -22.95 -24.54
CA SER B 188 1.46 -22.33 -23.57
C SER B 188 2.36 -21.32 -24.30
N VAL B 189 2.68 -20.21 -23.61
CA VAL B 189 3.54 -19.18 -24.18
C VAL B 189 4.70 -18.93 -23.23
N VAL B 190 5.86 -18.55 -23.79
CA VAL B 190 6.94 -17.97 -23.03
C VAL B 190 7.41 -16.72 -23.79
N THR B 191 7.56 -15.59 -23.08
CA THR B 191 8.16 -14.40 -23.67
C THR B 191 9.65 -14.39 -23.35
N VAL B 192 10.51 -14.47 -24.39
CA VAL B 192 11.96 -14.53 -24.21
C VAL B 192 12.58 -13.40 -25.01
N PRO B 193 13.79 -12.89 -24.67
CA PRO B 193 14.46 -11.90 -25.51
C PRO B 193 14.73 -12.46 -26.92
N SER B 194 14.54 -11.60 -27.95
CA SER B 194 14.77 -12.00 -29.35
C SER B 194 16.24 -12.33 -29.61
N SER B 195 17.14 -11.58 -28.96
CA SER B 195 18.59 -11.80 -29.02
C SER B 195 18.97 -13.24 -28.63
N SER B 196 18.28 -13.81 -27.62
CA SER B 196 18.61 -15.14 -27.11
C SER B 196 17.90 -16.26 -27.89
N LEU B 197 17.08 -15.91 -28.91
CA LEU B 197 16.26 -16.90 -29.60
C LEU B 197 17.16 -17.92 -30.33
N GLY B 198 18.16 -17.42 -31.08
CA GLY B 198 19.14 -18.27 -31.73
C GLY B 198 20.07 -19.01 -30.74
N THR B 199 20.50 -18.32 -29.68
CA THR B 199 21.50 -18.82 -28.75
C THR B 199 20.92 -19.94 -27.88
N LYS B 200 19.67 -19.78 -27.42
CA LYS B 200 19.05 -20.71 -26.47
C LYS B 200 17.94 -21.52 -27.13
N THR B 201 17.90 -22.83 -26.78
CA THR B 201 16.81 -23.73 -27.15
C THR B 201 15.76 -23.74 -26.04
N TYR B 202 14.51 -23.48 -26.46
CA TYR B 202 13.37 -23.45 -25.58
C TYR B 202 12.59 -24.74 -25.82
N THR B 203 12.28 -25.43 -24.70
CA THR B 203 11.57 -26.70 -24.71
C THR B 203 10.48 -26.67 -23.64
N CYS B 204 9.24 -27.00 -24.08
CA CYS B 204 8.06 -27.13 -23.23
C CYS B 204 7.88 -28.60 -22.86
N ASN B 205 7.74 -28.90 -21.56
CA ASN B 205 7.49 -30.24 -21.05
C ASN B 205 6.01 -30.41 -20.72
N VAL B 206 5.30 -31.21 -21.55
CA VAL B 206 3.87 -31.42 -21.41
C VAL B 206 3.65 -32.77 -20.74
N ASP B 207 2.89 -32.80 -19.63
CA ASP B 207 2.57 -34.03 -18.91
C ASP B 207 1.04 -34.21 -18.86
N HIS B 208 0.55 -35.33 -19.43
CA HIS B 208 -0.83 -35.77 -19.32
C HIS B 208 -0.87 -37.01 -18.43
N LYS B 209 -1.04 -36.82 -17.11
CA LYS B 209 -1.00 -37.95 -16.17
C LYS B 209 -2.12 -38.94 -16.44
N PRO B 210 -3.24 -38.57 -17.11
CA PRO B 210 -4.40 -39.46 -17.19
C PRO B 210 -4.18 -40.53 -18.26
N SER B 211 -3.07 -40.39 -19.02
CA SER B 211 -2.68 -41.34 -20.06
C SER B 211 -1.18 -41.62 -20.02
N ASN B 212 -0.50 -41.15 -18.95
CA ASN B 212 0.93 -41.34 -18.76
C ASN B 212 1.70 -40.83 -19.99
N THR B 213 1.23 -39.72 -20.60
CA THR B 213 1.87 -39.13 -21.76
C THR B 213 2.72 -37.94 -21.33
N LYS B 214 4.03 -38.18 -21.21
CA LYS B 214 5.02 -37.18 -20.81
C LYS B 214 5.85 -36.86 -22.06
N VAL B 215 5.60 -35.68 -22.68
CA VAL B 215 6.14 -35.34 -24.00
C VAL B 215 6.83 -33.97 -23.94
N ASP B 216 8.10 -33.92 -24.37
CA ASP B 216 8.88 -32.68 -24.46
C ASP B 216 9.10 -32.34 -25.94
N LYS B 217 8.94 -31.06 -26.32
CA LYS B 217 9.17 -30.61 -27.69
C LYS B 217 9.94 -29.29 -27.66
N ARG B 218 10.97 -29.13 -28.50
CA ARG B 218 11.76 -27.90 -28.54
C ARG B 218 11.13 -26.91 -29.53
N VAL B 219 10.55 -25.83 -29.00
CA VAL B 219 10.08 -24.74 -29.84
C VAL B 219 11.31 -23.98 -30.38
N ASP C 1 -28.36 -27.33 10.24
CA ASP C 1 -26.96 -26.81 10.05
C ASP C 1 -27.02 -25.28 10.02
N ILE C 2 -25.84 -24.64 10.09
CA ILE C 2 -25.73 -23.19 10.15
C ILE C 2 -25.09 -22.70 8.85
N GLN C 3 -25.90 -22.06 8.00
CA GLN C 3 -25.51 -21.67 6.66
C GLN C 3 -24.78 -20.34 6.70
N MET C 4 -23.75 -20.22 5.85
CA MET C 4 -22.87 -19.05 5.83
C MET C 4 -23.00 -18.34 4.47
N THR C 5 -23.10 -17.00 4.51
CA THR C 5 -23.34 -16.17 3.33
C THR C 5 -22.28 -15.09 3.26
N GLN C 6 -21.48 -15.08 2.18
CA GLN C 6 -20.50 -14.01 1.99
C GLN C 6 -21.11 -13.03 0.99
N SER C 7 -21.40 -11.81 1.44
CA SER C 7 -22.27 -10.93 0.67
C SER C 7 -21.59 -10.51 -0.63
N PRO C 8 -20.48 -9.74 -0.61
CA PRO C 8 -19.90 -9.28 -1.87
C PRO C 8 -19.38 -10.54 -2.54
N SER C 9 -19.68 -10.71 -3.83
CA SER C 9 -19.24 -11.88 -4.56
C SER C 9 -18.10 -11.52 -5.53
N SER C 10 -18.13 -10.27 -6.04
CA SER C 10 -17.13 -9.75 -6.93
C SER C 10 -16.78 -8.33 -6.48
N LEU C 11 -15.47 -8.05 -6.34
CA LEU C 11 -14.93 -6.75 -5.91
C LEU C 11 -13.86 -6.31 -6.89
N SER C 12 -14.04 -5.26 -7.72
CA SER C 12 -12.87 -4.67 -8.37
C SER C 12 -12.39 -3.49 -7.53
N ALA C 13 -11.24 -3.69 -6.87
CA ALA C 13 -10.61 -2.64 -6.08
C ALA C 13 -9.17 -2.49 -6.55
N SER C 14 -8.68 -1.24 -6.63
CA SER C 14 -7.35 -0.91 -7.10
C SER C 14 -6.30 -1.31 -6.07
N VAL C 15 -5.02 -1.36 -6.50
CA VAL C 15 -3.93 -1.71 -5.60
C VAL C 15 -3.73 -0.59 -4.57
N GLY C 16 -3.32 -0.98 -3.37
CA GLY C 16 -3.16 -0.08 -2.25
C GLY C 16 -4.49 0.52 -1.80
N ASP C 17 -5.51 -0.34 -1.60
CA ASP C 17 -6.86 0.11 -1.29
C ASP C 17 -7.39 -0.72 -0.13
N ARG C 18 -8.28 -0.16 0.69
CA ARG C 18 -8.85 -0.85 1.84
C ARG C 18 -10.10 -1.63 1.43
N VAL C 19 -10.08 -2.97 1.49
CA VAL C 19 -11.20 -3.77 0.98
C VAL C 19 -11.84 -4.50 2.16
N THR C 20 -13.17 -4.70 2.10
CA THR C 20 -13.92 -5.34 3.19
C THR C 20 -14.94 -6.35 2.67
N ILE C 21 -14.77 -7.62 3.10
CA ILE C 21 -15.62 -8.75 2.72
C ILE C 21 -16.42 -9.14 3.96
N THR C 22 -17.74 -9.26 3.79
CA THR C 22 -18.64 -9.76 4.82
C THR C 22 -18.76 -11.28 4.74
N CYS C 23 -19.07 -11.86 5.91
CA CYS C 23 -19.48 -13.25 6.08
C CYS C 23 -20.58 -13.23 7.13
N THR C 24 -21.71 -13.90 6.91
CA THR C 24 -22.81 -13.76 7.84
C THR C 24 -23.52 -15.10 7.98
N ALA C 25 -24.06 -15.37 9.18
CA ALA C 25 -24.46 -16.71 9.56
C ALA C 25 -25.95 -16.79 9.82
N SER C 26 -26.54 -17.95 9.48
CA SER C 26 -27.95 -18.22 9.71
C SER C 26 -28.25 -18.15 11.21
N SER C 27 -27.36 -18.75 12.02
CA SER C 27 -27.48 -18.73 13.47
C SER C 27 -26.33 -17.90 14.01
N SER C 28 -26.00 -18.08 15.29
CA SER C 28 -24.86 -17.42 15.90
C SER C 28 -23.69 -18.41 15.99
N VAL C 29 -22.54 -18.01 15.40
CA VAL C 29 -21.28 -18.74 15.51
C VAL C 29 -20.50 -18.18 16.70
N SER C 30 -19.96 -19.06 17.56
CA SER C 30 -18.99 -18.67 18.58
C SER C 30 -17.83 -18.01 17.86
N SER C 31 -17.35 -16.90 18.43
CA SER C 31 -16.24 -16.14 17.89
C SER C 31 -15.11 -17.06 17.45
N SER C 32 -14.64 -17.94 18.36
CA SER C 32 -13.46 -18.77 18.15
C SER C 32 -13.58 -19.71 16.94
N TYR C 33 -14.79 -19.84 16.36
CA TYR C 33 -15.01 -20.89 15.38
C TYR C 33 -15.14 -20.40 13.93
N LEU C 34 -15.01 -19.09 13.64
CA LEU C 34 -15.03 -18.67 12.25
C LEU C 34 -13.61 -18.60 11.68
N HIS C 35 -13.38 -19.25 10.52
CA HIS C 35 -12.07 -19.28 9.88
C HIS C 35 -12.18 -18.70 8.46
N TRP C 36 -11.05 -18.22 7.90
CA TRP C 36 -11.03 -17.64 6.56
C TRP C 36 -9.91 -18.31 5.76
N TYR C 37 -10.17 -18.48 4.45
CA TYR C 37 -9.27 -19.15 3.52
C TYR C 37 -9.15 -18.29 2.25
N GLN C 38 -7.95 -18.37 1.63
CA GLN C 38 -7.63 -17.70 0.37
C GLN C 38 -7.37 -18.76 -0.69
N GLN C 39 -8.08 -18.68 -1.84
CA GLN C 39 -7.87 -19.65 -2.92
C GLN C 39 -7.38 -18.91 -4.15
N LYS C 40 -6.10 -19.07 -4.48
CA LYS C 40 -5.52 -18.53 -5.70
C LYS C 40 -6.05 -19.35 -6.86
N PRO C 41 -6.05 -18.84 -8.11
CA PRO C 41 -6.81 -19.45 -9.22
C PRO C 41 -6.67 -20.95 -9.43
N GLY C 42 -5.43 -21.46 -9.47
CA GLY C 42 -5.17 -22.85 -9.79
C GLY C 42 -4.75 -23.69 -8.59
N LYS C 43 -4.95 -23.15 -7.37
CA LYS C 43 -4.33 -23.73 -6.19
C LYS C 43 -5.40 -24.09 -5.14
N ALA C 44 -5.00 -24.92 -4.18
CA ALA C 44 -5.84 -25.25 -3.03
C ALA C 44 -5.97 -24.05 -2.10
N PRO C 45 -7.04 -23.97 -1.28
CA PRO C 45 -7.18 -22.89 -0.31
C PRO C 45 -6.04 -22.92 0.70
N LYS C 46 -5.66 -21.72 1.19
CA LYS C 46 -4.74 -21.58 2.30
C LYS C 46 -5.43 -20.83 3.43
N LEU C 47 -5.15 -21.24 4.66
CA LEU C 47 -5.64 -20.58 5.86
C LEU C 47 -5.12 -19.13 5.94
N LEU C 48 -5.99 -18.14 6.20
CA LEU C 48 -5.59 -16.76 6.49
C LEU C 48 -5.74 -16.45 7.98
N ILE C 49 -7.00 -16.60 8.45
CA ILE C 49 -7.42 -16.26 9.79
C ILE C 49 -8.16 -17.46 10.36
N TYR C 50 -8.02 -17.72 11.69
CA TYR C 50 -8.59 -18.95 12.24
C TYR C 50 -9.44 -18.76 13.51
N ARG C 51 -9.56 -17.57 14.10
CA ARG C 51 -10.51 -17.46 15.19
C ARG C 51 -11.21 -16.11 15.10
N THR C 52 -12.52 -16.13 14.84
CA THR C 52 -13.33 -14.94 14.77
C THR C 52 -12.73 -13.97 13.77
N SER C 53 -12.01 -14.53 12.80
CA SER C 53 -11.28 -13.68 11.88
C SER C 53 -10.24 -12.84 12.61
N ASN C 54 -9.81 -13.24 13.81
CA ASN C 54 -8.92 -12.42 14.62
C ASN C 54 -7.48 -12.88 14.46
N LEU C 55 -7.24 -14.20 14.38
CA LEU C 55 -5.89 -14.72 14.49
C LEU C 55 -5.39 -15.13 13.12
N ALA C 56 -4.37 -14.38 12.62
CA ALA C 56 -3.74 -14.56 11.32
C ALA C 56 -2.55 -15.54 11.45
N SER C 57 -2.29 -16.38 10.43
CA SER C 57 -1.28 -17.43 10.54
C SER C 57 -0.11 -17.26 9.56
N GLY C 58 1.12 -16.99 10.04
CA GLY C 58 2.28 -16.64 9.20
C GLY C 58 1.96 -15.89 7.89
N VAL C 59 1.20 -14.77 7.95
CA VAL C 59 0.46 -14.18 6.82
C VAL C 59 0.68 -12.66 6.83
N PRO C 60 0.47 -11.92 5.71
CA PRO C 60 0.69 -10.46 5.70
C PRO C 60 -0.18 -9.63 6.65
N SER C 61 0.32 -8.46 7.10
CA SER C 61 -0.32 -7.70 8.17
C SER C 61 -1.61 -6.99 7.73
N ARG C 62 -1.70 -6.68 6.43
CA ARG C 62 -2.83 -5.98 5.83
C ARG C 62 -4.16 -6.69 6.15
N PHE C 63 -4.17 -8.03 6.15
CA PHE C 63 -5.34 -8.84 6.48
C PHE C 63 -5.72 -8.72 7.96
N SER C 64 -6.97 -8.29 8.20
CA SER C 64 -7.60 -8.26 9.51
C SER C 64 -8.94 -8.97 9.41
N GLY C 65 -9.46 -9.46 10.53
CA GLY C 65 -10.87 -9.81 10.59
C GLY C 65 -11.47 -9.50 11.96
N SER C 66 -12.80 -9.40 12.00
CA SER C 66 -13.49 -9.18 13.27
C SER C 66 -14.91 -9.72 13.17
N GLY C 67 -15.62 -9.79 14.29
CA GLY C 67 -17.03 -10.09 14.29
C GLY C 67 -17.45 -10.86 15.53
N SER C 68 -18.77 -11.11 15.63
CA SER C 68 -19.34 -11.88 16.73
C SER C 68 -20.76 -12.29 16.35
N GLY C 69 -21.06 -13.58 16.54
CA GLY C 69 -22.43 -14.04 16.43
C GLY C 69 -22.82 -14.27 14.98
N THR C 70 -23.31 -13.22 14.32
CA THR C 70 -23.88 -13.40 13.00
C THR C 70 -23.00 -12.76 11.93
N ASP C 71 -22.42 -11.58 12.23
CA ASP C 71 -21.74 -10.78 11.24
C ASP C 71 -20.25 -10.80 11.55
N PHE C 72 -19.45 -11.23 10.54
CA PHE C 72 -18.01 -11.28 10.61
C PHE C 72 -17.46 -10.60 9.36
N THR C 73 -16.24 -10.07 9.43
CA THR C 73 -15.66 -9.32 8.31
C THR C 73 -14.20 -9.70 8.12
N LEU C 74 -13.74 -9.61 6.87
CA LEU C 74 -12.34 -9.74 6.54
C LEU C 74 -11.96 -8.45 5.83
N THR C 75 -10.83 -7.84 6.21
CA THR C 75 -10.46 -6.53 5.70
C THR C 75 -9.00 -6.57 5.23
N ILE C 76 -8.74 -6.10 4.00
CA ILE C 76 -7.37 -5.97 3.50
C ILE C 76 -7.04 -4.48 3.44
N SER C 77 -6.11 -4.02 4.30
CA SER C 77 -5.84 -2.59 4.43
C SER C 77 -5.22 -2.00 3.16
N SER C 78 -4.15 -2.61 2.62
CA SER C 78 -3.60 -2.19 1.33
C SER C 78 -3.66 -3.40 0.40
N LEU C 79 -4.68 -3.40 -0.45
CA LEU C 79 -4.88 -4.44 -1.44
C LEU C 79 -3.64 -4.45 -2.32
N GLN C 80 -3.26 -5.64 -2.77
CA GLN C 80 -2.06 -5.80 -3.57
C GLN C 80 -2.34 -6.83 -4.65
N PRO C 81 -1.57 -6.83 -5.76
CA PRO C 81 -1.93 -7.60 -6.94
C PRO C 81 -1.96 -9.09 -6.60
N GLU C 82 -1.05 -9.48 -5.69
CA GLU C 82 -0.93 -10.81 -5.11
C GLU C 82 -2.24 -11.27 -4.50
N ASP C 83 -3.02 -10.31 -3.92
CA ASP C 83 -4.19 -10.61 -3.13
C ASP C 83 -5.40 -10.95 -3.99
N PHE C 84 -5.24 -11.00 -5.33
CA PHE C 84 -6.28 -11.45 -6.24
C PHE C 84 -6.57 -12.93 -6.03
N ALA C 85 -7.76 -13.25 -5.49
CA ALA C 85 -8.16 -14.62 -5.17
C ALA C 85 -9.64 -14.66 -4.81
N THR C 86 -10.16 -15.88 -4.59
CA THR C 86 -11.47 -16.06 -3.96
C THR C 86 -11.25 -16.33 -2.47
N TYR C 87 -12.05 -15.64 -1.61
CA TYR C 87 -11.92 -15.72 -0.16
C TYR C 87 -13.13 -16.45 0.42
N TYR C 88 -12.88 -17.48 1.25
CA TYR C 88 -13.95 -18.28 1.81
C TYR C 88 -13.97 -18.17 3.33
N CYS C 89 -15.16 -18.11 3.94
CA CYS C 89 -15.28 -18.22 5.38
C CYS C 89 -15.87 -19.59 5.73
N HIS C 90 -15.45 -20.12 6.88
CA HIS C 90 -15.82 -21.45 7.34
C HIS C 90 -16.23 -21.37 8.81
N GLN C 91 -17.23 -22.18 9.19
CA GLN C 91 -17.69 -22.23 10.58
C GLN C 91 -17.55 -23.68 11.05
N TYR C 92 -17.09 -23.89 12.30
CA TYR C 92 -17.12 -25.23 12.88
C TYR C 92 -17.77 -25.15 14.26
N TYR C 93 -18.73 -24.22 14.41
CA TYR C 93 -19.43 -24.06 15.68
C TYR C 93 -20.42 -25.21 15.85
N ARG C 94 -21.04 -25.65 14.75
CA ARG C 94 -21.91 -26.80 14.77
C ARG C 94 -21.73 -27.60 13.48
N SER C 95 -21.46 -28.91 13.66
CA SER C 95 -21.24 -29.80 12.52
C SER C 95 -22.59 -30.10 11.89
N PRO C 96 -22.68 -30.28 10.54
CA PRO C 96 -21.51 -30.28 9.67
C PRO C 96 -20.94 -28.88 9.45
N PRO C 97 -19.63 -28.80 9.20
CA PRO C 97 -18.99 -27.55 8.79
C PRO C 97 -19.54 -27.02 7.47
N THR C 98 -19.70 -25.70 7.41
CA THR C 98 -20.26 -24.99 6.28
C THR C 98 -19.26 -23.92 5.83
N PHE C 99 -19.16 -23.72 4.51
CA PHE C 99 -18.36 -22.64 3.92
C PHE C 99 -19.29 -21.62 3.28
N GLY C 100 -18.79 -20.39 3.13
CA GLY C 100 -19.45 -19.36 2.35
C GLY C 100 -19.23 -19.54 0.84
N GLY C 101 -20.00 -18.76 0.05
CA GLY C 101 -19.99 -18.83 -1.41
C GLY C 101 -18.65 -18.38 -2.00
N GLY C 102 -18.04 -17.39 -1.35
CA GLY C 102 -16.75 -16.85 -1.77
C GLY C 102 -16.89 -15.46 -2.37
N THR C 103 -15.82 -14.67 -2.17
CA THR C 103 -15.73 -13.34 -2.73
C THR C 103 -14.51 -13.27 -3.63
N LYS C 104 -14.72 -13.05 -4.93
CA LYS C 104 -13.70 -13.01 -5.96
C LYS C 104 -13.18 -11.56 -6.02
N VAL C 105 -12.03 -11.31 -5.37
CA VAL C 105 -11.34 -10.02 -5.47
C VAL C 105 -10.68 -9.93 -6.84
N GLU C 106 -10.84 -8.77 -7.51
CA GLU C 106 -10.22 -8.43 -8.79
C GLU C 106 -9.54 -7.08 -8.61
N ILE C 107 -8.60 -6.74 -9.50
CA ILE C 107 -7.79 -5.53 -9.31
C ILE C 107 -8.06 -4.54 -10.45
N LYS C 108 -8.37 -3.27 -10.10
CA LYS C 108 -8.28 -2.18 -11.05
C LYS C 108 -6.81 -1.84 -11.26
N ARG C 109 -6.51 -1.44 -12.50
CA ARG C 109 -5.15 -1.17 -12.92
C ARG C 109 -5.23 -0.14 -14.04
N THR C 110 -4.11 0.57 -14.29
CA THR C 110 -4.06 1.53 -15.39
C THR C 110 -4.19 0.72 -16.68
N VAL C 111 -4.76 1.32 -17.74
CA VAL C 111 -4.97 0.60 -18.99
C VAL C 111 -3.61 0.12 -19.50
N ALA C 112 -3.58 -1.09 -20.08
CA ALA C 112 -2.38 -1.64 -20.69
C ALA C 112 -2.76 -2.20 -22.05
N ALA C 113 -1.82 -2.09 -23.01
CA ALA C 113 -2.03 -2.53 -24.38
C ALA C 113 -1.49 -3.94 -24.58
N PRO C 114 -2.14 -4.78 -25.43
CA PRO C 114 -1.66 -6.14 -25.66
C PRO C 114 -0.46 -6.20 -26.58
N SER C 115 0.50 -7.06 -26.29
CA SER C 115 1.58 -7.34 -27.22
C SER C 115 1.10 -8.44 -28.17
N VAL C 116 0.54 -8.05 -29.33
CA VAL C 116 -0.08 -9.02 -30.23
C VAL C 116 1.01 -9.86 -30.91
N PHE C 117 0.76 -11.18 -31.04
CA PHE C 117 1.63 -12.10 -31.78
C PHE C 117 0.78 -13.09 -32.57
N ILE C 118 1.27 -13.55 -33.74
CA ILE C 118 0.58 -14.51 -34.61
C ILE C 118 1.50 -15.71 -34.85
N PHE C 119 0.91 -16.92 -34.95
CA PHE C 119 1.65 -18.17 -35.00
C PHE C 119 1.14 -19.07 -36.13
N PRO C 120 2.01 -19.35 -37.14
CA PRO C 120 1.67 -20.25 -38.23
C PRO C 120 1.55 -21.70 -37.74
N PRO C 121 0.69 -22.52 -38.38
CA PRO C 121 0.55 -23.94 -38.04
C PRO C 121 1.88 -24.71 -38.16
N SER C 122 2.16 -25.62 -37.23
CA SER C 122 3.40 -26.39 -37.25
C SER C 122 3.39 -27.37 -38.44
N ASP C 123 4.59 -27.67 -38.93
CA ASP C 123 4.81 -28.61 -40.04
C ASP C 123 4.25 -29.99 -39.67
N GLU C 124 4.46 -30.41 -38.41
CA GLU C 124 3.96 -31.69 -37.91
C GLU C 124 2.44 -31.73 -38.01
N GLN C 125 1.77 -30.61 -37.65
CA GLN C 125 0.32 -30.56 -37.59
C GLN C 125 -0.26 -30.67 -39.01
N LEU C 126 0.43 -30.05 -39.98
CA LEU C 126 -0.01 -30.09 -41.37
C LEU C 126 -0.14 -31.53 -41.87
N LYS C 127 0.86 -32.37 -41.52
CA LYS C 127 0.84 -33.80 -41.86
C LYS C 127 -0.39 -34.48 -41.24
N SER C 128 -0.77 -34.06 -40.03
CA SER C 128 -1.97 -34.57 -39.37
C SER C 128 -3.23 -34.21 -40.16
N GLY C 129 -3.15 -33.15 -40.98
CA GLY C 129 -4.25 -32.75 -41.85
C GLY C 129 -5.13 -31.64 -41.27
N THR C 130 -4.72 -31.08 -40.12
CA THR C 130 -5.35 -29.91 -39.52
C THR C 130 -4.28 -28.83 -39.31
N ALA C 131 -4.70 -27.57 -39.45
CA ALA C 131 -3.84 -26.40 -39.28
C ALA C 131 -4.52 -25.41 -38.35
N SER C 132 -3.87 -25.12 -37.20
CA SER C 132 -4.35 -24.17 -36.21
C SER C 132 -3.50 -22.92 -36.24
N VAL C 133 -4.12 -21.75 -36.44
CA VAL C 133 -3.41 -20.47 -36.41
C VAL C 133 -3.70 -19.80 -35.07
N VAL C 134 -2.63 -19.51 -34.29
CA VAL C 134 -2.78 -19.01 -32.92
C VAL C 134 -2.43 -17.52 -32.91
N CYS C 135 -3.14 -16.73 -32.07
CA CYS C 135 -2.89 -15.30 -31.88
C CYS C 135 -2.92 -14.98 -30.39
N LEU C 136 -1.78 -14.50 -29.86
CA LEU C 136 -1.68 -14.05 -28.47
C LEU C 136 -1.86 -12.56 -28.39
N LEU C 137 -2.75 -12.13 -27.49
CA LEU C 137 -2.77 -10.75 -27.04
C LEU C 137 -2.34 -10.79 -25.57
N ASN C 138 -1.16 -10.26 -25.22
CA ASN C 138 -0.44 -10.74 -24.03
C ASN C 138 -0.66 -9.95 -22.73
N ASN C 139 -0.42 -8.65 -22.65
CA ASN C 139 -0.43 -8.07 -21.30
C ASN C 139 -1.34 -6.84 -21.24
N PHE C 140 -2.66 -7.04 -21.42
CA PHE C 140 -3.64 -5.96 -21.45
C PHE C 140 -4.44 -5.96 -20.15
N TYR C 141 -4.93 -4.79 -19.70
CA TYR C 141 -5.69 -4.81 -18.44
C TYR C 141 -7.20 -4.91 -18.67
N PRO C 142 -7.89 -3.93 -19.29
CA PRO C 142 -9.34 -4.08 -19.45
C PRO C 142 -9.58 -5.45 -20.08
N ARG C 143 -10.32 -6.34 -19.42
CA ARG C 143 -10.48 -7.72 -19.89
C ARG C 143 -11.07 -7.75 -21.30
N GLU C 144 -12.04 -6.86 -21.57
CA GLU C 144 -12.76 -6.82 -22.84
C GLU C 144 -11.79 -6.42 -23.96
N ALA C 145 -11.72 -7.27 -24.99
CA ALA C 145 -10.92 -7.03 -26.19
C ALA C 145 -11.56 -7.78 -27.36
N LYS C 146 -11.33 -7.32 -28.60
CA LYS C 146 -11.89 -7.99 -29.77
C LYS C 146 -10.79 -8.47 -30.72
N VAL C 147 -10.91 -9.75 -31.13
CA VAL C 147 -10.00 -10.41 -32.06
C VAL C 147 -10.76 -10.65 -33.36
N GLN C 148 -10.18 -10.20 -34.48
CA GLN C 148 -10.80 -10.32 -35.79
C GLN C 148 -9.88 -11.15 -36.69
N TRP C 149 -10.30 -12.38 -37.00
CA TRP C 149 -9.58 -13.25 -37.93
C TRP C 149 -9.94 -12.88 -39.37
N LYS C 150 -8.93 -12.42 -40.13
CA LYS C 150 -9.09 -12.05 -41.54
C LYS C 150 -8.24 -13.00 -42.39
N VAL C 151 -8.88 -13.72 -43.33
CA VAL C 151 -8.20 -14.63 -44.25
C VAL C 151 -8.28 -14.04 -45.65
N ASP C 152 -7.11 -13.70 -46.23
CA ASP C 152 -6.99 -13.05 -47.52
C ASP C 152 -7.88 -11.81 -47.56
N ASN C 153 -7.86 -11.03 -46.47
CA ASN C 153 -8.62 -9.78 -46.32
C ASN C 153 -10.13 -10.04 -46.36
N ALA C 154 -10.56 -11.28 -46.03
CA ALA C 154 -11.97 -11.58 -45.80
C ALA C 154 -12.15 -12.07 -44.35
N LEU C 155 -13.00 -11.35 -43.58
CA LEU C 155 -13.20 -11.64 -42.16
C LEU C 155 -13.83 -13.03 -42.05
N GLN C 156 -13.12 -13.99 -41.43
CA GLN C 156 -13.62 -15.35 -41.27
C GLN C 156 -14.04 -15.49 -39.80
N SER C 157 -15.33 -15.79 -39.55
CA SER C 157 -15.91 -15.79 -38.21
C SER C 157 -16.18 -17.19 -37.67
N GLY C 158 -16.19 -18.22 -38.54
CA GLY C 158 -16.34 -19.59 -38.07
C GLY C 158 -15.05 -20.13 -37.48
N ASN C 159 -15.17 -21.13 -36.59
CA ASN C 159 -14.04 -21.92 -36.09
C ASN C 159 -13.01 -21.07 -35.36
N SER C 160 -13.48 -20.10 -34.53
CA SER C 160 -12.60 -19.25 -33.74
C SER C 160 -12.90 -19.48 -32.26
N GLN C 161 -11.88 -19.92 -31.49
CA GLN C 161 -12.06 -20.21 -30.06
C GLN C 161 -10.98 -19.47 -29.25
N GLU C 162 -11.42 -18.79 -28.16
CA GLU C 162 -10.52 -18.02 -27.31
C GLU C 162 -10.47 -18.61 -25.90
N SER C 163 -9.26 -18.61 -25.32
CA SER C 163 -9.04 -18.86 -23.90
C SER C 163 -8.34 -17.64 -23.29
N VAL C 164 -8.75 -17.26 -22.08
CA VAL C 164 -8.21 -16.10 -21.38
C VAL C 164 -7.58 -16.56 -20.07
N THR C 165 -6.41 -16.02 -19.71
CA THR C 165 -5.81 -16.30 -18.40
C THR C 165 -6.54 -15.49 -17.33
N GLU C 166 -6.35 -15.87 -16.05
CA GLU C 166 -6.86 -15.05 -14.96
C GLU C 166 -5.83 -13.95 -14.71
N GLN C 167 -6.24 -12.91 -13.99
CA GLN C 167 -5.39 -11.75 -13.73
C GLN C 167 -4.05 -12.20 -13.11
N ASP C 168 -2.92 -11.66 -13.61
CA ASP C 168 -1.58 -12.01 -13.13
C ASP C 168 -1.41 -11.51 -11.69
N SER C 169 -0.69 -12.31 -10.88
CA SER C 169 -0.40 -12.01 -9.49
C SER C 169 0.51 -10.78 -9.34
N LYS C 170 1.37 -10.54 -10.35
CA LYS C 170 2.41 -9.52 -10.30
C LYS C 170 1.88 -8.21 -10.88
N ASP C 171 1.65 -8.16 -12.19
CA ASP C 171 0.92 -7.10 -12.89
C ASP C 171 -0.50 -7.61 -13.07
N SER C 172 -1.52 -6.84 -12.70
CA SER C 172 -2.86 -7.42 -12.72
C SER C 172 -3.45 -7.33 -14.13
N THR C 173 -2.89 -8.13 -15.04
CA THR C 173 -3.21 -8.08 -16.46
C THR C 173 -3.72 -9.42 -16.94
N TYR C 174 -4.46 -9.41 -18.07
CA TYR C 174 -5.00 -10.62 -18.68
C TYR C 174 -4.16 -10.91 -19.92
N SER C 175 -4.09 -12.20 -20.32
CA SER C 175 -3.55 -12.62 -21.61
C SER C 175 -4.59 -13.49 -22.31
N LEU C 176 -4.64 -13.40 -23.65
CA LEU C 176 -5.66 -14.06 -24.45
C LEU C 176 -5.02 -14.79 -25.63
N SER C 177 -5.57 -15.98 -25.95
CA SER C 177 -5.19 -16.75 -27.12
C SER C 177 -6.42 -16.98 -27.99
N SER C 178 -6.31 -16.63 -29.29
CA SER C 178 -7.36 -16.94 -30.26
C SER C 178 -6.79 -17.93 -31.27
N THR C 179 -7.43 -19.11 -31.42
CA THR C 179 -6.92 -20.13 -32.34
C THR C 179 -7.96 -20.42 -33.44
N LEU C 180 -7.58 -20.18 -34.71
CA LEU C 180 -8.39 -20.52 -35.88
C LEU C 180 -8.00 -21.93 -36.33
N THR C 181 -8.92 -22.90 -36.16
CA THR C 181 -8.69 -24.28 -36.57
C THR C 181 -9.28 -24.47 -37.97
N LEU C 182 -8.42 -24.75 -38.98
CA LEU C 182 -8.86 -25.02 -40.35
C LEU C 182 -8.26 -26.34 -40.84
N SER C 183 -8.93 -26.97 -41.81
CA SER C 183 -8.39 -28.12 -42.53
C SER C 183 -7.18 -27.68 -43.35
N LYS C 184 -6.31 -28.64 -43.71
CA LYS C 184 -5.13 -28.35 -44.53
C LYS C 184 -5.57 -27.74 -45.87
N ALA C 185 -6.70 -28.28 -46.39
CA ALA C 185 -7.28 -27.87 -47.66
C ALA C 185 -7.58 -26.37 -47.65
N ASP C 186 -8.27 -25.91 -46.61
CA ASP C 186 -8.65 -24.50 -46.51
C ASP C 186 -7.39 -23.65 -46.32
N TYR C 187 -6.42 -24.18 -45.54
CA TYR C 187 -5.14 -23.50 -45.32
C TYR C 187 -4.44 -23.27 -46.66
N GLU C 188 -4.40 -24.31 -47.51
CA GLU C 188 -3.79 -24.19 -48.84
C GLU C 188 -4.55 -23.19 -49.72
N LYS C 189 -5.89 -23.16 -49.62
CA LYS C 189 -6.72 -22.30 -50.48
C LYS C 189 -6.34 -20.82 -50.36
N HIS C 190 -5.97 -20.36 -49.16
CA HIS C 190 -5.69 -18.95 -48.91
C HIS C 190 -4.21 -18.74 -48.55
N LYS C 191 -3.70 -17.49 -48.65
CA LYS C 191 -2.29 -17.19 -48.48
C LYS C 191 -2.01 -16.28 -47.26
N VAL C 192 -2.74 -15.16 -47.13
CA VAL C 192 -2.51 -14.19 -46.05
C VAL C 192 -3.47 -14.46 -44.88
N TYR C 193 -2.94 -14.66 -43.66
CA TYR C 193 -3.74 -14.88 -42.46
C TYR C 193 -3.44 -13.78 -41.44
N ALA C 194 -4.49 -13.07 -40.98
CA ALA C 194 -4.32 -11.86 -40.18
C ALA C 194 -5.18 -11.86 -38.91
N CYS C 195 -4.65 -11.17 -37.89
CA CYS C 195 -5.24 -10.93 -36.59
C CYS C 195 -5.49 -9.42 -36.46
N GLU C 196 -6.74 -8.99 -36.29
CA GLU C 196 -7.04 -7.59 -35.99
C GLU C 196 -7.53 -7.49 -34.55
N VAL C 197 -6.83 -6.67 -33.73
CA VAL C 197 -7.14 -6.55 -32.31
C VAL C 197 -7.60 -5.12 -32.02
N THR C 198 -8.81 -5.01 -31.41
CA THR C 198 -9.30 -3.74 -30.89
C THR C 198 -9.36 -3.83 -29.37
N HIS C 199 -8.58 -2.96 -28.71
CA HIS C 199 -8.54 -2.83 -27.26
C HIS C 199 -8.41 -1.35 -26.90
N GLN C 200 -9.05 -0.91 -25.81
CA GLN C 200 -8.98 0.46 -25.33
C GLN C 200 -7.53 0.98 -25.38
N GLY C 201 -6.54 0.08 -25.30
CA GLY C 201 -5.13 0.41 -25.31
C GLY C 201 -4.63 1.06 -26.61
N LEU C 202 -5.43 1.04 -27.70
CA LEU C 202 -5.16 1.91 -28.84
C LEU C 202 -6.43 2.22 -29.65
N SER C 203 -6.39 3.35 -30.35
CA SER C 203 -7.41 3.73 -31.32
C SER C 203 -7.22 2.93 -32.61
N SER C 204 -5.98 2.90 -33.12
CA SER C 204 -5.61 2.05 -34.24
C SER C 204 -5.68 0.58 -33.82
N PRO C 205 -6.57 -0.27 -34.39
CA PRO C 205 -6.55 -1.71 -34.11
C PRO C 205 -5.28 -2.34 -34.66
N VAL C 206 -4.74 -3.36 -33.97
CA VAL C 206 -3.40 -3.87 -34.30
C VAL C 206 -3.55 -5.08 -35.21
N THR C 207 -3.35 -4.84 -36.51
CA THR C 207 -3.35 -5.88 -37.52
C THR C 207 -1.97 -6.55 -37.48
N LYS C 208 -1.95 -7.89 -37.34
CA LYS C 208 -0.71 -8.68 -37.34
C LYS C 208 -0.93 -9.90 -38.24
N SER C 209 -0.02 -10.18 -39.19
CA SER C 209 -0.34 -11.07 -40.30
C SER C 209 0.87 -11.88 -40.76
N PHE C 210 0.61 -13.01 -41.44
CA PHE C 210 1.64 -13.86 -42.03
C PHE C 210 1.15 -14.41 -43.37
N ASN C 211 2.08 -14.83 -44.25
CA ASN C 211 1.80 -15.38 -45.57
C ASN C 211 2.27 -16.84 -45.62
N ARG C 212 1.33 -17.78 -45.86
CA ARG C 212 1.59 -19.21 -45.88
C ARG C 212 2.88 -19.50 -46.64
N GLY C 213 2.95 -19.02 -47.89
CA GLY C 213 4.12 -19.18 -48.74
C GLY C 213 5.42 -18.83 -48.01
N GLU C 214 5.52 -17.57 -47.54
CA GLU C 214 6.74 -17.09 -46.91
C GLU C 214 7.07 -18.00 -45.74
N CYS C 215 8.33 -18.46 -45.65
CA CYS C 215 8.79 -19.30 -44.55
C CYS C 215 7.71 -20.32 -44.14
N ASP D 136 29.18 -19.12 -67.72
CA ASP D 136 29.16 -20.45 -67.04
C ASP D 136 29.72 -20.29 -65.62
N CYS D 137 28.83 -20.42 -64.62
CA CYS D 137 29.12 -20.05 -63.23
C CYS D 137 30.06 -21.09 -62.60
N SER D 138 29.89 -22.35 -62.98
CA SER D 138 30.60 -23.47 -62.36
C SER D 138 32.07 -23.51 -62.80
N LYS D 139 32.95 -24.04 -61.90
CA LYS D 139 34.38 -24.18 -62.12
C LYS D 139 34.90 -25.48 -61.48
N ASN D 140 36.05 -25.97 -61.97
CA ASN D 140 36.77 -27.11 -61.40
C ASN D 140 38.18 -26.66 -61.00
N PHE D 141 38.67 -27.17 -59.86
CA PHE D 141 39.96 -26.80 -59.28
C PHE D 141 40.81 -28.06 -59.08
N THR D 142 42.03 -28.03 -59.65
CA THR D 142 42.98 -29.14 -59.63
C THR D 142 44.41 -28.69 -59.28
N SER D 143 44.71 -27.38 -59.40
CA SER D 143 46.03 -26.82 -59.14
C SER D 143 46.33 -26.86 -57.64
N PRO D 144 47.63 -26.89 -57.22
CA PRO D 144 47.98 -27.08 -55.81
C PRO D 144 47.39 -26.06 -54.83
N ASN D 145 47.57 -24.76 -55.13
CA ASN D 145 46.99 -23.67 -54.37
C ASN D 145 45.98 -22.93 -55.27
N GLY D 146 44.81 -22.56 -54.73
CA GLY D 146 43.84 -21.82 -55.53
C GLY D 146 42.95 -20.89 -54.70
N THR D 147 42.15 -20.08 -55.42
CA THR D 147 41.19 -19.12 -54.87
C THR D 147 39.79 -19.47 -55.38
N ILE D 148 38.79 -19.39 -54.49
CA ILE D 148 37.38 -19.55 -54.86
C ILE D 148 36.61 -18.39 -54.23
N GLU D 149 35.73 -17.73 -55.02
CA GLU D 149 34.94 -16.62 -54.52
C GLU D 149 33.67 -16.48 -55.36
N SER D 150 32.69 -15.75 -54.81
CA SER D 150 31.46 -15.39 -55.52
C SER D 150 31.79 -14.55 -56.76
N PRO D 151 31.07 -14.76 -57.89
CA PRO D 151 31.34 -14.03 -59.14
C PRO D 151 31.43 -12.52 -58.95
N GLY D 152 32.49 -11.91 -59.51
CA GLY D 152 32.65 -10.47 -59.51
C GLY D 152 33.23 -9.90 -58.22
N PHE D 153 33.54 -10.76 -57.22
CA PHE D 153 34.13 -10.30 -55.97
C PHE D 153 35.44 -9.55 -56.27
N PRO D 154 35.71 -8.36 -55.68
CA PRO D 154 34.99 -7.85 -54.49
C PRO D 154 33.63 -7.15 -54.63
N GLU D 155 33.02 -7.15 -55.83
CA GLU D 155 31.69 -6.58 -56.03
C GLU D 155 30.62 -7.48 -55.42
N LYS D 156 29.43 -6.90 -55.13
CA LYS D 156 28.27 -7.64 -54.66
C LYS D 156 27.80 -8.57 -55.79
N TYR D 157 27.25 -9.73 -55.42
CA TYR D 157 27.05 -10.85 -56.35
C TYR D 157 25.78 -10.68 -57.20
N PRO D 158 25.79 -11.10 -58.50
CA PRO D 158 24.60 -11.12 -59.35
C PRO D 158 23.50 -12.06 -58.85
N HIS D 159 22.24 -11.74 -59.20
CA HIS D 159 21.05 -12.45 -58.74
C HIS D 159 20.82 -13.71 -59.58
N ASN D 160 20.02 -14.64 -59.04
CA ASN D 160 19.55 -15.86 -59.69
C ASN D 160 20.74 -16.63 -60.27
N LEU D 161 21.72 -16.91 -59.39
CA LEU D 161 22.91 -17.69 -59.70
C LEU D 161 22.82 -19.05 -58.97
N ASP D 162 23.30 -20.10 -59.67
CA ASP D 162 23.38 -21.47 -59.16
C ASP D 162 24.65 -22.14 -59.68
N CYS D 163 25.79 -21.86 -59.01
CA CYS D 163 27.11 -22.30 -59.47
C CYS D 163 27.64 -23.41 -58.56
N THR D 164 28.49 -24.28 -59.13
CA THR D 164 29.16 -25.37 -58.44
C THR D 164 30.67 -25.17 -58.55
N PHE D 165 31.37 -25.13 -57.40
CA PHE D 165 32.83 -25.10 -57.36
C PHE D 165 33.32 -26.44 -56.83
N THR D 166 34.01 -27.21 -57.69
CA THR D 166 34.47 -28.54 -57.32
C THR D 166 35.99 -28.55 -57.26
N ILE D 167 36.53 -29.01 -56.12
CA ILE D 167 37.97 -29.24 -55.96
C ILE D 167 38.23 -30.74 -56.11
N LEU D 168 39.21 -31.10 -56.95
CA LEU D 168 39.60 -32.49 -57.07
C LEU D 168 41.03 -32.63 -56.55
N ALA D 169 41.34 -33.74 -55.89
CA ALA D 169 42.70 -33.94 -55.43
C ALA D 169 43.08 -35.40 -55.59
N LYS D 170 44.39 -35.65 -55.70
CA LYS D 170 44.90 -37.01 -55.89
C LYS D 170 45.04 -37.63 -54.51
N PRO D 171 45.16 -38.96 -54.38
CA PRO D 171 45.32 -39.59 -53.07
C PRO D 171 46.57 -39.10 -52.31
N LYS D 172 46.50 -39.16 -50.97
CA LYS D 172 47.58 -38.96 -50.00
C LYS D 172 47.78 -37.48 -49.64
N MET D 173 47.20 -36.55 -50.42
CA MET D 173 47.12 -35.15 -50.03
C MET D 173 45.65 -34.81 -49.75
N GLU D 174 45.40 -34.02 -48.69
CA GLU D 174 44.05 -33.61 -48.32
C GLU D 174 43.71 -32.30 -49.03
N ILE D 175 42.43 -31.93 -48.99
CA ILE D 175 41.90 -30.66 -49.47
C ILE D 175 41.69 -29.76 -48.25
N ILE D 176 42.43 -28.64 -48.17
CA ILE D 176 42.22 -27.66 -47.12
C ILE D 176 41.47 -26.47 -47.71
N LEU D 177 40.30 -26.15 -47.13
CA LEU D 177 39.47 -25.03 -47.57
C LEU D 177 39.37 -24.01 -46.44
N GLN D 178 39.80 -22.76 -46.71
CA GLN D 178 39.73 -21.69 -45.73
C GLN D 178 39.03 -20.48 -46.34
N PHE D 179 37.98 -19.98 -45.65
CA PHE D 179 37.23 -18.79 -46.04
C PHE D 179 37.85 -17.57 -45.36
N LEU D 180 37.99 -16.47 -46.13
CA LEU D 180 38.57 -15.21 -45.70
C LEU D 180 37.46 -14.17 -45.46
N ILE D 181 36.43 -14.14 -46.33
CA ILE D 181 35.30 -13.24 -46.17
C ILE D 181 34.00 -13.96 -46.55
N PHE D 182 32.89 -13.62 -45.88
CA PHE D 182 31.58 -14.24 -46.10
C PHE D 182 30.46 -13.31 -45.62
N ASP D 183 29.62 -12.85 -46.57
CA ASP D 183 28.47 -12.01 -46.32
C ASP D 183 27.33 -12.40 -47.29
N LEU D 184 26.35 -13.17 -46.74
CA LEU D 184 25.18 -13.64 -47.48
C LEU D 184 23.87 -13.33 -46.75
N GLU D 185 23.93 -12.62 -45.61
CA GLU D 185 22.81 -12.49 -44.68
C GLU D 185 21.73 -11.57 -45.25
N HIS D 186 20.45 -11.86 -44.92
CA HIS D 186 19.28 -11.11 -45.38
C HIS D 186 18.34 -10.84 -44.20
N ASP D 195 17.26 -20.35 -40.91
CA ASP D 195 16.92 -21.08 -42.17
C ASP D 195 17.32 -20.23 -43.37
N CYS D 196 18.36 -20.68 -44.07
CA CYS D 196 18.85 -20.05 -45.29
C CYS D 196 17.90 -20.38 -46.44
N LYS D 197 16.87 -19.54 -46.62
CA LYS D 197 15.85 -19.76 -47.64
C LYS D 197 15.98 -18.75 -48.78
N TYR D 198 16.93 -17.81 -48.68
CA TYR D 198 17.15 -16.81 -49.72
C TYR D 198 18.48 -17.08 -50.47
N ASP D 199 19.60 -16.69 -49.85
CA ASP D 199 20.92 -16.88 -50.43
C ASP D 199 21.72 -17.81 -49.51
N TRP D 200 22.43 -18.80 -50.09
CA TRP D 200 23.15 -19.79 -49.28
C TRP D 200 24.38 -20.32 -50.03
N LEU D 201 25.33 -20.88 -49.26
CA LEU D 201 26.45 -21.66 -49.80
C LEU D 201 26.42 -23.07 -49.18
N ASP D 202 26.33 -24.10 -50.02
CA ASP D 202 26.32 -25.50 -49.59
C ASP D 202 27.71 -26.09 -49.77
N ILE D 203 28.25 -26.76 -48.74
CA ILE D 203 29.52 -27.48 -48.86
C ILE D 203 29.22 -28.98 -48.87
N TRP D 204 29.78 -29.71 -49.86
CA TRP D 204 29.46 -31.10 -50.16
C TRP D 204 30.70 -31.98 -50.06
N ASP D 205 30.54 -33.12 -49.34
CA ASP D 205 31.58 -34.14 -49.24
C ASP D 205 31.42 -35.10 -50.42
N GLY D 206 31.85 -34.63 -51.60
CA GLY D 206 31.60 -35.31 -52.87
C GLY D 206 30.86 -34.40 -53.86
N ILE D 207 30.18 -35.02 -54.82
CA ILE D 207 29.35 -34.33 -55.81
C ILE D 207 28.11 -33.77 -55.11
N PRO D 208 27.69 -32.53 -55.43
CA PRO D 208 26.50 -31.93 -54.81
C PRO D 208 25.24 -32.75 -55.07
N HIS D 209 24.44 -32.92 -54.00
CA HIS D 209 23.13 -33.55 -54.00
C HIS D 209 23.24 -35.07 -54.17
N VAL D 210 24.48 -35.59 -54.07
CA VAL D 210 24.76 -37.02 -54.14
C VAL D 210 25.52 -37.41 -52.87
N GLY D 211 26.66 -36.75 -52.66
CA GLY D 211 27.46 -36.91 -51.45
C GLY D 211 26.81 -36.22 -50.26
N PRO D 212 27.21 -36.55 -49.01
CA PRO D 212 26.60 -35.94 -47.82
C PRO D 212 26.90 -34.44 -47.77
N LEU D 213 25.94 -33.65 -47.27
CA LEU D 213 26.05 -32.22 -47.06
C LEU D 213 26.83 -31.95 -45.77
N ILE D 214 27.91 -31.16 -45.86
CA ILE D 214 28.74 -30.84 -44.71
C ILE D 214 28.05 -29.75 -43.89
N GLY D 215 27.66 -28.66 -44.57
CA GLY D 215 26.90 -27.57 -43.97
C GLY D 215 26.36 -26.59 -45.02
N LYS D 216 25.35 -25.80 -44.62
CA LYS D 216 24.77 -24.70 -45.39
C LYS D 216 24.98 -23.39 -44.63
N TYR D 217 25.58 -22.38 -45.30
CA TYR D 217 25.92 -21.10 -44.67
C TYR D 217 25.25 -19.93 -45.40
N CYS D 218 24.68 -19.00 -44.61
CA CYS D 218 24.06 -17.78 -45.12
C CYS D 218 24.11 -16.66 -44.08
N GLY D 219 25.32 -16.30 -43.59
CA GLY D 219 25.47 -15.22 -42.63
C GLY D 219 26.64 -14.31 -42.93
N THR D 220 27.05 -13.53 -41.91
CA THR D 220 28.28 -12.76 -41.89
C THR D 220 29.42 -13.60 -41.30
N LYS D 221 29.09 -14.88 -40.99
CA LYS D 221 29.95 -15.83 -40.31
C LYS D 221 30.77 -16.58 -41.37
N THR D 222 32.10 -16.47 -41.28
CA THR D 222 33.02 -17.16 -42.17
C THR D 222 32.98 -18.66 -41.78
N PRO D 223 32.81 -19.60 -42.73
CA PRO D 223 32.82 -21.03 -42.40
C PRO D 223 34.20 -21.45 -41.91
N SER D 224 34.26 -22.42 -41.00
CA SER D 224 35.53 -22.86 -40.42
C SER D 224 36.33 -23.67 -41.44
N GLU D 225 37.64 -23.81 -41.21
CA GLU D 225 38.53 -24.61 -42.04
C GLU D 225 37.97 -26.03 -42.18
N LEU D 226 38.10 -26.62 -43.40
CA LEU D 226 37.78 -28.03 -43.62
C LEU D 226 39.00 -28.76 -44.15
N ARG D 227 39.27 -29.96 -43.62
CA ARG D 227 40.29 -30.87 -44.15
C ARG D 227 39.59 -32.12 -44.70
N SER D 228 39.58 -32.26 -46.04
CA SER D 228 38.93 -33.40 -46.71
C SER D 228 39.97 -34.35 -47.30
N SER D 229 39.83 -35.67 -47.05
CA SER D 229 40.59 -36.69 -47.75
C SER D 229 39.64 -37.61 -48.53
N THR D 230 38.45 -37.10 -48.85
CA THR D 230 37.50 -37.78 -49.73
C THR D 230 38.03 -37.75 -51.16
N GLY D 231 38.86 -36.74 -51.47
CA GLY D 231 39.41 -36.57 -52.81
C GLY D 231 38.63 -35.55 -53.63
N ILE D 232 37.40 -35.22 -53.17
CA ILE D 232 36.51 -34.27 -53.82
C ILE D 232 35.74 -33.49 -52.75
N LEU D 233 35.80 -32.15 -52.86
CA LEU D 233 35.03 -31.24 -52.02
C LEU D 233 34.31 -30.23 -52.92
N SER D 234 32.98 -30.08 -52.77
CA SER D 234 32.20 -29.23 -53.66
C SER D 234 31.43 -28.15 -52.89
N LEU D 235 31.28 -26.97 -53.51
CA LEU D 235 30.53 -25.84 -52.99
C LEU D 235 29.41 -25.54 -54.01
N THR D 236 28.17 -25.32 -53.55
CA THR D 236 27.10 -24.80 -54.40
C THR D 236 26.71 -23.42 -53.87
N PHE D 237 26.82 -22.40 -54.75
CA PHE D 237 26.48 -21.03 -54.41
C PHE D 237 25.15 -20.67 -55.06
N HIS D 238 24.13 -20.37 -54.22
CA HIS D 238 22.78 -20.04 -54.70
C HIS D 238 22.42 -18.62 -54.28
N THR D 239 22.03 -17.79 -55.27
CA THR D 239 21.61 -16.41 -55.03
C THR D 239 20.15 -16.24 -55.49
N ASP D 240 19.40 -15.34 -54.81
CA ASP D 240 18.00 -15.04 -55.12
C ASP D 240 17.98 -13.83 -56.05
N MET D 241 16.93 -12.98 -55.96
CA MET D 241 16.74 -11.84 -56.87
C MET D 241 16.74 -10.51 -56.12
N ALA D 242 16.97 -10.55 -54.80
CA ALA D 242 16.89 -9.39 -53.92
C ALA D 242 18.23 -9.18 -53.20
N VAL D 243 18.56 -7.90 -52.93
CA VAL D 243 19.65 -7.44 -52.09
C VAL D 243 20.94 -8.22 -52.31
N ALA D 244 21.65 -7.92 -53.41
CA ALA D 244 22.98 -8.47 -53.67
C ALA D 244 23.89 -8.13 -52.50
N LYS D 245 24.53 -9.16 -51.92
CA LYS D 245 25.47 -9.02 -50.80
C LYS D 245 26.90 -9.08 -51.35
N ASP D 246 27.87 -8.90 -50.43
CA ASP D 246 29.29 -8.81 -50.75
C ASP D 246 29.84 -10.16 -51.24
N GLY D 247 29.19 -11.26 -50.82
CA GLY D 247 29.54 -12.59 -51.28
C GLY D 247 30.55 -13.26 -50.34
N PHE D 248 31.46 -14.05 -50.91
CA PHE D 248 32.46 -14.80 -50.16
C PHE D 248 33.80 -14.82 -50.92
N SER D 249 34.88 -14.95 -50.13
CA SER D 249 36.25 -15.13 -50.58
C SER D 249 36.85 -16.32 -49.82
N ALA D 250 37.50 -17.24 -50.52
CA ALA D 250 38.02 -18.48 -49.94
C ALA D 250 39.23 -18.94 -50.74
N ARG D 251 40.08 -19.77 -50.12
CA ARG D 251 41.24 -20.37 -50.78
C ARG D 251 41.38 -21.82 -50.34
N TYR D 252 42.02 -22.63 -51.22
CA TYR D 252 42.18 -24.06 -51.00
C TYR D 252 43.64 -24.45 -51.20
N TYR D 253 44.03 -25.58 -50.56
CA TYR D 253 45.36 -26.17 -50.71
C TYR D 253 45.24 -27.69 -50.87
N LEU D 254 45.99 -28.24 -51.84
CA LEU D 254 46.18 -29.68 -51.98
C LEU D 254 47.50 -30.08 -51.31
N GLN D 264 48.80 -45.46 -36.74
CA GLN D 264 48.16 -45.42 -35.39
C GLN D 264 46.87 -44.61 -35.48
N CYS D 265 45.90 -44.95 -34.62
CA CYS D 265 44.56 -44.38 -34.62
C CYS D 265 44.18 -43.90 -33.21
N ASN D 266 45.13 -43.23 -32.54
CA ASN D 266 44.92 -42.62 -31.23
C ASN D 266 45.24 -41.13 -31.30
N VAL D 267 45.04 -40.54 -32.49
CA VAL D 267 45.30 -39.12 -32.74
C VAL D 267 44.16 -38.31 -32.12
N PRO D 268 44.46 -37.20 -31.38
CA PRO D 268 43.42 -36.29 -30.93
C PRO D 268 42.76 -35.68 -32.16
N LEU D 269 41.42 -35.67 -32.19
CA LEU D 269 40.64 -35.33 -33.37
C LEU D 269 40.45 -33.82 -33.49
N GLY D 270 40.69 -33.07 -32.39
CA GLY D 270 40.85 -31.63 -32.47
C GLY D 270 40.06 -30.80 -31.46
N MET D 271 39.64 -31.38 -30.33
CA MET D 271 38.89 -30.61 -29.34
C MET D 271 39.82 -29.60 -28.69
N GLU D 272 40.98 -30.09 -28.20
CA GLU D 272 41.97 -29.23 -27.54
C GLU D 272 42.69 -28.37 -28.58
N SER D 273 43.00 -28.94 -29.75
CA SER D 273 43.83 -28.30 -30.77
C SER D 273 43.07 -27.24 -31.57
N GLY D 274 41.72 -27.30 -31.56
CA GLY D 274 40.90 -26.34 -32.29
C GLY D 274 40.66 -26.79 -33.73
N ARG D 275 41.08 -28.03 -34.04
CA ARG D 275 40.93 -28.60 -35.37
C ARG D 275 39.44 -28.80 -35.66
N ILE D 276 38.71 -29.33 -34.68
CA ILE D 276 37.25 -29.26 -34.61
C ILE D 276 36.89 -27.80 -34.34
N ALA D 277 35.98 -27.22 -35.14
CA ALA D 277 35.61 -25.82 -34.98
C ALA D 277 34.60 -25.68 -33.84
N ASN D 278 34.40 -24.43 -33.39
CA ASN D 278 33.31 -24.10 -32.47
C ASN D 278 31.96 -24.51 -33.04
N GLU D 279 31.79 -24.32 -34.38
CA GLU D 279 30.59 -24.70 -35.12
C GLU D 279 30.26 -26.18 -34.95
N GLN D 280 31.30 -27.01 -34.83
CA GLN D 280 31.16 -28.46 -34.83
C GLN D 280 30.68 -28.94 -33.46
N ILE D 281 30.79 -28.07 -32.43
CA ILE D 281 30.34 -28.41 -31.08
C ILE D 281 28.97 -27.78 -30.84
N SER D 282 28.07 -28.60 -30.29
CA SER D 282 26.74 -28.19 -29.90
C SER D 282 26.36 -28.98 -28.66
N ALA D 283 25.21 -28.65 -28.08
CA ALA D 283 24.70 -29.40 -26.93
C ALA D 283 23.18 -29.41 -26.98
N SER D 284 22.60 -30.31 -26.15
CA SER D 284 21.16 -30.33 -25.97
C SER D 284 20.66 -28.98 -25.44
N SER D 285 21.44 -28.41 -24.52
CA SER D 285 21.15 -27.15 -23.86
C SER D 285 22.42 -26.65 -23.17
N THR D 286 22.43 -25.40 -22.69
CA THR D 286 23.54 -24.89 -21.91
C THR D 286 23.00 -24.17 -20.67
N TYR D 287 23.84 -23.98 -19.64
CA TYR D 287 23.36 -23.36 -18.41
C TYR D 287 22.94 -21.91 -18.69
N SER D 288 21.93 -21.43 -17.94
CA SER D 288 21.30 -20.13 -18.16
C SER D 288 22.32 -18.99 -18.12
N ASP D 289 23.11 -18.87 -17.04
CA ASP D 289 24.07 -17.78 -16.91
C ASP D 289 24.98 -17.67 -18.14
N GLY D 290 25.07 -18.74 -18.95
CA GLY D 290 25.79 -18.67 -20.21
C GLY D 290 27.31 -18.68 -20.01
N ARG D 291 27.73 -19.23 -18.86
CA ARG D 291 29.14 -19.31 -18.49
C ARG D 291 29.69 -20.72 -18.71
N TRP D 292 28.84 -21.66 -19.19
CA TRP D 292 29.23 -23.05 -19.36
C TRP D 292 28.79 -23.58 -20.73
N THR D 293 29.27 -22.94 -21.82
CA THR D 293 28.79 -23.19 -23.18
C THR D 293 29.41 -24.47 -23.75
N PRO D 294 28.81 -25.08 -24.81
CA PRO D 294 29.37 -26.27 -25.45
C PRO D 294 30.80 -26.03 -25.94
N GLN D 295 31.10 -24.77 -26.34
CA GLN D 295 32.40 -24.38 -26.87
C GLN D 295 33.46 -24.32 -25.76
N GLN D 296 33.03 -24.42 -24.49
CA GLN D 296 33.96 -24.49 -23.37
C GLN D 296 34.27 -25.95 -22.98
N SER D 297 33.91 -26.93 -23.83
CA SER D 297 34.04 -28.35 -23.50
C SER D 297 35.36 -28.95 -24.00
N ARG D 298 36.31 -28.09 -24.43
CA ARG D 298 37.58 -28.53 -24.98
C ARG D 298 38.48 -28.99 -23.84
N LEU D 299 39.17 -30.13 -24.00
CA LEU D 299 40.05 -30.65 -22.96
C LEU D 299 41.10 -29.61 -22.60
N HIS D 300 41.32 -29.44 -21.28
CA HIS D 300 42.27 -28.51 -20.68
C HIS D 300 41.85 -27.04 -20.87
N GLY D 301 40.59 -26.80 -21.28
CA GLY D 301 40.08 -25.44 -21.37
C GLY D 301 40.10 -24.78 -20.00
N ASP D 302 40.40 -23.47 -19.96
CA ASP D 302 40.74 -22.79 -18.73
C ASP D 302 39.53 -22.05 -18.14
N ASP D 303 38.38 -22.11 -18.82
CA ASP D 303 37.21 -21.31 -18.45
C ASP D 303 35.99 -22.23 -18.28
N ASN D 304 35.87 -22.81 -17.07
CA ASN D 304 34.78 -23.71 -16.75
C ASN D 304 34.82 -24.89 -17.72
N GLY D 305 33.64 -25.35 -18.16
CA GLY D 305 33.43 -26.40 -19.15
C GLY D 305 31.98 -26.36 -19.61
N TRP D 306 31.49 -27.39 -20.32
CA TRP D 306 30.09 -27.36 -20.75
C TRP D 306 29.17 -27.86 -19.64
N THR D 307 28.11 -27.09 -19.34
CA THR D 307 27.06 -27.54 -18.43
C THR D 307 25.70 -27.30 -19.10
N PRO D 308 24.75 -28.27 -19.06
CA PRO D 308 23.41 -28.08 -19.62
C PRO D 308 22.48 -27.27 -18.73
N ASN D 309 21.35 -26.82 -19.31
CA ASN D 309 20.34 -26.00 -18.66
C ASN D 309 19.75 -26.69 -17.42
N LEU D 310 19.60 -28.02 -17.48
CA LEU D 310 19.27 -28.82 -16.31
C LEU D 310 20.17 -30.06 -16.25
N ASP D 311 20.43 -30.57 -15.04
CA ASP D 311 21.19 -31.79 -14.84
C ASP D 311 20.25 -32.99 -14.87
N SER D 312 20.31 -33.74 -15.98
CA SER D 312 19.53 -34.93 -16.23
C SER D 312 20.32 -35.76 -17.24
N ASN D 313 19.90 -37.01 -17.45
CA ASN D 313 20.62 -37.94 -18.30
C ASN D 313 20.11 -37.84 -19.75
N LYS D 314 19.18 -36.90 -20.01
CA LYS D 314 18.62 -36.63 -21.32
C LYS D 314 19.41 -35.54 -22.05
N GLU D 315 20.33 -34.90 -21.31
CA GLU D 315 21.19 -33.85 -21.82
C GLU D 315 22.44 -34.51 -22.43
N TYR D 316 23.06 -33.83 -23.40
CA TYR D 316 24.22 -34.37 -24.10
C TYR D 316 25.05 -33.27 -24.76
N LEU D 317 26.37 -33.56 -24.92
CA LEU D 317 27.33 -32.71 -25.63
C LEU D 317 27.64 -33.40 -26.96
N GLN D 318 27.45 -32.66 -28.07
CA GLN D 318 27.50 -33.24 -29.41
C GLN D 318 28.65 -32.62 -30.21
N VAL D 319 29.36 -33.48 -30.96
CA VAL D 319 30.42 -33.05 -31.87
C VAL D 319 30.18 -33.66 -33.25
N ASP D 320 30.17 -32.78 -34.28
CA ASP D 320 30.07 -33.20 -35.68
C ASP D 320 31.46 -33.13 -36.31
N LEU D 321 32.04 -34.31 -36.65
CA LEU D 321 33.38 -34.36 -37.22
C LEU D 321 33.37 -33.95 -38.70
N ARG D 322 32.17 -33.85 -39.30
CA ARG D 322 31.88 -33.32 -40.64
C ARG D 322 32.06 -34.39 -41.73
N PHE D 323 32.96 -35.35 -41.47
CA PHE D 323 33.30 -36.44 -42.38
C PHE D 323 33.32 -37.75 -41.58
N LEU D 324 33.09 -38.88 -42.27
CA LEU D 324 33.16 -40.17 -41.62
C LEU D 324 34.58 -40.39 -41.09
N THR D 325 34.70 -40.76 -39.81
CA THR D 325 35.96 -40.88 -39.09
C THR D 325 35.96 -42.14 -38.23
N MET D 326 37.16 -42.72 -38.03
CA MET D 326 37.34 -43.81 -37.09
C MET D 326 37.45 -43.19 -35.69
N LEU D 327 36.63 -43.63 -34.73
CA LEU D 327 36.71 -43.23 -33.34
C LEU D 327 37.26 -44.39 -32.49
N THR D 328 38.28 -44.13 -31.66
CA THR D 328 38.89 -45.22 -30.88
C THR D 328 38.89 -44.96 -29.37
N ALA D 329 38.77 -43.68 -28.94
CA ALA D 329 38.89 -43.33 -27.52
C ALA D 329 38.25 -41.98 -27.21
N ILE D 330 37.87 -41.79 -25.94
CA ILE D 330 37.26 -40.55 -25.43
C ILE D 330 37.93 -40.17 -24.11
N ALA D 331 38.39 -38.91 -24.01
CA ALA D 331 38.94 -38.34 -22.78
C ALA D 331 37.98 -37.27 -22.25
N THR D 332 37.70 -37.32 -20.93
CA THR D 332 36.82 -36.35 -20.29
C THR D 332 37.46 -35.78 -19.03
N GLN D 333 37.04 -34.55 -18.69
CA GLN D 333 37.36 -33.82 -17.47
C GLN D 333 36.06 -33.25 -16.91
N GLY D 334 36.06 -32.86 -15.62
CA GLY D 334 35.03 -31.98 -15.07
C GLY D 334 35.43 -30.50 -15.24
N ALA D 335 34.95 -29.63 -14.34
CA ALA D 335 35.30 -28.22 -14.35
C ALA D 335 35.11 -27.65 -12.95
N ILE D 336 36.10 -26.87 -12.49
CA ILE D 336 35.98 -26.06 -11.29
C ILE D 336 35.47 -24.68 -11.71
N SER D 337 34.30 -24.27 -11.17
CA SER D 337 33.68 -22.98 -11.49
C SER D 337 34.66 -21.83 -11.24
N ARG D 338 34.75 -20.93 -12.23
CA ARG D 338 35.58 -19.74 -12.15
C ARG D 338 35.05 -18.81 -11.05
N GLU D 339 33.72 -18.86 -10.86
CA GLU D 339 33.02 -17.95 -9.95
C GLU D 339 33.01 -18.49 -8.51
N THR D 340 32.62 -19.76 -8.32
CA THR D 340 32.32 -20.29 -7.00
C THR D 340 33.45 -21.16 -6.45
N GLN D 341 34.34 -21.65 -7.34
CA GLN D 341 35.37 -22.63 -7.02
C GLN D 341 34.72 -23.96 -6.65
N ASN D 342 33.45 -24.18 -7.03
CA ASN D 342 32.78 -25.46 -6.88
C ASN D 342 33.25 -26.41 -7.98
N GLY D 343 33.46 -27.69 -7.64
CA GLY D 343 33.92 -28.67 -8.60
C GLY D 343 32.78 -29.52 -9.14
N TYR D 344 32.61 -29.51 -10.48
CA TYR D 344 31.56 -30.28 -11.14
C TYR D 344 32.22 -31.33 -12.04
N TYR D 345 31.74 -32.57 -12.03
CA TYR D 345 32.27 -33.58 -12.93
C TYR D 345 31.24 -34.69 -13.17
N VAL D 346 31.39 -35.32 -14.34
CA VAL D 346 30.57 -36.44 -14.77
C VAL D 346 31.23 -37.72 -14.26
N LYS D 347 30.46 -38.56 -13.58
CA LYS D 347 31.01 -39.76 -12.95
C LYS D 347 30.91 -40.93 -13.91
N SER D 348 29.86 -40.95 -14.75
CA SER D 348 29.70 -41.98 -15.78
C SER D 348 28.91 -41.42 -16.96
N TYR D 349 29.13 -41.96 -18.18
CA TYR D 349 28.41 -41.50 -19.36
C TYR D 349 28.16 -42.64 -20.35
N LYS D 350 27.27 -42.38 -21.31
CA LYS D 350 26.95 -43.26 -22.42
C LYS D 350 27.36 -42.58 -23.72
N LEU D 351 27.72 -43.38 -24.73
CA LEU D 351 28.17 -42.88 -26.02
C LEU D 351 27.09 -43.16 -27.07
N GLU D 352 26.75 -42.12 -27.84
CA GLU D 352 25.78 -42.22 -28.94
C GLU D 352 26.47 -41.77 -30.23
N VAL D 353 26.35 -42.54 -31.34
CA VAL D 353 27.01 -42.17 -32.59
C VAL D 353 26.05 -42.28 -33.78
N SER D 354 26.27 -41.39 -34.78
CA SER D 354 25.41 -41.29 -35.96
C SER D 354 26.24 -40.90 -37.19
N THR D 355 25.80 -41.35 -38.37
CA THR D 355 26.44 -40.99 -39.63
C THR D 355 25.82 -39.74 -40.24
N ASN D 356 24.58 -39.44 -39.83
CA ASN D 356 23.76 -38.40 -40.44
C ASN D 356 23.25 -37.43 -39.38
N GLY D 357 23.40 -37.77 -38.09
CA GLY D 357 22.95 -36.94 -36.97
C GLY D 357 21.45 -37.10 -36.66
N GLU D 358 20.81 -38.08 -37.30
CA GLU D 358 19.39 -38.34 -37.18
C GLU D 358 19.14 -39.74 -36.62
N ASP D 359 19.82 -40.74 -37.19
CA ASP D 359 19.76 -42.12 -36.76
C ASP D 359 20.91 -42.37 -35.78
N TRP D 360 20.60 -42.75 -34.53
CA TRP D 360 21.61 -42.82 -33.47
C TRP D 360 21.77 -44.25 -32.98
N MET D 361 23.02 -44.63 -32.63
CA MET D 361 23.30 -45.90 -31.96
C MET D 361 24.01 -45.63 -30.63
N VAL D 362 23.41 -46.13 -29.54
CA VAL D 362 24.03 -46.13 -28.22
C VAL D 362 25.10 -47.22 -28.20
N TYR D 363 26.36 -46.85 -27.92
CA TYR D 363 27.45 -47.80 -27.77
C TYR D 363 27.12 -48.81 -26.68
N ARG D 364 27.34 -50.10 -26.98
CA ARG D 364 26.95 -51.23 -26.14
C ARG D 364 28.19 -52.06 -25.83
N HIS D 365 28.23 -52.66 -24.62
CA HIS D 365 29.22 -53.65 -24.22
C HIS D 365 28.45 -54.95 -23.98
N GLY D 366 28.52 -55.88 -24.94
CA GLY D 366 27.64 -57.03 -25.00
C GLY D 366 26.23 -56.62 -25.43
N LYS D 367 25.22 -57.12 -24.71
CA LYS D 367 23.84 -56.88 -25.08
C LYS D 367 23.37 -55.55 -24.48
N ASN D 368 23.93 -55.17 -23.33
CA ASN D 368 23.51 -53.99 -22.58
C ASN D 368 24.28 -52.76 -23.02
N HIS D 369 23.72 -51.57 -22.76
CA HIS D 369 24.33 -50.28 -23.06
C HIS D 369 25.66 -50.15 -22.33
N LYS D 370 26.70 -49.64 -23.00
CA LYS D 370 28.00 -49.48 -22.36
C LYS D 370 27.94 -48.23 -21.50
N VAL D 371 28.36 -48.35 -20.24
CA VAL D 371 28.33 -47.23 -19.30
C VAL D 371 29.77 -46.96 -18.89
N PHE D 372 30.39 -45.92 -19.49
CA PHE D 372 31.81 -45.66 -19.27
C PHE D 372 32.01 -44.96 -17.94
N GLN D 373 32.97 -45.44 -17.12
CA GLN D 373 33.36 -44.75 -15.91
C GLN D 373 34.12 -43.50 -16.31
N ALA D 374 33.80 -42.37 -15.66
CA ALA D 374 34.35 -41.07 -16.04
C ALA D 374 35.26 -40.56 -14.91
N ASN D 375 35.06 -39.30 -14.48
CA ASN D 375 35.99 -38.61 -13.59
C ASN D 375 35.59 -38.83 -12.14
N ASN D 376 36.59 -38.66 -11.24
CA ASN D 376 36.42 -38.75 -9.80
C ASN D 376 36.80 -37.44 -9.12
N ASP D 377 37.11 -36.43 -9.95
CA ASP D 377 37.51 -35.09 -9.53
C ASP D 377 37.29 -34.17 -10.72
N ALA D 378 37.43 -32.86 -10.51
CA ALA D 378 37.11 -31.87 -11.53
C ALA D 378 38.31 -31.54 -12.41
N THR D 379 39.50 -32.08 -12.11
CA THR D 379 40.74 -31.61 -12.72
C THR D 379 41.39 -32.66 -13.63
N GLU D 380 41.33 -33.94 -13.24
CA GLU D 380 42.13 -34.98 -13.88
C GLU D 380 41.43 -35.46 -15.15
N VAL D 381 42.25 -35.91 -16.12
CA VAL D 381 41.79 -36.50 -17.37
C VAL D 381 41.54 -37.98 -17.16
N VAL D 382 40.41 -38.51 -17.69
CA VAL D 382 40.13 -39.93 -17.68
C VAL D 382 39.88 -40.37 -19.13
N LEU D 383 40.72 -41.32 -19.61
CA LEU D 383 40.66 -41.81 -20.98
C LEU D 383 40.04 -43.19 -20.99
N ASN D 384 38.98 -43.37 -21.81
CA ASN D 384 38.35 -44.66 -22.01
C ASN D 384 38.57 -45.07 -23.47
N LYS D 385 39.31 -46.19 -23.67
CA LYS D 385 39.56 -46.72 -25.00
C LYS D 385 38.40 -47.61 -25.40
N LEU D 386 37.85 -47.37 -26.60
CA LEU D 386 36.75 -48.16 -27.12
C LEU D 386 37.23 -49.58 -27.37
N HIS D 387 36.50 -50.58 -26.85
CA HIS D 387 36.85 -51.99 -26.99
C HIS D 387 36.91 -52.33 -28.48
N ALA D 388 35.97 -51.78 -29.25
CA ALA D 388 35.93 -51.94 -30.69
C ALA D 388 36.03 -50.58 -31.38
N PRO D 389 37.11 -50.30 -32.15
CA PRO D 389 37.19 -49.12 -33.02
C PRO D 389 35.90 -48.87 -33.83
N LEU D 390 35.45 -47.61 -33.92
CA LEU D 390 34.11 -47.29 -34.39
C LEU D 390 34.23 -46.39 -35.62
N LEU D 391 33.22 -46.42 -36.48
CA LEU D 391 33.14 -45.54 -37.63
C LEU D 391 31.92 -44.64 -37.49
N THR D 392 32.11 -43.31 -37.52
CA THR D 392 30.96 -42.42 -37.34
C THR D 392 31.26 -41.01 -37.83
N ARG D 393 30.26 -40.10 -37.76
CA ARG D 393 30.46 -38.70 -38.10
C ARG D 393 30.08 -37.81 -36.92
N PHE D 394 28.96 -38.13 -36.27
CA PHE D 394 28.44 -37.38 -35.14
C PHE D 394 28.69 -38.18 -33.86
N VAL D 395 29.17 -37.50 -32.82
CA VAL D 395 29.44 -38.13 -31.54
C VAL D 395 28.65 -37.38 -30.48
N ARG D 396 28.00 -38.12 -29.56
CA ARG D 396 27.24 -37.53 -28.47
C ARG D 396 27.70 -38.13 -27.15
N ILE D 397 28.00 -37.29 -26.15
CA ILE D 397 28.32 -37.77 -24.80
C ILE D 397 27.12 -37.50 -23.90
N ARG D 398 26.49 -38.58 -23.39
CA ARG D 398 25.34 -38.46 -22.50
C ARG D 398 25.75 -38.81 -21.08
N PRO D 399 25.90 -37.83 -20.17
CA PRO D 399 26.22 -38.11 -18.77
C PRO D 399 25.07 -38.85 -18.09
N GLN D 400 25.40 -39.86 -17.26
CA GLN D 400 24.40 -40.67 -16.58
C GLN D 400 24.39 -40.35 -15.08
N THR D 401 25.58 -40.23 -14.47
CA THR D 401 25.72 -39.82 -13.08
C THR D 401 26.79 -38.73 -13.01
N TRP D 402 26.71 -37.85 -11.99
CA TRP D 402 27.62 -36.73 -11.87
C TRP D 402 27.76 -36.32 -10.40
N HIS D 403 28.80 -35.52 -10.08
CA HIS D 403 28.97 -34.96 -8.75
C HIS D 403 28.65 -33.47 -8.82
N SER D 404 27.77 -32.97 -7.91
CA SER D 404 27.30 -31.59 -7.84
C SER D 404 26.45 -31.17 -9.07
N GLY D 405 27.05 -31.17 -10.27
CA GLY D 405 26.31 -30.94 -11.51
C GLY D 405 27.03 -31.56 -12.71
N ILE D 406 26.49 -31.40 -13.91
CA ILE D 406 27.14 -31.92 -15.10
C ILE D 406 28.08 -30.84 -15.61
N ALA D 407 29.40 -31.11 -15.57
CA ALA D 407 30.39 -30.27 -16.23
C ALA D 407 31.28 -31.16 -17.10
N LEU D 408 31.51 -30.75 -18.35
CA LEU D 408 32.29 -31.58 -19.26
C LEU D 408 33.32 -30.79 -20.06
N ARG D 409 34.56 -31.32 -20.05
CA ARG D 409 35.61 -30.99 -21.01
C ARG D 409 36.02 -32.31 -21.66
N LEU D 410 36.38 -32.31 -22.96
CA LEU D 410 36.36 -33.50 -23.79
C LEU D 410 37.47 -33.44 -24.85
N GLU D 411 38.07 -34.62 -25.11
CA GLU D 411 38.88 -34.87 -26.29
C GLU D 411 38.44 -36.20 -26.90
N LEU D 412 38.42 -36.25 -28.25
CA LEU D 412 38.04 -37.44 -29.00
C LEU D 412 39.29 -37.93 -29.74
N PHE D 413 39.47 -39.26 -29.83
CA PHE D 413 40.65 -39.84 -30.46
C PHE D 413 40.24 -40.79 -31.57
N GLY D 414 41.05 -40.83 -32.64
CA GLY D 414 40.75 -41.65 -33.80
C GLY D 414 41.68 -41.33 -34.97
N CYS D 415 41.17 -41.57 -36.19
CA CYS D 415 41.89 -41.31 -37.42
C CYS D 415 40.91 -41.41 -38.58
N ARG D 416 41.39 -41.34 -39.83
CA ARG D 416 40.52 -41.55 -40.98
C ARG D 416 40.81 -42.93 -41.55
N VAL D 417 39.77 -43.52 -42.18
CA VAL D 417 39.89 -44.80 -42.86
C VAL D 417 41.00 -44.71 -43.92
N THR D 418 41.15 -43.52 -44.52
CA THR D 418 42.08 -43.21 -45.60
C THR D 418 43.53 -43.15 -45.12
N ASP D 419 43.77 -43.13 -43.80
CA ASP D 419 45.13 -43.13 -43.26
C ASP D 419 45.82 -44.47 -43.54
N ALA D 420 45.07 -45.58 -43.50
CA ALA D 420 45.60 -46.91 -43.84
C ALA D 420 45.95 -46.98 -45.33
N PRO D 421 47.01 -47.73 -45.72
CA PRO D 421 47.42 -47.78 -47.12
C PRO D 421 46.31 -48.38 -47.99
N CYS D 422 46.17 -47.84 -49.21
CA CYS D 422 45.23 -48.32 -50.22
C CYS D 422 43.82 -48.48 -49.63
N SER D 423 43.35 -47.40 -49.00
CA SER D 423 42.05 -47.38 -48.33
C SER D 423 41.27 -46.12 -48.73
N ASN D 424 41.30 -45.77 -50.02
CA ASN D 424 40.51 -44.66 -50.53
C ASN D 424 39.06 -45.12 -50.69
N MET D 425 38.11 -44.22 -50.39
CA MET D 425 36.67 -44.43 -50.61
C MET D 425 36.44 -44.31 -52.11
N LEU D 426 35.96 -45.37 -52.78
CA LEU D 426 36.06 -45.41 -54.24
C LEU D 426 34.96 -44.63 -54.96
N GLY D 427 33.94 -44.13 -54.24
CA GLY D 427 33.05 -43.12 -54.80
C GLY D 427 31.55 -43.37 -54.57
N MET D 428 31.18 -44.43 -53.84
CA MET D 428 29.77 -44.71 -53.55
C MET D 428 29.21 -43.57 -52.70
N LEU D 429 29.96 -43.18 -51.64
CA LEU D 429 29.55 -42.10 -50.75
C LEU D 429 29.55 -40.76 -51.48
N SER D 430 30.68 -40.42 -52.13
CA SER D 430 30.91 -39.11 -52.73
C SER D 430 30.11 -38.90 -54.02
N GLY D 431 29.76 -39.98 -54.73
CA GLY D 431 29.07 -39.89 -56.01
C GLY D 431 30.03 -39.98 -57.21
N LEU D 432 31.33 -40.18 -56.92
CA LEU D 432 32.37 -40.43 -57.93
C LEU D 432 32.07 -41.72 -58.68
N ILE D 433 31.40 -42.69 -58.00
CA ILE D 433 30.83 -43.85 -58.65
C ILE D 433 29.40 -43.49 -59.06
N ALA D 434 29.16 -43.37 -60.39
CA ALA D 434 27.90 -42.89 -60.93
C ALA D 434 26.75 -43.86 -60.65
N ASP D 435 25.53 -43.35 -60.82
CA ASP D 435 24.30 -44.10 -60.55
C ASP D 435 24.23 -45.36 -61.41
N SER D 436 24.66 -45.24 -62.68
CA SER D 436 24.70 -46.34 -63.64
C SER D 436 25.58 -47.48 -63.12
N GLN D 437 26.72 -47.13 -62.50
CA GLN D 437 27.76 -48.09 -62.16
C GLN D 437 27.21 -49.14 -61.18
N ILE D 438 26.34 -48.70 -60.28
CA ILE D 438 25.77 -49.57 -59.27
C ILE D 438 24.67 -50.40 -59.93
N SER D 439 24.50 -51.66 -59.51
CA SER D 439 23.44 -52.55 -60.03
C SER D 439 23.18 -53.66 -59.01
N ALA D 440 21.95 -54.21 -58.98
CA ALA D 440 21.58 -55.21 -57.97
C ALA D 440 20.91 -56.42 -58.63
N SER D 441 20.99 -57.59 -57.96
CA SER D 441 20.30 -58.79 -58.42
C SER D 441 18.82 -58.53 -58.64
N SER D 442 18.17 -58.06 -57.56
CA SER D 442 16.76 -57.71 -57.50
C SER D 442 16.64 -56.25 -57.06
N THR D 443 15.39 -55.74 -56.97
CA THR D 443 15.17 -54.36 -56.56
C THR D 443 13.71 -54.13 -56.20
N GLN D 444 13.40 -54.11 -54.90
CA GLN D 444 12.09 -53.74 -54.39
C GLN D 444 11.71 -52.38 -54.98
N GLU D 445 10.52 -52.36 -55.62
CA GLU D 445 9.86 -51.20 -56.18
C GLU D 445 10.53 -50.79 -57.50
N TYR D 446 9.82 -51.01 -58.64
CA TYR D 446 10.47 -51.12 -59.94
C TYR D 446 11.22 -49.84 -60.28
N LEU D 447 12.44 -49.98 -60.85
CA LEU D 447 13.26 -48.85 -61.24
C LEU D 447 13.35 -47.85 -60.09
N TRP D 448 13.89 -48.40 -58.99
CA TRP D 448 14.32 -47.76 -57.77
C TRP D 448 15.47 -46.81 -58.08
N SER D 449 15.62 -45.75 -57.28
CA SER D 449 16.81 -44.91 -57.42
C SER D 449 18.04 -45.81 -57.22
N PRO D 450 19.03 -45.78 -58.14
CA PRO D 450 20.21 -46.64 -58.03
C PRO D 450 21.26 -46.08 -57.07
N SER D 451 21.06 -44.83 -56.63
CA SER D 451 21.97 -44.15 -55.71
C SER D 451 21.54 -44.37 -54.27
N ALA D 452 20.50 -45.19 -54.07
CA ALA D 452 19.94 -45.49 -52.76
C ALA D 452 20.80 -46.48 -52.00
N ALA D 453 21.74 -47.12 -52.69
CA ALA D 453 22.69 -48.03 -52.06
C ALA D 453 23.92 -47.27 -51.57
N ARG D 454 24.07 -45.99 -51.98
CA ARG D 454 25.21 -45.17 -51.58
C ARG D 454 25.36 -45.18 -50.06
N LEU D 455 26.57 -45.49 -49.56
CA LEU D 455 26.81 -45.51 -48.12
C LEU D 455 26.65 -44.09 -47.57
N VAL D 456 25.99 -43.96 -46.40
CA VAL D 456 25.77 -42.70 -45.66
C VAL D 456 24.81 -41.76 -46.41
N SER D 457 25.19 -41.26 -47.59
CA SER D 457 24.42 -40.28 -48.36
C SER D 457 22.97 -40.72 -48.50
N SER D 458 22.72 -41.97 -48.90
CA SER D 458 21.36 -42.48 -49.06
C SER D 458 20.55 -42.32 -47.78
N ARG D 459 19.29 -41.88 -47.93
CA ARG D 459 18.32 -41.86 -46.84
C ARG D 459 17.43 -43.11 -46.90
N SER D 460 17.85 -44.13 -47.67
CA SER D 460 17.08 -45.34 -47.90
C SER D 460 17.96 -46.56 -47.62
N GLY D 461 18.42 -47.24 -48.69
CA GLY D 461 19.13 -48.50 -48.61
C GLY D 461 18.62 -49.48 -49.67
N TRP D 462 19.51 -50.33 -50.20
CA TRP D 462 19.10 -51.30 -51.21
C TRP D 462 18.26 -52.40 -50.58
N PHE D 463 17.03 -52.55 -51.10
CA PHE D 463 16.10 -53.56 -50.65
C PHE D 463 15.71 -54.46 -51.83
N PRO D 464 15.78 -55.80 -51.68
CA PRO D 464 15.37 -56.75 -52.71
C PRO D 464 13.85 -56.77 -52.84
N ARG D 465 13.33 -57.16 -54.01
CA ARG D 465 11.89 -57.19 -54.25
C ARG D 465 11.18 -58.00 -53.14
N ILE D 466 11.66 -59.22 -52.86
CA ILE D 466 11.27 -59.95 -51.65
C ILE D 466 12.41 -59.77 -50.65
N PRO D 467 12.16 -59.21 -49.44
CA PRO D 467 13.24 -58.93 -48.49
C PRO D 467 13.64 -60.13 -47.63
N GLN D 468 12.94 -61.27 -47.80
CA GLN D 468 13.25 -62.50 -47.09
C GLN D 468 13.69 -63.56 -48.10
N ALA D 469 14.62 -63.19 -48.99
CA ALA D 469 15.09 -64.06 -50.07
C ALA D 469 16.14 -65.04 -49.55
N GLN D 470 16.44 -66.11 -50.30
CA GLN D 470 17.31 -67.15 -49.77
C GLN D 470 18.76 -66.75 -50.01
N PRO D 471 19.70 -67.06 -49.07
CA PRO D 471 21.08 -66.60 -49.17
C PRO D 471 21.80 -67.03 -50.46
N GLY D 472 22.57 -66.09 -51.04
CA GLY D 472 23.31 -66.32 -52.27
C GLY D 472 22.50 -66.04 -53.53
N GLU D 473 21.23 -65.61 -53.38
CA GLU D 473 20.37 -65.30 -54.52
C GLU D 473 20.30 -63.78 -54.75
N GLU D 474 20.77 -62.99 -53.78
CA GLU D 474 20.71 -61.54 -53.88
C GLU D 474 22.11 -60.96 -53.76
N TRP D 475 22.36 -59.86 -54.51
CA TRP D 475 23.66 -59.20 -54.53
C TRP D 475 23.52 -57.74 -54.95
N LEU D 476 24.46 -56.92 -54.46
CA LEU D 476 24.64 -55.55 -54.92
C LEU D 476 26.01 -55.48 -55.61
N GLN D 477 26.06 -54.90 -56.82
CA GLN D 477 27.25 -54.86 -57.64
C GLN D 477 27.66 -53.41 -57.89
N VAL D 478 28.98 -53.15 -57.80
CA VAL D 478 29.58 -51.86 -58.06
C VAL D 478 30.58 -52.03 -59.22
N ASP D 479 30.46 -51.16 -60.24
CA ASP D 479 31.45 -51.05 -61.31
C ASP D 479 32.36 -49.84 -61.03
N LEU D 480 33.68 -50.07 -60.87
CA LEU D 480 34.62 -49.02 -60.48
C LEU D 480 35.12 -48.21 -61.67
N GLY D 481 34.79 -48.65 -62.90
CA GLY D 481 35.11 -47.89 -64.11
C GLY D 481 36.37 -48.41 -64.81
N THR D 482 37.40 -48.75 -64.01
CA THR D 482 38.62 -49.41 -64.46
C THR D 482 39.07 -50.45 -63.43
N PRO D 483 39.96 -51.39 -63.80
CA PRO D 483 40.53 -52.32 -62.84
C PRO D 483 41.37 -51.55 -61.82
N LYS D 484 41.13 -51.85 -60.52
CA LYS D 484 41.76 -51.18 -59.39
C LYS D 484 42.10 -52.22 -58.32
N THR D 485 42.89 -51.82 -57.30
CA THR D 485 43.14 -52.69 -56.15
C THR D 485 42.03 -52.42 -55.12
N VAL D 486 41.38 -53.48 -54.65
CA VAL D 486 40.29 -53.45 -53.68
C VAL D 486 40.81 -54.13 -52.41
N LYS D 487 40.75 -53.40 -51.27
CA LYS D 487 41.28 -53.92 -50.02
C LYS D 487 40.20 -53.97 -48.95
N GLY D 488 38.93 -53.86 -49.34
CA GLY D 488 37.83 -53.93 -48.39
C GLY D 488 36.59 -53.17 -48.84
N VAL D 489 35.55 -53.26 -47.99
CA VAL D 489 34.28 -52.58 -48.16
C VAL D 489 33.84 -51.99 -46.81
N ILE D 490 32.95 -50.98 -46.86
CA ILE D 490 32.23 -50.52 -45.69
C ILE D 490 30.75 -50.87 -45.91
N ILE D 491 30.16 -51.62 -44.97
CA ILE D 491 28.77 -52.06 -45.08
C ILE D 491 27.91 -51.34 -44.04
N GLN D 492 26.69 -50.93 -44.45
CA GLN D 492 25.74 -50.22 -43.61
C GLN D 492 24.36 -50.88 -43.78
N GLY D 493 23.48 -50.72 -42.79
CA GLY D 493 22.08 -51.15 -42.90
C GLY D 493 21.23 -50.10 -43.62
N ALA D 494 19.89 -50.21 -43.51
CA ALA D 494 18.98 -49.32 -44.23
C ALA D 494 18.07 -48.54 -43.28
N ALA D 505 11.53 -53.27 -36.79
CA ALA D 505 11.34 -52.18 -37.78
C ALA D 505 12.49 -52.15 -38.80
N ARG D 506 13.74 -52.40 -38.33
CA ARG D 506 14.94 -51.92 -39.02
C ARG D 506 15.76 -53.10 -39.58
N ALA D 507 16.30 -52.87 -40.79
CA ALA D 507 16.91 -53.89 -41.62
C ALA D 507 18.42 -53.64 -41.77
N PHE D 508 19.22 -54.72 -41.59
CA PHE D 508 20.67 -54.71 -41.79
C PHE D 508 21.18 -56.15 -42.00
N VAL D 509 22.33 -56.26 -42.70
CA VAL D 509 22.97 -57.54 -43.04
C VAL D 509 23.95 -57.93 -41.92
N ARG D 510 23.87 -59.19 -41.46
CA ARG D 510 24.62 -59.71 -40.30
C ARG D 510 25.82 -60.55 -40.75
N LYS D 511 25.74 -61.20 -41.93
CA LYS D 511 26.84 -61.96 -42.52
C LYS D 511 26.77 -61.83 -44.04
N PHE D 512 27.94 -61.78 -44.73
CA PHE D 512 27.92 -61.60 -46.19
C PHE D 512 29.18 -62.18 -46.84
N LYS D 513 29.10 -62.44 -48.16
CA LYS D 513 30.24 -62.88 -48.97
C LYS D 513 30.58 -61.80 -49.99
N VAL D 514 31.86 -61.72 -50.43
CA VAL D 514 32.29 -60.77 -51.44
C VAL D 514 32.85 -61.53 -52.64
N SER D 515 32.42 -61.12 -53.84
CA SER D 515 32.94 -61.66 -55.10
C SER D 515 33.42 -60.49 -55.99
N TYR D 516 34.51 -60.72 -56.74
CA TYR D 516 35.18 -59.69 -57.51
C TYR D 516 35.53 -60.19 -58.91
N SER D 517 35.71 -59.22 -59.85
CA SER D 517 35.99 -59.50 -61.25
C SER D 517 36.67 -58.31 -61.95
N LEU D 518 37.44 -58.61 -63.01
CA LEU D 518 37.97 -57.64 -63.98
C LEU D 518 37.07 -57.56 -65.22
N ASN D 519 36.66 -58.75 -65.69
CA ASN D 519 35.77 -59.02 -66.81
C ASN D 519 34.37 -58.45 -66.62
N GLY D 520 33.78 -58.79 -65.46
CA GLY D 520 32.34 -58.67 -65.23
C GLY D 520 31.59 -59.97 -65.54
N LYS D 521 32.28 -60.96 -66.15
CA LYS D 521 31.69 -62.25 -66.52
C LYS D 521 32.30 -63.39 -65.72
N ASP D 522 33.63 -63.36 -65.43
CA ASP D 522 34.26 -64.35 -64.58
C ASP D 522 34.47 -63.78 -63.17
N TRP D 523 33.89 -64.47 -62.16
CA TRP D 523 33.83 -63.98 -60.79
C TRP D 523 34.60 -64.91 -59.87
N GLU D 524 35.24 -64.30 -58.84
CA GLU D 524 35.94 -65.05 -57.79
C GLU D 524 35.39 -64.59 -56.43
N TYR D 525 35.45 -65.47 -55.42
CA TYR D 525 35.08 -65.14 -54.05
C TYR D 525 36.34 -64.94 -53.22
N ILE D 526 36.31 -63.94 -52.32
CA ILE D 526 37.39 -63.78 -51.33
C ILE D 526 37.43 -65.06 -50.50
N GLN D 527 38.64 -65.59 -50.29
CA GLN D 527 38.85 -66.80 -49.53
C GLN D 527 39.45 -66.46 -48.17
N ASP D 528 39.04 -67.18 -47.12
CA ASP D 528 39.54 -66.97 -45.78
C ASP D 528 40.85 -67.75 -45.66
N PRO D 529 42.01 -67.10 -45.38
CA PRO D 529 43.28 -67.82 -45.30
C PRO D 529 43.22 -68.98 -44.33
N ARG D 530 42.48 -68.80 -43.22
CA ARG D 530 42.40 -69.83 -42.19
C ARG D 530 41.83 -71.12 -42.77
N THR D 531 40.64 -71.03 -43.38
CA THR D 531 40.05 -72.18 -44.06
C THR D 531 40.31 -72.06 -45.55
N GLN D 532 40.97 -70.95 -45.95
CA GLN D 532 41.19 -70.62 -47.37
C GLN D 532 39.97 -71.01 -48.21
N GLN D 533 38.82 -70.38 -47.89
CA GLN D 533 37.55 -70.64 -48.58
C GLN D 533 36.82 -69.32 -48.79
N PRO D 534 35.74 -69.25 -49.63
CA PRO D 534 34.95 -68.02 -49.78
C PRO D 534 34.49 -67.53 -48.41
N LYS D 535 35.29 -66.62 -47.83
CA LYS D 535 35.15 -66.07 -46.50
C LYS D 535 33.73 -65.56 -46.23
N LEU D 536 33.27 -65.79 -44.99
CA LEU D 536 31.98 -65.31 -44.51
C LEU D 536 32.22 -64.11 -43.59
N PHE D 537 31.94 -62.91 -44.11
CA PHE D 537 32.23 -61.64 -43.47
C PHE D 537 31.13 -61.28 -42.47
N GLU D 538 31.56 -60.87 -41.28
CA GLU D 538 30.70 -60.30 -40.26
C GLU D 538 30.13 -58.99 -40.80
N GLY D 539 28.81 -58.82 -40.64
CA GLY D 539 28.09 -57.65 -41.12
C GLY D 539 27.96 -56.60 -40.02
N ASN D 540 26.76 -56.00 -39.90
CA ASN D 540 26.47 -54.92 -38.96
C ASN D 540 25.74 -55.46 -37.73
N MET D 541 25.74 -54.63 -36.67
CA MET D 541 25.04 -54.87 -35.41
C MET D 541 23.83 -53.92 -35.31
N HIS D 542 23.72 -52.98 -36.29
CA HIS D 542 22.85 -51.83 -36.22
C HIS D 542 22.63 -51.28 -37.64
N TYR D 543 21.50 -50.61 -37.85
CA TYR D 543 21.08 -50.15 -39.17
C TYR D 543 21.87 -48.93 -39.66
N ASP D 544 22.40 -48.10 -38.74
CA ASP D 544 23.09 -46.86 -39.13
C ASP D 544 24.61 -47.02 -39.09
N THR D 545 25.13 -47.59 -38.00
CA THR D 545 26.56 -47.61 -37.74
C THR D 545 27.26 -48.54 -38.76
N PRO D 546 28.16 -47.98 -39.60
CA PRO D 546 28.84 -48.75 -40.64
C PRO D 546 29.97 -49.59 -40.06
N ASP D 547 30.27 -50.70 -40.75
CA ASP D 547 31.37 -51.56 -40.37
C ASP D 547 32.31 -51.69 -41.56
N ILE D 548 33.59 -51.42 -41.32
CA ILE D 548 34.64 -51.56 -42.33
C ILE D 548 35.16 -52.99 -42.26
N ARG D 549 35.17 -53.68 -43.41
CA ARG D 549 35.67 -55.06 -43.52
C ARG D 549 36.75 -55.10 -44.61
N ARG D 550 38.01 -55.11 -44.15
CA ARG D 550 39.18 -55.10 -45.01
C ARG D 550 39.52 -56.55 -45.35
N PHE D 551 40.19 -56.75 -46.51
CA PHE D 551 40.65 -58.08 -46.94
C PHE D 551 41.95 -57.92 -47.73
N ASP D 552 42.54 -59.05 -48.13
CA ASP D 552 43.81 -59.07 -48.86
C ASP D 552 43.61 -58.41 -50.22
N PRO D 553 44.58 -57.59 -50.70
CA PRO D 553 44.43 -56.82 -51.93
C PRO D 553 43.97 -57.65 -53.13
N ILE D 554 43.06 -57.06 -53.92
CA ILE D 554 42.52 -57.75 -55.08
C ILE D 554 42.43 -56.75 -56.23
N PRO D 555 42.87 -57.09 -57.46
CA PRO D 555 42.70 -56.22 -58.62
C PRO D 555 41.36 -56.55 -59.28
N ALA D 556 40.44 -55.58 -59.34
CA ALA D 556 39.13 -55.83 -59.93
C ALA D 556 38.49 -54.50 -60.34
N GLN D 557 37.51 -54.59 -61.25
CA GLN D 557 36.73 -53.43 -61.65
C GLN D 557 35.26 -53.67 -61.27
N TYR D 558 34.91 -54.92 -60.91
CA TYR D 558 33.55 -55.22 -60.49
C TYR D 558 33.56 -55.90 -59.13
N VAL D 559 32.69 -55.44 -58.22
CA VAL D 559 32.61 -55.98 -56.86
C VAL D 559 31.14 -56.26 -56.52
N ARG D 560 30.87 -57.43 -55.91
CA ARG D 560 29.53 -57.84 -55.50
C ARG D 560 29.52 -58.27 -54.04
N VAL D 561 28.47 -57.85 -53.30
CA VAL D 561 28.24 -58.26 -51.92
C VAL D 561 27.00 -59.15 -51.88
N TYR D 562 27.18 -60.41 -51.42
CA TYR D 562 26.13 -61.42 -51.31
C TYR D 562 25.69 -61.57 -49.85
N PRO D 563 24.52 -61.01 -49.46
CA PRO D 563 24.01 -61.18 -48.09
C PRO D 563 23.72 -62.64 -47.75
N GLU D 564 24.20 -63.09 -46.57
CA GLU D 564 24.10 -64.48 -46.13
C GLU D 564 23.15 -64.59 -44.94
N ARG D 565 23.36 -63.75 -43.91
CA ARG D 565 22.45 -63.64 -42.76
C ARG D 565 22.10 -62.15 -42.58
N TRP D 566 20.93 -61.85 -41.96
CA TRP D 566 20.42 -60.49 -41.83
C TRP D 566 19.44 -60.39 -40.65
N SER D 567 18.99 -59.17 -40.34
CA SER D 567 18.05 -58.92 -39.25
C SER D 567 16.63 -59.40 -39.60
N PRO D 568 15.74 -59.63 -38.61
CA PRO D 568 14.36 -60.07 -38.87
C PRO D 568 13.56 -59.26 -39.88
N ALA D 569 13.83 -57.95 -39.99
CA ALA D 569 13.22 -57.08 -40.99
C ALA D 569 13.53 -57.56 -42.42
N GLY D 570 14.70 -58.19 -42.60
CA GLY D 570 15.16 -58.64 -43.92
C GLY D 570 16.43 -57.91 -44.37
N ILE D 571 16.76 -58.06 -45.66
CA ILE D 571 17.96 -57.47 -46.23
C ILE D 571 17.74 -55.98 -46.50
N GLY D 572 18.54 -55.14 -45.82
CA GLY D 572 18.69 -53.72 -46.12
C GLY D 572 20.18 -53.34 -46.06
N MET D 573 20.67 -52.61 -47.06
CA MET D 573 22.11 -52.41 -47.16
C MET D 573 22.48 -51.10 -47.85
N ARG D 574 23.51 -50.42 -47.33
CA ARG D 574 24.23 -49.33 -48.01
C ARG D 574 25.71 -49.71 -48.02
N LEU D 575 26.47 -49.20 -49.02
CA LEU D 575 27.79 -49.77 -49.30
C LEU D 575 28.77 -48.76 -49.89
N GLU D 576 30.04 -48.94 -49.50
CA GLU D 576 31.19 -48.27 -50.11
C GLU D 576 32.27 -49.33 -50.36
N VAL D 577 33.10 -49.12 -51.40
CA VAL D 577 34.25 -49.98 -51.68
C VAL D 577 35.53 -49.18 -51.41
N LEU D 578 36.54 -49.89 -50.87
CA LEU D 578 37.82 -49.29 -50.49
C LEU D 578 38.94 -49.91 -51.32
N GLY D 579 39.92 -49.06 -51.66
CA GLY D 579 41.07 -49.49 -52.44
C GLY D 579 41.87 -48.30 -52.97
N CYS D 580 42.55 -48.52 -54.11
CA CYS D 580 43.43 -47.53 -54.72
C CYS D 580 43.72 -47.90 -56.19
N ASP D 581 44.27 -46.94 -56.95
CA ASP D 581 44.62 -47.15 -58.35
C ASP D 581 45.86 -48.02 -58.43
N TRP D 582 46.05 -48.74 -59.55
CA TRP D 582 47.19 -49.63 -59.76
C TRP D 582 48.51 -48.84 -59.77
N GLU E 1 10.67 -30.74 2.06
CA GLU E 1 11.05 -29.31 2.25
C GLU E 1 12.36 -29.27 3.02
N VAL E 2 13.42 -28.70 2.43
CA VAL E 2 14.74 -28.77 3.04
C VAL E 2 14.70 -27.95 4.32
N GLN E 3 15.34 -28.48 5.37
CA GLN E 3 15.35 -27.81 6.67
C GLN E 3 16.68 -28.14 7.36
N LEU E 4 17.34 -27.12 7.95
CA LEU E 4 18.59 -27.27 8.67
C LEU E 4 18.34 -26.90 10.13
N VAL E 5 18.74 -27.79 11.05
CA VAL E 5 18.55 -27.57 12.48
C VAL E 5 19.92 -27.47 13.16
N GLN E 6 20.16 -26.33 13.82
CA GLN E 6 21.47 -26.04 14.38
C GLN E 6 21.51 -26.50 15.83
N SER E 7 22.73 -26.57 16.37
CA SER E 7 23.01 -26.85 17.77
C SER E 7 22.46 -25.74 18.68
N GLY E 8 22.38 -26.00 19.98
CA GLY E 8 21.97 -24.99 20.95
C GLY E 8 23.07 -23.99 21.28
N ALA E 9 22.66 -22.85 21.87
CA ALA E 9 23.57 -21.80 22.34
C ALA E 9 24.56 -22.37 23.35
N GLU E 10 25.80 -21.86 23.32
CA GLU E 10 26.85 -22.26 24.27
C GLU E 10 27.59 -21.02 24.77
N VAL E 11 28.20 -21.17 25.95
CA VAL E 11 29.21 -20.25 26.45
C VAL E 11 30.51 -21.04 26.49
N LYS E 12 31.60 -20.45 25.97
CA LYS E 12 32.87 -21.14 25.84
C LYS E 12 33.95 -20.17 26.29
N LYS E 13 34.96 -20.60 27.08
CA LYS E 13 35.93 -19.68 27.68
C LYS E 13 36.89 -19.19 26.58
N PRO E 14 37.49 -17.98 26.68
CA PRO E 14 38.42 -17.50 25.65
C PRO E 14 39.60 -18.45 25.44
N GLY E 15 39.94 -18.70 24.17
CA GLY E 15 41.01 -19.64 23.84
C GLY E 15 40.52 -21.10 23.71
N ALA E 16 39.23 -21.35 23.98
CA ALA E 16 38.64 -22.69 23.83
C ALA E 16 38.25 -22.93 22.37
N THR E 17 37.57 -24.06 22.10
CA THR E 17 37.06 -24.37 20.76
C THR E 17 35.57 -24.71 20.84
N VAL E 18 34.79 -24.36 19.80
CA VAL E 18 33.37 -24.65 19.72
C VAL E 18 33.10 -25.43 18.45
N LYS E 19 32.40 -26.56 18.57
CA LYS E 19 31.88 -27.29 17.42
C LYS E 19 30.36 -27.12 17.45
N ILE E 20 29.74 -26.70 16.34
CA ILE E 20 28.28 -26.61 16.24
C ILE E 20 27.77 -27.44 15.06
N SER E 21 26.49 -27.82 15.15
CA SER E 21 25.88 -28.85 14.33
C SER E 21 24.87 -28.21 13.37
N CYS E 22 24.83 -28.69 12.12
CA CYS E 22 23.82 -28.33 11.13
C CYS E 22 23.20 -29.62 10.60
N LYS E 23 22.00 -30.00 11.09
CA LYS E 23 21.38 -31.25 10.67
C LYS E 23 20.49 -31.02 9.43
N VAL E 24 21.04 -31.31 8.24
CA VAL E 24 20.34 -31.25 6.97
C VAL E 24 19.29 -32.35 6.92
N SER E 25 18.10 -32.02 6.40
CA SER E 25 16.98 -32.95 6.29
C SER E 25 16.02 -32.42 5.23
N GLY E 26 14.88 -33.10 5.05
CA GLY E 26 13.77 -32.57 4.27
C GLY E 26 13.77 -33.07 2.83
N PHE E 27 14.77 -32.64 2.06
CA PHE E 27 15.00 -33.15 0.71
C PHE E 27 16.33 -33.92 0.67
N ASN E 28 17.33 -33.42 1.41
CA ASN E 28 18.64 -34.06 1.50
C ASN E 28 19.11 -34.41 0.08
N ILE E 29 19.40 -35.70 -0.18
CA ILE E 29 20.18 -36.19 -1.32
C ILE E 29 21.68 -35.92 -1.08
N LYS E 30 22.59 -36.67 -1.72
CA LYS E 30 24.02 -36.39 -1.59
C LYS E 30 24.41 -35.16 -2.43
N ASP E 31 25.67 -34.73 -2.31
CA ASP E 31 26.18 -33.53 -2.98
C ASP E 31 25.56 -32.26 -2.42
N TYR E 32 25.26 -32.25 -1.11
CA TYR E 32 24.78 -31.03 -0.46
C TYR E 32 26.00 -30.15 -0.19
N TYR E 33 25.74 -28.83 -0.15
CA TYR E 33 26.74 -27.79 0.06
C TYR E 33 26.38 -26.96 1.28
N ILE E 34 27.27 -26.94 2.30
CA ILE E 34 26.96 -26.24 3.55
C ILE E 34 27.93 -25.08 3.70
N HIS E 35 27.41 -23.93 4.10
CA HIS E 35 28.17 -22.70 4.26
C HIS E 35 27.89 -22.22 5.67
N TRP E 36 28.92 -21.65 6.31
CA TRP E 36 28.78 -21.08 7.64
C TRP E 36 28.97 -19.57 7.58
N VAL E 37 28.09 -18.84 8.27
CA VAL E 37 28.05 -17.40 8.29
C VAL E 37 28.07 -16.97 9.75
N GLN E 38 28.77 -15.86 10.03
CA GLN E 38 28.90 -15.30 11.36
C GLN E 38 28.25 -13.92 11.34
N GLN E 39 27.28 -13.73 12.25
CA GLN E 39 26.62 -12.45 12.46
C GLN E 39 27.02 -11.96 13.86
N ALA E 40 27.92 -10.98 13.90
CA ALA E 40 28.34 -10.36 15.14
C ALA E 40 27.16 -9.62 15.75
N PRO E 41 27.07 -9.43 17.09
CA PRO E 41 25.88 -8.84 17.69
C PRO E 41 25.58 -7.47 17.08
N GLY E 42 26.64 -6.67 16.85
CA GLY E 42 26.53 -5.36 16.22
C GLY E 42 25.73 -5.42 14.91
N LYS E 43 26.19 -6.29 14.00
CA LYS E 43 25.51 -6.58 12.74
C LYS E 43 26.55 -7.19 11.79
N GLY E 44 26.13 -7.43 10.55
CA GLY E 44 27.01 -7.92 9.50
C GLY E 44 26.84 -9.43 9.33
N LEU E 45 26.99 -9.88 8.08
CA LEU E 45 27.01 -11.29 7.75
C LEU E 45 28.38 -11.57 7.16
N GLU E 46 29.16 -12.46 7.79
CA GLU E 46 30.50 -12.73 7.31
C GLU E 46 30.63 -14.22 7.02
N TRP E 47 31.10 -14.57 5.82
CA TRP E 47 31.18 -15.94 5.38
C TRP E 47 32.43 -16.63 5.94
N MET E 48 32.23 -17.61 6.83
CA MET E 48 33.33 -18.37 7.40
C MET E 48 33.87 -19.36 6.37
N GLY E 49 32.99 -20.08 5.68
CA GLY E 49 33.44 -21.12 4.77
C GLY E 49 32.31 -21.97 4.19
N ARG E 50 32.70 -22.96 3.37
CA ARG E 50 31.78 -23.88 2.71
C ARG E 50 32.38 -25.29 2.81
N ILE E 51 31.55 -26.32 2.56
CA ILE E 51 32.02 -27.69 2.51
C ILE E 51 31.22 -28.46 1.47
N ASP E 52 31.93 -29.18 0.59
CA ASP E 52 31.35 -30.19 -0.27
C ASP E 52 31.12 -31.41 0.62
N VAL E 53 29.87 -31.83 0.85
CA VAL E 53 29.69 -32.84 1.87
C VAL E 53 30.25 -34.17 1.34
N GLU E 54 29.98 -34.47 0.07
CA GLU E 54 30.35 -35.76 -0.50
C GLU E 54 31.88 -35.88 -0.57
N ASP E 55 32.55 -34.89 -1.18
CA ASP E 55 34.01 -34.79 -1.22
C ASP E 55 34.44 -33.76 -0.18
N ASP E 56 35.30 -34.10 0.78
CA ASP E 56 35.76 -33.12 1.75
C ASP E 56 36.61 -32.06 1.06
N GLU E 57 35.95 -31.01 0.52
CA GLU E 57 36.62 -29.92 -0.17
C GLU E 57 36.16 -28.59 0.44
N THR E 58 36.60 -28.36 1.67
CA THR E 58 36.30 -27.15 2.42
C THR E 58 37.05 -25.97 1.80
N LYS E 59 36.36 -24.82 1.69
CA LYS E 59 36.95 -23.52 1.40
C LYS E 59 36.66 -22.61 2.59
N TYR E 60 37.68 -21.88 3.07
CA TYR E 60 37.55 -21.03 4.24
C TYR E 60 37.85 -19.59 3.88
N ALA E 61 37.23 -18.65 4.61
CA ALA E 61 37.56 -17.25 4.47
C ALA E 61 38.92 -17.01 5.11
N PRO E 62 39.72 -16.07 4.54
CA PRO E 62 41.07 -15.81 5.03
C PRO E 62 41.10 -15.35 6.49
N LYS E 63 40.01 -14.69 6.91
CA LYS E 63 39.84 -14.14 8.26
C LYS E 63 39.83 -15.27 9.28
N PHE E 64 39.09 -16.35 8.98
CA PHE E 64 38.90 -17.46 9.91
C PHE E 64 39.85 -18.62 9.59
N GLN E 65 40.76 -18.42 8.61
CA GLN E 65 41.72 -19.45 8.23
C GLN E 65 42.72 -19.65 9.37
N GLY E 66 43.06 -20.92 9.61
CA GLY E 66 43.83 -21.33 10.78
C GLY E 66 42.93 -21.74 11.96
N ARG E 67 41.70 -21.21 12.01
CA ARG E 67 40.90 -21.20 13.23
C ARG E 67 39.56 -21.94 12.99
N VAL E 68 39.18 -22.23 11.74
CA VAL E 68 37.90 -22.90 11.48
C VAL E 68 38.15 -24.21 10.74
N THR E 69 37.46 -25.27 11.19
CA THR E 69 37.47 -26.56 10.51
C THR E 69 36.00 -26.95 10.28
N ILE E 70 35.64 -27.24 9.03
CA ILE E 70 34.30 -27.71 8.71
C ILE E 70 34.41 -29.19 8.38
N THR E 71 33.50 -29.98 9.00
CA THR E 71 33.48 -31.42 8.86
C THR E 71 32.07 -31.81 8.45
N ALA E 72 31.96 -32.94 7.72
CA ALA E 72 30.69 -33.50 7.33
C ALA E 72 30.62 -34.96 7.79
N ASP E 73 29.47 -35.36 8.34
CA ASP E 73 29.15 -36.77 8.51
C ASP E 73 28.16 -37.16 7.41
N THR E 74 28.52 -38.10 6.54
CA THR E 74 27.61 -38.51 5.48
C THR E 74 26.55 -39.43 6.06
N SER E 75 26.92 -40.22 7.09
CA SER E 75 26.07 -41.23 7.71
C SER E 75 24.81 -40.61 8.30
N THR E 76 24.98 -39.60 9.15
CA THR E 76 23.91 -38.72 9.62
C THR E 76 24.13 -37.36 8.98
N ASP E 77 23.11 -36.81 8.33
CA ASP E 77 23.30 -35.65 7.48
C ASP E 77 23.54 -34.42 8.34
N THR E 78 24.74 -34.32 8.94
CA THR E 78 25.09 -33.26 9.88
C THR E 78 26.43 -32.66 9.49
N ALA E 79 26.51 -31.32 9.45
CA ALA E 79 27.76 -30.64 9.15
C ALA E 79 28.20 -29.88 10.40
N TYR E 80 29.53 -29.75 10.62
CA TYR E 80 30.05 -29.18 11.85
C TYR E 80 30.98 -28.01 11.53
N MET E 81 30.94 -26.97 12.38
CA MET E 81 31.95 -25.90 12.32
C MET E 81 32.70 -25.89 13.65
N GLU E 82 34.03 -26.07 13.59
CA GLU E 82 34.86 -26.03 14.79
C GLU E 82 35.70 -24.75 14.77
N LEU E 83 35.53 -23.88 15.78
CA LEU E 83 36.25 -22.61 15.86
C LEU E 83 37.28 -22.69 16.99
N SER E 84 38.58 -22.82 16.65
CA SER E 84 39.71 -22.87 17.57
C SER E 84 39.94 -21.50 18.20
N SER E 85 40.82 -21.44 19.22
CA SER E 85 41.37 -20.18 19.73
C SER E 85 40.33 -19.06 19.66
N LEU E 86 39.28 -19.17 20.48
CA LEU E 86 38.17 -18.21 20.46
C LEU E 86 38.63 -16.84 20.92
N ARG E 87 37.89 -15.81 20.49
CA ARG E 87 38.16 -14.41 20.79
C ARG E 87 36.90 -13.77 21.36
N SER E 88 37.04 -12.63 22.07
CA SER E 88 35.90 -11.86 22.55
C SER E 88 34.98 -11.48 21.40
N GLU E 89 35.59 -11.11 20.27
CA GLU E 89 34.89 -10.71 19.06
C GLU E 89 34.25 -11.92 18.37
N ASP E 90 34.50 -13.15 18.87
CA ASP E 90 33.92 -14.35 18.28
C ASP E 90 32.53 -14.62 18.85
N THR E 91 32.08 -13.82 19.83
CA THR E 91 30.73 -14.01 20.36
C THR E 91 29.78 -13.46 19.30
N ALA E 92 28.97 -14.37 18.73
CA ALA E 92 28.15 -14.04 17.57
C ALA E 92 27.11 -15.14 17.37
N VAL E 93 26.16 -14.90 16.45
CA VAL E 93 25.25 -15.93 16.01
C VAL E 93 25.86 -16.53 14.75
N TYR E 94 26.01 -17.86 14.75
CA TYR E 94 26.57 -18.61 13.64
C TYR E 94 25.41 -19.31 12.94
N TYR E 95 25.28 -19.04 11.63
CA TYR E 95 24.25 -19.65 10.80
C TYR E 95 24.92 -20.63 9.84
N CYS E 96 24.24 -21.73 9.54
CA CYS E 96 24.61 -22.59 8.43
C CYS E 96 23.56 -22.41 7.34
N ALA E 97 23.97 -22.44 6.07
CA ALA E 97 23.07 -22.26 4.94
C ALA E 97 23.49 -23.19 3.81
N THR E 98 22.55 -23.57 2.93
CA THR E 98 22.82 -24.44 1.78
C THR E 98 22.18 -23.81 0.55
N PRO E 99 22.79 -23.89 -0.65
CA PRO E 99 22.09 -23.50 -1.87
C PRO E 99 21.21 -24.64 -2.39
N ILE E 100 20.42 -24.38 -3.45
CA ILE E 100 19.63 -25.41 -4.14
C ILE E 100 20.60 -26.30 -4.95
N TYR E 101 20.16 -27.46 -5.48
CA TYR E 101 21.09 -28.44 -6.03
C TYR E 101 21.85 -27.90 -7.24
N GLY E 102 21.12 -27.48 -8.28
CA GLY E 102 21.73 -27.18 -9.58
C GLY E 102 22.36 -25.80 -9.65
N SER E 103 22.03 -24.92 -8.67
CA SER E 103 22.52 -23.54 -8.66
C SER E 103 24.04 -23.52 -8.57
N ARG E 104 24.67 -23.09 -9.69
CA ARG E 104 26.08 -22.75 -9.75
C ARG E 104 26.28 -21.32 -9.26
N GLU E 105 25.15 -20.69 -8.91
CA GLU E 105 25.07 -19.27 -8.62
C GLU E 105 25.06 -19.12 -7.09
N ALA E 106 24.82 -20.25 -6.40
CA ALA E 106 25.08 -20.41 -4.98
C ALA E 106 24.40 -19.33 -4.14
N TRP E 107 23.15 -19.00 -4.48
CA TRP E 107 22.30 -18.24 -3.57
C TRP E 107 21.92 -19.15 -2.40
N PHE E 108 21.95 -18.60 -1.17
CA PHE E 108 21.62 -19.34 0.03
C PHE E 108 20.11 -19.44 0.18
N ALA E 109 19.56 -20.52 -0.40
CA ALA E 109 18.12 -20.73 -0.45
C ALA E 109 17.57 -21.07 0.94
N TYR E 110 18.29 -21.96 1.68
CA TYR E 110 17.82 -22.41 2.99
C TYR E 110 18.86 -22.10 4.06
N TRP E 111 18.40 -21.65 5.24
CA TRP E 111 19.25 -21.22 6.34
C TRP E 111 18.83 -21.93 7.62
N GLY E 112 19.75 -22.11 8.57
CA GLY E 112 19.48 -22.64 9.90
C GLY E 112 19.01 -21.54 10.85
N GLN E 113 18.53 -21.93 12.04
CA GLN E 113 17.88 -20.99 12.95
C GLN E 113 18.92 -20.07 13.60
N GLY E 114 20.16 -20.57 13.76
CA GLY E 114 21.24 -19.81 14.35
C GLY E 114 21.65 -20.35 15.71
N THR E 115 22.98 -20.43 15.93
CA THR E 115 23.54 -20.81 17.21
C THR E 115 24.30 -19.64 17.80
N LEU E 116 24.02 -19.27 19.05
CA LEU E 116 24.70 -18.18 19.72
C LEU E 116 25.87 -18.73 20.53
N VAL E 117 27.09 -18.21 20.26
CA VAL E 117 28.23 -18.49 21.11
C VAL E 117 28.57 -17.22 21.86
N THR E 118 28.65 -17.32 23.21
CA THR E 118 29.09 -16.22 24.05
C THR E 118 30.45 -16.58 24.62
N VAL E 119 31.54 -16.14 23.97
CA VAL E 119 32.90 -16.33 24.49
C VAL E 119 33.12 -15.40 25.68
N SER E 120 33.02 -15.97 26.90
CA SER E 120 33.17 -15.21 28.14
C SER E 120 33.94 -16.04 29.16
N SER E 121 34.65 -15.34 30.05
CA SER E 121 35.43 -15.97 31.10
C SER E 121 34.56 -16.24 32.33
N ALA E 122 33.33 -15.66 32.33
CA ALA E 122 32.54 -15.44 33.54
C ALA E 122 31.91 -16.73 34.03
N SER E 123 31.34 -17.52 33.09
CA SER E 123 30.70 -18.80 33.38
C SER E 123 29.28 -18.59 33.92
N THR E 124 28.56 -19.71 34.11
CA THR E 124 27.12 -19.82 33.86
C THR E 124 26.30 -19.79 35.15
N LYS E 125 25.22 -18.97 35.18
CA LYS E 125 24.29 -18.89 36.31
C LYS E 125 22.86 -18.92 35.79
N GLY E 126 22.03 -19.73 36.47
CA GLY E 126 20.62 -19.86 36.11
C GLY E 126 19.82 -18.61 36.47
N PRO E 127 18.68 -18.37 35.78
CA PRO E 127 17.86 -17.19 36.03
C PRO E 127 17.01 -17.26 37.29
N SER E 128 16.70 -16.10 37.89
CA SER E 128 15.70 -15.99 38.94
C SER E 128 14.45 -15.31 38.38
N VAL E 129 13.26 -15.93 38.54
CA VAL E 129 12.03 -15.41 37.94
C VAL E 129 11.11 -14.86 39.03
N PHE E 130 10.67 -13.60 38.88
CA PHE E 130 9.82 -12.94 39.86
C PHE E 130 8.63 -12.32 39.15
N PRO E 131 7.37 -12.59 39.58
CA PRO E 131 6.18 -12.04 38.92
C PRO E 131 6.13 -10.52 39.05
N LEU E 132 5.61 -9.87 37.98
CA LEU E 132 5.31 -8.44 37.99
C LEU E 132 3.81 -8.26 37.80
N ALA E 133 3.05 -8.08 38.89
CA ALA E 133 1.61 -7.83 38.80
C ALA E 133 1.30 -6.48 39.45
N PRO E 134 0.29 -5.73 38.96
CA PRO E 134 -0.05 -4.43 39.56
C PRO E 134 -0.71 -4.64 40.91
N CYS E 135 -0.28 -3.92 41.96
CA CYS E 135 -1.05 -3.88 43.19
C CYS E 135 -2.33 -3.07 42.90
N SER E 136 -3.37 -3.24 43.72
CA SER E 136 -4.70 -2.74 43.40
C SER E 136 -5.06 -3.20 41.99
N ARG E 137 -4.98 -4.53 41.77
CA ARG E 137 -5.04 -5.15 40.44
C ARG E 137 -6.37 -4.85 39.74
N SER E 138 -7.50 -4.95 40.49
CA SER E 138 -8.81 -4.74 39.90
C SER E 138 -9.15 -3.25 39.87
N THR E 139 -8.39 -2.50 39.04
CA THR E 139 -8.68 -1.12 38.65
C THR E 139 -9.60 -1.12 37.42
N SER E 140 -9.92 0.07 36.87
CA SER E 140 -10.88 0.19 35.78
C SER E 140 -10.28 0.84 34.54
N GLU E 141 -9.39 0.08 33.89
CA GLU E 141 -8.99 0.24 32.51
C GLU E 141 -9.35 -1.07 31.81
N SER E 142 -9.64 -1.00 30.50
CA SER E 142 -10.14 -2.13 29.73
C SER E 142 -9.16 -3.30 29.78
N THR E 143 -7.85 -3.01 29.72
CA THR E 143 -6.78 -4.02 29.69
C THR E 143 -5.75 -3.74 30.79
N ALA E 144 -5.13 -4.84 31.29
CA ALA E 144 -4.08 -4.80 32.28
C ALA E 144 -2.82 -5.45 31.71
N ALA E 145 -1.65 -4.91 32.08
CA ALA E 145 -0.35 -5.48 31.71
C ALA E 145 0.17 -6.33 32.87
N LEU E 146 0.59 -7.58 32.59
CA LEU E 146 1.22 -8.46 33.58
C LEU E 146 2.62 -8.81 33.13
N GLY E 147 3.49 -9.16 34.06
CA GLY E 147 4.92 -9.26 33.80
C GLY E 147 5.56 -10.48 34.46
N CYS E 148 6.81 -10.71 34.06
CA CYS E 148 7.59 -11.87 34.49
C CYS E 148 9.06 -11.47 34.39
N LEU E 149 9.72 -11.27 35.55
CA LEU E 149 11.07 -10.68 35.60
C LEU E 149 12.13 -11.77 35.77
N VAL E 150 13.06 -11.81 34.80
CA VAL E 150 14.13 -12.78 34.71
C VAL E 150 15.44 -12.08 35.08
N LYS E 151 15.91 -12.28 36.33
CA LYS E 151 17.02 -11.53 36.89
C LYS E 151 18.21 -12.47 37.13
N ASP E 152 19.42 -11.89 37.01
CA ASP E 152 20.67 -12.53 37.38
C ASP E 152 20.85 -13.84 36.62
N TYR E 153 20.97 -13.74 35.28
CA TYR E 153 21.21 -14.92 34.45
C TYR E 153 22.40 -14.68 33.51
N PHE E 154 23.26 -15.71 33.37
CA PHE E 154 24.34 -15.71 32.40
C PHE E 154 24.51 -17.15 31.90
N PRO E 155 24.88 -17.42 30.61
CA PRO E 155 24.97 -16.42 29.55
C PRO E 155 23.63 -16.21 28.84
N GLU E 156 23.60 -15.37 27.79
CA GLU E 156 22.41 -15.29 26.95
C GLU E 156 22.26 -16.57 26.14
N PRO E 157 21.04 -17.01 25.72
CA PRO E 157 19.77 -16.33 25.97
C PRO E 157 18.74 -17.06 26.85
N VAL E 158 17.64 -16.37 27.20
CA VAL E 158 16.48 -17.01 27.81
C VAL E 158 15.29 -16.96 26.84
N THR E 159 14.50 -18.04 26.81
CA THR E 159 13.23 -18.07 26.09
C THR E 159 12.10 -17.89 27.08
N VAL E 160 11.39 -16.76 27.03
CA VAL E 160 10.16 -16.60 27.80
C VAL E 160 8.98 -16.74 26.83
N SER E 161 8.18 -17.79 27.06
CA SER E 161 6.88 -17.95 26.42
C SER E 161 5.83 -17.80 27.52
N TRP E 162 4.54 -17.63 27.17
CA TRP E 162 3.56 -17.44 28.23
C TRP E 162 2.86 -18.74 28.58
N ASN E 163 1.57 -18.88 28.27
CA ASN E 163 0.80 -20.02 28.73
C ASN E 163 1.13 -21.22 27.83
N SER E 164 2.33 -21.78 28.03
CA SER E 164 2.91 -22.86 27.23
C SER E 164 2.89 -22.52 25.73
N GLY E 165 3.02 -21.23 25.41
CA GLY E 165 3.00 -20.74 24.04
C GLY E 165 1.58 -20.45 23.53
N ALA E 166 0.57 -20.58 24.41
CA ALA E 166 -0.81 -20.27 24.03
C ALA E 166 -0.96 -18.78 23.73
N LEU E 167 -0.43 -17.92 24.64
CA LEU E 167 -0.45 -16.47 24.47
C LEU E 167 0.78 -16.00 23.71
N THR E 168 0.54 -15.64 22.44
CA THR E 168 1.52 -15.07 21.53
C THR E 168 1.14 -13.63 21.20
N SER E 169 0.01 -13.17 21.77
CA SER E 169 -0.61 -11.90 21.44
C SER E 169 -0.43 -10.93 22.63
N GLY E 170 0.01 -9.70 22.34
CA GLY E 170 0.22 -8.68 23.36
C GLY E 170 1.44 -8.97 24.24
N VAL E 171 2.35 -9.82 23.75
CA VAL E 171 3.53 -10.24 24.50
C VAL E 171 4.72 -9.46 23.99
N HIS E 172 5.47 -8.86 24.93
CA HIS E 172 6.72 -8.17 24.62
C HIS E 172 7.80 -8.71 25.56
N THR E 173 8.74 -9.49 25.03
CA THR E 173 9.89 -9.91 25.79
C THR E 173 11.03 -8.97 25.44
N PHE E 174 11.47 -8.17 26.42
CA PHE E 174 12.42 -7.10 26.14
C PHE E 174 13.80 -7.68 25.84
N PRO E 175 14.66 -6.97 25.07
CA PRO E 175 16.06 -7.33 25.02
C PRO E 175 16.63 -7.24 26.42
N ALA E 176 17.48 -8.22 26.78
CA ALA E 176 18.14 -8.24 28.08
C ALA E 176 19.09 -7.06 28.21
N VAL E 177 19.33 -6.59 29.45
CA VAL E 177 20.36 -5.59 29.73
C VAL E 177 21.37 -6.21 30.70
N LEU E 178 22.66 -6.10 30.36
CA LEU E 178 23.72 -6.54 31.27
C LEU E 178 23.73 -5.60 32.48
N GLN E 179 23.80 -6.20 33.67
CA GLN E 179 23.68 -5.55 34.97
C GLN E 179 24.90 -5.99 35.77
N SER E 180 25.24 -5.25 36.84
CA SER E 180 26.38 -5.60 37.69
C SER E 180 27.61 -5.70 36.81
N SER E 181 28.31 -6.84 36.92
CA SER E 181 29.51 -7.15 36.14
C SER E 181 29.15 -8.04 34.95
N GLY E 182 28.50 -9.20 35.22
CA GLY E 182 28.16 -10.13 34.16
C GLY E 182 26.83 -10.86 34.41
N LEU E 183 25.80 -10.12 34.87
CA LEU E 183 24.48 -10.70 35.04
C LEU E 183 23.47 -9.98 34.15
N TYR E 184 22.69 -10.75 33.36
CA TYR E 184 21.68 -10.16 32.48
C TYR E 184 20.31 -10.16 33.17
N SER E 185 19.51 -9.12 32.91
CA SER E 185 18.14 -9.00 33.43
C SER E 185 17.18 -8.67 32.30
N LEU E 186 16.07 -9.40 32.24
CA LEU E 186 15.11 -9.34 31.14
C LEU E 186 13.72 -9.34 31.75
N SER E 187 12.76 -8.69 31.07
CA SER E 187 11.37 -8.66 31.51
C SER E 187 10.47 -9.09 30.35
N SER E 188 9.37 -9.78 30.68
CA SER E 188 8.35 -10.13 29.70
C SER E 188 7.01 -9.53 30.13
N VAL E 189 6.20 -9.10 29.16
CA VAL E 189 4.89 -8.53 29.44
C VAL E 189 3.85 -9.29 28.64
N VAL E 190 2.63 -9.38 29.20
CA VAL E 190 1.45 -9.75 28.43
C VAL E 190 0.37 -8.73 28.76
N THR E 191 -0.27 -8.15 27.74
CA THR E 191 -1.43 -7.29 27.92
C THR E 191 -2.68 -8.16 27.76
N VAL E 192 -3.46 -8.28 28.86
CA VAL E 192 -4.65 -9.12 28.87
C VAL E 192 -5.84 -8.24 29.28
N PRO E 193 -7.09 -8.57 28.90
CA PRO E 193 -8.25 -7.83 29.41
C PRO E 193 -8.33 -7.92 30.94
N SER E 194 -8.70 -6.79 31.60
CA SER E 194 -8.85 -6.74 33.05
C SER E 194 -9.97 -7.65 33.54
N SER E 195 -11.06 -7.75 32.75
CA SER E 195 -12.17 -8.66 33.02
C SER E 195 -11.72 -10.10 33.20
N SER E 196 -10.73 -10.55 32.41
CA SER E 196 -10.26 -11.93 32.43
C SER E 196 -9.18 -12.17 33.49
N LEU E 197 -8.78 -11.12 34.24
CA LEU E 197 -7.65 -11.23 35.18
C LEU E 197 -8.02 -12.20 36.30
N GLY E 198 -9.22 -12.03 36.89
CA GLY E 198 -9.76 -12.94 37.88
C GLY E 198 -10.06 -14.34 37.34
N THR E 199 -10.62 -14.43 36.10
CA THR E 199 -11.08 -15.69 35.54
C THR E 199 -9.90 -16.57 35.14
N LYS E 200 -8.84 -15.97 34.55
CA LYS E 200 -7.72 -16.74 33.98
C LYS E 200 -6.44 -16.54 34.80
N THR E 201 -5.69 -17.65 34.97
CA THR E 201 -4.35 -17.65 35.54
C THR E 201 -3.33 -17.56 34.40
N TYR E 202 -2.43 -16.59 34.54
CA TYR E 202 -1.38 -16.32 33.58
C TYR E 202 -0.07 -16.86 34.14
N THR E 203 0.64 -17.64 33.31
CA THR E 203 1.91 -18.27 33.65
C THR E 203 2.90 -18.08 32.51
N CYS E 204 4.10 -17.56 32.87
CA CYS E 204 5.23 -17.39 31.95
C CYS E 204 6.18 -18.57 32.10
N ASN E 205 6.53 -19.22 30.97
CA ASN E 205 7.48 -20.33 30.93
C ASN E 205 8.85 -19.82 30.48
N VAL E 206 9.81 -19.79 31.44
CA VAL E 206 11.15 -19.28 31.18
C VAL E 206 12.08 -20.48 30.99
N ASP E 207 12.82 -20.52 29.87
CA ASP E 207 13.77 -21.58 29.57
C ASP E 207 15.17 -20.97 29.37
N HIS E 208 16.12 -21.39 30.21
CA HIS E 208 17.54 -21.09 30.07
C HIS E 208 18.26 -22.37 29.68
N LYS E 209 18.41 -22.63 28.36
CA LYS E 209 19.01 -23.87 27.89
C LYS E 209 20.47 -23.99 28.33
N PRO E 210 21.19 -22.89 28.66
CA PRO E 210 22.63 -22.97 28.88
C PRO E 210 22.93 -23.52 30.28
N SER E 211 21.87 -23.69 31.09
CA SER E 211 21.96 -24.22 32.44
C SER E 211 20.82 -25.21 32.71
N ASN E 212 20.07 -25.59 31.67
CA ASN E 212 18.95 -26.53 31.76
C ASN E 212 17.96 -26.06 32.82
N THR E 213 17.75 -24.74 32.93
CA THR E 213 16.82 -24.15 33.89
C THR E 213 15.50 -23.84 33.18
N LYS E 214 14.52 -24.74 33.34
CA LYS E 214 13.19 -24.63 32.75
C LYS E 214 12.23 -24.32 33.90
N VAL E 215 11.80 -23.05 34.06
CA VAL E 215 11.07 -22.57 35.24
C VAL E 215 9.79 -21.87 34.80
N ASP E 216 8.64 -22.31 35.36
CA ASP E 216 7.34 -21.69 35.11
C ASP E 216 6.87 -21.02 36.40
N LYS E 217 6.32 -19.79 36.29
CA LYS E 217 5.80 -19.05 37.44
C LYS E 217 4.47 -18.40 37.06
N ARG E 218 3.45 -18.49 37.94
CA ARG E 218 2.14 -17.92 37.65
C ARG E 218 2.09 -16.46 38.11
N VAL E 219 2.05 -15.53 37.16
CA VAL E 219 1.80 -14.13 37.50
C VAL E 219 0.32 -13.98 37.88
N GLY E 220 -0.56 -14.65 37.12
CA GLY E 220 -2.00 -14.59 37.32
C GLY E 220 -2.53 -13.17 37.22
N ASP F 1 39.41 -10.06 -3.69
CA ASP F 1 37.96 -10.33 -3.54
C ASP F 1 37.19 -9.11 -4.03
N ILE F 2 35.86 -9.25 -4.19
CA ILE F 2 35.00 -8.20 -4.69
C ILE F 2 34.08 -7.74 -3.56
N GLN F 3 34.35 -6.53 -3.05
CA GLN F 3 33.67 -6.00 -1.88
C GLN F 3 32.35 -5.36 -2.29
N MET F 4 31.32 -5.52 -1.44
CA MET F 4 29.96 -5.07 -1.72
C MET F 4 29.56 -4.00 -0.70
N THR F 5 28.94 -2.90 -1.18
CA THR F 5 28.60 -1.74 -0.37
C THR F 5 27.12 -1.42 -0.57
N GLN F 6 26.32 -1.47 0.50
CA GLN F 6 24.92 -1.07 0.40
C GLN F 6 24.80 0.33 0.98
N SER F 7 24.45 1.30 0.13
CA SER F 7 24.66 2.70 0.48
C SER F 7 23.75 3.10 1.63
N PRO F 8 22.40 3.13 1.46
CA PRO F 8 21.54 3.63 2.54
C PRO F 8 21.69 2.60 3.65
N SER F 9 21.91 3.07 4.88
CA SER F 9 22.09 2.16 6.00
C SER F 9 20.86 2.15 6.90
N SER F 10 20.19 3.32 6.99
CA SER F 10 18.97 3.47 7.75
C SER F 10 17.98 4.26 6.89
N LEU F 11 16.73 3.73 6.77
CA LEU F 11 15.66 4.31 5.98
C LEU F 11 14.42 4.44 6.85
N SER F 12 13.95 5.63 7.24
CA SER F 12 12.58 5.72 7.76
C SER F 12 11.66 6.10 6.61
N ALA F 13 10.85 5.12 6.17
CA ALA F 13 9.84 5.37 5.13
C ALA F 13 8.49 4.87 5.65
N SER F 14 7.40 5.59 5.34
CA SER F 14 6.06 5.31 5.81
C SER F 14 5.50 4.10 5.09
N VAL F 15 4.40 3.54 5.63
CA VAL F 15 3.72 2.40 5.01
C VAL F 15 3.09 2.83 3.68
N GLY F 16 3.05 1.91 2.73
CA GLY F 16 2.55 2.14 1.39
C GLY F 16 3.41 3.14 0.63
N ASP F 17 4.73 2.94 0.63
CA ASP F 17 5.67 3.91 0.06
C ASP F 17 6.68 3.16 -0.80
N ARG F 18 7.22 3.79 -1.85
CA ARG F 18 8.17 3.17 -2.75
C ARG F 18 9.60 3.36 -2.23
N VAL F 19 10.29 2.28 -1.81
CA VAL F 19 11.62 2.45 -1.19
C VAL F 19 12.65 1.81 -2.10
N THR F 20 13.87 2.39 -2.13
CA THR F 20 14.94 1.90 -3.01
C THR F 20 16.30 1.83 -2.28
N ILE F 21 16.84 0.60 -2.22
CA ILE F 21 18.10 0.27 -1.57
C ILE F 21 19.12 -0.03 -2.67
N THR F 22 20.28 0.62 -2.58
CA THR F 22 21.40 0.37 -3.48
C THR F 22 22.29 -0.74 -2.91
N CYS F 23 22.99 -1.41 -3.84
CA CYS F 23 24.07 -2.35 -3.57
C CYS F 23 25.10 -2.14 -4.67
N THR F 24 26.38 -1.99 -4.35
CA THR F 24 27.34 -1.61 -5.38
C THR F 24 28.66 -2.34 -5.11
N ALA F 25 29.36 -2.66 -6.20
CA ALA F 25 30.46 -3.62 -6.14
C ALA F 25 31.79 -2.95 -6.51
N SER F 26 32.86 -3.44 -5.86
CA SER F 26 34.20 -2.98 -6.13
C SER F 26 34.58 -3.27 -7.59
N SER F 27 34.23 -4.47 -8.07
CA SER F 27 34.46 -4.89 -9.43
C SER F 27 33.10 -5.04 -10.12
N SER F 28 33.07 -5.77 -11.22
CA SER F 28 31.83 -6.04 -11.93
C SER F 28 31.36 -7.47 -11.60
N VAL F 29 30.13 -7.58 -11.08
CA VAL F 29 29.46 -8.86 -10.81
C VAL F 29 28.62 -9.20 -12.04
N SER F 30 28.72 -10.47 -12.49
CA SER F 30 27.79 -11.02 -13.47
C SER F 30 26.40 -10.87 -12.91
N SER F 31 25.47 -10.45 -13.78
CA SER F 31 24.06 -10.24 -13.42
C SER F 31 23.54 -11.41 -12.58
N SER F 32 23.70 -12.65 -13.08
CA SER F 32 23.11 -13.84 -12.49
C SER F 32 23.57 -14.11 -11.06
N TYR F 33 24.62 -13.40 -10.59
CA TYR F 33 25.26 -13.76 -9.33
C TYR F 33 24.96 -12.84 -8.15
N LEU F 34 24.13 -11.78 -8.31
CA LEU F 34 23.78 -10.99 -7.13
C LEU F 34 22.47 -11.49 -6.50
N HIS F 35 22.49 -11.74 -5.18
CA HIS F 35 21.33 -12.23 -4.44
C HIS F 35 20.98 -11.25 -3.32
N TRP F 36 19.71 -11.26 -2.87
CA TRP F 36 19.26 -10.38 -1.79
C TRP F 36 18.58 -11.21 -0.69
N TYR F 37 18.76 -10.78 0.57
CA TYR F 37 18.26 -11.45 1.75
C TYR F 37 17.59 -10.45 2.67
N GLN F 38 16.55 -10.92 3.40
CA GLN F 38 15.83 -10.15 4.39
C GLN F 38 16.07 -10.77 5.77
N GLN F 39 16.52 -9.97 6.75
CA GLN F 39 16.74 -10.49 8.09
C GLN F 39 15.83 -9.74 9.06
N LYS F 40 14.81 -10.44 9.56
CA LYS F 40 13.95 -9.89 10.60
C LYS F 40 14.75 -9.89 11.90
N PRO F 41 14.41 -9.06 12.91
CA PRO F 41 15.36 -8.68 13.97
C PRO F 41 16.12 -9.81 14.67
N GLY F 42 15.41 -10.86 15.12
CA GLY F 42 16.03 -11.91 15.91
C GLY F 42 16.20 -13.22 15.14
N LYS F 43 16.04 -13.18 13.81
CA LYS F 43 15.81 -14.41 13.03
C LYS F 43 16.85 -14.52 11.91
N ALA F 44 16.95 -15.69 11.29
CA ALA F 44 17.93 -15.93 10.23
C ALA F 44 17.54 -15.21 8.96
N PRO F 45 18.50 -14.86 8.07
CA PRO F 45 18.18 -14.25 6.78
C PRO F 45 17.34 -15.18 5.91
N LYS F 46 16.44 -14.60 5.11
CA LYS F 46 15.64 -15.34 4.15
C LYS F 46 15.89 -14.77 2.77
N LEU F 47 15.98 -15.65 1.77
CA LEU F 47 16.16 -15.26 0.38
C LEU F 47 14.97 -14.45 -0.12
N LEU F 48 15.22 -13.29 -0.80
CA LEU F 48 14.17 -12.53 -1.48
C LEU F 48 14.30 -12.68 -3.00
N ILE F 49 15.49 -12.30 -3.51
CA ILE F 49 15.80 -12.27 -4.94
C ILE F 49 17.11 -13.03 -5.13
N TYR F 50 17.28 -13.73 -6.28
CA TYR F 50 18.46 -14.58 -6.43
C TYR F 50 19.21 -14.41 -7.76
N ARG F 51 18.75 -13.62 -8.74
CA ARG F 51 19.62 -13.40 -9.88
C ARG F 51 19.50 -11.96 -10.32
N THR F 52 20.59 -11.20 -10.19
CA THR F 52 20.65 -9.80 -10.60
C THR F 52 19.54 -9.03 -9.93
N SER F 53 19.11 -9.52 -8.77
CA SER F 53 17.96 -8.95 -8.11
C SER F 53 16.71 -9.07 -8.99
N ASN F 54 16.68 -10.01 -9.94
CA ASN F 54 15.58 -10.11 -10.89
C ASN F 54 14.60 -11.17 -10.46
N LEU F 55 15.07 -12.30 -9.91
CA LEU F 55 14.21 -13.46 -9.72
C LEU F 55 13.83 -13.58 -8.24
N ALA F 56 12.53 -13.37 -7.95
CA ALA F 56 11.96 -13.39 -6.61
C ALA F 56 11.49 -14.81 -6.28
N SER F 57 11.59 -15.26 -5.02
CA SER F 57 11.32 -16.66 -4.66
C SER F 57 10.14 -16.83 -3.70
N GLY F 58 9.02 -17.44 -4.12
CA GLY F 58 7.77 -17.49 -3.36
C GLY F 58 7.50 -16.29 -2.43
N VAL F 59 7.57 -15.03 -2.94
CA VAL F 59 7.75 -13.81 -2.13
C VAL F 59 6.78 -12.73 -2.62
N PRO F 60 6.46 -11.67 -1.84
CA PRO F 60 5.53 -10.61 -2.29
C PRO F 60 5.95 -9.82 -3.54
N SER F 61 4.96 -9.29 -4.28
CA SER F 61 5.20 -8.70 -5.60
C SER F 61 5.87 -7.33 -5.51
N ARG F 62 5.66 -6.63 -4.38
CA ARG F 62 6.20 -5.30 -4.14
C ARG F 62 7.72 -5.28 -4.34
N PHE F 63 8.43 -6.34 -3.91
CA PHE F 63 9.87 -6.47 -4.06
C PHE F 63 10.28 -6.66 -5.52
N SER F 64 11.13 -5.75 -6.01
CA SER F 64 11.77 -5.84 -7.31
C SER F 64 13.28 -5.66 -7.12
N GLY F 65 14.07 -6.16 -8.08
CA GLY F 65 15.45 -5.70 -8.15
C GLY F 65 15.95 -5.59 -9.59
N SER F 66 17.02 -4.83 -9.78
CA SER F 66 17.62 -4.70 -11.11
C SER F 66 19.09 -4.36 -10.96
N GLY F 67 19.83 -4.42 -12.06
CA GLY F 67 21.19 -3.92 -12.07
C GLY F 67 22.07 -4.71 -13.03
N SER F 68 23.32 -4.25 -13.15
CA SER F 68 24.32 -4.89 -13.99
C SER F 68 25.69 -4.33 -13.64
N GLY F 69 26.65 -5.25 -13.43
CA GLY F 69 28.03 -4.85 -13.32
C GLY F 69 28.35 -4.37 -11.90
N THR F 70 28.13 -3.07 -11.68
CA THR F 70 28.59 -2.47 -10.43
C THR F 70 27.39 -2.09 -9.57
N ASP F 71 26.33 -1.57 -10.18
CA ASP F 71 25.24 -0.97 -9.45
C ASP F 71 24.00 -1.86 -9.58
N PHE F 72 23.46 -2.28 -8.43
CA PHE F 72 22.26 -3.11 -8.33
C PHE F 72 21.32 -2.43 -7.34
N THR F 73 20.02 -2.69 -7.45
CA THR F 73 19.02 -2.02 -6.62
C THR F 73 17.96 -3.02 -6.18
N LEU F 74 17.40 -2.77 -4.99
CA LEU F 74 16.24 -3.50 -4.49
C LEU F 74 15.19 -2.45 -4.22
N THR F 75 13.95 -2.70 -4.67
CA THR F 75 12.89 -1.70 -4.58
C THR F 75 11.66 -2.35 -3.99
N ILE F 76 11.07 -1.72 -2.95
CA ILE F 76 9.80 -2.17 -2.39
C ILE F 76 8.72 -1.16 -2.80
N SER F 77 7.79 -1.57 -3.67
CA SER F 77 6.83 -0.64 -4.26
C SER F 77 5.86 -0.08 -3.22
N SER F 78 5.21 -0.94 -2.41
CA SER F 78 4.40 -0.49 -1.29
C SER F 78 4.99 -1.08 -0.01
N LEU F 79 5.78 -0.24 0.69
CA LEU F 79 6.39 -0.64 1.95
C LEU F 79 5.26 -0.99 2.90
N GLN F 80 5.50 -1.97 3.76
CA GLN F 80 4.49 -2.44 4.67
C GLN F 80 5.15 -2.75 6.01
N PRO F 81 4.39 -2.79 7.11
CA PRO F 81 4.98 -2.79 8.44
C PRO F 81 5.84 -4.04 8.63
N GLU F 82 5.36 -5.14 8.02
CA GLU F 82 6.01 -6.44 7.96
C GLU F 82 7.41 -6.33 7.37
N ASP F 83 7.62 -5.37 6.43
CA ASP F 83 8.85 -5.26 5.66
C ASP F 83 9.97 -4.60 6.46
N PHE F 84 9.73 -4.27 7.75
CA PHE F 84 10.77 -3.78 8.65
C PHE F 84 11.81 -4.85 8.91
N ALA F 85 13.04 -4.65 8.39
CA ALA F 85 14.11 -5.63 8.51
C ALA F 85 15.43 -5.01 8.04
N THR F 86 16.54 -5.76 8.20
CA THR F 86 17.79 -5.43 7.54
C THR F 86 17.89 -6.24 6.24
N TYR F 87 18.27 -5.57 5.14
CA TYR F 87 18.36 -6.18 3.82
C TYR F 87 19.82 -6.31 3.39
N TYR F 88 20.22 -7.53 2.99
CA TYR F 88 21.61 -7.78 2.62
C TYR F 88 21.71 -8.19 1.16
N CYS F 89 22.75 -7.73 0.46
CA CYS F 89 23.06 -8.23 -0.88
C CYS F 89 24.31 -9.12 -0.81
N HIS F 90 24.34 -10.13 -1.68
CA HIS F 90 25.39 -11.14 -1.70
C HIS F 90 25.84 -11.35 -3.15
N GLN F 91 27.15 -11.58 -3.34
CA GLN F 91 27.71 -11.84 -4.66
C GLN F 91 28.41 -13.19 -4.61
N TYR F 92 28.29 -14.00 -5.68
CA TYR F 92 29.11 -15.20 -5.77
C TYR F 92 29.76 -15.25 -7.15
N TYR F 93 30.08 -14.06 -7.68
CA TYR F 93 30.72 -13.99 -8.99
C TYR F 93 32.19 -14.39 -8.84
N ARG F 94 32.81 -14.04 -7.71
CA ARG F 94 34.16 -14.49 -7.41
C ARG F 94 34.26 -14.82 -5.92
N SER F 95 34.76 -16.02 -5.61
CA SER F 95 34.96 -16.45 -4.23
C SER F 95 36.16 -15.69 -3.65
N PRO F 96 36.18 -15.38 -2.34
CA PRO F 96 35.11 -15.73 -1.41
C PRO F 96 33.86 -14.88 -1.62
N PRO F 97 32.67 -15.46 -1.33
CA PRO F 97 31.42 -14.70 -1.32
C PRO F 97 31.46 -13.56 -0.30
N THR F 98 30.88 -12.43 -0.71
CA THR F 98 30.86 -11.19 0.06
C THR F 98 29.42 -10.75 0.22
N PHE F 99 29.10 -10.21 1.41
CA PHE F 99 27.81 -9.61 1.69
C PHE F 99 28.00 -8.11 1.87
N GLY F 100 26.92 -7.35 1.63
CA GLY F 100 26.88 -5.94 1.97
C GLY F 100 26.64 -5.69 3.45
N GLY F 101 26.78 -4.42 3.85
CA GLY F 101 26.67 -3.99 5.24
C GLY F 101 25.25 -4.13 5.77
N GLY F 102 24.29 -3.89 4.90
CA GLY F 102 22.88 -4.00 5.23
C GLY F 102 22.21 -2.62 5.30
N THR F 103 20.92 -2.62 4.96
CA THR F 103 20.09 -1.44 5.06
C THR F 103 18.93 -1.76 5.99
N LYS F 104 18.85 -1.02 7.11
CA LYS F 104 17.87 -1.21 8.16
C LYS F 104 16.66 -0.33 7.81
N VAL F 105 15.62 -0.95 7.22
CA VAL F 105 14.35 -0.27 6.95
C VAL F 105 13.61 -0.10 8.28
N GLU F 106 13.07 1.11 8.51
CA GLU F 106 12.25 1.46 9.65
C GLU F 106 10.99 2.13 9.08
N ILE F 107 9.93 2.19 9.89
CA ILE F 107 8.63 2.65 9.38
C ILE F 107 8.23 3.94 10.10
N LYS F 108 7.87 4.99 9.31
CA LYS F 108 7.13 6.12 9.83
C LYS F 108 5.70 5.68 10.08
N ARG F 109 5.12 6.25 11.14
CA ARG F 109 3.81 5.88 11.59
C ARG F 109 3.23 7.13 12.26
N THR F 110 1.89 7.18 12.38
CA THR F 110 1.24 8.28 13.07
C THR F 110 1.67 8.21 14.54
N VAL F 111 1.77 9.35 15.24
CA VAL F 111 2.24 9.35 16.63
C VAL F 111 1.29 8.46 17.45
N ALA F 112 1.87 7.71 18.39
CA ALA F 112 1.11 6.86 19.30
C ALA F 112 1.62 7.11 20.71
N ALA F 113 0.69 7.05 21.67
CA ALA F 113 0.98 7.33 23.07
C ALA F 113 1.25 6.03 23.82
N PRO F 114 2.16 6.02 24.81
CA PRO F 114 2.46 4.80 25.55
C PRO F 114 1.39 4.47 26.59
N SER F 115 1.05 3.19 26.74
CA SER F 115 0.21 2.77 27.85
C SER F 115 1.13 2.51 29.04
N VAL F 116 1.34 3.53 29.90
CA VAL F 116 2.31 3.42 31.00
C VAL F 116 1.76 2.47 32.07
N PHE F 117 2.64 1.60 32.61
CA PHE F 117 2.32 0.70 33.72
C PHE F 117 3.52 0.67 34.69
N ILE F 118 3.24 0.50 36.00
CA ILE F 118 4.26 0.42 37.05
C ILE F 118 4.09 -0.89 37.83
N PHE F 119 5.21 -1.49 38.25
CA PHE F 119 5.23 -2.83 38.81
C PHE F 119 6.04 -2.86 40.11
N PRO F 120 5.38 -3.16 41.26
CA PRO F 120 6.05 -3.30 42.55
C PRO F 120 6.96 -4.53 42.56
N PRO F 121 8.06 -4.49 43.34
CA PRO F 121 8.95 -5.66 43.51
C PRO F 121 8.20 -6.88 44.06
N SER F 122 8.53 -8.08 43.55
CA SER F 122 7.86 -9.29 44.01
C SER F 122 8.28 -9.60 45.45
N ASP F 123 7.37 -10.26 46.19
CA ASP F 123 7.59 -10.65 47.57
C ASP F 123 8.80 -11.59 47.67
N GLU F 124 8.94 -12.50 46.69
CA GLU F 124 10.05 -13.43 46.62
C GLU F 124 11.37 -12.66 46.52
N GLN F 125 11.40 -11.60 45.69
CA GLN F 125 12.61 -10.84 45.44
C GLN F 125 13.05 -10.11 46.71
N LEU F 126 12.07 -9.60 47.47
CA LEU F 126 12.34 -8.89 48.72
C LEU F 126 13.15 -9.76 49.68
N LYS F 127 12.78 -11.05 49.78
CA LYS F 127 13.49 -12.02 50.62
C LYS F 127 14.95 -12.15 50.14
N SER F 128 15.15 -12.08 48.81
CA SER F 128 16.49 -12.12 48.23
C SER F 128 17.31 -10.90 48.66
N GLY F 129 16.63 -9.81 49.04
CA GLY F 129 17.28 -8.62 49.56
C GLY F 129 17.52 -7.53 48.51
N THR F 130 16.97 -7.73 47.30
CA THR F 130 16.92 -6.70 46.26
C THR F 130 15.48 -6.50 45.83
N ALA F 131 15.16 -5.26 45.46
CA ALA F 131 13.84 -4.86 44.98
C ALA F 131 13.98 -4.08 43.67
N SER F 132 13.37 -4.61 42.60
CA SER F 132 13.38 -4.00 41.27
C SER F 132 11.98 -3.46 40.97
N VAL F 133 11.89 -2.15 40.66
CA VAL F 133 10.63 -1.53 40.28
C VAL F 133 10.62 -1.35 38.75
N VAL F 134 9.63 -1.95 38.07
CA VAL F 134 9.59 -1.99 36.61
C VAL F 134 8.53 -0.99 36.12
N CYS F 135 8.79 -0.32 34.99
CA CYS F 135 7.85 0.59 34.35
C CYS F 135 7.82 0.32 32.85
N LEU F 136 6.64 -0.09 32.34
CA LEU F 136 6.43 -0.31 30.92
C LEU F 136 5.81 0.92 30.30
N LEU F 137 6.39 1.38 29.19
CA LEU F 137 5.73 2.29 28.28
C LEU F 137 5.50 1.50 27.00
N ASN F 138 4.22 1.17 26.65
CA ASN F 138 3.96 0.01 25.81
C ASN F 138 3.84 0.25 24.31
N ASN F 139 2.94 1.10 23.81
CA ASN F 139 2.76 1.07 22.35
C ASN F 139 2.87 2.46 21.73
N PHE F 140 4.09 3.04 21.80
CA PHE F 140 4.35 4.40 21.34
C PHE F 140 5.12 4.34 20.02
N TYR F 141 4.98 5.36 19.14
CA TYR F 141 5.72 5.30 17.90
C TYR F 141 7.04 6.07 17.96
N PRO F 142 7.08 7.41 18.12
CA PRO F 142 8.39 8.08 18.12
C PRO F 142 9.24 7.35 19.16
N ARG F 143 10.39 6.77 18.75
CA ARG F 143 11.20 5.97 19.66
C ARG F 143 11.61 6.76 20.89
N GLU F 144 11.96 8.03 20.70
CA GLU F 144 12.45 8.90 21.76
C GLU F 144 11.35 9.14 22.78
N ALA F 145 11.66 8.83 24.05
CA ALA F 145 10.78 9.07 25.17
C ALA F 145 11.64 9.24 26.43
N LYS F 146 11.11 9.95 27.45
CA LYS F 146 11.84 10.13 28.70
C LYS F 146 11.08 9.53 29.88
N VAL F 147 11.82 8.73 30.68
CA VAL F 147 11.31 8.07 31.88
C VAL F 147 11.97 8.74 33.09
N GLN F 148 11.16 9.21 34.05
CA GLN F 148 11.64 9.92 35.22
C GLN F 148 11.23 9.16 36.48
N TRP F 149 12.21 8.51 37.13
CA TRP F 149 12.00 7.79 38.37
C TRP F 149 12.02 8.77 39.54
N LYS F 150 10.86 8.88 40.24
CA LYS F 150 10.71 9.75 41.40
C LYS F 150 10.40 8.89 42.64
N VAL F 151 11.24 9.00 43.68
CA VAL F 151 11.07 8.28 44.93
C VAL F 151 10.72 9.29 46.01
N ASP F 152 9.51 9.18 46.58
CA ASP F 152 8.99 10.10 47.59
C ASP F 152 9.17 11.55 47.13
N ASN F 153 8.79 11.81 45.87
CA ASN F 153 8.85 13.15 45.25
C ASN F 153 10.29 13.66 45.16
N ALA F 154 11.30 12.75 45.18
CA ALA F 154 12.67 13.10 44.85
C ALA F 154 13.14 12.30 43.63
N LEU F 155 13.53 13.01 42.57
CA LEU F 155 13.93 12.37 41.32
C LEU F 155 15.21 11.57 41.59
N GLN F 156 15.15 10.25 41.44
CA GLN F 156 16.30 9.38 41.67
C GLN F 156 16.84 8.96 40.31
N SER F 157 18.12 9.29 40.02
CA SER F 157 18.72 9.12 38.71
C SER F 157 19.72 7.95 38.65
N GLY F 158 20.20 7.46 39.79
CA GLY F 158 21.08 6.30 39.81
C GLY F 158 20.30 5.00 39.62
N ASN F 159 20.99 3.96 39.14
CA ASN F 159 20.47 2.58 39.11
C ASN F 159 19.21 2.45 38.26
N SER F 160 19.17 3.13 37.11
CA SER F 160 18.04 3.07 36.17
C SER F 160 18.51 2.48 34.84
N GLN F 161 17.87 1.38 34.41
CA GLN F 161 18.29 0.65 33.21
C GLN F 161 17.10 0.45 32.28
N GLU F 162 17.23 0.82 30.99
CA GLU F 162 16.12 0.70 30.04
C GLU F 162 16.47 -0.28 28.91
N SER F 163 15.48 -1.09 28.51
CA SER F 163 15.53 -1.89 27.29
C SER F 163 14.34 -1.49 26.41
N VAL F 164 14.58 -1.41 25.09
CA VAL F 164 13.55 -1.06 24.12
C VAL F 164 13.39 -2.22 23.15
N THR F 165 12.13 -2.57 22.81
CA THR F 165 11.88 -3.58 21.78
C THR F 165 12.14 -2.98 20.40
N GLU F 166 12.26 -3.84 19.36
CA GLU F 166 12.34 -3.34 18.00
C GLU F 166 10.91 -3.12 17.52
N GLN F 167 10.77 -2.35 16.43
CA GLN F 167 9.48 -1.97 15.90
C GLN F 167 8.63 -3.22 15.64
N ASP F 168 7.33 -3.20 16.04
CA ASP F 168 6.42 -4.32 15.83
C ASP F 168 6.16 -4.50 14.33
N SER F 169 6.02 -5.77 13.90
CA SER F 169 5.76 -6.13 12.51
C SER F 169 4.37 -5.69 12.06
N LYS F 170 3.42 -5.60 13.00
CA LYS F 170 2.01 -5.34 12.72
C LYS F 170 1.72 -3.85 12.78
N ASP F 171 1.77 -3.25 13.99
CA ASP F 171 1.77 -1.82 14.22
C ASP F 171 3.23 -1.43 14.42
N SER F 172 3.73 -0.41 13.73
CA SER F 172 5.16 -0.18 13.78
C SER F 172 5.48 0.66 15.02
N THR F 173 5.36 0.04 16.20
CA THR F 173 5.47 0.72 17.48
C THR F 173 6.57 0.10 18.33
N TYR F 174 7.09 0.90 19.27
CA TYR F 174 8.14 0.47 20.19
C TYR F 174 7.50 0.25 21.56
N SER F 175 8.10 -0.61 22.39
CA SER F 175 7.78 -0.75 23.81
C SER F 175 9.07 -0.61 24.62
N LEU F 176 8.96 -0.02 25.82
CA LEU F 176 10.12 0.30 26.64
C LEU F 176 9.87 -0.17 28.07
N SER F 177 10.95 -0.70 28.70
CA SER F 177 10.93 -1.10 30.10
C SER F 177 12.03 -0.33 30.85
N SER F 178 11.65 0.34 31.95
CA SER F 178 12.62 1.00 32.82
C SER F 178 12.59 0.30 34.18
N THR F 179 13.73 -0.25 34.66
CA THR F 179 13.76 -0.97 35.92
C THR F 179 14.72 -0.29 36.91
N LEU F 180 14.17 0.16 38.05
CA LEU F 180 14.95 0.74 39.14
C LEU F 180 15.30 -0.38 40.12
N THR F 181 16.60 -0.72 40.19
CA THR F 181 17.09 -1.75 41.10
C THR F 181 17.59 -1.09 42.39
N LEU F 182 16.91 -1.36 43.53
CA LEU F 182 17.31 -0.84 44.84
C LEU F 182 17.44 -1.98 45.85
N SER F 183 18.24 -1.76 46.90
CA SER F 183 18.33 -2.66 48.05
C SER F 183 17.00 -2.64 48.79
N LYS F 184 16.72 -3.72 49.57
CA LYS F 184 15.51 -3.80 50.38
C LYS F 184 15.46 -2.62 51.37
N ALA F 185 16.64 -2.28 51.90
CA ALA F 185 16.82 -1.21 52.88
C ALA F 185 16.30 0.12 52.32
N ASP F 186 16.73 0.47 51.10
CA ASP F 186 16.33 1.72 50.48
C ASP F 186 14.83 1.67 50.15
N TYR F 187 14.34 0.47 49.72
CA TYR F 187 12.93 0.25 49.43
C TYR F 187 12.10 0.55 50.68
N GLU F 188 12.54 0.03 51.84
CA GLU F 188 11.84 0.30 53.10
C GLU F 188 11.89 1.78 53.47
N LYS F 189 13.02 2.47 53.20
CA LYS F 189 13.19 3.87 53.61
C LYS F 189 12.12 4.78 53.03
N HIS F 190 11.67 4.51 51.78
CA HIS F 190 10.72 5.37 51.08
C HIS F 190 9.38 4.64 50.87
N LYS F 191 8.30 5.39 50.57
CA LYS F 191 6.94 4.83 50.48
C LYS F 191 6.36 4.95 49.06
N VAL F 192 6.40 6.15 48.44
CA VAL F 192 5.81 6.39 47.13
C VAL F 192 6.88 6.25 46.04
N TYR F 193 6.61 5.37 45.04
CA TYR F 193 7.52 5.17 43.92
C TYR F 193 6.78 5.52 42.62
N ALA F 194 7.34 6.44 41.81
CA ALA F 194 6.63 7.00 40.67
C ALA F 194 7.46 6.99 39.38
N CYS F 195 6.72 6.89 38.27
CA CYS F 195 7.20 6.91 36.89
C CYS F 195 6.62 8.16 36.23
N GLU F 196 7.48 9.10 35.76
CA GLU F 196 7.01 10.20 34.94
C GLU F 196 7.48 10.01 33.51
N VAL F 197 6.53 10.00 32.56
CA VAL F 197 6.83 9.74 31.15
C VAL F 197 6.51 10.99 30.35
N THR F 198 7.52 11.48 29.60
CA THR F 198 7.33 12.52 28.61
C THR F 198 7.55 11.91 27.23
N HIS F 199 6.48 11.94 26.42
CA HIS F 199 6.47 11.48 25.03
C HIS F 199 5.63 12.45 24.20
N GLN F 200 6.06 12.73 22.97
CA GLN F 200 5.33 13.62 22.06
C GLN F 200 3.84 13.31 22.09
N GLY F 201 3.46 12.07 22.43
CA GLY F 201 2.07 11.61 22.49
C GLY F 201 1.20 12.31 23.54
N LEU F 202 1.80 13.09 24.46
CA LEU F 202 1.02 14.02 25.27
C LEU F 202 1.86 15.21 25.75
N SER F 203 1.16 16.32 26.02
CA SER F 203 1.74 17.51 26.64
C SER F 203 1.88 17.27 28.15
N SER F 204 0.80 16.79 28.78
CA SER F 204 0.84 16.36 30.18
C SER F 204 1.70 15.10 30.29
N PRO F 205 2.85 15.10 31.02
CA PRO F 205 3.63 13.86 31.23
C PRO F 205 2.84 12.92 32.13
N VAL F 206 2.98 11.59 31.91
CA VAL F 206 2.09 10.62 32.56
C VAL F 206 2.79 10.10 33.82
N THR F 207 2.40 10.67 34.96
CA THR F 207 2.87 10.23 36.27
C THR F 207 2.06 8.98 36.64
N LYS F 208 2.75 7.87 36.98
CA LYS F 208 2.11 6.63 37.39
C LYS F 208 2.86 6.10 38.62
N SER F 209 2.16 5.78 39.72
CA SER F 209 2.82 5.63 41.01
C SER F 209 2.16 4.53 41.85
N PHE F 210 2.93 4.02 42.83
CA PHE F 210 2.44 3.05 43.81
C PHE F 210 3.03 3.38 45.18
N ASN F 211 2.38 2.90 46.24
CA ASN F 211 2.79 3.09 47.64
C ASN F 211 3.13 1.74 48.25
N ARG F 212 4.40 1.57 48.70
CA ARG F 212 4.90 0.31 49.26
C ARG F 212 3.88 -0.28 50.22
N GLY F 213 3.48 0.53 51.22
CA GLY F 213 2.49 0.14 52.21
C GLY F 213 1.26 -0.49 51.59
N GLU F 214 0.57 0.27 50.71
CA GLU F 214 -0.69 -0.17 50.11
C GLU F 214 -0.43 -1.51 49.41
N CYS F 215 -1.29 -2.50 49.69
CA CYS F 215 -1.21 -3.82 49.06
C CYS F 215 0.26 -4.25 48.87
N ASP G 136 0.09 0.32 -70.62
CA ASP G 136 0.19 1.77 -70.34
C ASP G 136 -0.42 2.04 -68.95
N CYS G 137 0.44 2.43 -68.01
CA CYS G 137 0.10 2.65 -66.62
C CYS G 137 -0.79 3.89 -66.44
N SER G 138 -0.62 4.89 -67.30
CA SER G 138 -1.28 6.19 -67.18
C SER G 138 -2.78 6.12 -67.51
N LYS G 139 -3.58 7.00 -66.88
CA LYS G 139 -5.03 7.11 -67.06
C LYS G 139 -5.50 8.57 -66.97
N ASN G 140 -6.69 8.86 -67.54
CA ASN G 140 -7.36 10.15 -67.44
C ASN G 140 -8.73 9.95 -66.79
N PHE G 141 -9.14 10.90 -65.94
CA PHE G 141 -10.38 10.85 -65.17
C PHE G 141 -11.21 12.10 -65.45
N THR G 142 -12.47 11.88 -65.89
CA THR G 142 -13.42 12.92 -66.27
C THR G 142 -14.83 12.65 -65.72
N SER G 143 -15.12 11.41 -65.27
CA SER G 143 -16.43 11.03 -64.74
C SER G 143 -16.66 11.70 -63.38
N PRO G 144 -17.92 11.92 -62.94
CA PRO G 144 -18.20 12.72 -61.74
C PRO G 144 -17.55 12.21 -60.44
N ASN G 145 -17.74 10.91 -60.16
CA ASN G 145 -17.12 10.22 -59.04
C ASN G 145 -16.18 9.15 -59.60
N GLY G 146 -14.97 9.01 -59.02
CA GLY G 146 -14.05 7.99 -59.48
C GLY G 146 -13.12 7.46 -58.38
N THR G 147 -12.37 6.40 -58.74
CA THR G 147 -11.38 5.74 -57.92
C THR G 147 -10.02 5.80 -58.62
N ILE G 148 -8.95 6.06 -57.86
CA ILE G 148 -7.57 6.01 -58.34
C ILE G 148 -6.76 5.18 -57.35
N GLU G 149 -5.96 4.22 -57.84
CA GLU G 149 -5.14 3.39 -56.96
C GLU G 149 -3.94 2.86 -57.73
N SER G 150 -2.92 2.38 -56.99
CA SER G 150 -1.76 1.71 -57.54
C SER G 150 -2.19 0.44 -58.28
N PRO G 151 -1.55 0.10 -59.43
CA PRO G 151 -1.93 -1.07 -60.22
C PRO G 151 -2.02 -2.36 -59.40
N GLY G 152 -3.14 -3.09 -59.57
CA GLY G 152 -3.32 -4.39 -58.96
C GLY G 152 -3.81 -4.33 -57.51
N PHE G 153 -4.03 -3.12 -56.96
CA PHE G 153 -4.53 -2.97 -55.59
C PHE G 153 -5.85 -3.73 -55.46
N PRO G 154 -6.09 -4.53 -54.38
CA PRO G 154 -5.29 -4.52 -53.15
C PRO G 154 -3.95 -5.26 -53.08
N GLU G 155 -3.43 -5.80 -54.19
CA GLU G 155 -2.13 -6.46 -54.22
C GLU G 155 -1.00 -5.43 -54.13
N LYS G 156 0.19 -5.89 -53.72
CA LYS G 156 1.39 -5.06 -53.69
C LYS G 156 1.78 -4.71 -55.12
N TYR G 157 2.38 -3.51 -55.30
CA TYR G 157 2.53 -2.90 -56.63
C TYR G 157 3.72 -3.47 -57.41
N PRO G 158 3.63 -3.62 -58.75
CA PRO G 158 4.75 -4.01 -59.60
C PRO G 158 5.90 -3.01 -59.62
N HIS G 159 7.13 -3.49 -59.86
CA HIS G 159 8.35 -2.70 -59.82
C HIS G 159 8.54 -1.93 -61.13
N ASN G 160 9.40 -0.89 -61.07
CA ASN G 160 9.84 -0.08 -62.20
C ASN G 160 8.62 0.42 -62.98
N LEU G 161 7.71 1.09 -62.25
CA LEU G 161 6.50 1.73 -62.79
C LEU G 161 6.66 3.24 -62.71
N ASP G 162 6.15 3.93 -63.76
CA ASP G 162 6.12 5.38 -63.86
C ASP G 162 4.82 5.84 -64.54
N CYS G 163 3.73 5.91 -63.76
CA CYS G 163 2.38 6.18 -64.28
C CYS G 163 1.95 7.60 -63.89
N THR G 164 1.07 8.18 -64.73
CA THR G 164 0.46 9.49 -64.51
C THR G 164 -1.06 9.32 -64.43
N PHE G 165 -1.68 9.78 -63.33
CA PHE G 165 -3.13 9.83 -63.20
C PHE G 165 -3.56 11.28 -63.25
N THR G 166 -4.32 11.66 -64.30
CA THR G 166 -4.73 13.03 -64.48
C THR G 166 -6.24 13.13 -64.32
N ILE G 167 -6.70 14.06 -63.47
CA ILE G 167 -8.11 14.39 -63.32
C ILE G 167 -8.39 15.69 -64.06
N LEU G 177 -9.90 15.31 -53.94
CA LEU G 177 -9.11 14.05 -53.90
C LEU G 177 -8.96 13.62 -52.45
N GLN G 178 -9.42 12.39 -52.15
CA GLN G 178 -9.28 11.81 -50.81
C GLN G 178 -8.61 10.44 -50.91
N PHE G 179 -7.53 10.26 -50.14
CA PHE G 179 -6.82 8.99 -50.04
C PHE G 179 -7.41 8.19 -48.86
N LEU G 180 -7.61 6.87 -49.09
CA LEU G 180 -8.13 5.93 -48.12
C LEU G 180 -7.02 5.05 -47.55
N ILE G 181 -6.06 4.63 -48.41
CA ILE G 181 -4.93 3.81 -47.97
C ILE G 181 -3.65 4.27 -48.69
N PHE G 182 -2.51 4.20 -47.99
CA PHE G 182 -1.22 4.62 -48.52
C PHE G 182 -0.08 3.93 -47.75
N ASP G 183 0.68 3.08 -48.47
CA ASP G 183 1.84 2.37 -47.96
C ASP G 183 2.90 2.29 -49.07
N LEU G 184 3.93 3.18 -48.95
CA LEU G 184 5.05 3.25 -49.89
C LEU G 184 6.41 3.22 -49.17
N GLU G 185 6.42 3.05 -47.83
CA GLU G 185 7.60 3.29 -47.01
C GLU G 185 8.62 2.16 -47.20
N HIS G 186 9.93 2.52 -47.11
CA HIS G 186 11.05 1.60 -47.28
C HIS G 186 12.08 1.83 -46.16
N ASP G 195 14.24 12.31 -47.84
CA ASP G 195 14.08 12.11 -49.30
C ASP G 195 13.40 10.76 -49.56
N CYS G 196 12.20 10.82 -50.16
CA CYS G 196 11.64 9.75 -50.99
C CYS G 196 12.50 9.55 -52.24
N LYS G 197 13.53 8.68 -52.13
CA LYS G 197 14.45 8.40 -53.23
C LYS G 197 14.22 7.00 -53.82
N TYR G 198 13.26 6.23 -53.27
CA TYR G 198 12.94 4.90 -53.76
C TYR G 198 11.58 4.87 -54.46
N ASP G 199 10.49 4.81 -53.67
CA ASP G 199 9.13 4.78 -54.18
C ASP G 199 8.42 6.03 -53.68
N TRP G 200 7.67 6.72 -54.58
CA TRP G 200 7.02 7.98 -54.22
C TRP G 200 5.75 8.20 -55.04
N LEU G 201 4.85 9.07 -54.52
CA LEU G 201 3.72 9.60 -55.27
C LEU G 201 3.81 11.13 -55.29
N ASP G 202 3.85 11.71 -56.50
CA ASP G 202 3.92 13.17 -56.68
C ASP G 202 2.52 13.69 -57.01
N ILE G 203 2.07 14.76 -56.32
CA ILE G 203 0.80 15.40 -56.66
C ILE G 203 1.13 16.75 -57.32
N TRP G 204 0.51 17.01 -58.48
CA TRP G 204 0.84 18.14 -59.36
C TRP G 204 -0.39 19.03 -59.57
N ASP G 205 -0.17 20.35 -59.41
CA ASP G 205 -1.17 21.37 -59.67
C ASP G 205 -1.07 21.74 -61.15
N GLY G 206 -1.59 20.83 -61.99
CA GLY G 206 -1.42 20.90 -63.44
C GLY G 206 -0.77 19.62 -64.00
N ILE G 207 -0.15 19.76 -65.18
CA ILE G 207 0.61 18.70 -65.83
C ILE G 207 1.89 18.45 -65.04
N PRO G 208 2.28 17.17 -64.83
CA PRO G 208 3.49 16.84 -64.08
C PRO G 208 4.75 17.42 -64.73
N HIS G 209 5.61 17.99 -63.88
CA HIS G 209 6.94 18.51 -64.21
C HIS G 209 6.83 19.82 -65.00
N VAL G 210 5.62 20.38 -65.06
CA VAL G 210 5.36 21.67 -65.70
C VAL G 210 4.69 22.57 -64.68
N GLY G 211 3.55 22.11 -64.13
CA GLY G 211 2.85 22.77 -63.05
C GLY G 211 3.58 22.65 -61.73
N PRO G 212 3.26 23.48 -60.71
CA PRO G 212 3.93 23.39 -59.41
C PRO G 212 3.59 22.06 -58.73
N LEU G 213 4.58 21.52 -57.98
CA LEU G 213 4.46 20.31 -57.20
C LEU G 213 3.75 20.64 -55.87
N ILE G 214 2.65 19.94 -55.57
CA ILE G 214 1.89 20.18 -54.35
C ILE G 214 2.62 19.50 -53.18
N GLY G 215 2.94 18.20 -53.36
CA GLY G 215 3.73 17.43 -52.40
C GLY G 215 4.19 16.09 -52.98
N LYS G 216 5.22 15.49 -52.36
CA LYS G 216 5.73 14.14 -52.64
C LYS G 216 5.54 13.29 -51.38
N TYR G 217 4.89 12.11 -51.53
CA TYR G 217 4.58 11.23 -50.40
C TYR G 217 5.19 9.84 -50.63
N CYS G 218 5.82 9.29 -49.57
CA CYS G 218 6.39 7.96 -49.57
C CYS G 218 6.41 7.38 -48.16
N GLY G 219 5.23 7.27 -47.52
CA GLY G 219 5.14 6.71 -46.18
C GLY G 219 3.93 5.82 -45.97
N THR G 220 3.59 5.60 -44.69
CA THR G 220 2.35 4.95 -44.26
C THR G 220 1.29 6.02 -44.02
N LYS G 221 1.65 7.29 -44.31
CA LYS G 221 0.80 8.46 -44.05
C LYS G 221 -0.06 8.71 -45.29
N THR G 222 -1.40 8.69 -45.12
CA THR G 222 -2.32 9.02 -46.19
C THR G 222 -2.22 10.52 -46.45
N PRO G 223 -1.97 10.98 -47.72
CA PRO G 223 -1.84 12.41 -47.99
C PRO G 223 -3.16 13.13 -47.74
N SER G 224 -3.06 14.41 -47.35
CA SER G 224 -4.19 15.24 -46.95
C SER G 224 -5.15 15.47 -48.11
N GLU G 225 -6.44 15.67 -47.80
CA GLU G 225 -7.47 15.92 -48.80
C GLU G 225 -7.08 17.17 -49.60
N LEU G 226 -7.39 17.17 -50.92
CA LEU G 226 -7.08 18.32 -51.77
C LEU G 226 -8.36 18.83 -52.44
N ARG G 227 -8.55 20.16 -52.39
CA ARG G 227 -9.58 20.82 -53.19
C ARG G 227 -8.90 21.72 -54.22
N SER G 228 -8.94 21.30 -55.50
CA SER G 228 -8.32 22.02 -56.60
C SER G 228 -9.40 22.64 -57.49
N SER G 229 -9.25 23.94 -57.81
CA SER G 229 -10.05 24.62 -58.82
C SER G 229 -9.16 25.10 -59.97
N THR G 230 -7.98 24.46 -60.12
CA THR G 230 -7.09 24.69 -61.27
C THR G 230 -7.72 24.09 -62.52
N GLY G 231 -8.58 23.07 -62.33
CA GLY G 231 -9.22 22.38 -63.44
C GLY G 231 -8.49 21.09 -63.82
N ILE G 232 -7.24 20.95 -63.34
CA ILE G 232 -6.41 19.78 -63.59
C ILE G 232 -5.58 19.48 -62.33
N LEU G 233 -5.67 18.22 -61.87
CA LEU G 233 -4.85 17.71 -60.78
C LEU G 233 -4.21 16.38 -61.22
N SER G 234 -2.87 16.26 -61.10
CA SER G 234 -2.16 15.09 -61.60
C SER G 234 -1.36 14.40 -60.49
N LEU G 235 -1.29 13.06 -60.57
CA LEU G 235 -0.51 12.22 -59.68
C LEU G 235 0.52 11.47 -60.54
N THR G 236 1.80 11.43 -60.11
CA THR G 236 2.80 10.56 -60.72
C THR G 236 3.20 9.51 -59.70
N PHE G 237 3.02 8.22 -60.06
CA PHE G 237 3.36 7.10 -59.20
C PHE G 237 4.65 6.45 -59.71
N HIS G 238 5.72 6.49 -58.88
CA HIS G 238 7.02 5.94 -59.26
C HIS G 238 7.40 4.81 -58.31
N THR G 239 7.71 3.62 -58.88
CA THR G 239 8.13 2.46 -58.10
C THR G 239 9.55 2.05 -58.52
N ASP G 240 10.32 1.48 -57.58
CA ASP G 240 11.69 1.02 -57.82
C ASP G 240 11.64 -0.47 -58.14
N MET G 241 12.68 -1.25 -57.77
CA MET G 241 12.78 -2.67 -58.13
C MET G 241 12.81 -3.56 -56.89
N ALA G 242 12.67 -2.96 -55.69
CA ALA G 242 12.80 -3.65 -54.41
C ALA G 242 11.52 -3.49 -53.60
N VAL G 243 11.20 -4.52 -52.80
CA VAL G 243 10.16 -4.54 -51.77
C VAL G 243 8.87 -3.86 -52.23
N ALA G 244 8.08 -4.57 -53.07
CA ALA G 244 6.74 -4.12 -53.45
C ALA G 244 5.91 -3.91 -52.18
N LYS G 245 5.32 -2.69 -52.05
CA LYS G 245 4.47 -2.32 -50.93
C LYS G 245 3.00 -2.43 -51.36
N ASP G 246 2.09 -2.18 -50.41
CA ASP G 246 0.65 -2.35 -50.58
C ASP G 246 0.09 -1.30 -51.55
N GLY G 247 0.79 -0.15 -51.68
CA GLY G 247 0.42 0.88 -52.63
C GLY G 247 -0.50 1.93 -52.01
N PHE G 248 -1.44 2.44 -52.82
CA PHE G 248 -2.38 3.48 -52.39
C PHE G 248 -3.77 3.23 -53.01
N SER G 249 -4.79 3.72 -52.28
CA SER G 249 -6.18 3.75 -52.69
C SER G 249 -6.71 5.17 -52.44
N ALA G 250 -7.40 5.75 -53.44
CA ALA G 250 -7.87 7.12 -53.40
C ALA G 250 -9.13 7.25 -54.26
N ARG G 251 -9.93 8.29 -54.00
CA ARG G 251 -11.14 8.58 -54.75
C ARG G 251 -11.27 10.08 -54.95
N TYR G 252 -11.97 10.49 -56.02
CA TYR G 252 -12.11 11.88 -56.41
C TYR G 252 -13.58 12.20 -56.69
N TYR G 253 -13.95 13.49 -56.56
CA TYR G 253 -15.28 14.00 -56.87
C TYR G 253 -15.18 15.31 -57.65
N LEU G 254 -15.96 15.42 -58.75
CA LEU G 254 -16.09 16.66 -59.50
C LEU G 254 -17.36 17.37 -59.04
N VAL G 255 -17.22 18.49 -58.32
CA VAL G 255 -18.34 19.20 -57.71
C VAL G 255 -18.49 20.59 -58.33
N HIS G 256 -19.74 21.01 -58.55
CA HIS G 256 -20.07 22.32 -59.10
C HIS G 256 -19.62 23.39 -58.10
N GLN G 257 -18.91 24.41 -58.61
CA GLN G 257 -18.42 25.52 -57.78
C GLN G 257 -19.63 26.37 -57.37
N GLU G 258 -19.60 26.96 -56.16
CA GLU G 258 -20.70 27.79 -55.69
C GLU G 258 -20.20 29.20 -55.33
N PHE G 263 -19.39 38.14 -53.82
CA PHE G 263 -18.01 37.74 -54.18
C PHE G 263 -17.05 38.33 -53.15
N GLN G 264 -17.39 38.09 -51.87
CA GLN G 264 -16.58 38.45 -50.72
C GLN G 264 -15.34 37.55 -50.63
N CYS G 265 -14.26 38.09 -50.04
CA CYS G 265 -12.97 37.41 -49.91
C CYS G 265 -12.50 37.53 -48.45
N ASN G 266 -13.41 37.23 -47.50
CA ASN G 266 -13.11 37.19 -46.08
C ASN G 266 -13.46 35.83 -45.49
N VAL G 267 -13.37 34.79 -46.34
CA VAL G 267 -13.65 33.41 -45.94
C VAL G 267 -12.48 32.87 -45.11
N PRO G 268 -12.73 32.19 -43.97
CA PRO G 268 -11.67 31.50 -43.25
C PRO G 268 -11.10 30.40 -44.15
N LEU G 269 -9.77 30.34 -44.25
CA LEU G 269 -9.08 29.51 -45.23
C LEU G 269 -8.90 28.08 -44.72
N GLY G 270 -9.05 27.86 -43.40
CA GLY G 270 -9.23 26.52 -42.87
C GLY G 270 -8.37 26.16 -41.65
N MET G 271 -7.87 27.13 -40.89
CA MET G 271 -7.07 26.82 -39.70
C MET G 271 -7.98 26.21 -38.64
N GLU G 272 -9.10 26.88 -38.34
CA GLU G 272 -10.06 26.41 -37.34
C GLU G 272 -10.85 25.21 -37.88
N SER G 273 -11.23 25.26 -39.16
CA SER G 273 -12.13 24.29 -39.76
C SER G 273 -11.43 22.97 -40.09
N GLY G 274 -10.09 22.99 -40.18
CA GLY G 274 -9.32 21.78 -40.49
C GLY G 274 -9.17 21.58 -41.99
N ARG G 275 -9.59 22.60 -42.76
CA ARG G 275 -9.53 22.56 -44.22
C ARG G 275 -8.07 22.56 -44.65
N ILE G 276 -7.26 23.43 -44.03
CA ILE G 276 -5.80 23.34 -44.02
C ILE G 276 -5.43 22.12 -43.18
N ALA G 277 -4.60 21.21 -43.70
CA ALA G 277 -4.26 19.98 -42.99
C ALA G 277 -3.17 20.28 -41.96
N ASN G 278 -2.94 19.33 -41.05
CA ASN G 278 -1.79 19.35 -40.15
C ASN G 278 -0.47 19.45 -40.92
N GLU G 279 -0.41 18.72 -42.06
CA GLU G 279 0.72 18.71 -42.99
C GLU G 279 1.09 20.11 -43.44
N GLN G 280 0.08 20.96 -43.61
CA GLN G 280 0.24 22.28 -44.21
C GLN G 280 0.82 23.27 -43.20
N ILE G 281 0.78 22.90 -41.91
CA ILE G 281 1.31 23.76 -40.85
C ILE G 281 2.69 23.25 -40.44
N SER G 282 3.63 24.19 -40.34
CA SER G 282 4.99 23.93 -39.92
C SER G 282 5.47 25.16 -39.15
N ALA G 283 6.66 25.06 -38.56
CA ALA G 283 7.24 26.19 -37.86
C ALA G 283 8.76 26.15 -37.98
N SER G 284 9.40 27.27 -37.62
CA SER G 284 10.86 27.32 -37.54
C SER G 284 11.38 26.31 -36.53
N SER G 285 10.65 26.20 -35.42
CA SER G 285 10.98 25.32 -34.29
C SER G 285 9.73 25.21 -33.40
N THR G 286 9.79 24.36 -32.38
CA THR G 286 8.71 24.21 -31.42
C THR G 286 9.32 24.06 -30.03
N TYR G 287 8.55 24.37 -28.97
CA TYR G 287 9.08 24.31 -27.62
C TYR G 287 9.42 22.86 -27.28
N SER G 288 10.51 22.71 -26.49
CA SER G 288 11.15 21.45 -26.17
C SER G 288 10.26 20.49 -25.38
N ASP G 289 9.26 20.96 -24.62
CA ASP G 289 8.38 20.03 -23.92
C ASP G 289 7.45 19.31 -24.91
N GLY G 290 7.33 19.86 -26.13
CA GLY G 290 6.53 19.22 -27.18
C GLY G 290 5.03 19.41 -26.95
N ARG G 291 4.69 20.43 -26.16
CA ARG G 291 3.33 20.71 -25.74
C ARG G 291 2.78 21.91 -26.50
N TRP G 292 3.59 22.53 -27.38
CA TRP G 292 3.20 23.75 -28.10
C TRP G 292 3.55 23.64 -29.59
N THR G 293 2.99 22.62 -30.27
CA THR G 293 3.36 22.26 -31.64
C THR G 293 2.71 23.20 -32.65
N PRO G 294 3.24 23.28 -33.90
CA PRO G 294 2.64 24.12 -34.93
C PRO G 294 1.18 23.74 -35.19
N GLN G 295 0.85 22.46 -35.02
CA GLN G 295 -0.47 21.91 -35.24
C GLN G 295 -1.46 22.37 -34.16
N GLN G 296 -0.94 22.98 -33.08
CA GLN G 296 -1.80 23.54 -32.04
C GLN G 296 -2.07 25.04 -32.27
N SER G 297 -1.76 25.57 -33.47
CA SER G 297 -1.86 27.00 -33.75
C SER G 297 -3.20 27.39 -34.37
N ARG G 298 -4.18 26.46 -34.36
CA ARG G 298 -5.48 26.67 -34.99
C ARG G 298 -6.29 27.59 -34.08
N LEU G 299 -6.99 28.58 -34.66
CA LEU G 299 -7.82 29.49 -33.88
C LEU G 299 -8.85 28.70 -33.07
N HIS G 300 -9.00 29.08 -31.79
CA HIS G 300 -9.90 28.48 -30.81
C HIS G 300 -9.47 27.06 -30.42
N GLY G 301 -8.25 26.65 -30.76
CA GLY G 301 -7.72 25.37 -30.31
C GLY G 301 -7.67 25.30 -28.79
N ASP G 302 -7.97 24.12 -28.21
CA ASP G 302 -8.26 24.04 -26.77
C ASP G 302 -7.03 23.61 -25.97
N ASP G 303 -5.90 23.35 -26.65
CA ASP G 303 -4.72 22.77 -26.02
C ASP G 303 -3.50 23.64 -26.34
N ASN G 304 -3.29 24.67 -25.51
CA ASN G 304 -2.18 25.58 -25.66
C ASN G 304 -2.28 26.26 -27.04
N GLY G 305 -1.12 26.45 -27.69
CA GLY G 305 -0.99 27.01 -29.03
C GLY G 305 0.43 26.73 -29.53
N TRP G 306 0.89 27.36 -30.63
CA TRP G 306 2.25 27.10 -31.09
C TRP G 306 3.24 28.00 -30.34
N THR G 307 4.32 27.40 -29.82
CA THR G 307 5.43 28.15 -29.24
C THR G 307 6.72 27.62 -29.84
N PRO G 308 7.68 28.48 -30.26
CA PRO G 308 8.98 28.04 -30.76
C PRO G 308 9.96 27.64 -29.66
N ASN G 309 11.05 26.95 -30.07
CA ASN G 309 12.09 26.45 -29.18
C ASN G 309 12.77 27.58 -28.39
N LEU G 310 12.89 28.77 -28.99
CA LEU G 310 13.32 29.96 -28.29
C LEU G 310 12.42 31.13 -28.67
N ASP G 311 12.26 32.10 -27.76
CA ASP G 311 11.52 33.32 -28.04
C ASP G 311 12.47 34.37 -28.61
N SER G 312 12.34 34.60 -29.93
CA SER G 312 13.13 35.55 -30.70
C SER G 312 12.30 35.91 -31.92
N ASN G 313 12.74 36.94 -32.66
CA ASN G 313 11.98 37.44 -33.79
C ASN G 313 12.39 36.72 -35.08
N LYS G 314 13.28 35.72 -34.96
CA LYS G 314 13.75 34.90 -36.07
C LYS G 314 12.90 33.64 -36.23
N GLU G 315 12.01 33.41 -35.26
CA GLU G 315 11.12 32.26 -35.24
C GLU G 315 9.85 32.64 -36.00
N TYR G 316 9.15 31.63 -36.56
CA TYR G 316 7.96 31.88 -37.37
C TYR G 316 7.07 30.62 -37.46
N LEU G 317 5.75 30.87 -37.66
CA LEU G 317 4.74 29.85 -37.89
C LEU G 317 4.35 29.92 -39.37
N GLN G 318 4.45 28.78 -40.08
CA GLN G 318 4.31 28.75 -41.53
C GLN G 318 3.11 27.90 -41.93
N VAL G 319 2.37 28.38 -42.95
CA VAL G 319 1.24 27.66 -43.53
C VAL G 319 1.42 27.61 -45.05
N ASP G 320 1.34 26.38 -45.59
CA ASP G 320 1.35 26.10 -47.02
C ASP G 320 -0.09 25.88 -47.47
N LEU G 321 -0.64 26.80 -48.28
CA LEU G 321 -2.03 26.69 -48.73
C LEU G 321 -2.15 25.69 -49.88
N ARG G 322 -1.01 25.32 -50.49
CA ARG G 322 -0.83 24.26 -51.49
C ARG G 322 -1.14 24.74 -52.91
N PHE G 323 -1.92 25.83 -53.02
CA PHE G 323 -2.32 26.45 -54.28
C PHE G 323 -2.22 27.96 -54.08
N LEU G 324 -2.05 28.71 -55.17
CA LEU G 324 -2.06 30.17 -55.07
C LEU G 324 -3.47 30.60 -54.61
N THR G 325 -3.54 31.40 -53.54
CA THR G 325 -4.76 31.84 -52.88
C THR G 325 -4.68 33.33 -52.59
N MET G 326 -5.83 33.99 -52.52
CA MET G 326 -5.90 35.42 -52.23
C MET G 326 -5.96 35.56 -50.71
N LEU G 327 -5.16 36.45 -50.12
CA LEU G 327 -5.09 36.66 -48.67
C LEU G 327 -5.60 38.05 -48.36
N THR G 328 -6.55 38.21 -47.42
CA THR G 328 -7.10 39.54 -47.13
C THR G 328 -6.98 39.93 -45.65
N ALA G 329 -6.86 38.93 -44.75
CA ALA G 329 -6.83 39.20 -43.32
C ALA G 329 -6.20 38.04 -42.54
N ILE G 330 -5.65 38.37 -41.34
CA ILE G 330 -5.07 37.39 -40.42
C ILE G 330 -5.62 37.63 -39.01
N ALA G 331 -6.14 36.55 -38.38
CA ALA G 331 -6.63 36.61 -37.01
C ALA G 331 -5.72 35.78 -36.09
N THR G 332 -5.36 36.36 -34.94
CA THR G 332 -4.43 35.71 -34.02
C THR G 332 -4.98 35.76 -32.59
N GLN G 333 -4.53 34.78 -31.77
CA GLN G 333 -4.73 34.76 -30.33
C GLN G 333 -3.36 34.48 -29.68
N GLY G 334 -3.37 34.35 -28.36
CA GLY G 334 -2.29 33.75 -27.60
C GLY G 334 -2.71 32.36 -27.11
N ALA G 335 -2.18 31.95 -25.96
CA ALA G 335 -2.52 30.68 -25.35
C ALA G 335 -2.28 30.74 -23.84
N ILE G 336 -3.24 30.22 -23.07
CA ILE G 336 -3.08 29.97 -21.65
C ILE G 336 -2.56 28.53 -21.52
N SER G 337 -1.37 28.38 -20.91
CA SER G 337 -0.76 27.06 -20.72
C SER G 337 -1.67 26.13 -19.94
N ARG G 338 -1.81 24.89 -20.43
CA ARG G 338 -2.67 23.88 -19.81
C ARG G 338 -2.08 23.49 -18.46
N GLU G 339 -0.75 23.56 -18.33
CA GLU G 339 -0.07 23.16 -17.10
C GLU G 339 0.07 24.34 -16.15
N THR G 340 0.82 25.38 -16.57
CA THR G 340 1.23 26.46 -15.68
C THR G 340 0.11 27.48 -15.47
N GLN G 341 -0.90 27.48 -16.38
CA GLN G 341 -2.03 28.43 -16.36
C GLN G 341 -1.54 29.87 -16.59
N ASN G 342 -0.42 29.98 -17.31
CA ASN G 342 0.23 31.24 -17.64
C ASN G 342 -0.26 31.70 -19.00
N GLY G 343 -0.38 33.02 -19.19
CA GLY G 343 -0.85 33.58 -20.44
C GLY G 343 0.30 34.03 -21.33
N TYR G 344 0.39 33.44 -22.54
CA TYR G 344 1.40 33.80 -23.52
C TYR G 344 0.70 34.40 -24.73
N TYR G 345 1.19 35.52 -25.27
CA TYR G 345 0.59 36.10 -26.46
C TYR G 345 1.61 36.97 -27.21
N VAL G 346 1.38 37.10 -28.52
CA VAL G 346 2.22 37.89 -29.39
C VAL G 346 1.65 39.31 -29.43
N LYS G 347 2.46 40.33 -29.12
CA LYS G 347 1.99 41.70 -29.02
C LYS G 347 2.02 42.37 -30.40
N SER G 348 2.93 41.91 -31.28
CA SER G 348 3.06 42.42 -32.64
C SER G 348 3.83 41.44 -33.51
N TYR G 349 3.47 41.32 -34.80
CA TYR G 349 4.14 40.41 -35.73
C TYR G 349 4.34 41.04 -37.10
N LYS G 350 5.16 40.39 -37.94
CA LYS G 350 5.42 40.75 -39.32
C LYS G 350 4.94 39.61 -40.21
N LEU G 351 4.61 39.93 -41.47
CA LEU G 351 4.07 38.95 -42.41
C LEU G 351 5.09 38.71 -43.53
N GLU G 352 5.37 37.43 -43.83
CA GLU G 352 6.24 37.02 -44.93
C GLU G 352 5.47 36.08 -45.86
N VAL G 353 5.53 36.29 -47.20
CA VAL G 353 4.77 35.44 -48.13
C VAL G 353 5.63 35.01 -49.32
N SER G 354 5.35 33.78 -49.82
CA SER G 354 6.08 33.16 -50.92
C SER G 354 5.14 32.35 -51.81
N THR G 355 5.53 32.16 -53.07
CA THR G 355 4.76 31.40 -54.05
C THR G 355 5.32 29.98 -54.20
N ASN G 356 6.64 29.87 -54.00
CA ASN G 356 7.36 28.60 -54.13
C ASN G 356 7.84 28.12 -52.75
N GLY G 357 8.04 29.06 -51.81
CA GLY G 357 8.43 28.71 -50.46
C GLY G 357 9.92 28.94 -50.20
N GLU G 358 10.61 29.57 -51.17
CA GLU G 358 12.05 29.77 -51.13
C GLU G 358 12.34 31.25 -51.29
N ASP G 359 11.71 31.89 -52.28
CA ASP G 359 11.78 33.35 -52.43
C ASP G 359 10.73 33.99 -51.52
N TRP G 360 11.15 34.82 -50.56
CA TRP G 360 10.24 35.38 -49.57
C TRP G 360 10.10 36.88 -49.72
N MET G 361 8.88 37.39 -49.44
CA MET G 361 8.62 38.82 -49.45
C MET G 361 7.98 39.24 -48.12
N VAL G 362 8.63 40.16 -47.38
CA VAL G 362 8.07 40.66 -46.14
C VAL G 362 7.03 41.71 -46.49
N TYR G 363 5.78 41.51 -46.06
CA TYR G 363 4.68 42.42 -46.36
C TYR G 363 5.03 43.80 -45.82
N ARG G 364 5.56 44.63 -46.73
CA ARG G 364 5.95 46.00 -46.40
C ARG G 364 4.68 46.86 -46.47
N HIS G 365 4.57 47.85 -45.58
CA HIS G 365 3.54 48.89 -45.64
C HIS G 365 4.13 50.15 -46.28
N GLY G 366 3.88 50.32 -47.58
CA GLY G 366 4.55 51.34 -48.37
C GLY G 366 5.98 50.90 -48.67
N LYS G 367 6.97 51.60 -48.07
CA LYS G 367 8.37 51.23 -48.21
C LYS G 367 8.88 50.63 -46.90
N ASN G 368 8.21 50.92 -45.77
CA ASN G 368 8.57 50.39 -44.46
C ASN G 368 7.98 48.99 -44.27
N HIS G 369 8.54 48.22 -43.33
CA HIS G 369 8.00 46.92 -42.97
C HIS G 369 6.70 47.12 -42.19
N LYS G 370 5.62 46.38 -42.54
CA LYS G 370 4.37 46.55 -41.81
C LYS G 370 4.44 45.70 -40.54
N VAL G 371 4.36 46.36 -39.37
CA VAL G 371 4.36 45.67 -38.09
C VAL G 371 2.91 45.67 -37.60
N PHE G 372 2.28 44.49 -37.61
CA PHE G 372 0.88 44.37 -37.25
C PHE G 372 0.74 44.30 -35.73
N GLN G 373 -0.09 45.17 -35.12
CA GLN G 373 -0.43 45.05 -33.72
C GLN G 373 -1.30 43.82 -33.52
N ALA G 374 -0.97 42.99 -32.51
CA ALA G 374 -1.68 41.73 -32.31
C ALA G 374 -2.43 41.79 -30.97
N ASN G 375 -2.22 40.79 -30.08
CA ASN G 375 -3.08 40.58 -28.92
C ASN G 375 -2.57 41.36 -27.72
N ASN G 376 -3.50 41.59 -26.76
CA ASN G 376 -3.19 42.18 -25.45
C ASN G 376 -3.65 41.23 -24.35
N ASP G 377 -4.16 40.06 -24.73
CA ASP G 377 -4.50 38.99 -23.80
C ASP G 377 -4.39 37.66 -24.54
N ALA G 378 -4.46 36.57 -23.79
CA ALA G 378 -4.20 35.24 -24.33
C ALA G 378 -5.47 34.59 -24.88
N THR G 379 -6.66 35.21 -24.69
CA THR G 379 -7.91 34.52 -24.97
C THR G 379 -8.74 35.20 -26.06
N GLU G 380 -8.68 36.53 -26.20
CA GLU G 380 -9.45 37.25 -27.19
C GLU G 380 -8.79 37.15 -28.55
N VAL G 381 -9.61 37.18 -29.61
CA VAL G 381 -9.16 37.10 -31.00
C VAL G 381 -8.95 38.54 -31.48
N VAL G 382 -7.87 38.80 -32.25
CA VAL G 382 -7.65 40.12 -32.85
C VAL G 382 -7.48 39.94 -34.36
N LEU G 383 -8.32 40.63 -35.15
CA LEU G 383 -8.30 40.55 -36.61
C LEU G 383 -7.62 41.78 -37.20
N ASN G 384 -6.60 41.56 -38.05
CA ASN G 384 -5.95 42.63 -38.79
C ASN G 384 -6.25 42.42 -40.27
N LYS G 385 -6.98 43.37 -40.88
CA LYS G 385 -7.34 43.32 -42.29
C LYS G 385 -6.20 43.93 -43.08
N LEU G 386 -5.79 43.27 -44.17
CA LEU G 386 -4.86 43.86 -45.13
C LEU G 386 -5.58 44.98 -45.85
N HIS G 387 -4.95 46.16 -45.92
CA HIS G 387 -5.46 47.31 -46.67
C HIS G 387 -5.31 47.08 -48.16
N ALA G 388 -4.39 46.19 -48.55
CA ALA G 388 -4.16 45.78 -49.93
C ALA G 388 -4.15 44.25 -50.03
N PRO G 389 -5.23 43.61 -50.52
CA PRO G 389 -5.28 42.15 -50.67
C PRO G 389 -4.03 41.54 -51.32
N LEU G 390 -3.61 40.36 -50.84
CA LEU G 390 -2.38 39.72 -51.27
C LEU G 390 -2.67 38.42 -52.01
N LEU G 391 -1.71 37.96 -52.80
CA LEU G 391 -1.82 36.73 -53.58
C LEU G 391 -0.63 35.86 -53.25
N THR G 392 -0.81 34.64 -52.72
CA THR G 392 0.36 33.86 -52.31
C THR G 392 0.03 32.38 -52.19
N ARG G 393 1.02 31.56 -51.81
CA ARG G 393 0.79 30.16 -51.49
C ARG G 393 1.31 29.80 -50.10
N PHE G 394 2.44 30.40 -49.71
CA PHE G 394 3.08 30.19 -48.42
C PHE G 394 2.95 31.44 -47.55
N VAL G 395 2.48 31.25 -46.31
CA VAL G 395 2.27 32.36 -45.38
C VAL G 395 3.11 32.12 -44.14
N ARG G 396 3.82 33.16 -43.64
CA ARG G 396 4.63 33.04 -42.44
C ARG G 396 4.31 34.16 -41.46
N ILE G 397 4.09 33.82 -40.19
CA ILE G 397 3.87 34.82 -39.16
C ILE G 397 5.13 34.91 -38.29
N ARG G 398 5.79 36.08 -38.30
CA ARG G 398 7.01 36.30 -37.51
C ARG G 398 6.70 37.22 -36.35
N PRO G 399 6.60 36.71 -35.11
CA PRO G 399 6.37 37.56 -33.92
C PRO G 399 7.57 38.47 -33.67
N GLN G 400 7.30 39.73 -33.32
CA GLN G 400 8.32 40.75 -33.08
C GLN G 400 8.43 41.10 -31.60
N THR G 401 7.26 41.28 -30.94
CA THR G 401 7.20 41.48 -29.50
C THR G 401 6.12 40.57 -28.94
N TRP G 402 6.23 40.20 -27.66
CA TRP G 402 5.31 39.26 -27.02
C TRP G 402 5.23 39.52 -25.53
N HIS G 403 4.21 38.93 -24.85
CA HIS G 403 4.12 38.99 -23.40
C HIS G 403 4.48 37.64 -22.78
N SER G 404 5.70 37.58 -22.23
CA SER G 404 6.26 36.50 -21.43
C SER G 404 6.56 35.24 -22.27
N GLY G 405 6.29 35.23 -23.58
CA GLY G 405 6.56 34.09 -24.43
C GLY G 405 5.82 34.20 -25.76
N ILE G 406 6.31 33.52 -26.81
CA ILE G 406 5.61 33.51 -28.09
C ILE G 406 4.62 32.36 -28.07
N ALA G 407 3.31 32.67 -28.04
CA ALA G 407 2.27 31.67 -28.22
C ALA G 407 1.32 32.14 -29.31
N LEU G 408 1.00 31.25 -30.25
CA LEU G 408 0.16 31.66 -31.37
C LEU G 408 -0.91 30.62 -31.69
N ARG G 409 -2.14 31.15 -31.82
CA ARG G 409 -3.26 30.49 -32.50
C ARG G 409 -3.71 31.45 -33.59
N LEU G 410 -4.15 30.92 -34.75
CA LEU G 410 -4.17 31.66 -35.99
C LEU G 410 -5.34 31.20 -36.87
N GLU G 411 -5.95 32.18 -37.58
CA GLU G 411 -6.82 31.94 -38.73
C GLU G 411 -6.40 32.88 -39.86
N LEU G 412 -6.48 32.38 -41.09
CA LEU G 412 -6.17 33.14 -42.30
C LEU G 412 -7.46 33.34 -43.09
N PHE G 413 -7.64 34.52 -43.69
CA PHE G 413 -8.86 34.82 -44.44
C PHE G 413 -8.50 35.23 -45.86
N GLY G 414 -9.39 34.85 -46.79
CA GLY G 414 -9.15 35.10 -48.20
C GLY G 414 -10.16 34.35 -49.06
N CYS G 415 -9.73 34.04 -50.30
CA CYS G 415 -10.56 33.30 -51.22
C CYS G 415 -9.66 32.80 -52.36
N ARG G 416 -10.26 32.21 -53.39
CA ARG G 416 -9.49 31.86 -54.58
C ARG G 416 -9.80 32.88 -55.67
N VAL G 417 -8.82 33.12 -56.55
CA VAL G 417 -8.98 33.99 -57.69
C VAL G 417 -10.15 33.50 -58.54
N THR G 418 -10.36 32.17 -58.57
CA THR G 418 -11.39 31.48 -59.35
C THR G 418 -12.80 31.67 -58.79
N ASP G 419 -12.92 32.23 -57.57
CA ASP G 419 -14.23 32.51 -56.99
C ASP G 419 -14.93 33.64 -57.77
N ALA G 420 -14.16 34.62 -58.25
CA ALA G 420 -14.68 35.71 -59.07
C ALA G 420 -15.15 35.17 -60.42
N PRO G 421 -16.23 35.71 -61.04
CA PRO G 421 -16.74 35.20 -62.31
C PRO G 421 -15.68 35.30 -63.40
N CYS G 422 -15.62 34.27 -64.27
CA CYS G 422 -14.75 34.23 -65.44
C CYS G 422 -13.30 34.54 -65.06
N SER G 423 -12.79 33.81 -64.06
CA SER G 423 -11.45 34.03 -63.54
C SER G 423 -10.66 32.72 -63.43
N ASN G 424 -10.80 31.84 -64.43
CA ASN G 424 -10.07 30.58 -64.45
C ASN G 424 -8.63 30.85 -64.93
N MET G 425 -7.66 30.12 -64.36
CA MET G 425 -6.25 30.14 -64.77
C MET G 425 -6.14 29.42 -66.11
N LEU G 426 -5.71 30.11 -67.18
CA LEU G 426 -5.91 29.56 -68.52
C LEU G 426 -4.85 28.53 -68.94
N GLY G 427 -3.79 28.34 -68.14
CA GLY G 427 -2.92 27.19 -68.33
C GLY G 427 -1.41 27.47 -68.33
N MET G 428 -0.99 28.72 -68.10
CA MET G 428 0.42 29.05 -68.05
C MET G 428 1.07 28.35 -66.85
N LEU G 429 0.42 28.47 -65.69
CA LEU G 429 0.89 27.85 -64.45
C LEU G 429 0.80 26.33 -64.56
N SER G 430 -0.38 25.79 -64.96
CA SER G 430 -0.68 24.36 -64.93
C SER G 430 0.03 23.61 -66.07
N GLY G 431 0.34 24.28 -67.18
CA GLY G 431 0.93 23.64 -68.34
C GLY G 431 -0.09 23.27 -69.42
N LEU G 432 -1.37 23.61 -69.17
CA LEU G 432 -2.46 23.45 -70.12
C LEU G 432 -2.20 24.32 -71.36
N ILE G 433 -1.50 25.44 -71.17
CA ILE G 433 -0.98 26.23 -72.28
C ILE G 433 0.41 25.69 -72.64
N ALA G 434 0.46 24.61 -73.44
CA ALA G 434 1.70 23.89 -73.75
C ALA G 434 2.79 24.81 -74.33
N ASP G 435 4.06 24.50 -74.00
CA ASP G 435 5.20 25.40 -74.13
C ASP G 435 5.29 26.07 -75.50
N SER G 436 4.99 25.30 -76.56
CA SER G 436 5.03 25.76 -77.95
C SER G 436 4.32 27.11 -78.12
N GLN G 437 3.11 27.20 -77.54
CA GLN G 437 2.30 28.41 -77.62
C GLN G 437 3.07 29.65 -77.15
N ILE G 438 3.85 29.51 -76.07
CA ILE G 438 4.56 30.63 -75.46
C ILE G 438 5.56 31.21 -76.47
N SER G 439 5.61 32.55 -76.52
CA SER G 439 6.42 33.28 -77.50
C SER G 439 6.75 34.66 -76.95
N ALA G 440 7.85 35.25 -77.40
CA ALA G 440 8.29 36.55 -76.89
C ALA G 440 8.93 37.37 -78.00
N SER G 441 9.13 38.67 -77.73
CA SER G 441 10.06 39.50 -78.46
C SER G 441 11.49 39.00 -78.17
N SER G 449 14.28 28.04 -74.06
CA SER G 449 13.02 27.26 -73.84
C SER G 449 12.00 28.11 -73.07
N PRO G 450 10.83 28.40 -73.66
CA PRO G 450 9.82 29.26 -73.03
C PRO G 450 8.93 28.60 -71.99
N SER G 451 9.42 27.59 -71.26
CA SER G 451 8.68 27.00 -70.13
C SER G 451 9.07 27.68 -68.82
N ALA G 452 9.79 28.81 -68.93
CA ALA G 452 10.35 29.53 -67.80
C ALA G 452 9.54 30.78 -67.47
N ALA G 453 8.68 31.22 -68.41
CA ALA G 453 7.80 32.36 -68.14
C ALA G 453 6.53 31.91 -67.43
N ARG G 454 6.23 30.61 -67.47
CA ARG G 454 5.11 30.00 -66.78
C ARG G 454 5.07 30.49 -65.32
N LEU G 455 4.18 31.45 -65.03
CA LEU G 455 4.11 32.06 -63.69
C LEU G 455 4.06 30.99 -62.60
N VAL G 456 4.90 31.16 -61.55
CA VAL G 456 5.03 30.26 -60.41
C VAL G 456 5.67 28.91 -60.78
N SER G 457 5.05 28.13 -61.69
CA SER G 457 5.48 26.80 -62.07
C SER G 457 7.00 26.72 -62.32
N SER G 458 7.53 27.64 -63.16
CA SER G 458 8.96 27.67 -63.48
C SER G 458 9.76 28.26 -62.32
N ARG G 459 11.00 27.77 -62.12
CA ARG G 459 11.94 28.33 -61.16
C ARG G 459 12.75 29.48 -61.74
N SER G 460 12.57 29.75 -63.05
CA SER G 460 13.22 30.83 -63.76
C SER G 460 12.16 31.84 -64.21
N GLY G 461 12.50 32.71 -65.17
CA GLY G 461 11.62 33.80 -65.59
C GLY G 461 11.76 34.05 -67.09
N TRP G 462 11.93 35.32 -67.51
CA TRP G 462 12.03 35.62 -68.92
C TRP G 462 12.77 36.94 -69.11
N PHE G 463 13.72 37.01 -70.04
CA PHE G 463 14.54 38.20 -70.20
C PHE G 463 14.73 38.57 -71.67
N PRO G 464 15.14 39.82 -71.96
CA PRO G 464 15.51 40.25 -73.33
C PRO G 464 16.98 39.99 -73.60
N ARG G 465 17.38 39.91 -74.88
CA ARG G 465 18.79 39.84 -75.23
C ARG G 465 19.53 41.04 -74.60
N ILE G 466 18.99 42.26 -74.80
CA ILE G 466 19.63 43.47 -74.31
C ILE G 466 18.91 43.88 -73.01
N PRO G 467 19.63 43.94 -71.86
CA PRO G 467 19.00 44.23 -70.57
C PRO G 467 18.15 45.50 -70.52
N GLN G 468 18.61 46.56 -71.18
CA GLN G 468 17.92 47.84 -71.21
C GLN G 468 17.33 48.10 -72.60
N ALA G 469 16.09 47.65 -72.83
CA ALA G 469 15.37 47.91 -74.07
C ALA G 469 14.37 49.04 -73.85
N GLN G 470 13.94 49.70 -74.93
CA GLN G 470 13.06 50.85 -74.81
C GLN G 470 11.62 50.34 -74.68
N PRO G 471 10.75 51.02 -73.89
CA PRO G 471 9.37 50.58 -73.67
C PRO G 471 8.55 50.43 -74.95
N GLY G 472 7.76 49.35 -75.02
CA GLY G 472 6.90 49.06 -76.16
C GLY G 472 7.62 48.27 -77.26
N GLU G 473 8.91 47.92 -77.05
CA GLU G 473 9.66 47.14 -78.04
C GLU G 473 9.73 45.66 -77.65
N GLU G 474 9.36 45.35 -76.40
CA GLU G 474 9.45 44.00 -75.87
C GLU G 474 8.07 43.55 -75.41
N TRP G 475 7.78 42.25 -75.58
CA TRP G 475 6.48 41.67 -75.27
C TRP G 475 6.60 40.15 -75.07
N LEU G 476 5.70 39.62 -74.23
CA LEU G 476 5.49 38.18 -74.08
C LEU G 476 4.09 37.84 -74.60
N GLN G 477 3.98 36.82 -75.47
CA GLN G 477 2.73 36.47 -76.12
C GLN G 477 2.31 35.05 -75.74
N VAL G 478 1.00 34.89 -75.46
CA VAL G 478 0.39 33.63 -75.10
C VAL G 478 -0.72 33.31 -76.11
N ASP G 479 -0.68 32.09 -76.67
CA ASP G 479 -1.73 31.58 -77.55
C ASP G 479 -2.58 30.59 -76.76
N LEU G 480 -3.89 30.87 -76.62
CA LEU G 480 -4.82 30.10 -75.79
C LEU G 480 -5.38 28.92 -76.57
N THR G 485 -12.94 34.26 -73.45
CA THR G 485 -13.09 35.57 -72.76
C THR G 485 -11.90 35.70 -71.80
N VAL G 486 -11.20 36.84 -71.88
CA VAL G 486 -10.05 37.19 -71.06
C VAL G 486 -10.44 38.35 -70.15
N LYS G 487 -10.31 38.17 -68.83
CA LYS G 487 -10.74 39.19 -67.87
C LYS G 487 -9.58 39.66 -66.99
N GLY G 488 -8.34 39.34 -67.37
CA GLY G 488 -7.18 39.77 -66.62
C GLY G 488 -5.99 38.84 -66.77
N VAL G 489 -4.89 39.25 -66.11
CA VAL G 489 -3.62 38.52 -66.08
C VAL G 489 -3.08 38.56 -64.65
N ILE G 490 -2.19 37.60 -64.33
CA ILE G 490 -1.39 37.64 -63.11
C ILE G 490 0.06 37.81 -63.55
N ILE G 491 0.73 38.87 -63.05
CA ILE G 491 2.10 39.18 -63.44
C ILE G 491 3.03 38.95 -62.25
N GLN G 492 4.22 38.37 -62.54
CA GLN G 492 5.24 38.04 -61.56
C GLN G 492 6.59 38.52 -62.08
N GLY G 493 7.55 38.78 -61.16
CA GLY G 493 8.94 39.07 -61.53
C GLY G 493 9.73 37.78 -61.81
N ALA G 494 11.07 37.89 -61.86
CA ALA G 494 11.90 36.76 -62.22
C ALA G 494 12.89 36.39 -61.09
N ALA G 507 14.85 41.37 -60.69
CA ALA G 507 14.18 41.95 -61.86
C ALA G 507 12.66 41.70 -61.80
N PHE G 508 11.89 42.79 -62.02
CA PHE G 508 10.43 42.74 -62.10
C PHE G 508 9.90 43.99 -62.85
N VAL G 509 8.71 43.84 -63.46
CA VAL G 509 8.04 44.87 -64.25
C VAL G 509 7.14 45.72 -63.33
N ARG G 510 7.26 47.06 -63.43
CA ARG G 510 6.59 48.02 -62.56
C ARG G 510 5.35 48.64 -63.22
N LYS G 511 5.35 48.74 -64.56
CA LYS G 511 4.21 49.23 -65.35
C LYS G 511 4.16 48.46 -66.67
N PHE G 512 2.95 48.16 -67.19
CA PHE G 512 2.84 47.40 -68.43
C PHE G 512 1.54 47.68 -69.19
N LYS G 513 1.50 47.37 -70.50
CA LYS G 513 0.30 47.47 -71.32
C LYS G 513 -0.12 46.07 -71.79
N VAL G 514 -1.42 45.85 -72.06
CA VAL G 514 -1.92 44.57 -72.54
C VAL G 514 -2.59 44.76 -73.90
N SER G 515 -2.28 43.86 -74.85
CA SER G 515 -2.91 43.82 -76.17
C SER G 515 -3.44 42.40 -76.43
N TYR G 516 -4.55 42.26 -77.18
CA TYR G 516 -5.21 40.99 -77.45
C TYR G 516 -5.53 40.85 -78.93
N SER G 517 -5.73 39.59 -79.37
CA SER G 517 -6.01 39.26 -80.77
C SER G 517 -6.83 37.96 -80.87
N LEU G 518 -7.62 37.87 -81.96
CA LEU G 518 -8.40 36.67 -82.29
C LEU G 518 -7.71 35.91 -83.43
N ASN G 519 -7.39 36.67 -84.49
CA ASN G 519 -6.85 36.15 -85.75
C ASN G 519 -5.40 35.71 -85.62
N GLY G 520 -4.59 36.49 -84.89
CA GLY G 520 -3.18 36.14 -84.68
C GLY G 520 -2.30 37.10 -85.49
N LYS G 521 -2.79 37.51 -86.65
CA LYS G 521 -2.07 38.44 -87.53
C LYS G 521 -2.64 39.84 -87.29
N ASP G 522 -3.89 39.88 -86.81
CA ASP G 522 -4.59 41.12 -86.50
C ASP G 522 -4.67 41.25 -84.98
N TRP G 523 -4.18 42.39 -84.44
CA TRP G 523 -4.10 42.64 -83.00
C TRP G 523 -4.94 43.86 -82.61
N GLU G 524 -5.41 43.85 -81.36
CA GLU G 524 -6.11 44.93 -80.68
C GLU G 524 -5.41 45.17 -79.34
N TYR G 525 -5.68 46.30 -78.67
CA TYR G 525 -5.01 46.70 -77.43
C TYR G 525 -6.08 46.94 -76.36
N ILE G 526 -5.77 46.68 -75.08
CA ILE G 526 -6.58 47.16 -73.98
C ILE G 526 -6.35 48.67 -73.89
N GLN G 527 -7.41 49.47 -74.07
CA GLN G 527 -7.29 50.93 -74.14
C GLN G 527 -8.03 51.53 -72.96
N ASP G 528 -7.51 52.65 -72.43
CA ASP G 528 -8.17 53.36 -71.34
C ASP G 528 -8.76 54.65 -71.91
N PRO G 529 -10.09 54.90 -71.79
CA PRO G 529 -10.71 56.06 -72.44
C PRO G 529 -10.04 57.37 -72.01
N ARG G 530 -9.75 57.48 -70.70
CA ARG G 530 -9.02 58.62 -70.15
C ARG G 530 -7.64 58.74 -70.80
N THR G 531 -6.98 57.59 -71.04
CA THR G 531 -5.65 57.57 -71.64
C THR G 531 -5.73 57.57 -73.17
N GLN G 532 -6.96 57.72 -73.71
CA GLN G 532 -7.23 57.82 -75.14
C GLN G 532 -6.73 56.54 -75.83
N GLN G 533 -5.41 56.34 -75.89
CA GLN G 533 -4.82 55.17 -76.53
C GLN G 533 -4.80 54.03 -75.50
N PRO G 534 -3.84 53.06 -75.48
CA PRO G 534 -3.96 51.91 -74.58
C PRO G 534 -3.77 52.19 -73.08
N LYS G 535 -3.92 51.13 -72.27
CA LYS G 535 -3.94 51.21 -70.81
C LYS G 535 -2.54 51.00 -70.23
N LEU G 536 -2.33 51.62 -69.05
CA LEU G 536 -1.11 51.54 -68.28
C LEU G 536 -1.36 50.85 -66.95
N PHE G 537 -0.98 49.57 -66.85
CA PHE G 537 -1.24 48.71 -65.72
C PHE G 537 -0.08 48.75 -64.73
N GLU G 538 -0.41 48.91 -63.44
CA GLU G 538 0.54 48.79 -62.34
C GLU G 538 1.06 47.34 -62.33
N GLY G 539 2.38 47.21 -62.20
CA GLY G 539 3.07 45.92 -62.19
C GLY G 539 3.29 45.41 -60.77
N ASN G 540 4.49 44.88 -60.50
CA ASN G 540 4.86 44.28 -59.23
C ASN G 540 5.69 45.25 -58.39
N MET G 541 5.77 44.96 -57.07
CA MET G 541 6.60 45.66 -56.09
C MET G 541 7.81 44.79 -55.71
N HIS G 542 7.82 43.53 -56.17
CA HIS G 542 8.77 42.53 -55.74
C HIS G 542 8.97 41.53 -56.88
N TYR G 543 9.79 40.49 -56.67
CA TYR G 543 10.17 39.54 -57.72
C TYR G 543 9.39 38.23 -57.62
N ASP G 544 8.83 37.91 -56.46
CA ASP G 544 8.14 36.66 -56.24
C ASP G 544 6.64 36.87 -56.09
N THR G 545 6.24 37.96 -55.39
CA THR G 545 4.83 38.17 -55.09
C THR G 545 4.09 38.57 -56.36
N PRO G 546 3.11 37.75 -56.81
CA PRO G 546 2.35 38.04 -58.03
C PRO G 546 1.28 39.10 -57.78
N ASP G 547 0.94 39.82 -58.86
CA ASP G 547 -0.14 40.80 -58.80
C ASP G 547 -1.17 40.43 -59.87
N ILE G 548 -2.44 40.34 -59.45
CA ILE G 548 -3.54 40.06 -60.36
C ILE G 548 -4.06 41.41 -60.86
N ARG G 549 -4.15 41.56 -62.20
CA ARG G 549 -4.65 42.76 -62.84
C ARG G 549 -5.80 42.38 -63.77
N ARG G 550 -7.02 42.65 -63.29
CA ARG G 550 -8.26 42.30 -63.97
C ARG G 550 -8.61 43.48 -64.89
N PHE G 551 -9.36 43.21 -65.98
CA PHE G 551 -9.84 44.24 -66.89
C PHE G 551 -11.21 43.81 -67.45
N ASP G 552 -11.82 44.67 -68.29
CA ASP G 552 -13.15 44.43 -68.84
C ASP G 552 -13.08 43.21 -69.76
N PRO G 553 -14.05 42.27 -69.65
CA PRO G 553 -13.95 40.96 -70.32
C PRO G 553 -13.83 41.11 -71.83
N ILE G 554 -12.77 40.50 -72.40
CA ILE G 554 -12.56 40.48 -73.84
C ILE G 554 -12.33 39.02 -74.29
N PRO G 555 -12.93 38.58 -75.42
CA PRO G 555 -12.73 37.24 -75.95
C PRO G 555 -11.59 37.27 -76.97
N ALA G 556 -10.60 36.38 -76.81
CA ALA G 556 -9.51 36.32 -77.77
C ALA G 556 -8.86 34.94 -77.75
N GLN G 557 -7.73 34.79 -78.47
CA GLN G 557 -6.90 33.60 -78.28
C GLN G 557 -5.43 34.02 -78.30
N TYR G 558 -5.12 35.31 -78.52
CA TYR G 558 -3.74 35.77 -78.39
C TYR G 558 -3.68 36.95 -77.43
N VAL G 559 -2.76 36.87 -76.45
CA VAL G 559 -2.58 37.93 -75.45
C VAL G 559 -1.09 38.30 -75.35
N ARG G 560 -0.81 39.62 -75.30
CA ARG G 560 0.56 40.14 -75.20
C ARG G 560 0.67 41.14 -74.05
N VAL G 561 1.77 41.02 -73.27
CA VAL G 561 2.10 41.97 -72.21
C VAL G 561 3.33 42.77 -72.63
N TYR G 562 3.18 44.10 -72.71
CA TYR G 562 4.22 45.05 -73.12
C TYR G 562 4.78 45.79 -71.90
N PRO G 563 5.98 45.41 -71.37
CA PRO G 563 6.61 46.12 -70.25
C PRO G 563 6.90 47.59 -70.59
N GLU G 564 6.52 48.50 -69.68
CA GLU G 564 6.64 49.95 -69.86
C GLU G 564 7.69 50.50 -68.89
N ARG G 565 7.57 50.17 -67.59
CA ARG G 565 8.57 50.52 -66.58
C ARG G 565 8.93 49.23 -65.82
N TRP G 566 10.14 49.18 -65.21
CA TRP G 566 10.67 47.98 -64.56
C TRP G 566 11.73 48.35 -63.52
N SER G 567 12.21 47.35 -62.74
CA SER G 567 13.24 47.55 -61.72
C SER G 567 14.62 47.81 -62.34
N PRO G 568 15.58 48.40 -61.59
CA PRO G 568 16.94 48.66 -62.11
C PRO G 568 17.67 47.46 -62.73
N ALA G 569 17.38 46.24 -62.25
CA ALA G 569 17.91 45.01 -62.84
C ALA G 569 17.50 44.86 -64.31
N GLY G 570 16.31 45.40 -64.67
CA GLY G 570 15.76 45.28 -66.01
C GLY G 570 14.47 44.48 -66.03
N ILE G 571 14.02 44.09 -67.24
CA ILE G 571 12.78 43.35 -67.44
C ILE G 571 12.98 41.88 -67.07
N GLY G 572 12.22 41.43 -66.06
CA GLY G 572 12.05 40.02 -65.72
C GLY G 572 10.58 39.73 -65.43
N MET G 573 10.02 38.66 -66.00
CA MET G 573 8.59 38.46 -65.91
C MET G 573 8.19 36.99 -65.98
N ARG G 574 7.18 36.62 -65.17
CA ARG G 574 6.43 35.37 -65.28
C ARG G 574 4.93 35.74 -65.35
N LEU G 575 4.10 34.88 -66.00
CA LEU G 575 2.77 35.32 -66.39
C LEU G 575 1.74 34.19 -66.44
N GLU G 576 0.49 34.53 -66.06
CA GLU G 576 -0.70 33.71 -66.26
C GLU G 576 -1.80 34.59 -66.83
N VAL G 577 -2.71 34.02 -67.64
CA VAL G 577 -3.86 34.71 -68.18
C VAL G 577 -5.13 34.13 -67.53
N LEU G 578 -6.10 35.02 -67.25
CA LEU G 578 -7.35 34.67 -66.58
C LEU G 578 -8.53 34.92 -67.51
N GLY G 579 -9.55 34.05 -67.41
CA GLY G 579 -10.75 34.16 -68.20
C GLY G 579 -11.62 32.90 -68.12
N CYS G 580 -12.38 32.62 -69.19
CA CYS G 580 -13.32 31.51 -69.25
C CYS G 580 -13.72 31.23 -70.70
N ASP G 581 -14.40 30.08 -70.91
CA ASP G 581 -14.85 29.63 -72.21
C ASP G 581 -16.01 30.51 -72.70
N GLU H 1 23.26 38.67 -12.36
CA GLU H 1 22.84 37.43 -11.65
C GLU H 1 21.58 37.76 -10.85
N VAL H 2 20.47 37.06 -11.15
CA VAL H 2 19.18 37.40 -10.56
C VAL H 2 19.27 37.14 -9.07
N GLN H 3 18.70 38.07 -8.29
CA GLN H 3 18.72 37.94 -6.84
C GLN H 3 17.44 38.57 -6.29
N LEU H 4 16.77 37.88 -5.34
CA LEU H 4 15.56 38.39 -4.70
C LEU H 4 15.84 38.61 -3.21
N VAL H 5 15.52 39.81 -2.71
CA VAL H 5 15.81 40.16 -1.32
C VAL H 5 14.49 40.42 -0.60
N GLN H 6 14.26 39.64 0.47
CA GLN H 6 12.96 39.64 1.14
C GLN H 6 13.00 40.64 2.30
N SER H 7 11.82 40.96 2.81
CA SER H 7 11.61 41.77 3.99
C SER H 7 12.18 41.09 5.23
N GLY H 8 12.35 41.84 6.33
CA GLY H 8 12.79 41.26 7.59
C GLY H 8 11.67 40.52 8.33
N ALA H 9 12.10 39.68 9.29
CA ALA H 9 11.21 38.92 10.14
C ALA H 9 10.29 39.85 10.91
N GLU H 10 9.04 39.40 11.16
CA GLU H 10 8.06 40.16 11.93
C GLU H 10 7.38 39.25 12.95
N VAL H 11 6.83 39.88 14.00
CA VAL H 11 5.79 39.28 14.82
C VAL H 11 4.53 40.08 14.56
N LYS H 12 3.41 39.37 14.33
CA LYS H 12 2.15 40.03 14.01
C LYS H 12 1.07 39.34 14.85
N LYS H 13 0.15 40.09 15.48
CA LYS H 13 -0.80 39.51 16.43
C LYS H 13 -1.84 38.69 15.67
N PRO H 14 -2.47 37.65 16.27
CA PRO H 14 -3.48 36.84 15.57
C PRO H 14 -4.64 37.68 15.04
N GLY H 15 -5.06 37.43 13.79
CA GLY H 15 -6.11 38.21 13.17
C GLY H 15 -5.60 39.46 12.46
N ALA H 16 -4.29 39.77 12.55
CA ALA H 16 -3.68 40.91 11.86
C ALA H 16 -3.37 40.55 10.41
N THR H 17 -2.69 41.45 9.68
CA THR H 17 -2.25 41.19 8.31
C THR H 17 -0.74 41.47 8.20
N VAL H 18 -0.05 40.71 7.33
CA VAL H 18 1.38 40.89 7.08
C VAL H 18 1.58 41.11 5.60
N LYS H 19 2.31 42.17 5.23
CA LYS H 19 2.78 42.38 3.87
C LYS H 19 4.29 42.19 3.92
N ILE H 20 4.84 41.34 3.03
CA ILE H 20 6.29 41.16 2.93
C ILE H 20 6.76 41.43 1.48
N SER H 21 8.04 41.78 1.36
CA SER H 21 8.63 42.37 0.17
C SER H 21 9.58 41.37 -0.49
N CYS H 22 9.55 41.30 -1.84
CA CYS H 22 10.50 40.54 -2.64
C CYS H 22 11.12 41.48 -3.66
N LYS H 23 12.34 42.01 -3.40
CA LYS H 23 12.96 42.96 -4.32
C LYS H 23 13.79 42.22 -5.39
N VAL H 24 13.20 42.03 -6.58
CA VAL H 24 13.85 41.45 -7.74
C VAL H 24 14.92 42.42 -8.24
N SER H 25 16.09 41.86 -8.61
CA SER H 25 17.23 42.61 -9.12
C SER H 25 18.13 41.67 -9.91
N GLY H 26 19.28 42.17 -10.37
CA GLY H 26 20.33 41.33 -10.94
C GLY H 26 20.25 41.24 -12.45
N PHE H 27 19.19 40.61 -12.97
CA PHE H 27 18.90 40.56 -14.40
C PHE H 27 17.60 41.31 -14.68
N ASN H 28 16.63 41.18 -13.76
CA ASN H 28 15.32 41.80 -13.90
C ASN H 28 14.78 41.52 -15.30
N ILE H 29 14.47 42.57 -16.08
CA ILE H 29 13.65 42.54 -17.31
C ILE H 29 12.17 42.45 -16.90
N LYS H 30 11.25 42.93 -17.77
CA LYS H 30 9.81 42.82 -17.49
C LYS H 30 9.34 41.39 -17.76
N ASP H 31 8.07 41.12 -17.41
CA ASP H 31 7.46 39.81 -17.54
C ASP H 31 8.07 38.83 -16.54
N TYR H 32 8.47 39.32 -15.35
CA TYR H 32 8.94 38.44 -14.29
C TYR H 32 7.72 37.80 -13.64
N TYR H 33 7.93 36.58 -13.12
CA TYR H 33 6.92 35.76 -12.49
C TYR H 33 7.33 35.47 -11.04
N ILE H 34 6.50 35.89 -10.07
CA ILE H 34 6.87 35.73 -8.66
C ILE H 34 5.89 34.76 -8.02
N HIS H 35 6.44 33.84 -7.22
CA HIS H 35 5.67 32.82 -6.55
C HIS H 35 6.04 32.92 -5.08
N TRP H 36 5.03 32.70 -4.22
CA TRP H 36 5.24 32.70 -2.78
C TRP H 36 5.01 31.30 -2.22
N VAL H 37 5.93 30.86 -1.36
CA VAL H 37 5.94 29.52 -0.79
C VAL H 37 6.00 29.70 0.72
N GLN H 38 5.31 28.83 1.45
CA GLN H 38 5.24 28.85 2.90
C GLN H 38 5.86 27.55 3.41
N GLN H 39 6.87 27.70 4.27
CA GLN H 39 7.54 26.58 4.92
C GLN H 39 7.23 26.67 6.41
N ALA H 40 6.30 25.81 6.87
CA ALA H 40 5.94 25.73 8.27
C ALA H 40 7.15 25.26 9.07
N PRO H 41 7.31 25.61 10.37
CA PRO H 41 8.47 25.21 11.14
C PRO H 41 8.66 23.69 11.10
N GLY H 42 7.55 22.95 11.20
CA GLY H 42 7.53 21.50 11.10
C GLY H 42 8.31 21.00 9.89
N LYS H 43 7.89 21.47 8.70
CA LYS H 43 8.59 21.28 7.44
C LYS H 43 7.54 21.48 6.35
N GLY H 44 7.95 21.21 5.09
CA GLY H 44 7.03 21.25 3.96
C GLY H 44 7.14 22.57 3.22
N LEU H 45 6.90 22.51 1.90
CA LEU H 45 6.85 23.68 1.06
C LEU H 45 5.45 23.75 0.49
N GLU H 46 4.72 24.84 0.77
CA GLU H 46 3.35 24.96 0.31
C GLU H 46 3.22 26.21 -0.55
N TRP H 47 2.69 26.06 -1.76
CA TRP H 47 2.62 27.16 -2.70
C TRP H 47 1.42 28.07 -2.40
N MET H 48 1.69 29.31 -1.98
CA MET H 48 0.63 30.28 -1.70
C MET H 48 0.03 30.81 -3.00
N GLY H 49 0.88 31.15 -3.97
CA GLY H 49 0.40 31.77 -5.19
C GLY H 49 1.51 32.28 -6.10
N ARG H 50 1.09 32.88 -7.23
CA ARG H 50 1.99 33.44 -8.25
C ARG H 50 1.43 34.79 -8.68
N ILE H 51 2.24 35.61 -9.35
CA ILE H 51 1.77 36.85 -9.95
C ILE H 51 2.53 37.13 -11.24
N ASP H 52 1.78 37.46 -12.30
CA ASP H 52 2.34 38.04 -13.52
C ASP H 52 2.64 39.50 -13.20
N VAL H 53 3.92 39.91 -13.20
CA VAL H 53 4.19 41.25 -12.70
C VAL H 53 3.61 42.27 -13.67
N GLU H 54 3.80 42.04 -14.99
CA GLU H 54 3.41 43.00 -16.00
C GLU H 54 1.89 43.14 -16.04
N ASP H 55 1.16 42.01 -16.18
CA ASP H 55 -0.29 41.97 -16.11
C ASP H 55 -0.69 41.45 -14.73
N ASP H 56 -1.50 42.18 -13.95
CA ASP H 56 -1.89 41.70 -12.63
C ASP H 56 -2.80 40.48 -12.77
N GLU H 57 -2.21 39.29 -12.89
CA GLU H 57 -2.93 38.03 -13.05
C GLU H 57 -2.46 37.03 -12.00
N THR H 58 -2.79 37.33 -10.74
CA THR H 58 -2.47 36.48 -9.61
C THR H 58 -3.28 35.19 -9.68
N LYS H 59 -2.62 34.06 -9.35
CA LYS H 59 -3.25 32.77 -9.09
C LYS H 59 -2.89 32.37 -7.67
N TYR H 60 -3.90 31.93 -6.89
CA TYR H 60 -3.72 31.63 -5.48
C TYR H 60 -4.06 30.16 -5.22
N ALA H 61 -3.42 29.58 -4.20
CA ALA H 61 -3.77 28.25 -3.75
C ALA H 61 -5.10 28.33 -3.00
N PRO H 62 -5.93 27.27 -3.13
CA PRO H 62 -7.26 27.28 -2.51
C PRO H 62 -7.21 27.43 -0.99
N LYS H 63 -6.11 26.97 -0.38
CA LYS H 63 -5.91 26.98 1.06
C LYS H 63 -5.83 28.44 1.55
N PHE H 64 -5.09 29.29 0.82
CA PHE H 64 -4.83 30.66 1.22
C PHE H 64 -5.77 31.63 0.49
N GLN H 65 -6.72 31.09 -0.29
CA GLN H 65 -7.68 31.92 -1.02
C GLN H 65 -8.61 32.59 -0.02
N GLY H 66 -8.93 33.87 -0.30
CA GLY H 66 -9.63 34.74 0.64
C GLY H 66 -8.67 35.57 1.49
N ARG H 67 -7.45 35.05 1.72
CA ARG H 67 -6.59 35.51 2.80
C ARG H 67 -5.23 36.01 2.26
N VAL H 68 -4.91 35.75 0.97
CA VAL H 68 -3.64 36.21 0.41
C VAL H 68 -3.91 37.13 -0.77
N THR H 69 -3.17 38.25 -0.80
CA THR H 69 -3.18 39.18 -1.93
C THR H 69 -1.74 39.39 -2.35
N ILE H 70 -1.43 39.15 -3.63
CA ILE H 70 -0.10 39.42 -4.16
C ILE H 70 -0.21 40.66 -5.05
N THR H 71 0.75 41.58 -4.83
CA THR H 71 0.81 42.84 -5.57
C THR H 71 2.21 42.94 -6.17
N ALA H 72 2.31 43.65 -7.30
CA ALA H 72 3.59 43.97 -7.92
C ALA H 72 3.68 45.48 -8.11
N ASP H 73 4.86 46.05 -7.81
CA ASP H 73 5.20 47.41 -8.21
C ASP H 73 6.15 47.32 -9.40
N THR H 74 5.75 47.87 -10.56
CA THR H 74 6.59 47.83 -11.73
C THR H 74 7.71 48.86 -11.58
N SER H 75 7.40 49.99 -10.91
CA SER H 75 8.30 51.13 -10.78
C SER H 75 9.59 50.73 -10.04
N THR H 76 9.44 50.13 -8.85
CA THR H 76 10.52 49.48 -8.13
C THR H 76 10.25 47.99 -8.18
N ASP H 77 11.23 47.19 -8.60
CA ASP H 77 10.98 45.79 -8.92
C ASP H 77 10.77 45.02 -7.62
N THR H 78 9.59 45.19 -7.00
CA THR H 78 9.28 44.62 -5.70
C THR H 78 7.90 43.95 -5.77
N ALA H 79 7.80 42.71 -5.27
CA ALA H 79 6.52 42.01 -5.21
C ALA H 79 6.12 41.84 -3.74
N TYR H 80 4.82 41.86 -3.44
CA TYR H 80 4.34 41.83 -2.05
C TYR H 80 3.37 40.68 -1.84
N MET H 81 3.44 40.05 -0.66
CA MET H 81 2.42 39.09 -0.25
C MET H 81 1.74 39.62 1.01
N GLU H 82 0.41 39.80 0.95
CA GLU H 82 -0.35 40.28 2.09
C GLU H 82 -1.21 39.12 2.60
N LEU H 83 -1.02 38.72 3.87
CA LEU H 83 -1.76 37.62 4.48
C LEU H 83 -2.72 38.18 5.52
N SER H 84 -4.03 38.23 5.22
CA SER H 84 -5.11 38.68 6.10
C SER H 84 -5.33 37.67 7.23
N SER H 85 -6.15 38.05 8.22
CA SER H 85 -6.70 37.12 9.20
C SER H 85 -5.68 36.01 9.52
N LEU H 86 -4.58 36.39 10.20
CA LEU H 86 -3.50 35.47 10.50
C LEU H 86 -3.96 34.39 11.49
N ARG H 87 -3.27 33.24 11.45
CA ARG H 87 -3.55 32.08 12.28
C ARG H 87 -2.27 31.66 13.01
N SER H 88 -2.41 30.88 14.10
CA SER H 88 -1.27 30.30 14.80
C SER H 88 -0.40 29.49 13.84
N GLU H 89 -1.09 28.74 12.96
CA GLU H 89 -0.46 27.88 11.98
C GLU H 89 0.18 28.70 10.85
N ASP H 90 -0.01 30.03 10.85
CA ASP H 90 0.56 30.89 9.82
C ASP H 90 2.00 31.28 10.19
N THR H 91 2.48 30.90 11.39
CA THR H 91 3.85 31.21 11.75
C THR H 91 4.74 30.26 10.93
N ALA H 92 5.53 30.84 10.03
CA ALA H 92 6.31 30.06 9.07
C ALA H 92 7.36 30.96 8.41
N VAL H 93 8.25 30.35 7.61
CA VAL H 93 9.15 31.11 6.76
C VAL H 93 8.47 31.19 5.39
N TYR H 94 8.34 32.41 4.88
CA TYR H 94 7.74 32.69 3.58
C TYR H 94 8.86 33.02 2.61
N TYR H 95 8.92 32.26 1.51
CA TYR H 95 9.90 32.46 0.46
C TYR H 95 9.20 33.00 -0.77
N CYS H 96 9.88 33.88 -1.52
CA CYS H 96 9.46 34.25 -2.86
C CYS H 96 10.45 33.63 -3.84
N ALA H 97 9.97 33.19 -5.00
CA ALA H 97 10.80 32.52 -6.00
C ALA H 97 10.32 32.93 -7.38
N THR H 98 11.22 32.89 -8.38
CA THR H 98 10.89 33.24 -9.76
C THR H 98 11.44 32.15 -10.67
N PRO H 99 10.75 31.76 -11.77
CA PRO H 99 11.38 30.92 -12.78
C PRO H 99 12.22 31.73 -13.75
N ILE H 100 12.97 31.04 -14.64
CA ILE H 100 13.74 31.66 -15.72
C ILE H 100 12.76 32.20 -16.77
N TYR H 101 13.21 33.01 -17.75
CA TYR H 101 12.25 33.71 -18.61
C TYR H 101 11.41 32.74 -19.46
N GLY H 102 12.08 31.93 -20.28
CA GLY H 102 11.40 31.16 -21.33
C GLY H 102 10.75 29.87 -20.82
N SER H 103 11.11 29.46 -19.59
CA SER H 103 10.61 28.23 -18.99
C SER H 103 9.08 28.30 -18.85
N ARG H 104 8.38 27.47 -19.66
CA ARG H 104 6.96 27.22 -19.49
C ARG H 104 6.78 26.07 -18.51
N GLU H 105 7.92 25.61 -17.98
CA GLU H 105 8.01 24.43 -17.13
C GLU H 105 8.08 24.91 -15.68
N ALA H 106 8.37 26.23 -15.51
CA ALA H 106 8.17 26.97 -14.28
C ALA H 106 8.90 26.32 -13.10
N TRP H 107 10.13 25.83 -13.34
CA TRP H 107 10.99 25.45 -12.24
C TRP H 107 11.46 26.73 -11.55
N PHE H 108 11.49 26.71 -10.20
CA PHE H 108 11.90 27.86 -9.41
C PHE H 108 13.42 27.95 -9.39
N ALA H 109 13.96 28.69 -10.36
CA ALA H 109 15.41 28.82 -10.56
C ALA H 109 16.03 29.66 -9.44
N TYR H 110 15.38 30.78 -9.08
CA TYR H 110 15.93 31.71 -8.09
C TYR H 110 14.94 31.90 -6.93
N TRP H 111 15.47 31.94 -5.69
CA TRP H 111 14.69 32.01 -4.47
C TRP H 111 15.18 33.16 -3.59
N GLY H 112 14.30 33.70 -2.74
CA GLY H 112 14.65 34.69 -1.74
C GLY H 112 15.16 34.04 -0.46
N GLN H 113 15.72 34.84 0.46
CA GLN H 113 16.40 34.31 1.65
C GLN H 113 15.38 33.74 2.64
N GLY H 114 14.17 34.31 2.65
CA GLY H 114 13.12 33.87 3.55
C GLY H 114 12.78 34.93 4.60
N THR H 115 11.47 35.14 4.81
CA THR H 115 10.99 36.01 5.88
C THR H 115 10.24 35.18 6.91
N LEU H 116 10.58 35.30 8.20
CA LEU H 116 9.92 34.56 9.26
C LEU H 116 8.80 35.42 9.86
N VAL H 117 7.55 34.91 9.82
CA VAL H 117 6.47 35.56 10.52
C VAL H 117 6.08 34.70 11.72
N THR H 118 6.08 35.31 12.92
CA THR H 118 5.68 34.62 14.14
C THR H 118 4.38 35.25 14.61
N VAL H 119 3.25 34.64 14.24
CA VAL H 119 1.92 35.06 14.72
C VAL H 119 1.77 34.70 16.19
N SER H 120 1.95 35.70 17.08
CA SER H 120 1.89 35.51 18.52
C SER H 120 1.21 36.72 19.16
N SER H 121 0.55 36.49 20.30
CA SER H 121 -0.15 37.54 21.01
C SER H 121 0.80 38.26 21.96
N ALA H 122 2.02 37.70 22.15
CA ALA H 122 2.92 38.05 23.24
C ALA H 122 3.60 39.40 23.00
N SER H 123 4.06 39.63 21.76
CA SER H 123 4.73 40.86 21.35
C SER H 123 6.20 40.87 21.81
N THR H 124 6.92 41.94 21.41
CA THR H 124 8.33 41.89 21.05
C THR H 124 9.25 42.42 22.15
N LYS H 125 10.33 41.68 22.46
CA LYS H 125 11.39 42.12 23.38
C LYS H 125 12.75 41.90 22.75
N GLY H 126 13.62 42.92 22.85
CA GLY H 126 14.97 42.87 22.33
C GLY H 126 15.85 41.91 23.15
N PRO H 127 16.92 41.36 22.53
CA PRO H 127 17.80 40.42 23.23
C PRO H 127 18.76 41.03 24.24
N SER H 128 19.15 40.26 25.27
CA SER H 128 20.25 40.64 26.16
C SER H 128 21.47 39.76 25.86
N VAL H 129 22.64 40.35 25.62
CA VAL H 129 23.83 39.60 25.19
C VAL H 129 24.86 39.61 26.31
N PHE H 130 25.33 38.42 26.72
CA PHE H 130 26.28 38.25 27.82
C PHE H 130 27.43 37.37 27.36
N PRO H 131 28.70 37.79 27.55
CA PRO H 131 29.84 36.99 27.10
C PRO H 131 29.94 35.68 27.87
N LEU H 132 30.38 34.63 27.15
CA LEU H 132 30.74 33.35 27.76
C LEU H 132 32.23 33.11 27.52
N ALA H 133 33.08 33.44 28.51
CA ALA H 133 34.51 33.16 28.43
C ALA H 133 34.91 32.28 29.61
N PRO H 134 35.90 31.35 29.44
CA PRO H 134 36.32 30.50 30.54
C PRO H 134 37.08 31.32 31.59
N CYS H 135 36.75 31.17 32.89
CA CYS H 135 37.61 31.69 33.93
C CYS H 135 38.88 30.83 33.95
N SER H 136 39.97 31.35 34.53
CA SER H 136 41.29 30.76 34.36
C SER H 136 41.54 30.54 32.87
N ARG H 137 41.40 31.62 32.08
CA ARG H 137 41.35 31.58 30.63
C ARG H 137 42.64 31.00 30.04
N SER H 138 43.81 31.41 30.56
CA SER H 138 45.09 30.96 30.04
C SER H 138 45.47 29.60 30.65
N THR H 139 44.67 28.57 30.32
CA THR H 139 44.98 27.15 30.58
C THR H 139 45.80 26.60 29.40
N SER H 140 46.10 25.29 29.39
CA SER H 140 47.00 24.69 28.40
C SER H 140 46.33 23.57 27.61
N GLU H 141 45.38 23.96 26.78
CA GLU H 141 44.86 23.19 25.65
C GLU H 141 45.11 24.04 24.41
N SER H 142 45.29 23.37 23.26
CA SER H 142 45.69 24.02 22.02
C SER H 142 44.68 25.09 21.60
N THR H 143 43.37 24.80 21.80
CA THR H 143 42.27 25.68 21.43
C THR H 143 41.34 25.95 22.61
N ALA H 144 40.74 27.15 22.60
CA ALA H 144 39.76 27.58 23.59
C ALA H 144 38.43 27.88 22.88
N ALA H 145 37.32 27.57 23.55
CA ALA H 145 35.98 27.88 23.07
C ALA H 145 35.51 29.18 23.73
N LEU H 146 35.02 30.15 22.93
CA LEU H 146 34.47 31.40 23.45
C LEU H 146 33.02 31.50 23.01
N GLY H 147 32.21 32.24 23.77
CA GLY H 147 30.76 32.20 23.63
C GLY H 147 30.13 33.59 23.73
N CYS H 148 28.84 33.63 23.38
CA CYS H 148 28.06 34.85 23.32
C CYS H 148 26.60 34.48 23.55
N LEU H 149 26.05 34.82 24.74
CA LEU H 149 24.75 34.32 25.18
C LEU H 149 23.67 35.39 24.94
N VAL H 150 22.66 34.99 24.15
CA VAL H 150 21.54 35.82 23.75
C VAL H 150 20.30 35.39 24.54
N LYS H 151 19.94 36.15 25.58
CA LYS H 151 18.91 35.75 26.52
C LYS H 151 17.73 36.72 26.43
N ASP H 152 16.54 36.17 26.72
CA ASP H 152 15.30 36.93 26.89
C ASP H 152 14.99 37.76 25.64
N TYR H 153 14.75 37.05 24.52
CA TYR H 153 14.40 37.71 23.26
C TYR H 153 13.14 37.07 22.68
N PHE H 154 12.24 37.94 22.19
CA PHE H 154 11.05 37.51 21.46
C PHE H 154 10.80 38.55 20.36
N PRO H 155 10.30 38.19 19.15
CA PRO H 155 10.14 36.80 18.68
C PRO H 155 11.40 36.26 18.01
N GLU H 156 11.35 35.05 17.44
CA GLU H 156 12.49 34.57 16.65
C GLU H 156 12.55 35.36 15.34
N PRO H 157 13.72 35.51 14.65
CA PRO H 157 15.02 34.99 15.08
C PRO H 157 16.11 36.02 15.38
N VAL H 158 17.27 35.56 15.88
CA VAL H 158 18.47 36.38 16.01
C VAL H 158 19.55 35.86 15.06
N THR H 159 20.29 36.78 14.44
CA THR H 159 21.46 36.46 13.64
C THR H 159 22.70 36.77 14.45
N VAL H 160 23.46 35.75 14.85
CA VAL H 160 24.75 35.98 15.48
C VAL H 160 25.83 35.66 14.45
N SER H 161 26.62 36.69 14.09
CA SER H 161 27.85 36.53 13.34
C SER H 161 29.00 36.89 14.27
N TRP H 162 30.25 36.58 13.91
CA TRP H 162 31.34 36.89 14.84
C TRP H 162 32.00 38.21 14.48
N ASN H 163 33.25 38.19 14.01
CA ASN H 163 34.00 39.42 13.82
C ASN H 163 33.54 40.07 12.52
N SER H 164 32.33 40.66 12.57
CA SER H 164 31.63 41.25 11.43
C SER H 164 31.52 40.28 10.25
N GLY H 165 31.42 38.98 10.56
CA GLY H 165 31.33 37.92 9.57
C GLY H 165 32.70 37.44 9.08
N ALA H 166 33.78 37.93 9.70
CA ALA H 166 35.13 37.45 9.38
C ALA H 166 35.27 35.99 9.77
N LEU H 167 34.88 35.65 11.02
CA LEU H 167 34.99 34.30 11.56
C LEU H 167 33.74 33.48 11.22
N THR H 168 33.90 32.57 10.25
CA THR H 168 32.86 31.68 9.79
C THR H 168 33.22 30.23 10.14
N SER H 169 34.39 30.05 10.75
CA SER H 169 35.01 28.76 10.97
C SER H 169 34.98 28.44 12.46
N GLY H 170 34.55 27.23 12.82
CA GLY H 170 34.48 26.80 14.22
C GLY H 170 33.37 27.49 15.00
N VAL H 171 32.39 28.05 14.27
CA VAL H 171 31.28 28.79 14.85
C VAL H 171 30.07 27.87 14.85
N HIS H 172 29.42 27.76 16.04
CA HIS H 172 28.17 27.04 16.20
C HIS H 172 27.16 27.96 16.87
N THR H 173 26.14 28.40 16.14
CA THR H 173 25.05 29.14 16.74
C THR H 173 23.92 28.15 16.98
N PHE H 174 23.60 27.90 18.25
CA PHE H 174 22.68 26.83 18.59
C PHE H 174 21.25 27.21 18.22
N PRO H 175 20.36 26.23 17.98
CA PRO H 175 18.93 26.53 17.95
C PRO H 175 18.52 27.14 19.28
N ALA H 176 17.66 28.17 19.22
CA ALA H 176 17.10 28.80 20.40
C ALA H 176 16.21 27.82 21.15
N VAL H 177 16.10 27.99 22.49
CA VAL H 177 15.13 27.26 23.30
C VAL H 177 14.21 28.27 23.97
N LEU H 178 12.89 28.05 23.89
CA LEU H 178 11.93 28.87 24.61
C LEU H 178 12.08 28.59 26.11
N GLN H 179 12.12 29.66 26.90
CA GLN H 179 12.38 29.69 28.33
C GLN H 179 11.22 30.48 28.96
N SER H 180 11.04 30.36 30.29
CA SER H 180 9.99 31.08 30.99
C SER H 180 8.66 30.77 30.31
N SER H 181 7.91 31.83 29.94
CA SER H 181 6.64 31.72 29.25
C SER H 181 6.83 31.95 27.75
N GLY H 182 7.44 33.08 27.37
CA GLY H 182 7.66 33.39 25.96
C GLY H 182 8.96 34.15 25.69
N LEU H 183 10.05 33.71 26.33
CA LEU H 183 11.37 34.28 26.08
C LEU H 183 12.32 33.23 25.52
N TYR H 184 12.99 33.52 24.39
CA TYR H 184 13.92 32.59 23.77
C TYR H 184 15.35 32.89 24.24
N SER H 185 16.17 31.83 24.40
CA SER H 185 17.58 31.95 24.76
C SER H 185 18.43 31.12 23.79
N LEU H 186 19.51 31.72 23.29
CA LEU H 186 20.36 31.14 22.26
C LEU H 186 21.81 31.38 22.67
N SER H 187 22.73 30.50 22.26
CA SER H 187 24.16 30.68 22.51
C SER H 187 24.93 30.53 21.20
N SER H 188 26.03 31.28 21.06
CA SER H 188 26.95 31.11 19.94
C SER H 188 28.34 30.78 20.47
N VAL H 189 29.08 29.94 19.73
CA VAL H 189 30.42 29.56 20.11
C VAL H 189 31.38 29.85 18.97
N VAL H 190 32.63 30.17 19.30
CA VAL H 190 33.72 30.14 18.34
C VAL H 190 34.87 29.38 19.01
N THR H 191 35.47 28.41 18.29
CA THR H 191 36.68 27.74 18.76
C THR H 191 37.88 28.46 18.15
N VAL H 192 38.73 29.08 19.01
CA VAL H 192 39.89 29.82 18.53
C VAL H 192 41.13 29.25 19.19
N PRO H 193 42.35 29.38 18.59
CA PRO H 193 43.57 28.95 19.28
C PRO H 193 43.77 29.73 20.58
N SER H 194 44.23 29.02 21.64
CA SER H 194 44.50 29.64 22.94
C SER H 194 45.64 30.67 22.84
N SER H 195 46.65 30.40 22.00
CA SER H 195 47.75 31.32 21.74
C SER H 195 47.26 32.70 21.28
N SER H 196 46.19 32.74 20.46
CA SER H 196 45.69 33.98 19.90
C SER H 196 44.68 34.67 20.83
N LEU H 197 44.36 34.07 21.99
CA LEU H 197 43.28 34.58 22.85
C LEU H 197 43.64 35.96 23.38
N GLY H 198 44.87 36.10 23.91
CA GLY H 198 45.38 37.40 24.36
C GLY H 198 45.61 38.39 23.21
N THR H 199 46.12 37.91 22.06
CA THR H 199 46.53 38.77 20.95
C THR H 199 45.31 39.35 20.25
N LYS H 200 44.25 38.54 20.06
CA LYS H 200 43.08 38.93 19.27
C LYS H 200 41.85 39.14 20.17
N THR H 201 41.07 40.19 19.86
CA THR H 201 39.77 40.45 20.46
C THR H 201 38.69 39.84 19.57
N TYR H 202 37.84 39.03 20.21
CA TYR H 202 36.74 38.34 19.58
C TYR H 202 35.46 39.08 19.97
N THR H 203 34.66 39.40 18.94
CA THR H 203 33.41 40.13 19.08
C THR H 203 32.33 39.44 18.26
N CYS H 204 31.19 39.14 18.93
CA CYS H 204 30.00 38.56 18.32
C CYS H 204 29.01 39.69 18.01
N ASN H 205 28.52 39.74 16.76
CA ASN H 205 27.54 40.70 16.30
C ASN H 205 26.15 40.05 16.27
N VAL H 206 25.29 40.46 17.21
CA VAL H 206 23.95 39.89 17.35
C VAL H 206 22.95 40.87 16.72
N ASP H 207 22.12 40.39 15.78
CA ASP H 207 21.11 41.20 15.12
C ASP H 207 19.73 40.57 15.35
N HIS H 208 18.83 41.33 16.00
CA HIS H 208 17.42 40.99 16.16
C HIS H 208 16.61 41.91 15.26
N LYS H 209 16.33 41.47 14.02
CA LYS H 209 15.64 42.31 13.04
C LYS H 209 14.23 42.65 13.51
N PRO H 210 13.57 41.89 14.41
CA PRO H 210 12.16 42.09 14.70
C PRO H 210 11.97 43.25 15.66
N SER H 211 13.09 43.80 16.16
CA SER H 211 13.11 44.95 17.06
C SER H 211 14.24 45.92 16.69
N ASN H 212 14.89 45.69 15.52
CA ASN H 212 15.99 46.50 15.03
C ASN H 212 17.08 46.64 16.10
N THR H 213 17.32 45.56 16.86
CA THR H 213 18.35 45.53 17.90
C THR H 213 19.62 44.88 17.36
N LYS H 214 20.59 45.73 16.98
CA LYS H 214 21.87 45.33 16.42
C LYS H 214 22.93 45.61 17.49
N VAL H 215 23.40 44.56 18.19
CA VAL H 215 24.22 44.69 19.39
C VAL H 215 25.51 43.86 19.25
N ASP H 216 26.68 44.49 19.45
CA ASP H 216 27.97 43.82 19.39
C ASP H 216 28.57 43.78 20.81
N LYS H 217 29.18 42.64 21.20
CA LYS H 217 29.84 42.49 22.50
C LYS H 217 31.18 41.77 22.31
N ARG H 218 32.26 42.25 22.95
CA ARG H 218 33.56 41.61 22.83
C ARG H 218 33.70 40.53 23.90
N VAL H 219 33.69 39.26 23.48
CA VAL H 219 34.03 38.18 24.39
C VAL H 219 35.55 38.21 24.63
N GLY H 220 36.31 38.45 23.56
CA GLY H 220 37.77 38.47 23.62
C GLY H 220 38.36 37.19 24.18
N ASP I 1 -5.95 18.25 -8.05
CA ASP I 1 -4.49 18.52 -8.10
C ASP I 1 -3.76 17.18 -8.10
N ILE I 2 -2.44 17.22 -8.39
CA ILE I 2 -1.61 16.02 -8.50
C ILE I 2 -0.61 16.02 -7.35
N GLN I 3 -0.83 15.12 -6.38
CA GLN I 3 -0.07 15.07 -5.15
C GLN I 3 1.21 14.28 -5.36
N MET I 4 2.29 14.74 -4.71
CA MET I 4 3.64 14.19 -4.87
C MET I 4 4.12 13.60 -3.53
N THR I 5 4.70 12.40 -3.58
CA THR I 5 5.11 11.63 -2.40
C THR I 5 6.57 11.24 -2.55
N GLN I 6 7.42 11.71 -1.63
CA GLN I 6 8.82 11.29 -1.64
C GLN I 6 8.97 10.21 -0.57
N SER I 7 9.28 8.98 -1.00
CA SER I 7 9.10 7.83 -0.12
C SER I 7 10.09 7.89 1.04
N PRO I 8 11.42 7.78 0.82
CA PRO I 8 12.34 7.74 1.95
C PRO I 8 12.26 9.13 2.55
N SER I 9 12.12 9.20 3.88
CA SER I 9 11.99 10.48 4.55
C SER I 9 13.26 10.82 5.31
N SER I 10 13.94 9.77 5.82
CA SER I 10 15.19 9.90 6.54
C SER I 10 16.13 8.81 6.02
N LEU I 11 17.37 9.21 5.66
CA LEU I 11 18.42 8.35 5.11
C LEU I 11 19.69 8.59 5.90
N SER I 12 20.22 7.65 6.69
CA SER I 12 21.64 7.75 7.05
C SER I 12 22.46 6.95 6.06
N ALA I 13 23.22 7.69 5.22
CA ALA I 13 24.20 7.07 4.35
C ALA I 13 25.56 7.70 4.60
N SER I 14 26.63 6.88 4.56
CA SER I 14 28.01 7.32 4.79
C SER I 14 28.51 8.13 3.60
N VAL I 15 29.62 8.85 3.80
CA VAL I 15 30.23 9.65 2.73
C VAL I 15 30.81 8.73 1.65
N GLY I 16 30.79 9.21 0.41
CA GLY I 16 31.22 8.47 -0.76
C GLY I 16 30.32 7.26 -1.02
N ASP I 17 29.01 7.46 -1.01
CA ASP I 17 28.04 6.37 -1.11
C ASP I 17 26.98 6.74 -2.15
N ARG I 18 26.42 5.74 -2.84
CA ARG I 18 25.41 5.97 -3.88
C ARG I 18 24.01 6.01 -3.26
N VAL I 19 23.33 7.17 -3.24
CA VAL I 19 22.06 7.29 -2.51
C VAL I 19 20.95 7.55 -3.52
N THR I 20 19.74 7.02 -3.24
CA THR I 20 18.61 7.10 -4.16
C THR I 20 17.31 7.46 -3.44
N ILE I 21 16.73 8.62 -3.85
CA ILE I 21 15.50 9.18 -3.31
C ILE I 21 14.42 9.02 -4.38
N THR I 22 13.27 8.47 -3.99
CA THR I 22 12.10 8.38 -4.85
C THR I 22 11.23 9.63 -4.71
N CYS I 23 10.47 9.89 -5.79
CA CYS I 23 9.40 10.88 -5.84
C CYS I 23 8.30 10.26 -6.71
N THR I 24 7.04 10.28 -6.29
CA THR I 24 6.04 9.54 -7.02
C THR I 24 4.74 10.33 -6.99
N ALA I 25 3.95 10.23 -8.07
CA ALA I 25 2.86 11.16 -8.32
C ALA I 25 1.52 10.44 -8.32
N SER I 26 0.49 11.16 -7.84
CA SER I 26 -0.88 10.66 -7.82
C SER I 26 -1.35 10.38 -9.25
N SER I 27 -1.03 11.30 -10.18
CA SER I 27 -1.35 11.17 -11.59
C SER I 27 -0.05 11.00 -12.35
N SER I 28 -0.09 11.22 -13.67
CA SER I 28 1.10 11.17 -14.49
C SER I 28 1.59 12.59 -14.78
N VAL I 29 2.86 12.87 -14.42
CA VAL I 29 3.52 14.14 -14.71
C VAL I 29 4.27 13.97 -16.03
N SER I 30 4.13 14.94 -16.94
CA SER I 30 4.99 15.03 -18.12
C SER I 30 6.43 15.09 -17.63
N SER I 31 7.30 14.35 -18.31
CA SER I 31 8.72 14.26 -17.98
C SER I 31 9.28 15.66 -17.71
N SER I 32 9.10 16.60 -18.66
CA SER I 32 9.71 17.92 -18.62
C SER I 32 9.33 18.75 -17.39
N TYR I 33 8.32 18.30 -16.61
CA TYR I 33 7.75 19.14 -15.57
C TYR I 33 8.13 18.74 -14.13
N LEU I 34 8.96 17.70 -13.93
CA LEU I 34 9.39 17.41 -12.56
C LEU I 34 10.71 18.10 -12.24
N HIS I 35 10.77 18.85 -11.13
CA HIS I 35 11.97 19.57 -10.72
C HIS I 35 12.40 19.10 -9.32
N TRP I 36 13.68 19.28 -8.97
CA TRP I 36 14.21 18.90 -7.67
C TRP I 36 14.93 20.10 -7.05
N TYR I 37 14.83 20.21 -5.71
CA TYR I 37 15.41 21.28 -4.93
C TYR I 37 16.17 20.71 -3.72
N GLN I 38 17.22 21.43 -3.32
CA GLN I 38 18.02 21.10 -2.14
C GLN I 38 17.85 22.22 -1.11
N GLN I 39 17.46 21.87 0.13
CA GLN I 39 17.33 22.88 1.19
C GLN I 39 18.32 22.55 2.29
N LYS I 40 19.37 23.37 2.42
CA LYS I 40 20.31 23.27 3.52
C LYS I 40 19.61 23.75 4.78
N PRO I 41 20.07 23.39 6.00
CA PRO I 41 19.28 23.57 7.22
C PRO I 41 18.65 24.94 7.47
N GLY I 42 19.45 26.01 7.33
CA GLY I 42 18.96 27.36 7.64
C GLY I 42 18.76 28.22 6.40
N LYS I 43 18.71 27.58 5.21
CA LYS I 43 18.76 28.31 3.96
C LYS I 43 17.52 28.04 3.10
N ALA I 44 17.32 28.88 2.10
CA ALA I 44 16.28 28.71 1.10
C ALA I 44 16.61 27.54 0.18
N PRO I 45 15.59 26.90 -0.43
CA PRO I 45 15.83 25.84 -1.41
C PRO I 45 16.61 26.36 -2.62
N LYS I 46 17.46 25.49 -3.20
CA LYS I 46 18.16 25.77 -4.44
C LYS I 46 17.81 24.70 -5.46
N LEU I 47 17.65 25.12 -6.71
CA LEU I 47 17.37 24.23 -7.82
C LEU I 47 18.54 23.25 -8.04
N LEU I 48 18.25 21.93 -8.18
CA LEU I 48 19.25 20.94 -8.54
C LEU I 48 19.05 20.48 -9.99
N ILE I 49 17.85 19.94 -10.24
CA ILE I 49 17.46 19.34 -11.51
C ILE I 49 16.13 19.96 -11.91
N TYR I 50 15.90 20.15 -13.24
CA TYR I 50 14.70 20.88 -13.65
C TYR I 50 13.87 20.21 -14.75
N ARG I 51 14.28 19.09 -15.35
CA ARG I 51 13.34 18.45 -16.26
C ARG I 51 13.45 16.95 -16.08
N THR I 52 12.38 16.33 -15.60
CA THR I 52 12.30 14.88 -15.42
C THR I 52 13.47 14.43 -14.56
N SER I 53 13.95 15.34 -13.72
CA SER I 53 15.15 15.06 -12.95
C SER I 53 16.34 14.80 -13.87
N ASN I 54 16.31 15.28 -15.13
CA ASN I 54 17.34 14.97 -16.10
C ASN I 54 18.36 16.10 -16.17
N LEU I 55 17.90 17.36 -16.10
CA LEU I 55 18.77 18.48 -16.43
C LEU I 55 19.21 19.19 -15.15
N ALA I 56 20.53 19.10 -14.87
CA ALA I 56 21.17 19.67 -13.69
C ALA I 56 21.64 21.10 -14.00
N SER I 57 21.59 22.03 -13.02
CA SER I 57 21.87 23.45 -13.29
C SER I 57 23.10 23.96 -12.53
N GLY I 58 24.20 24.33 -13.21
CA GLY I 58 25.48 24.69 -12.59
C GLY I 58 25.80 23.97 -11.26
N VAL I 59 25.73 22.62 -11.22
CA VAL I 59 25.61 21.82 -9.98
C VAL I 59 26.58 20.63 -10.07
N PRO I 60 26.97 19.96 -8.96
CA PRO I 60 27.90 18.82 -9.02
C PRO I 60 27.43 17.60 -9.82
N SER I 61 28.36 16.81 -10.38
CA SER I 61 28.04 15.76 -11.34
C SER I 61 27.39 14.53 -10.68
N ARG I 62 27.69 14.33 -9.38
CA ARG I 62 27.17 13.20 -8.61
C ARG I 62 25.64 13.10 -8.71
N PHE I 63 24.95 14.25 -8.68
CA PHE I 63 23.49 14.33 -8.77
C PHE I 63 22.99 13.94 -10.16
N SER I 64 22.13 12.90 -10.18
CA SER I 64 21.41 12.47 -11.37
C SER I 64 19.93 12.38 -11.03
N GLY I 65 19.06 12.45 -12.05
CA GLY I 65 17.68 12.02 -11.85
C GLY I 65 17.12 11.36 -13.10
N SER I 66 16.04 10.59 -12.91
CA SER I 66 15.37 9.96 -14.05
C SER I 66 13.91 9.72 -13.69
N GLY I 67 13.11 9.35 -14.69
CA GLY I 67 11.76 8.88 -14.44
C GLY I 67 10.81 9.25 -15.57
N SER I 68 9.55 8.81 -15.43
CA SER I 68 8.50 9.10 -16.38
C SER I 68 7.14 8.77 -15.77
N GLY I 69 6.21 9.71 -15.88
CA GLY I 69 4.82 9.44 -15.54
C GLY I 69 4.59 9.55 -14.04
N THR I 70 4.82 8.44 -13.33
CA THR I 70 4.45 8.40 -11.93
C THR I 70 5.70 8.35 -11.05
N ASP I 71 6.72 7.60 -11.48
CA ASP I 71 7.86 7.30 -10.65
C ASP I 71 9.09 8.04 -11.18
N PHE I 72 9.69 8.87 -10.32
CA PHE I 72 10.90 9.65 -10.62
C PHE I 72 11.91 9.40 -9.50
N THR I 73 13.20 9.58 -9.77
CA THR I 73 14.25 9.30 -8.79
C THR I 73 15.32 10.38 -8.84
N LEU I 74 15.96 10.62 -7.70
CA LEU I 74 17.14 11.47 -7.60
C LEU I 74 18.23 10.61 -6.99
N THR I 75 19.43 10.64 -7.58
CA THR I 75 20.51 9.77 -7.17
C THR I 75 21.78 10.60 -6.95
N ILE I 76 22.44 10.42 -5.80
CA ILE I 76 23.74 11.03 -5.55
C ILE I 76 24.81 9.92 -5.60
N SER I 77 25.68 9.96 -6.61
CA SER I 77 26.64 8.88 -6.83
C SER I 77 27.67 8.76 -5.70
N SER I 78 28.34 9.85 -5.33
CA SER I 78 29.21 9.86 -4.15
C SER I 78 28.69 10.91 -3.18
N LEU I 79 27.95 10.43 -2.18
CA LEU I 79 27.41 11.27 -1.14
C LEU I 79 28.59 11.96 -0.47
N GLN I 80 28.37 13.21 -0.05
CA GLN I 80 29.42 14.01 0.53
C GLN I 80 28.83 14.79 1.69
N PRO I 81 29.67 15.26 2.63
CA PRO I 81 29.14 15.79 3.89
C PRO I 81 28.29 17.02 3.62
N GLU I 82 28.70 17.78 2.59
CA GLU I 82 28.04 18.96 2.06
C GLU I 82 26.59 18.62 1.67
N ASP I 83 26.35 17.39 1.19
CA ASP I 83 25.09 16.99 0.60
C ASP I 83 24.02 16.72 1.67
N PHE I 84 24.35 16.91 2.96
CA PHE I 84 23.39 16.80 4.05
C PHE I 84 22.34 17.91 3.93
N ALA I 85 21.09 17.54 3.61
CA ALA I 85 20.02 18.51 3.39
C ALA I 85 18.68 17.78 3.27
N THR I 86 17.59 18.55 3.15
CA THR I 86 16.30 18.02 2.75
C THR I 86 16.12 18.25 1.25
N TYR I 87 15.67 17.21 0.53
CA TYR I 87 15.51 17.25 -0.93
C TYR I 87 14.03 17.23 -1.29
N TYR I 88 13.58 18.18 -2.12
CA TYR I 88 12.17 18.29 -2.47
C TYR I 88 11.97 18.09 -3.97
N CYS I 89 10.90 17.40 -4.37
CA CYS I 89 10.51 17.32 -5.76
C CYS I 89 9.27 18.17 -5.98
N HIS I 90 9.16 18.78 -7.17
CA HIS I 90 8.11 19.72 -7.53
C HIS I 90 7.56 19.35 -8.91
N GLN I 91 6.24 19.51 -9.09
CA GLN I 91 5.60 19.26 -10.37
C GLN I 91 4.90 20.54 -10.82
N TYR I 92 4.97 20.87 -12.12
CA TYR I 92 4.16 21.97 -12.63
C TYR I 92 3.40 21.48 -13.88
N TYR I 93 3.05 20.20 -13.88
CA TYR I 93 2.33 19.61 -15.01
C TYR I 93 0.87 20.07 -14.97
N ARG I 94 0.32 20.21 -13.77
CA ARG I 94 -1.02 20.75 -13.61
C ARG I 94 -1.05 21.63 -12.35
N SER I 95 -1.49 22.89 -12.53
CA SER I 95 -1.58 23.84 -11.45
C SER I 95 -2.77 23.47 -10.57
N PRO I 96 -2.73 23.67 -9.23
CA PRO I 96 -1.59 24.29 -8.55
C PRO I 96 -0.38 23.38 -8.48
N PRO I 97 0.84 23.99 -8.50
CA PRO I 97 2.08 23.28 -8.25
C PRO I 97 2.10 22.64 -6.85
N THR I 98 2.66 21.43 -6.81
CA THR I 98 2.74 20.60 -5.60
C THR I 98 4.21 20.23 -5.37
N PHE I 99 4.61 20.19 -4.09
CA PHE I 99 5.92 19.70 -3.68
C PHE I 99 5.76 18.39 -2.92
N GLY I 100 6.84 17.59 -2.88
CA GLY I 100 6.92 16.42 -2.02
C GLY I 100 7.22 16.78 -0.57
N GLY I 101 7.10 15.77 0.31
CA GLY I 101 7.30 15.93 1.75
C GLY I 101 8.76 16.25 2.10
N GLY I 102 9.69 15.66 1.34
CA GLY I 102 11.11 15.88 1.52
C GLY I 102 11.79 14.63 2.07
N THR I 103 13.06 14.49 1.68
CA THR I 103 13.90 13.42 2.20
C THR I 103 15.11 14.06 2.87
N LYS I 104 15.24 13.82 4.19
CA LYS I 104 16.29 14.35 5.04
C LYS I 104 17.47 13.39 4.98
N VAL I 105 18.48 13.72 4.14
CA VAL I 105 19.74 12.96 4.10
C VAL I 105 20.54 13.31 5.35
N GLU I 106 21.09 12.29 6.02
CA GLU I 106 21.99 12.40 7.16
C GLU I 106 23.23 11.55 6.84
N ILE I 107 24.34 11.80 7.55
CA ILE I 107 25.61 11.16 7.19
C ILE I 107 26.08 10.26 8.33
N LYS I 108 26.43 8.99 8.00
CA LYS I 108 27.21 8.15 8.90
C LYS I 108 28.66 8.63 8.86
N ARG I 109 29.30 8.53 10.02
CA ARG I 109 30.65 9.02 10.21
C ARG I 109 31.30 8.16 11.30
N THR I 110 32.64 8.13 11.33
CA THR I 110 33.35 7.41 12.38
C THR I 110 33.05 8.11 13.70
N VAL I 111 33.07 7.38 14.83
CA VAL I 111 32.74 7.97 16.13
C VAL I 111 33.70 9.13 16.40
N ALA I 112 33.18 10.22 16.98
CA ALA I 112 33.99 11.36 17.39
C ALA I 112 33.60 11.75 18.81
N ALA I 113 34.59 12.23 19.57
CA ALA I 113 34.42 12.57 20.97
C ALA I 113 34.16 14.07 21.12
N PRO I 114 33.35 14.52 22.09
CA PRO I 114 33.07 15.93 22.26
C PRO I 114 34.21 16.67 22.95
N SER I 115 34.52 17.89 22.50
CA SER I 115 35.42 18.75 23.22
C SER I 115 34.61 19.52 24.26
N VAL I 116 34.51 19.00 25.50
CA VAL I 116 33.63 19.59 26.50
C VAL I 116 34.23 20.92 26.99
N PHE I 117 33.37 21.94 27.18
CA PHE I 117 33.76 23.23 27.75
C PHE I 117 32.67 23.72 28.71
N ILE I 118 33.04 24.47 29.76
CA ILE I 118 32.12 25.01 30.76
C ILE I 118 32.30 26.53 30.85
N PHE I 119 31.20 27.26 31.07
CA PHE I 119 31.17 28.72 30.98
C PHE I 119 30.48 29.35 32.19
N PRO I 120 31.23 30.13 33.00
CA PRO I 120 30.67 30.83 34.15
C PRO I 120 29.72 31.95 33.71
N PRO I 121 28.70 32.27 34.54
CA PRO I 121 27.79 33.38 34.26
C PRO I 121 28.52 34.73 34.14
N SER I 122 28.12 35.58 33.19
CA SER I 122 28.77 36.86 32.99
C SER I 122 28.48 37.79 34.17
N ASP I 123 29.42 38.72 34.42
CA ASP I 123 29.29 39.72 35.47
C ASP I 123 28.04 40.58 35.26
N GLU I 124 27.76 40.94 34.00
CA GLU I 124 26.59 41.73 33.61
C GLU I 124 25.33 40.99 34.02
N GLN I 125 25.29 39.66 33.78
CA GLN I 125 24.09 38.87 34.02
C GLN I 125 23.81 38.80 35.52
N LEU I 126 24.88 38.70 36.33
CA LEU I 126 24.75 38.63 37.79
C LEU I 126 23.99 39.84 38.33
N LYS I 127 24.31 41.04 37.80
CA LYS I 127 23.63 42.28 38.17
C LYS I 127 22.14 42.18 37.85
N SER I 128 21.81 41.51 36.72
CA SER I 128 20.42 41.28 36.32
C SER I 128 19.70 40.40 37.35
N GLY I 129 20.48 39.60 38.11
CA GLY I 129 19.93 38.78 39.17
C GLY I 129 19.64 37.34 38.75
N THR I 130 20.08 36.96 37.53
CA THR I 130 20.06 35.58 37.06
C THR I 130 21.47 35.19 36.60
N ALA I 131 21.81 33.91 36.79
CA ALA I 131 23.09 33.33 36.42
C ALA I 131 22.86 32.05 35.62
N SER I 132 23.34 32.04 34.35
CA SER I 132 23.24 30.90 33.46
C SER I 132 24.63 30.28 33.28
N VAL I 133 24.75 28.97 33.59
CA VAL I 133 26.00 28.24 33.38
C VAL I 133 25.86 27.41 32.11
N VAL I 134 26.78 27.63 31.14
CA VAL I 134 26.68 27.00 29.82
C VAL I 134 27.73 25.89 29.72
N CYS I 135 27.39 24.78 29.04
CA CYS I 135 28.31 23.68 28.78
C CYS I 135 28.21 23.24 27.32
N LEU I 136 29.32 23.37 26.57
CA LEU I 136 29.41 22.93 25.19
C LEU I 136 30.00 21.56 25.12
N LEU I 137 29.33 20.66 24.39
CA LEU I 137 29.96 19.43 23.92
C LEU I 137 30.06 19.55 22.41
N ASN I 138 31.26 19.69 21.84
CA ASN I 138 31.43 20.37 20.56
C ASN I 138 31.44 19.51 19.30
N ASN I 139 32.32 18.51 19.15
CA ASN I 139 32.39 17.91 17.82
C ASN I 139 32.27 16.39 17.89
N PHE I 140 31.07 15.90 18.30
CA PHE I 140 30.82 14.46 18.47
C PHE I 140 29.95 13.95 17.34
N TYR I 141 30.06 12.67 16.95
CA TYR I 141 29.21 12.22 15.84
C TYR I 141 27.93 11.53 16.32
N PRO I 142 27.95 10.39 17.03
CA PRO I 142 26.67 9.79 17.44
C PRO I 142 25.88 10.89 18.15
N ARG I 143 24.69 11.24 17.65
CA ARG I 143 23.91 12.36 18.16
C ARG I 143 23.65 12.21 19.66
N GLU I 144 23.34 10.98 20.09
CA GLU I 144 22.97 10.68 21.46
C GLU I 144 24.17 10.92 22.39
N ALA I 145 23.97 11.77 23.40
CA ALA I 145 24.96 12.06 24.43
C ALA I 145 24.24 12.49 25.71
N LYS I 146 24.86 12.31 26.90
CA LYS I 146 24.22 12.67 28.16
C LYS I 146 25.03 13.71 28.94
N VAL I 147 24.34 14.76 29.42
CA VAL I 147 24.90 15.87 30.17
C VAL I 147 24.37 15.79 31.60
N GLN I 148 25.28 15.82 32.59
CA GLN I 148 24.92 15.71 34.00
C GLN I 148 25.42 16.96 34.73
N TRP I 149 24.48 17.82 35.14
CA TRP I 149 24.79 19.01 35.91
C TRP I 149 24.92 18.65 37.40
N LYS I 150 26.14 18.86 37.94
CA LYS I 150 26.43 18.61 39.35
C LYS I 150 26.81 19.94 40.02
N VAL I 151 26.09 20.31 41.09
CA VAL I 151 26.37 21.51 41.87
C VAL I 151 26.89 21.07 43.24
N ASP I 152 28.15 21.41 43.56
CA ASP I 152 28.82 21.01 44.79
C ASP I 152 28.70 19.50 44.99
N ASN I 153 28.93 18.74 43.90
CA ASN I 153 28.87 17.28 43.90
C ASN I 153 27.48 16.76 44.25
N ALA I 154 26.43 17.58 44.03
CA ALA I 154 25.05 17.13 44.09
C ALA I 154 24.38 17.32 42.72
N LEU I 155 23.90 16.22 42.13
CA LEU I 155 23.32 16.23 40.79
C LEU I 155 22.07 17.10 40.83
N GLN I 156 22.06 18.24 40.09
CA GLN I 156 20.91 19.12 40.05
C GLN I 156 20.21 18.90 38.71
N SER I 157 18.92 18.49 38.75
CA SER I 157 18.19 18.06 37.57
C SER I 157 17.16 19.08 37.08
N GLY I 158 16.77 20.04 37.93
CA GLY I 158 15.85 21.10 37.52
C GLY I 158 16.57 22.15 36.69
N ASN I 159 15.81 22.87 35.84
CA ASN I 159 16.25 24.08 35.15
C ASN I 159 17.43 23.81 34.22
N SER I 160 17.40 22.68 33.49
CA SER I 160 18.44 22.30 32.52
C SER I 160 17.83 22.23 31.13
N GLN I 161 18.37 23.02 30.18
CA GLN I 161 17.82 23.09 28.83
C GLN I 161 18.94 22.88 27.80
N GLU I 162 18.72 22.02 26.78
CA GLU I 162 19.72 21.73 25.77
C GLU I 162 19.23 22.15 24.37
N SER I 163 20.17 22.67 23.56
CA SER I 163 19.98 22.83 22.12
C SER I 163 21.09 22.08 21.39
N VAL I 164 20.74 21.42 20.27
CA VAL I 164 21.70 20.67 19.48
C VAL I 164 21.75 21.28 18.07
N THR I 165 22.96 21.43 17.51
CA THR I 165 23.10 21.89 16.12
C THR I 165 22.76 20.76 15.17
N GLU I 166 22.54 21.10 13.89
CA GLU I 166 22.39 20.09 12.86
C GLU I 166 23.80 19.69 12.42
N GLN I 167 23.90 18.55 11.74
CA GLN I 167 25.16 18.00 11.30
C GLN I 167 25.95 19.03 10.49
N ASP I 168 27.27 19.18 10.77
CA ASP I 168 28.14 20.13 10.08
C ASP I 168 28.31 19.71 8.61
N SER I 169 28.38 20.69 7.71
CA SER I 169 28.56 20.49 6.28
C SER I 169 29.94 19.90 5.96
N LYS I 170 30.94 20.18 6.80
CA LYS I 170 32.33 19.82 6.54
C LYS I 170 32.64 18.45 7.19
N ASP I 171 32.67 18.39 8.52
CA ASP I 171 32.71 17.16 9.31
C ASP I 171 31.28 16.89 9.73
N SER I 172 30.74 15.69 9.54
CA SER I 172 29.32 15.52 9.79
C SER I 172 29.11 15.22 11.27
N THR I 173 29.30 16.27 12.09
CA THR I 173 29.29 16.15 13.54
C THR I 173 28.23 17.08 14.14
N TYR I 174 27.80 16.75 15.37
CA TYR I 174 26.81 17.54 16.10
C TYR I 174 27.55 18.31 17.19
N SER I 175 26.99 19.47 17.60
CA SER I 175 27.44 20.20 18.78
C SER I 175 26.24 20.45 19.69
N LEU I 176 26.46 20.44 21.02
CA LEU I 176 25.39 20.55 22.00
C LEU I 176 25.74 21.60 23.03
N SER I 177 24.71 22.36 23.47
CA SER I 177 24.82 23.34 24.55
C SER I 177 23.82 22.99 25.65
N SER I 178 24.31 22.86 26.89
CA SER I 178 23.44 22.67 28.05
C SER I 178 23.57 23.89 28.96
N THR I 179 22.46 24.58 29.26
CA THR I 179 22.51 25.79 30.06
C THR I 179 21.68 25.63 31.35
N LEU I 180 22.34 25.74 32.51
CA LEU I 180 21.69 25.71 33.81
C LEU I 180 21.38 27.15 34.22
N THR I 181 20.08 27.50 34.26
CA THR I 181 19.64 28.83 34.66
C THR I 181 19.30 28.82 36.15
N LEU I 182 20.06 29.57 36.98
CA LEU I 182 19.79 29.69 38.42
C LEU I 182 19.71 31.16 38.82
N SER I 183 19.02 31.44 39.93
CA SER I 183 19.02 32.76 40.55
C SER I 183 20.42 33.07 41.09
N LYS I 184 20.73 34.37 41.27
CA LYS I 184 22.01 34.80 41.83
C LYS I 184 22.19 34.19 43.23
N ALA I 185 21.09 34.13 43.97
CA ALA I 185 21.05 33.61 45.33
C ALA I 185 21.57 32.17 45.38
N ASP I 186 21.03 31.33 44.49
CA ASP I 186 21.42 29.92 44.46
C ASP I 186 22.87 29.81 43.99
N TYR I 187 23.26 30.68 43.03
CA TYR I 187 24.64 30.74 42.54
C TYR I 187 25.61 31.02 43.70
N GLU I 188 25.26 32.00 44.54
CA GLU I 188 26.08 32.33 45.71
C GLU I 188 26.13 31.16 46.71
N LYS I 189 25.01 30.44 46.89
CA LYS I 189 24.92 29.38 47.88
C LYS I 189 25.97 28.28 47.66
N HIS I 190 26.28 27.96 46.39
CA HIS I 190 27.19 26.86 46.06
C HIS I 190 28.47 27.40 45.39
N LYS I 191 29.52 26.58 45.33
CA LYS I 191 30.85 27.02 44.89
C LYS I 191 31.31 26.30 43.62
N VAL I 192 31.26 24.95 43.59
CA VAL I 192 31.74 24.15 42.47
C VAL I 192 30.56 23.80 41.55
N TYR I 193 30.69 24.14 40.24
CA TYR I 193 29.67 23.83 39.23
C TYR I 193 30.29 22.94 38.15
N ALA I 194 29.68 21.77 37.88
CA ALA I 194 30.31 20.73 37.07
C ALA I 194 29.38 20.16 36.01
N CYS I 195 30.01 19.73 34.90
CA CYS I 195 29.41 19.10 33.74
C CYS I 195 29.95 17.67 33.65
N GLU I 196 29.09 16.64 33.71
CA GLU I 196 29.51 15.27 33.43
C GLU I 196 28.91 14.80 32.12
N VAL I 197 29.78 14.39 31.17
CA VAL I 197 29.35 14.03 29.83
C VAL I 197 29.65 12.55 29.59
N THR I 198 28.59 11.80 29.19
CA THR I 198 28.74 10.43 28.73
C THR I 198 28.41 10.36 27.24
N HIS I 199 29.42 9.95 26.44
CA HIS I 199 29.29 9.73 25.00
C HIS I 199 30.12 8.50 24.61
N GLN I 200 29.60 7.69 23.67
CA GLN I 200 30.29 6.51 23.17
C GLN I 200 31.77 6.79 22.91
N GLY I 201 32.12 8.07 22.63
CA GLY I 201 33.47 8.50 22.34
C GLY I 201 34.48 8.31 23.49
N LEU I 202 34.00 8.05 24.71
CA LEU I 202 34.89 7.56 25.77
C LEU I 202 34.14 6.72 26.80
N SER I 203 34.93 5.84 27.47
CA SER I 203 34.46 5.05 28.60
C SER I 203 34.41 5.92 29.85
N SER I 204 35.50 6.67 30.11
CA SER I 204 35.52 7.66 31.18
C SER I 204 34.60 8.82 30.81
N PRO I 205 33.50 9.12 31.56
CA PRO I 205 32.69 10.31 31.32
C PRO I 205 33.51 11.56 31.67
N VAL I 206 33.30 12.67 30.93
CA VAL I 206 34.21 13.82 31.02
C VAL I 206 33.61 14.83 31.99
N THR I 207 34.13 14.83 33.22
CA THR I 207 33.76 15.80 34.23
C THR I 207 34.56 17.07 33.96
N LYS I 208 33.87 18.22 33.83
CA LYS I 208 34.51 19.52 33.60
C LYS I 208 33.86 20.54 34.53
N SER I 209 34.63 21.33 35.29
CA SER I 209 34.09 22.07 36.42
C SER I 209 34.78 23.43 36.59
N PHE I 210 34.09 24.33 37.31
CA PHE I 210 34.64 25.64 37.70
C PHE I 210 34.19 25.96 39.13
N ASN I 211 34.94 26.85 39.81
CA ASN I 211 34.65 27.29 41.18
C ASN I 211 34.33 28.78 41.17
N ARG I 212 33.12 29.15 41.61
CA ARG I 212 32.63 30.54 41.61
C ARG I 212 33.73 31.47 42.12
N GLY I 213 34.21 31.16 43.34
CA GLY I 213 35.28 31.92 43.98
C GLY I 213 36.45 32.18 43.04
N GLU I 214 37.07 31.10 42.52
CA GLU I 214 38.27 31.22 41.70
C GLU I 214 37.93 32.13 40.51
N CYS I 215 38.81 33.13 40.29
CA CYS I 215 38.68 34.07 39.19
C CYS I 215 37.21 34.41 38.90
N ASP J 136 -8.20 27.30 64.64
CA ASP J 136 -8.81 28.31 63.74
C ASP J 136 -8.13 28.25 62.37
N CYS J 137 -8.87 27.75 61.37
CA CYS J 137 -8.38 27.50 60.03
C CYS J 137 -8.14 28.82 59.28
N SER J 138 -8.92 29.86 59.63
CA SER J 138 -8.96 31.13 58.92
C SER J 138 -7.70 31.98 59.11
N LYS J 139 -7.35 32.78 58.06
CA LYS J 139 -6.15 33.63 57.99
C LYS J 139 -6.44 34.92 57.22
N ASN J 140 -5.61 35.95 57.46
CA ASN J 140 -5.69 37.26 56.81
C ASN J 140 -4.36 37.55 56.12
N PHE J 141 -4.42 38.18 54.93
CA PHE J 141 -3.27 38.48 54.08
C PHE J 141 -3.27 39.98 53.78
N THR J 142 -2.13 40.63 54.08
CA THR J 142 -1.94 42.08 53.93
C THR J 142 -0.60 42.43 53.28
N SER J 143 0.37 41.49 53.27
CA SER J 143 1.71 41.70 52.72
C SER J 143 1.64 41.80 51.20
N PRO J 144 2.60 42.49 50.53
CA PRO J 144 2.53 42.75 49.09
C PRO J 144 2.38 41.52 48.20
N ASN J 145 3.27 40.53 48.38
CA ASN J 145 3.22 39.25 47.69
C ASN J 145 2.95 38.15 48.73
N GLY J 146 2.07 37.19 48.42
CA GLY J 146 1.81 36.09 49.35
C GLY J 146 1.40 34.80 48.66
N THR J 147 1.31 33.72 49.47
CA THR J 147 0.87 32.39 49.09
C THR J 147 -0.37 32.01 49.90
N ILE J 148 -1.35 31.36 49.26
CA ILE J 148 -2.50 30.78 49.92
C ILE J 148 -2.67 29.34 49.42
N GLU J 149 -2.88 28.38 50.34
CA GLU J 149 -3.07 26.99 49.95
C GLU J 149 -3.87 26.26 51.02
N SER J 150 -4.40 25.08 50.64
CA SER J 150 -5.09 24.17 51.55
C SER J 150 -4.12 23.70 52.65
N PRO J 151 -4.60 23.54 53.90
CA PRO J 151 -3.77 23.08 55.02
C PRO J 151 -2.93 21.85 54.71
N GLY J 152 -1.63 21.93 55.03
CA GLY J 152 -0.72 20.81 54.92
C GLY J 152 -0.17 20.61 53.51
N PHE J 153 -0.57 21.44 52.53
CA PHE J 153 -0.10 21.29 51.16
C PHE J 153 1.43 21.34 51.14
N PRO J 154 2.16 20.44 50.42
CA PRO J 154 1.58 19.56 49.39
C PRO J 154 0.86 18.26 49.77
N GLU J 155 0.61 18.01 51.07
CA GLU J 155 -0.14 16.84 51.52
C GLU J 155 -1.62 17.01 51.20
N LYS J 156 -2.35 15.88 51.16
CA LYS J 156 -3.80 15.87 50.98
C LYS J 156 -4.46 16.49 52.21
N TYR J 157 -5.60 17.16 52.02
CA TYR J 157 -6.19 18.06 53.01
C TYR J 157 -6.97 17.30 54.10
N PRO J 158 -6.93 17.77 55.38
CA PRO J 158 -7.76 17.21 56.46
C PRO J 158 -9.26 17.39 56.24
N HIS J 159 -10.06 16.47 56.82
CA HIS J 159 -11.51 16.42 56.65
C HIS J 159 -12.20 17.41 57.57
N ASN J 160 -13.47 17.74 57.25
CA ASN J 160 -14.37 18.57 58.04
C ASN J 160 -13.69 19.88 58.40
N LEU J 161 -13.19 20.59 57.37
CA LEU J 161 -12.57 21.91 57.47
C LEU J 161 -13.49 22.96 56.85
N ASP J 162 -13.51 24.15 57.49
CA ASP J 162 -14.28 25.31 57.04
C ASP J 162 -13.50 26.59 57.33
N CYS J 163 -12.53 26.93 56.45
CA CYS J 163 -11.61 28.04 56.65
C CYS J 163 -11.94 29.19 55.70
N THR J 164 -11.61 30.42 56.11
CA THR J 164 -11.72 31.64 55.32
C THR J 164 -10.34 32.25 55.14
N PHE J 165 -9.92 32.49 53.90
CA PHE J 165 -8.70 33.22 53.57
C PHE J 165 -9.10 34.59 53.01
N THR J 166 -8.74 35.65 53.74
CA THR J 166 -9.11 37.00 53.35
C THR J 166 -7.86 37.78 52.96
N ILE J 167 -7.88 38.39 51.76
CA ILE J 167 -6.84 39.32 51.34
C ILE J 167 -7.38 40.75 51.49
N LEU J 168 -6.60 41.61 52.15
CA LEU J 168 -6.99 42.99 52.32
C LEU J 168 -5.95 43.86 51.62
N ALA J 169 -6.36 44.63 50.61
CA ALA J 169 -5.44 45.54 49.95
C ALA J 169 -5.82 46.96 50.36
N LYS J 170 -4.83 47.88 50.37
CA LYS J 170 -5.07 49.27 50.73
C LYS J 170 -5.64 50.00 49.52
N PRO J 171 -6.26 51.19 49.71
CA PRO J 171 -6.85 51.92 48.59
C PRO J 171 -5.84 52.23 47.49
N LYS J 172 -6.32 52.18 46.24
CA LYS J 172 -5.58 52.33 44.99
C LYS J 172 -4.66 51.13 44.69
N MET J 173 -4.94 49.98 45.34
CA MET J 173 -4.23 48.74 45.06
C MET J 173 -5.22 47.74 44.48
N GLU J 174 -4.77 46.92 43.52
CA GLU J 174 -5.55 45.85 42.91
C GLU J 174 -5.00 44.52 43.46
N ILE J 175 -5.92 43.59 43.75
CA ILE J 175 -5.61 42.25 44.26
C ILE J 175 -5.57 41.32 43.05
N ILE J 176 -4.39 40.72 42.79
CA ILE J 176 -4.26 39.71 41.74
C ILE J 176 -4.15 38.34 42.43
N LEU J 177 -5.07 37.43 42.08
CA LEU J 177 -5.08 36.06 42.62
C LEU J 177 -4.86 35.07 41.48
N GLN J 178 -3.80 34.25 41.59
CA GLN J 178 -3.50 33.23 40.59
C GLN J 178 -3.34 31.87 41.28
N PHE J 179 -4.11 30.87 40.80
CA PHE J 179 -4.02 29.49 41.28
C PHE J 179 -3.01 28.72 40.42
N LEU J 180 -2.17 27.91 41.08
CA LEU J 180 -1.09 27.12 40.50
C LEU J 180 -1.50 25.64 40.45
N ILE J 181 -2.16 25.13 41.52
CA ILE J 181 -2.65 23.76 41.56
C ILE J 181 -4.03 23.73 42.21
N PHE J 182 -4.90 22.79 41.74
CA PHE J 182 -6.26 22.65 42.23
C PHE J 182 -6.79 21.23 41.95
N ASP J 183 -7.03 20.48 43.03
CA ASP J 183 -7.60 19.13 42.99
C ASP J 183 -8.55 18.93 44.17
N LEU J 184 -9.87 19.02 43.88
CA LEU J 184 -10.93 18.85 44.86
C LEU J 184 -12.00 17.84 44.39
N GLU J 185 -11.79 17.19 43.23
CA GLU J 185 -12.84 16.44 42.54
C GLU J 185 -13.12 15.11 43.27
N HIS J 186 -14.38 14.66 43.22
CA HIS J 186 -14.86 13.44 43.87
C HIS J 186 -15.73 12.63 42.90
N ASP J 195 -23.13 20.10 40.72
CA ASP J 195 -23.11 20.58 42.12
C ASP J 195 -21.84 20.06 42.81
N CYS J 196 -20.98 21.01 43.23
CA CYS J 196 -20.02 20.81 44.30
C CYS J 196 -20.73 20.67 45.64
N LYS J 197 -21.09 19.41 45.99
CA LYS J 197 -21.85 19.13 47.20
C LYS J 197 -20.97 18.43 48.25
N TYR J 198 -19.71 18.14 47.92
CA TYR J 198 -18.79 17.48 48.84
C TYR J 198 -17.70 18.44 49.31
N ASP J 199 -16.69 18.67 48.46
CA ASP J 199 -15.57 19.56 48.77
C ASP J 199 -15.60 20.70 47.74
N TRP J 200 -15.41 21.95 48.22
CA TRP J 200 -15.50 23.12 47.34
C TRP J 200 -14.62 24.26 47.84
N LEU J 201 -14.28 25.19 46.92
CA LEU J 201 -13.67 26.47 47.26
C LEU J 201 -14.55 27.61 46.74
N ASP J 202 -15.01 28.50 47.64
CA ASP J 202 -15.83 29.65 47.29
C ASP J 202 -14.94 30.90 47.21
N ILE J 203 -15.07 31.70 46.13
CA ILE J 203 -14.37 32.98 46.04
C ILE J 203 -15.41 34.10 46.21
N TRP J 204 -15.12 35.07 47.09
CA TRP J 204 -16.06 36.11 47.53
C TRP J 204 -15.51 37.50 47.23
N ASP J 205 -16.39 38.34 46.65
CA ASP J 205 -16.09 39.75 46.39
C ASP J 205 -16.48 40.55 47.63
N GLY J 206 -15.62 40.44 48.68
CA GLY J 206 -15.91 40.96 50.00
C GLY J 206 -15.85 39.86 51.06
N ILE J 207 -16.54 40.08 52.18
CA ILE J 207 -16.65 39.11 53.27
C ILE J 207 -17.54 37.96 52.80
N PRO J 208 -17.17 36.69 53.13
CA PRO J 208 -17.97 35.53 52.73
C PRO J 208 -19.38 35.56 53.30
N HIS J 209 -20.36 35.24 52.43
CA HIS J 209 -21.77 35.09 52.74
C HIS J 209 -22.43 36.45 52.98
N VAL J 210 -21.70 37.54 52.66
CA VAL J 210 -22.20 38.90 52.76
C VAL J 210 -22.04 39.56 51.40
N GLY J 211 -20.78 39.58 50.91
CA GLY J 211 -20.47 40.07 49.57
C GLY J 211 -20.90 39.07 48.50
N PRO J 212 -21.00 39.49 47.21
CA PRO J 212 -21.44 38.58 46.15
C PRO J 212 -20.41 37.47 45.93
N LEU J 213 -20.90 36.26 45.58
CA LEU J 213 -20.10 35.09 45.28
C LEU J 213 -19.57 35.18 43.84
N ILE J 214 -18.25 35.08 43.67
CA ILE J 214 -17.63 35.18 42.35
C ILE J 214 -17.79 33.84 41.64
N GLY J 215 -17.41 32.74 42.32
CA GLY J 215 -17.53 31.38 41.80
C GLY J 215 -17.27 30.33 42.87
N LYS J 216 -17.77 29.10 42.64
CA LYS J 216 -17.54 27.90 43.46
C LYS J 216 -16.81 26.86 42.59
N TYR J 217 -15.66 26.33 43.07
CA TYR J 217 -14.84 25.40 42.32
C TYR J 217 -14.63 24.10 43.11
N CYS J 218 -14.77 22.95 42.41
CA CYS J 218 -14.53 21.63 42.99
C CYS J 218 -14.11 20.63 41.91
N GLY J 219 -13.02 20.93 41.18
CA GLY J 219 -12.53 20.03 40.16
C GLY J 219 -11.01 19.89 40.15
N THR J 220 -10.49 19.39 39.01
CA THR J 220 -9.07 19.40 38.68
C THR J 220 -8.72 20.68 37.93
N LYS J 221 -9.74 21.56 37.79
CA LYS J 221 -9.68 22.79 37.01
C LYS J 221 -9.19 23.93 37.92
N THR J 222 -8.06 24.53 37.57
CA THR J 222 -7.52 25.69 38.26
C THR J 222 -8.42 26.88 37.97
N PRO J 223 -8.89 27.66 38.97
CA PRO J 223 -9.65 28.88 38.71
C PRO J 223 -8.83 29.91 37.94
N SER J 224 -9.51 30.72 37.12
CA SER J 224 -8.79 31.70 36.32
C SER J 224 -8.38 32.88 37.18
N GLU J 225 -7.34 33.61 36.71
CA GLU J 225 -6.80 34.77 37.39
C GLU J 225 -7.92 35.79 37.67
N LEU J 226 -7.86 36.45 38.85
CA LEU J 226 -8.83 37.49 39.20
C LEU J 226 -8.09 38.78 39.53
N ARG J 227 -8.62 39.92 39.05
CA ARG J 227 -8.12 41.24 39.43
C ARG J 227 -9.24 42.00 40.15
N SER J 228 -9.10 42.18 41.50
CA SER J 228 -10.10 42.85 42.32
C SER J 228 -9.61 44.25 42.75
N SER J 229 -10.46 45.26 42.60
CA SER J 229 -10.24 46.59 43.17
C SER J 229 -11.34 46.92 44.19
N THR J 230 -12.00 45.87 44.72
CA THR J 230 -12.94 46.00 45.83
C THR J 230 -12.16 46.33 47.11
N GLY J 231 -10.90 45.88 47.16
CA GLY J 231 -10.03 46.07 48.31
C GLY J 231 -10.04 44.86 49.25
N ILE J 232 -11.00 43.94 49.05
CA ILE J 232 -11.13 42.72 49.82
C ILE J 232 -11.58 41.58 48.90
N LEU J 233 -10.81 40.47 48.92
CA LEU J 233 -11.15 39.25 48.21
C LEU J 233 -11.01 38.07 49.17
N SER J 234 -12.07 37.24 49.29
CA SER J 234 -12.09 36.15 50.27
C SER J 234 -12.33 34.79 49.62
N LEU J 235 -11.70 33.75 50.19
CA LEU J 235 -11.84 32.36 49.78
C LEU J 235 -12.40 31.58 50.97
N THR J 236 -13.41 30.72 50.78
CA THR J 236 -13.86 29.77 51.80
C THR J 236 -13.56 28.36 51.30
N PHE J 237 -12.77 27.62 52.08
CA PHE J 237 -12.40 26.25 51.76
C PHE J 237 -13.19 25.29 52.64
N HIS J 238 -14.03 24.45 52.01
CA HIS J 238 -14.89 23.50 52.71
C HIS J 238 -14.52 22.07 52.32
N THR J 239 -14.20 21.22 53.32
CA THR J 239 -13.88 19.82 53.10
C THR J 239 -14.89 18.94 53.83
N ASP J 240 -15.16 17.73 53.28
CA ASP J 240 -16.10 16.77 53.84
C ASP J 240 -15.29 15.78 54.70
N MET J 241 -15.73 14.50 54.78
CA MET J 241 -15.11 13.50 55.65
C MET J 241 -14.55 12.32 54.85
N ALA J 242 -14.63 12.39 53.51
CA ALA J 242 -14.26 11.30 52.61
C ALA J 242 -13.17 11.78 51.63
N VAL J 243 -12.28 10.84 51.26
CA VAL J 243 -11.30 10.97 50.18
C VAL J 243 -10.60 12.34 50.18
N ALA J 244 -9.65 12.53 51.10
CA ALA J 244 -8.79 13.71 51.11
C ALA J 244 -8.08 13.83 49.76
N LYS J 245 -8.22 15.00 49.11
CA LYS J 245 -7.58 15.31 47.82
C LYS J 245 -6.34 16.16 48.07
N ASP J 246 -5.61 16.45 46.97
CA ASP J 246 -4.33 17.15 47.00
C ASP J 246 -4.51 18.62 47.43
N GLY J 247 -5.71 19.18 47.20
CA GLY J 247 -6.04 20.53 47.65
C GLY J 247 -5.75 21.56 46.55
N PHE J 248 -5.32 22.75 46.99
CA PHE J 248 -5.03 23.87 46.09
C PHE J 248 -3.80 24.64 46.56
N SER J 249 -3.13 25.26 45.57
CA SER J 249 -2.00 26.18 45.75
C SER J 249 -2.29 27.44 44.93
N ALA J 250 -2.11 28.62 45.54
CA ALA J 250 -2.43 29.90 44.92
C ALA J 250 -1.49 30.97 45.47
N ARG J 251 -1.33 32.07 44.73
CA ARG J 251 -0.54 33.21 45.16
C ARG J 251 -1.26 34.50 44.77
N TYR J 252 -0.98 35.57 45.54
CA TYR J 252 -1.65 36.85 45.38
C TYR J 252 -0.61 37.97 45.31
N TYR J 253 -0.99 39.09 44.67
CA TYR J 253 -0.18 40.30 44.57
C TYR J 253 -1.04 41.53 44.84
N LEU J 254 -0.54 42.44 45.68
CA LEU J 254 -1.12 43.77 45.86
C LEU J 254 -0.37 44.75 44.96
N VAL J 255 -1.04 45.23 43.89
CA VAL J 255 -0.41 46.11 42.90
C VAL J 255 -1.08 47.48 42.93
N HIS J 256 -0.28 48.55 42.80
CA HIS J 256 -0.82 49.90 42.74
C HIS J 256 -1.64 50.07 41.47
N GLN J 257 -2.88 50.60 41.61
CA GLN J 257 -3.79 50.86 40.51
C GLN J 257 -3.21 51.99 39.67
N GLU J 258 -3.40 51.93 38.33
CA GLU J 258 -2.95 52.99 37.45
C GLU J 258 -4.13 53.45 36.60
N PRO J 259 -4.83 54.57 36.94
CA PRO J 259 -6.05 54.99 36.22
C PRO J 259 -5.75 55.31 34.75
N LEU J 260 -6.70 54.99 33.86
CA LEU J 260 -6.46 54.79 32.43
C LEU J 260 -6.51 56.11 31.65
N GLU J 261 -5.34 56.52 31.15
CA GLU J 261 -5.11 57.57 30.15
C GLU J 261 -5.55 58.96 30.67
N ASN J 262 -6.85 59.22 30.76
CA ASN J 262 -7.37 60.34 31.53
C ASN J 262 -8.20 59.75 32.67
N PHE J 263 -9.51 60.01 32.68
CA PHE J 263 -10.46 59.11 33.32
C PHE J 263 -11.44 58.62 32.24
N GLN J 264 -10.85 58.16 31.12
CA GLN J 264 -11.53 57.54 30.01
C GLN J 264 -11.98 56.13 30.41
N CYS J 265 -13.08 55.67 29.79
CA CYS J 265 -13.73 54.41 30.10
C CYS J 265 -14.00 53.66 28.79
N ASN J 266 -12.96 53.55 27.95
CA ASN J 266 -13.05 52.87 26.67
C ASN J 266 -12.01 51.75 26.59
N VAL J 267 -11.63 51.20 27.76
CA VAL J 267 -10.61 50.17 27.88
C VAL J 267 -11.24 48.83 27.47
N PRO J 268 -10.54 48.01 26.64
CA PRO J 268 -11.00 46.65 26.35
C PRO J 268 -10.97 45.87 27.66
N LEU J 269 -12.08 45.16 27.95
CA LEU J 269 -12.31 44.53 29.24
C LEU J 269 -11.64 43.16 29.30
N GLY J 270 -11.27 42.57 28.15
CA GLY J 270 -10.38 41.43 28.12
C GLY J 270 -10.78 40.24 27.24
N MET J 271 -11.65 40.44 26.24
CA MET J 271 -12.05 39.33 25.37
C MET J 271 -10.85 38.95 24.50
N GLU J 272 -10.25 39.93 23.82
CA GLU J 272 -9.10 39.70 22.96
C GLU J 272 -7.86 39.42 23.80
N SER J 273 -7.69 40.14 24.91
CA SER J 273 -6.48 40.10 25.73
C SER J 273 -6.40 38.85 26.60
N GLY J 274 -7.53 38.17 26.84
CA GLY J 274 -7.58 36.97 27.66
C GLY J 274 -7.75 37.30 29.14
N ARG J 275 -7.99 38.59 29.43
CA ARG J 275 -8.16 39.07 30.80
C ARG J 275 -9.45 38.48 31.38
N ILE J 276 -10.53 38.50 30.57
CA ILE J 276 -11.71 37.67 30.79
C ILE J 276 -11.31 36.22 30.52
N ALA J 277 -11.61 35.29 31.44
CA ALA J 277 -11.20 33.91 31.27
C ALA J 277 -12.18 33.19 30.35
N ASN J 278 -11.80 32.00 29.90
CA ASN J 278 -12.69 31.08 29.20
C ASN J 278 -13.92 30.76 30.06
N GLU J 279 -13.72 30.60 31.38
CA GLU J 279 -14.77 30.32 32.35
C GLU J 279 -15.85 31.39 32.33
N GLN J 280 -15.44 32.64 32.06
CA GLN J 280 -16.32 33.80 32.14
C GLN J 280 -17.23 33.88 30.92
N ILE J 281 -16.88 33.13 29.85
CA ILE J 281 -17.68 33.11 28.63
C ILE J 281 -18.53 31.84 28.63
N SER J 282 -19.82 32.03 28.32
CA SER J 282 -20.78 30.95 28.19
C SER J 282 -21.76 31.35 27.09
N ALA J 283 -22.68 30.44 26.74
CA ALA J 283 -23.68 30.74 25.74
C ALA J 283 -24.96 29.95 26.04
N SER J 284 -26.06 30.37 25.41
CA SER J 284 -27.32 29.65 25.50
C SER J 284 -27.15 28.21 25.02
N SER J 285 -26.37 28.07 23.92
CA SER J 285 -26.09 26.80 23.28
C SER J 285 -24.88 26.97 22.35
N THR J 286 -24.32 25.87 21.83
CA THR J 286 -23.29 25.94 20.81
C THR J 286 -23.62 24.97 19.69
N TYR J 287 -23.07 25.19 18.49
CA TYR J 287 -23.38 24.32 17.36
C TYR J 287 -22.88 22.90 17.62
N SER J 288 -23.65 21.91 17.14
CA SER J 288 -23.46 20.49 17.44
C SER J 288 -22.06 19.95 17.11
N ASP J 289 -21.49 20.40 15.98
CA ASP J 289 -20.17 19.95 15.56
C ASP J 289 -19.11 20.30 16.62
N GLY J 290 -19.39 21.33 17.44
CA GLY J 290 -18.48 21.73 18.50
C GLY J 290 -17.27 22.50 17.97
N ARG J 291 -17.45 23.13 16.81
CA ARG J 291 -16.40 23.90 16.14
C ARG J 291 -16.63 25.41 16.33
N TRP J 292 -17.73 25.79 17.01
CA TRP J 292 -18.08 27.20 17.18
C TRP J 292 -18.47 27.52 18.63
N THR J 293 -17.52 27.29 19.56
CA THR J 293 -17.78 27.35 21.00
C THR J 293 -17.81 28.80 21.49
N PRO J 294 -18.43 29.06 22.68
CA PRO J 294 -18.45 30.42 23.24
C PRO J 294 -17.04 30.98 23.43
N GLN J 295 -16.07 30.09 23.72
CA GLN J 295 -14.67 30.46 23.95
C GLN J 295 -13.97 30.90 22.66
N GLN J 296 -14.62 30.68 21.50
CA GLN J 296 -14.10 31.15 20.23
C GLN J 296 -14.67 32.52 19.85
N SER J 297 -15.33 33.23 20.80
CA SER J 297 -16.02 34.48 20.52
C SER J 297 -15.14 35.71 20.80
N ARG J 298 -13.82 35.51 21.00
CA ARG J 298 -12.90 36.60 21.31
C ARG J 298 -12.62 37.37 20.02
N LEU J 299 -12.61 38.71 20.10
CA LEU J 299 -12.36 39.54 18.93
C LEU J 299 -10.99 39.18 18.32
N HIS J 300 -10.97 39.04 16.98
CA HIS J 300 -9.81 38.69 16.17
C HIS J 300 -9.38 37.24 16.39
N GLY J 301 -10.22 36.41 17.03
CA GLY J 301 -9.92 34.99 17.15
C GLY J 301 -9.81 34.33 15.77
N ASP J 302 -8.88 33.38 15.64
CA ASP J 302 -8.45 32.87 14.34
C ASP J 302 -9.19 31.57 13.95
N ASP J 303 -10.07 31.07 14.83
CA ASP J 303 -10.70 29.77 14.65
C ASP J 303 -12.22 29.92 14.76
N ASN J 304 -12.85 30.27 13.64
CA ASN J 304 -14.29 30.47 13.59
C ASN J 304 -14.68 31.56 14.59
N GLY J 305 -15.83 31.37 15.25
CA GLY J 305 -16.35 32.23 16.29
C GLY J 305 -17.45 31.48 17.04
N TRP J 306 -18.26 32.14 17.87
CA TRP J 306 -19.33 31.42 18.56
C TRP J 306 -20.56 31.30 17.66
N THR J 307 -21.11 30.07 17.55
CA THR J 307 -22.38 29.84 16.88
C THR J 307 -23.26 28.98 17.79
N PRO J 308 -24.56 29.33 17.97
CA PRO J 308 -25.48 28.51 18.77
C PRO J 308 -26.00 27.28 18.05
N ASN J 309 -26.62 26.36 18.80
CA ASN J 309 -27.14 25.09 18.31
C ASN J 309 -28.21 25.29 17.23
N LEU J 310 -29.02 26.33 17.38
CA LEU J 310 -29.94 26.79 16.33
C LEU J 310 -29.85 28.29 16.18
N ASP J 311 -30.11 28.80 14.96
CA ASP J 311 -30.12 30.23 14.70
C ASP J 311 -31.53 30.78 14.95
N SER J 312 -31.67 31.51 16.06
CA SER J 312 -32.89 32.14 16.51
C SER J 312 -32.49 33.32 17.37
N ASN J 313 -33.47 34.17 17.71
CA ASN J 313 -33.20 35.40 18.46
C ASN J 313 -33.31 35.14 19.97
N LYS J 314 -33.53 33.88 20.37
CA LYS J 314 -33.60 33.43 21.75
C LYS J 314 -32.23 32.96 22.25
N GLU J 315 -31.28 32.85 21.32
CA GLU J 315 -29.91 32.43 21.61
C GLU J 315 -29.10 33.66 22.00
N TYR J 316 -28.04 33.46 22.78
CA TYR J 316 -27.23 34.56 23.28
C TYR J 316 -25.83 34.09 23.70
N LEU J 317 -24.86 35.03 23.62
CA LEU J 317 -23.49 34.85 24.09
C LEU J 317 -23.34 35.67 25.38
N GLN J 318 -22.90 35.01 26.47
CA GLN J 318 -22.90 35.60 27.80
C GLN J 318 -21.47 35.74 28.31
N VAL J 319 -21.20 36.88 28.97
CA VAL J 319 -19.91 37.15 29.60
C VAL J 319 -20.16 37.63 31.04
N ASP J 320 -19.51 36.94 31.99
CA ASP J 320 -19.52 37.32 33.40
C ASP J 320 -18.20 38.03 33.73
N LEU J 321 -18.27 39.34 34.01
CA LEU J 321 -17.07 40.14 34.30
C LEU J 321 -16.57 39.88 35.72
N ARG J 322 -17.37 39.19 36.55
CA ARG J 322 -17.07 38.67 37.89
C ARG J 322 -17.28 39.74 38.97
N PHE J 323 -17.10 41.02 38.60
CA PHE J 323 -17.23 42.17 39.46
C PHE J 323 -18.10 43.22 38.75
N LEU J 324 -18.78 44.08 39.52
CA LEU J 324 -19.54 45.16 38.95
C LEU J 324 -18.58 46.09 38.19
N THR J 325 -18.89 46.41 36.93
CA THR J 325 -18.03 47.14 36.01
C THR J 325 -18.87 48.16 35.24
N MET J 326 -18.23 49.27 34.83
CA MET J 326 -18.86 50.23 33.92
C MET J 326 -18.68 49.68 32.50
N LEU J 327 -19.78 49.55 31.73
CA LEU J 327 -19.75 49.15 30.33
C LEU J 327 -20.09 50.36 29.46
N THR J 328 -19.28 50.63 28.43
CA THR J 328 -19.50 51.81 27.59
C THR J 328 -19.64 51.47 26.10
N ALA J 329 -19.14 50.31 25.66
CA ALA J 329 -19.11 49.99 24.23
C ALA J 329 -18.99 48.48 23.99
N ILE J 330 -19.46 48.04 22.80
CA ILE J 330 -19.40 46.64 22.37
C ILE J 330 -18.90 46.59 20.93
N ALA J 331 -17.87 45.76 20.69
CA ALA J 331 -17.35 45.49 19.34
C ALA J 331 -17.68 44.05 18.95
N THR J 332 -18.18 43.86 17.73
CA THR J 332 -18.52 42.54 17.21
C THR J 332 -17.91 42.31 15.83
N GLN J 333 -17.71 41.01 15.52
CA GLN J 333 -17.29 40.49 14.22
C GLN J 333 -18.20 39.29 13.91
N GLY J 334 -18.24 38.87 12.62
CA GLY J 334 -18.71 37.54 12.24
C GLY J 334 -17.59 36.50 12.29
N ALA J 335 -17.68 35.46 11.46
CA ALA J 335 -16.65 34.44 11.35
C ALA J 335 -16.76 33.76 9.98
N ILE J 336 -15.60 33.56 9.33
CA ILE J 336 -15.51 32.73 8.14
C ILE J 336 -15.16 31.31 8.59
N SER J 337 -16.02 30.33 8.26
CA SER J 337 -15.82 28.93 8.63
C SER J 337 -14.47 28.43 8.14
N ARG J 338 -13.74 27.76 9.05
CA ARG J 338 -12.44 27.18 8.73
C ARG J 338 -12.61 26.05 7.71
N GLU J 339 -13.78 25.40 7.76
CA GLU J 339 -14.08 24.24 6.94
C GLU J 339 -14.68 24.67 5.59
N THR J 340 -15.88 25.26 5.62
CA THR J 340 -16.65 25.54 4.41
C THR J 340 -16.12 26.79 3.71
N GLN J 341 -15.42 27.66 4.47
CA GLN J 341 -15.05 29.01 4.06
C GLN J 341 -16.29 29.87 3.84
N ASN J 342 -17.40 29.50 4.50
CA ASN J 342 -18.65 30.24 4.44
C ASN J 342 -18.55 31.39 5.44
N GLY J 343 -19.06 32.57 5.08
CA GLY J 343 -18.99 33.73 5.96
C GLY J 343 -20.30 33.93 6.72
N TYR J 344 -20.23 33.92 8.06
CA TYR J 344 -21.40 34.08 8.92
C TYR J 344 -21.24 35.37 9.72
N TYR J 345 -22.30 36.17 9.87
CA TYR J 345 -22.20 37.36 10.71
C TYR J 345 -23.58 37.79 11.21
N VAL J 346 -23.57 38.47 12.36
CA VAL J 346 -24.76 39.02 12.99
C VAL J 346 -24.98 40.41 12.42
N LYS J 347 -26.20 40.70 11.93
CA LYS J 347 -26.47 41.96 11.26
C LYS J 347 -26.98 42.97 12.27
N SER J 348 -27.71 42.50 13.31
CA SER J 348 -28.20 43.35 14.39
C SER J 348 -28.36 42.55 15.68
N TYR J 349 -28.25 43.20 16.86
CA TYR J 349 -28.38 42.51 18.14
C TYR J 349 -29.00 43.42 19.20
N LYS J 350 -29.41 42.78 20.32
CA LYS J 350 -29.93 43.44 21.51
C LYS J 350 -28.99 43.14 22.67
N LEU J 351 -28.97 44.04 23.67
CA LEU J 351 -28.09 43.92 24.81
C LEU J 351 -28.93 43.65 26.06
N GLU J 352 -28.52 42.65 26.85
CA GLU J 352 -29.14 42.31 28.13
C GLU J 352 -28.07 42.36 29.22
N VAL J 353 -28.36 42.99 30.38
CA VAL J 353 -27.36 43.12 31.45
C VAL J 353 -27.98 42.78 32.82
N SER J 354 -27.13 42.21 33.70
CA SER J 354 -27.54 41.76 35.03
C SER J 354 -26.41 41.96 36.05
N THR J 355 -26.74 42.17 37.32
CA THR J 355 -25.77 42.29 38.40
C THR J 355 -25.48 40.93 39.05
N ASN J 356 -26.42 39.99 38.89
CA ASN J 356 -26.41 38.71 39.59
C ASN J 356 -26.51 37.55 38.59
N GLY J 357 -26.87 37.85 37.33
CA GLY J 357 -27.03 36.85 36.29
C GLY J 357 -28.40 36.17 36.30
N GLU J 358 -29.32 36.69 37.13
CA GLU J 358 -30.66 36.15 37.31
C GLU J 358 -31.70 37.18 36.88
N ASP J 359 -31.55 38.42 37.36
CA ASP J 359 -32.43 39.53 37.03
C ASP J 359 -31.84 40.27 35.84
N TRP J 360 -32.56 40.36 34.71
CA TRP J 360 -31.98 40.88 33.47
C TRP J 360 -32.70 42.15 33.02
N MET J 361 -31.95 43.11 32.45
CA MET J 361 -32.52 44.30 31.81
C MET J 361 -32.06 44.38 30.35
N VAL J 362 -33.02 44.44 29.44
CA VAL J 362 -32.76 44.66 28.02
C VAL J 362 -32.44 46.15 27.83
N TYR J 363 -31.26 46.46 27.28
CA TYR J 363 -30.89 47.84 26.97
C TYR J 363 -31.89 48.47 26.00
N ARG J 364 -32.33 49.70 26.33
CA ARG J 364 -33.38 50.42 25.65
C ARG J 364 -32.84 51.77 25.16
N HIS J 365 -33.35 52.25 24.02
CA HIS J 365 -33.15 53.62 23.53
C HIS J 365 -34.52 54.29 23.56
N GLY J 366 -34.76 55.14 24.57
CA GLY J 366 -36.09 55.63 24.88
C GLY J 366 -36.95 54.54 25.53
N LYS J 367 -38.19 54.40 25.06
CA LYS J 367 -39.13 53.47 25.67
C LYS J 367 -38.94 52.09 25.05
N ASN J 368 -38.52 52.03 23.77
CA ASN J 368 -38.39 50.77 23.05
C ASN J 368 -36.99 50.18 23.21
N HIS J 369 -36.89 48.86 22.97
CA HIS J 369 -35.65 48.10 23.07
C HIS J 369 -34.61 48.66 22.11
N LYS J 370 -33.35 48.78 22.56
CA LYS J 370 -32.30 49.29 21.69
C LYS J 370 -31.83 48.15 20.80
N VAL J 371 -31.92 48.36 19.47
CA VAL J 371 -31.50 47.41 18.47
C VAL J 371 -30.21 47.96 17.87
N PHE J 372 -29.07 47.30 18.10
CA PHE J 372 -27.79 47.80 17.61
C PHE J 372 -27.51 47.24 16.23
N GLN J 373 -27.07 48.08 15.29
CA GLN J 373 -26.61 47.61 13.99
C GLN J 373 -25.25 46.96 14.19
N ALA J 374 -25.03 45.80 13.56
CA ALA J 374 -23.82 45.02 13.74
C ALA J 374 -23.04 44.98 12.41
N ASN J 375 -22.61 43.79 11.97
CA ASN J 375 -21.65 43.63 10.88
C ASN J 375 -22.36 43.53 9.53
N ASN J 376 -21.63 43.83 8.45
CA ASN J 376 -22.07 43.65 7.07
C ASN J 376 -21.11 42.75 6.30
N ASP J 377 -20.18 42.14 7.04
CA ASP J 377 -19.22 41.17 6.51
C ASP J 377 -18.71 40.34 7.69
N ALA J 378 -17.97 39.28 7.39
CA ALA J 378 -17.56 38.32 8.41
C ALA J 378 -16.22 38.71 9.04
N THR J 379 -15.54 39.77 8.55
CA THR J 379 -14.15 40.02 8.91
C THR J 379 -13.98 41.32 9.69
N GLU J 380 -14.76 42.37 9.35
CA GLU J 380 -14.51 43.71 9.87
C GLU J 380 -15.14 43.84 11.25
N VAL J 381 -14.53 44.70 12.08
CA VAL J 381 -15.01 45.03 13.43
C VAL J 381 -16.01 46.17 13.33
N VAL J 382 -17.13 46.06 14.08
CA VAL J 382 -18.11 47.14 14.18
C VAL J 382 -18.28 47.49 15.66
N LEU J 383 -18.02 48.76 16.01
CA LEU J 383 -18.09 49.25 17.38
C LEU J 383 -19.36 50.07 17.58
N ASN J 384 -20.15 49.71 18.61
CA ASN J 384 -21.31 50.50 19.00
C ASN J 384 -21.05 51.07 20.39
N LYS J 385 -20.99 52.40 20.50
CA LYS J 385 -20.84 53.09 21.77
C LYS J 385 -22.21 53.21 22.43
N LEU J 386 -22.30 52.84 23.71
CA LEU J 386 -23.54 52.97 24.47
C LEU J 386 -23.81 54.46 24.68
N HIS J 387 -25.05 54.90 24.41
CA HIS J 387 -25.39 56.32 24.49
C HIS J 387 -25.13 56.87 25.89
N ALA J 388 -24.89 55.99 26.86
CA ALA J 388 -24.64 56.34 28.24
C ALA J 388 -24.05 55.15 29.00
N PRO J 389 -22.94 55.34 29.76
CA PRO J 389 -22.37 54.33 30.64
C PRO J 389 -23.35 53.45 31.40
N LEU J 390 -23.08 52.14 31.45
CA LEU J 390 -24.00 51.21 32.13
C LEU J 390 -23.23 50.48 33.20
N LEU J 391 -23.79 50.27 34.40
CA LEU J 391 -23.14 49.51 35.44
C LEU J 391 -23.68 48.09 35.43
N THR J 392 -22.80 47.07 35.33
CA THR J 392 -23.30 45.70 35.28
C THR J 392 -22.20 44.70 35.62
N ARG J 393 -22.56 43.41 35.73
CA ARG J 393 -21.59 42.35 35.94
C ARG J 393 -21.68 41.29 34.84
N PHE J 394 -22.92 41.00 34.40
CA PHE J 394 -23.20 40.04 33.36
C PHE J 394 -23.68 40.76 32.10
N VAL J 395 -23.05 40.41 30.96
CA VAL J 395 -23.46 40.93 29.66
C VAL J 395 -23.95 39.78 28.80
N ARG J 396 -25.06 39.98 28.08
CA ARG J 396 -25.58 39.03 27.11
C ARG J 396 -25.78 39.70 25.76
N ILE J 397 -25.27 39.08 24.68
CA ILE J 397 -25.48 39.60 23.34
C ILE J 397 -26.50 38.70 22.64
N ARG J 398 -27.67 39.27 22.30
CA ARG J 398 -28.75 38.51 21.66
C ARG J 398 -28.87 38.94 20.20
N PRO J 399 -28.41 38.13 19.24
CA PRO J 399 -28.55 38.44 17.81
C PRO J 399 -30.02 38.44 17.40
N GLN J 400 -30.42 39.43 16.57
CA GLN J 400 -31.80 39.57 16.13
C GLN J 400 -31.92 39.19 14.64
N THR J 401 -30.97 39.65 13.82
CA THR J 401 -30.89 39.27 12.41
C THR J 401 -29.45 38.90 12.09
N TRP J 402 -29.24 38.05 11.08
CA TRP J 402 -27.92 37.54 10.75
C TRP J 402 -27.85 37.19 9.27
N HIS J 403 -26.63 37.03 8.73
CA HIS J 403 -26.43 36.61 7.36
C HIS J 403 -25.98 35.15 7.29
N SER J 404 -26.93 34.28 6.94
CA SER J 404 -26.78 32.85 6.71
C SER J 404 -26.45 32.04 7.98
N GLY J 405 -26.31 32.68 9.16
CA GLY J 405 -26.02 31.97 10.41
C GLY J 405 -25.56 32.94 11.48
N ILE J 406 -25.72 32.59 12.77
CA ILE J 406 -25.24 33.44 13.85
C ILE J 406 -23.81 33.05 14.15
N ALA J 407 -22.86 33.95 13.84
CA ALA J 407 -21.46 33.78 14.20
C ALA J 407 -21.00 35.05 14.90
N LEU J 408 -20.35 34.89 16.07
CA LEU J 408 -19.99 36.06 16.84
C LEU J 408 -18.58 35.97 17.41
N ARG J 409 -17.83 37.07 17.19
CA ARG J 409 -16.61 37.39 17.92
C ARG J 409 -16.83 38.76 18.54
N LEU J 410 -16.26 39.03 19.72
CA LEU J 410 -16.74 40.10 20.60
C LEU J 410 -15.60 40.70 21.41
N GLU J 411 -15.67 42.02 21.61
CA GLU J 411 -14.89 42.74 22.63
C GLU J 411 -15.85 43.68 23.38
N LEU J 412 -15.63 43.79 24.70
CA LEU J 412 -16.41 44.65 25.58
C LEU J 412 -15.50 45.77 26.07
N PHE J 413 -16.04 47.01 26.18
CA PHE J 413 -15.25 48.15 26.60
C PHE J 413 -15.90 48.81 27.82
N GLY J 414 -15.05 49.34 28.70
CA GLY J 414 -15.50 49.98 29.94
C GLY J 414 -14.34 50.27 30.88
N CYS J 415 -14.66 50.28 32.18
CA CYS J 415 -13.68 50.55 33.23
C CYS J 415 -14.33 50.20 34.56
N ARG J 416 -13.65 50.48 35.67
CA ARG J 416 -14.25 50.29 36.98
C ARG J 416 -14.63 51.65 37.55
N VAL J 417 -15.68 51.66 38.38
CA VAL J 417 -16.12 52.87 39.08
C VAL J 417 -14.96 53.41 39.92
N THR J 418 -14.11 52.49 40.43
CA THR J 418 -12.96 52.80 41.29
C THR J 418 -11.81 53.47 40.54
N ASP J 419 -11.85 53.50 39.19
CA ASP J 419 -10.81 54.17 38.42
C ASP J 419 -10.88 55.69 38.63
N ALA J 420 -12.10 56.24 38.80
CA ALA J 420 -12.30 57.65 39.08
C ALA J 420 -11.78 58.01 40.47
N PRO J 421 -11.22 59.22 40.70
CA PRO J 421 -10.66 59.59 41.99
C PRO J 421 -11.73 59.56 43.08
N CYS J 422 -11.33 59.10 44.27
CA CYS J 422 -12.16 59.07 45.48
C CYS J 422 -13.52 58.44 45.18
N SER J 423 -13.47 57.23 44.60
CA SER J 423 -14.66 56.49 44.20
C SER J 423 -14.56 55.04 44.66
N ASN J 424 -14.07 54.82 45.89
CA ASN J 424 -14.01 53.48 46.46
C ASN J 424 -15.41 53.11 46.97
N MET J 425 -15.78 51.82 46.82
CA MET J 425 -17.01 51.25 47.34
C MET J 425 -16.83 51.10 48.85
N LEU J 426 -17.65 51.79 49.66
CA LEU J 426 -17.28 51.96 51.06
C LEU J 426 -17.63 50.75 51.95
N GLY J 427 -18.36 49.74 51.44
CA GLY J 427 -18.46 48.46 52.13
C GLY J 427 -19.87 47.86 52.23
N MET J 428 -20.89 48.52 51.64
CA MET J 428 -22.25 47.99 51.63
C MET J 428 -22.28 46.69 50.84
N LEU J 429 -21.67 46.69 49.65
CA LEU J 429 -21.62 45.52 48.78
C LEU J 429 -20.75 44.43 49.41
N SER J 430 -19.51 44.78 49.81
CA SER J 430 -18.50 43.82 50.24
C SER J 430 -18.78 43.29 51.66
N GLY J 431 -19.49 44.07 52.49
CA GLY J 431 -19.73 43.67 53.88
C GLY J 431 -18.75 44.31 54.86
N LEU J 432 -17.87 45.17 54.33
CA LEU J 432 -16.94 45.98 55.12
C LEU J 432 -17.73 46.95 56.02
N ILE J 433 -18.92 47.36 55.56
CA ILE J 433 -19.90 48.03 56.41
C ILE J 433 -20.74 46.97 57.11
N ALA J 434 -20.63 46.81 58.43
CA ALA J 434 -21.39 45.80 59.16
C ALA J 434 -22.89 46.10 59.18
N ASP J 435 -23.72 45.09 59.50
CA ASP J 435 -25.17 45.23 59.59
C ASP J 435 -25.56 46.27 60.63
N SER J 436 -24.82 46.31 61.74
CA SER J 436 -24.95 47.31 62.79
C SER J 436 -25.01 48.72 62.18
N GLN J 437 -24.05 49.00 61.28
CA GLN J 437 -23.94 50.32 60.69
C GLN J 437 -25.24 50.71 59.97
N ILE J 438 -25.86 49.73 59.28
CA ILE J 438 -27.03 50.01 58.45
C ILE J 438 -28.24 50.26 59.36
N SER J 439 -29.12 51.19 58.95
CA SER J 439 -30.37 51.48 59.65
C SER J 439 -31.34 52.17 58.68
N ALA J 440 -32.65 52.12 58.97
CA ALA J 440 -33.68 52.73 58.12
C ALA J 440 -34.72 53.43 58.99
N SER J 441 -35.37 54.47 58.42
CA SER J 441 -36.42 55.22 59.09
C SER J 441 -37.49 54.26 59.59
N SER J 442 -38.12 53.56 58.65
CA SER J 442 -39.10 52.51 58.92
C SER J 442 -38.41 51.17 58.71
N THR J 443 -39.20 50.08 58.58
CA THR J 443 -38.76 48.78 58.12
C THR J 443 -39.96 47.85 57.97
N GLN J 444 -40.37 47.58 56.73
CA GLN J 444 -41.40 46.60 56.46
C GLN J 444 -40.98 45.28 57.10
N GLU J 445 -41.88 44.73 57.94
CA GLU J 445 -41.67 43.51 58.72
C GLU J 445 -40.65 43.75 59.84
N TYR J 446 -41.00 43.27 61.04
CA TYR J 446 -40.16 43.37 62.24
C TYR J 446 -38.95 42.45 62.09
N LEU J 447 -37.83 42.79 62.75
CA LEU J 447 -36.62 41.98 62.75
C LEU J 447 -36.23 41.70 61.30
N TRP J 448 -35.92 42.79 60.59
CA TRP J 448 -35.46 42.76 59.21
C TRP J 448 -33.98 42.41 59.21
N SER J 449 -33.51 41.67 58.18
CA SER J 449 -32.08 41.49 58.00
C SER J 449 -31.52 42.83 57.59
N PRO J 450 -30.38 43.31 58.16
CA PRO J 450 -29.80 44.60 57.77
C PRO J 450 -29.00 44.51 56.45
N SER J 451 -28.81 43.27 55.96
CA SER J 451 -28.00 42.99 54.78
C SER J 451 -28.87 43.04 53.51
N ALA J 452 -30.16 43.39 53.66
CA ALA J 452 -31.08 43.50 52.54
C ALA J 452 -30.89 44.84 51.81
N ALA J 453 -30.24 45.81 52.46
CA ALA J 453 -29.97 47.10 51.84
C ALA J 453 -28.73 47.04 50.96
N ARG J 454 -27.85 46.04 51.21
CA ARG J 454 -26.59 45.90 50.49
C ARG J 454 -26.80 45.97 48.98
N LEU J 455 -25.99 46.79 48.29
CA LEU J 455 -26.04 46.84 46.82
C LEU J 455 -25.60 45.48 46.28
N VAL J 456 -26.30 44.96 45.25
CA VAL J 456 -25.99 43.73 44.52
C VAL J 456 -26.16 42.47 45.39
N SER J 457 -25.31 42.29 46.42
CA SER J 457 -25.25 41.06 47.21
C SER J 457 -26.64 40.69 47.74
N SER J 458 -27.35 41.66 48.32
CA SER J 458 -28.70 41.46 48.83
C SER J 458 -29.62 40.87 47.75
N ARG J 459 -30.36 39.81 48.14
CA ARG J 459 -31.32 39.13 47.30
C ARG J 459 -32.73 39.57 47.68
N SER J 460 -32.89 40.86 47.97
CA SER J 460 -34.15 41.41 48.42
C SER J 460 -34.18 42.92 48.18
N GLY J 461 -33.93 43.71 49.24
CA GLY J 461 -34.06 45.16 49.20
C GLY J 461 -34.66 45.68 50.50
N TRP J 462 -34.25 46.90 50.91
CA TRP J 462 -34.83 47.50 52.10
C TRP J 462 -36.29 47.82 51.81
N PHE J 463 -37.21 47.38 52.68
CA PHE J 463 -38.61 47.74 52.49
C PHE J 463 -39.17 48.44 53.73
N PRO J 464 -39.85 49.60 53.57
CA PRO J 464 -40.56 50.26 54.66
C PRO J 464 -41.83 49.51 54.98
N ARG J 465 -42.27 49.57 56.24
CA ARG J 465 -43.46 48.86 56.71
C ARG J 465 -44.67 49.24 55.84
N ILE J 466 -44.84 50.54 55.55
CA ILE J 466 -45.88 51.01 54.65
C ILE J 466 -45.32 51.03 53.22
N PRO J 467 -45.98 50.32 52.27
CA PRO J 467 -45.49 50.26 50.89
C PRO J 467 -45.39 51.63 50.22
N GLN J 468 -46.54 52.27 49.92
CA GLN J 468 -46.56 53.59 49.30
C GLN J 468 -46.94 54.62 50.36
N ALA J 469 -46.19 55.72 50.36
CA ALA J 469 -46.23 56.72 51.43
C ALA J 469 -45.96 58.10 50.83
N GLN J 470 -45.84 59.12 51.70
CA GLN J 470 -45.50 60.47 51.26
C GLN J 470 -43.99 60.69 51.40
N PRO J 471 -43.36 61.39 50.42
CA PRO J 471 -41.93 61.66 50.33
C PRO J 471 -41.31 62.45 51.49
N GLY J 472 -40.03 62.14 51.81
CA GLY J 472 -39.31 62.79 52.89
C GLY J 472 -39.54 62.17 54.26
N GLU J 473 -40.37 61.11 54.33
CA GLU J 473 -40.73 60.43 55.57
C GLU J 473 -39.94 59.14 55.75
N GLU J 474 -39.29 58.68 54.68
CA GLU J 474 -38.58 57.41 54.69
C GLU J 474 -37.12 57.68 54.31
N TRP J 475 -36.19 56.88 54.88
CA TRP J 475 -34.77 57.02 54.62
C TRP J 475 -34.03 55.74 54.96
N LEU J 476 -32.90 55.51 54.27
CA LEU J 476 -31.94 54.47 54.61
C LEU J 476 -30.64 55.17 55.03
N GLN J 477 -30.07 54.77 56.17
CA GLN J 477 -28.91 55.43 56.76
C GLN J 477 -27.75 54.44 56.85
N VAL J 478 -26.55 54.95 56.48
CA VAL J 478 -25.31 54.19 56.50
C VAL J 478 -24.33 54.92 57.42
N ASP J 479 -23.75 54.18 58.37
CA ASP J 479 -22.67 54.65 59.22
C ASP J 479 -21.34 54.09 58.68
N LEU J 480 -20.40 54.98 58.31
CA LEU J 480 -19.14 54.58 57.68
C LEU J 480 -18.06 54.21 58.71
N GLY J 481 -18.34 54.44 60.01
CA GLY J 481 -17.45 54.07 61.09
C GLY J 481 -16.58 55.24 61.58
N THR J 482 -16.06 56.02 60.61
CA THR J 482 -15.32 57.26 60.85
C THR J 482 -15.68 58.30 59.80
N PRO J 483 -15.39 59.60 60.03
CA PRO J 483 -15.61 60.64 59.02
C PRO J 483 -14.70 60.37 57.83
N LYS J 484 -15.30 60.40 56.63
CA LYS J 484 -14.64 60.12 55.36
C LYS J 484 -15.15 61.10 54.30
N THR J 485 -14.51 61.13 53.12
CA THR J 485 -14.98 61.93 52.00
C THR J 485 -15.96 61.07 51.20
N VAL J 486 -17.18 61.62 50.96
CA VAL J 486 -18.24 60.97 50.20
C VAL J 486 -18.42 61.74 48.90
N LYS J 487 -18.31 61.04 47.75
CA LYS J 487 -18.41 61.70 46.46
C LYS J 487 -19.54 61.10 45.62
N GLY J 488 -20.45 60.34 46.24
CA GLY J 488 -21.56 59.76 45.52
C GLY J 488 -22.08 58.47 46.15
N VAL J 489 -23.15 57.96 45.52
CA VAL J 489 -23.80 56.72 45.91
C VAL J 489 -24.11 55.92 44.65
N ILE J 490 -24.30 54.59 44.81
CA ILE J 490 -24.87 53.73 43.78
C ILE J 490 -26.22 53.25 44.30
N ILE J 491 -27.30 53.53 43.54
CA ILE J 491 -28.66 53.17 43.95
C ILE J 491 -29.19 52.05 43.05
N GLN J 492 -29.90 51.09 43.68
CA GLN J 492 -30.48 49.93 43.01
C GLN J 492 -31.92 49.77 43.49
N GLY J 493 -32.77 49.10 42.68
CA GLY J 493 -34.11 48.72 43.09
C GLY J 493 -34.11 47.41 43.89
N ALA J 494 -35.29 46.79 44.06
CA ALA J 494 -35.41 45.59 44.88
C ALA J 494 -35.93 44.39 44.07
N ALA J 505 -45.16 45.19 39.17
CA ALA J 505 -44.69 44.01 39.93
C ALA J 505 -43.45 44.34 40.76
N ARG J 506 -42.53 45.15 40.19
CA ARG J 506 -41.18 45.35 40.70
C ARG J 506 -41.01 46.80 41.20
N ALA J 507 -40.20 46.95 42.27
CA ALA J 507 -40.07 48.20 43.03
C ALA J 507 -38.67 48.80 42.87
N PHE J 508 -38.63 50.12 42.59
CA PHE J 508 -37.40 50.90 42.50
C PHE J 508 -37.68 52.41 42.68
N VAL J 509 -36.66 53.16 43.15
CA VAL J 509 -36.74 54.59 43.44
C VAL J 509 -36.37 55.38 42.18
N ARG J 510 -37.20 56.37 41.82
CA ARG J 510 -37.10 57.15 40.58
C ARG J 510 -36.47 58.53 40.81
N LYS J 511 -36.65 59.10 42.02
CA LYS J 511 -36.04 60.36 42.43
C LYS J 511 -35.70 60.29 43.92
N PHE J 512 -34.58 60.92 44.36
CA PHE J 512 -34.20 60.84 45.77
C PHE J 512 -33.35 62.04 46.19
N LYS J 513 -33.28 62.29 47.52
CA LYS J 513 -32.42 63.32 48.11
C LYS J 513 -31.35 62.65 48.98
N VAL J 514 -30.18 63.28 49.15
CA VAL J 514 -29.11 62.76 49.99
C VAL J 514 -28.81 63.77 51.10
N SER J 515 -28.72 63.27 52.35
CA SER J 515 -28.33 64.07 53.50
C SER J 515 -27.14 63.41 54.21
N TYR J 516 -26.22 64.22 54.75
CA TYR J 516 -24.96 63.74 55.31
C TYR J 516 -24.68 64.42 56.65
N SER J 517 -23.83 63.76 57.47
CA SER J 517 -23.48 64.21 58.82
C SER J 517 -22.16 63.60 59.31
N LEU J 518 -21.49 64.32 60.22
CA LEU J 518 -20.34 63.86 61.00
C LEU J 518 -20.79 63.37 62.38
N ASN J 519 -21.67 64.16 63.00
CA ASN J 519 -22.32 63.93 64.29
C ASN J 519 -23.21 62.69 64.30
N GLY J 520 -24.10 62.61 63.30
CA GLY J 520 -25.27 61.74 63.36
C GLY J 520 -26.52 62.44 63.89
N LYS J 521 -26.35 63.67 64.41
CA LYS J 521 -27.45 64.46 64.96
C LYS J 521 -27.70 65.73 64.15
N ASP J 522 -26.65 66.39 63.62
CA ASP J 522 -26.80 67.53 62.73
C ASP J 522 -26.62 67.09 61.27
N TRP J 523 -27.65 67.33 60.43
CA TRP J 523 -27.71 66.81 59.07
C TRP J 523 -27.74 67.96 58.06
N GLU J 524 -27.11 67.74 56.89
CA GLU J 524 -27.13 68.68 55.78
C GLU J 524 -27.59 67.95 54.53
N TYR J 525 -28.21 68.66 53.56
CA TYR J 525 -28.61 68.09 52.28
C TYR J 525 -27.64 68.54 51.21
N ILE J 526 -27.27 67.63 50.28
CA ILE J 526 -26.36 68.02 49.21
C ILE J 526 -27.14 69.09 48.44
N GLN J 527 -26.72 70.35 48.57
CA GLN J 527 -27.47 71.46 47.97
C GLN J 527 -27.32 71.43 46.46
N ASP J 528 -28.44 71.40 45.73
CA ASP J 528 -28.39 71.44 44.28
C ASP J 528 -27.52 72.63 43.90
N PRO J 529 -26.41 72.45 43.14
CA PRO J 529 -25.52 73.58 42.84
C PRO J 529 -26.28 74.67 42.07
N ARG J 530 -27.09 74.21 41.11
CA ARG J 530 -27.83 75.03 40.18
C ARG J 530 -28.83 75.88 40.98
N THR J 531 -29.43 75.29 42.03
CA THR J 531 -30.42 76.02 42.83
C THR J 531 -30.01 76.04 44.30
N GLN J 532 -29.06 75.19 44.69
CA GLN J 532 -28.60 75.09 46.08
C GLN J 532 -29.79 74.96 47.03
N GLN J 533 -30.70 74.01 46.77
CA GLN J 533 -31.89 73.73 47.58
C GLN J 533 -31.74 72.39 48.30
N PRO J 534 -32.80 71.59 48.56
CA PRO J 534 -32.63 70.24 49.08
C PRO J 534 -32.29 69.28 47.92
N PHE J 537 -32.10 63.99 43.02
CA PHE J 537 -31.26 63.03 42.26
C PHE J 537 -32.16 62.07 41.48
N GLU J 538 -31.84 61.90 40.19
CA GLU J 538 -32.44 60.89 39.33
C GLU J 538 -32.10 59.52 39.90
N GLY J 539 -33.12 58.65 40.00
CA GLY J 539 -32.98 57.31 40.54
C GLY J 539 -32.76 56.29 39.43
N ASN J 540 -33.45 55.14 39.51
CA ASN J 540 -33.30 54.03 38.59
C ASN J 540 -34.44 54.02 37.56
N MET J 541 -34.21 53.28 36.46
CA MET J 541 -35.19 53.01 35.40
C MET J 541 -35.68 51.55 35.49
N HIS J 542 -35.07 50.78 36.41
CA HIS J 542 -35.17 49.33 36.45
C HIS J 542 -34.78 48.84 37.84
N TYR J 543 -35.29 47.67 38.24
CA TYR J 543 -35.14 47.13 39.58
C TYR J 543 -33.73 46.56 39.82
N ASP J 544 -33.04 46.09 38.77
CA ASP J 544 -31.75 45.44 38.94
C ASP J 544 -30.59 46.37 38.61
N THR J 545 -30.67 47.07 37.47
CA THR J 545 -29.57 47.83 36.93
C THR J 545 -29.28 49.04 37.84
N PRO J 546 -28.08 49.10 38.46
CA PRO J 546 -27.73 50.17 39.39
C PRO J 546 -27.37 51.45 38.65
N ASP J 547 -27.56 52.59 39.33
CA ASP J 547 -27.19 53.89 38.80
C ASP J 547 -26.23 54.54 39.79
N ILE J 548 -25.09 54.99 39.28
CA ILE J 548 -24.12 55.73 40.07
C ILE J 548 -24.47 57.22 39.98
N ARG J 549 -24.60 57.86 41.15
CA ARG J 549 -24.89 59.30 41.25
C ARG J 549 -23.81 59.95 42.10
N ARG J 550 -22.87 60.62 41.41
CA ARG J 550 -21.73 61.29 42.02
C ARG J 550 -22.17 62.71 42.40
N PHE J 551 -21.52 63.31 43.42
CA PHE J 551 -21.77 64.69 43.83
C PHE J 551 -20.47 65.31 44.36
N ASP J 552 -20.52 66.60 44.73
CA ASP J 552 -19.38 67.32 45.27
C ASP J 552 -18.96 66.68 46.58
N PRO J 553 -17.63 66.47 46.82
CA PRO J 553 -17.12 65.77 48.00
C PRO J 553 -17.63 66.40 49.29
N ILE J 554 -18.39 65.60 50.07
CA ILE J 554 -18.89 66.05 51.37
C ILE J 554 -18.27 65.15 52.43
N PRO J 555 -17.51 65.67 53.42
CA PRO J 555 -16.93 64.83 54.47
C PRO J 555 -18.01 64.51 55.49
N ALA J 556 -18.17 63.24 55.86
CA ALA J 556 -19.25 62.80 56.74
C ALA J 556 -19.04 61.35 57.13
N GLN J 557 -19.56 60.94 58.30
CA GLN J 557 -19.52 59.55 58.74
C GLN J 557 -20.90 58.92 58.57
N TYR J 558 -21.93 59.75 58.33
CA TYR J 558 -23.30 59.26 58.25
C TYR J 558 -23.94 59.77 56.97
N VAL J 559 -24.61 58.86 56.23
CA VAL J 559 -25.25 59.20 54.96
C VAL J 559 -26.68 58.63 54.94
N ARG J 560 -27.64 59.44 54.47
CA ARG J 560 -29.05 59.05 54.35
C ARG J 560 -29.56 59.32 52.94
N VAL J 561 -30.33 58.36 52.39
CA VAL J 561 -31.01 58.51 51.11
C VAL J 561 -32.52 58.60 51.38
N TYR J 562 -33.13 59.73 50.96
CA TYR J 562 -34.55 60.02 51.12
C TYR J 562 -35.28 59.83 49.80
N PRO J 563 -36.02 58.71 49.60
CA PRO J 563 -36.82 58.51 48.39
C PRO J 563 -37.89 59.58 48.21
N GLU J 564 -37.97 60.15 46.99
CA GLU J 564 -38.88 61.25 46.66
C GLU J 564 -39.96 60.77 45.69
N ARG J 565 -39.56 60.10 44.59
CA ARG J 565 -40.49 59.44 43.66
C ARG J 565 -40.02 57.99 43.46
N TRP J 566 -40.93 57.08 43.07
CA TRP J 566 -40.66 55.66 42.97
C TRP J 566 -41.66 54.98 42.02
N SER J 567 -41.43 53.68 41.71
CA SER J 567 -42.30 52.91 40.82
C SER J 567 -43.65 52.57 41.48
N PRO J 568 -44.70 52.22 40.69
CA PRO J 568 -46.01 51.86 41.24
C PRO J 568 -46.01 50.80 42.35
N ALA J 569 -45.07 49.85 42.31
CA ALA J 569 -44.90 48.84 43.35
C ALA J 569 -44.60 49.49 44.71
N GLY J 570 -43.93 50.66 44.69
CA GLY J 570 -43.56 51.38 45.91
C GLY J 570 -42.04 51.48 46.06
N ILE J 571 -41.58 51.86 47.27
CA ILE J 571 -40.18 52.03 47.57
C ILE J 571 -39.53 50.66 47.79
N GLY J 572 -38.55 50.35 46.91
CA GLY J 572 -37.62 49.24 47.05
C GLY J 572 -36.22 49.71 46.68
N MET J 573 -35.22 49.42 47.51
CA MET J 573 -33.92 50.04 47.33
C MET J 573 -32.78 49.16 47.88
N ARG J 574 -31.67 49.13 47.10
CA ARG J 574 -30.38 48.63 47.56
C ARG J 574 -29.35 49.75 47.31
N LEU J 575 -28.24 49.80 48.07
CA LEU J 575 -27.42 50.99 48.13
C LEU J 575 -25.97 50.69 48.48
N GLU J 576 -25.07 51.48 47.85
CA GLU J 576 -23.66 51.57 48.20
C GLU J 576 -23.28 53.04 48.28
N VAL J 577 -22.30 53.36 49.13
CA VAL J 577 -21.74 54.70 49.23
C VAL J 577 -20.31 54.70 48.66
N LEU J 578 -19.97 55.81 47.96
CA LEU J 578 -18.69 55.96 47.31
C LEU J 578 -17.92 57.13 47.92
N GLY J 579 -16.60 56.95 48.00
CA GLY J 579 -15.72 57.97 48.56
C GLY J 579 -14.33 57.43 48.83
N CYS J 580 -13.65 58.02 49.84
CA CYS J 580 -12.28 57.69 50.20
C CYS J 580 -11.94 58.23 51.58
N ASP J 581 -10.82 57.79 52.17
CA ASP J 581 -10.36 58.26 53.48
C ASP J 581 -9.82 59.68 53.36
N TRP J 582 -9.84 60.44 54.47
CA TRP J 582 -9.36 61.82 54.49
C TRP J 582 -7.87 61.93 54.14
N GLU K 1 -41.25 22.80 -0.50
CA GLU K 1 -40.20 21.77 -0.78
C GLU K 1 -39.21 22.37 -1.77
N VAL K 2 -37.93 22.47 -1.36
CA VAL K 2 -36.95 23.18 -2.18
C VAL K 2 -36.75 22.39 -3.47
N GLN K 3 -36.64 23.11 -4.58
CA GLN K 3 -36.50 22.48 -5.89
C GLN K 3 -35.66 23.40 -6.78
N LEU K 4 -34.68 22.83 -7.51
CA LEU K 4 -33.84 23.55 -8.45
C LEU K 4 -34.07 23.01 -9.85
N VAL K 5 -34.34 23.93 -10.80
CA VAL K 5 -34.61 23.54 -12.17
C VAL K 5 -33.52 24.13 -13.07
N GLN K 6 -32.82 23.25 -13.80
CA GLN K 6 -31.66 23.63 -14.58
C GLN K 6 -32.09 23.97 -16.01
N SER K 7 -31.19 24.62 -16.73
CA SER K 7 -31.33 24.93 -18.15
C SER K 7 -31.35 23.64 -18.99
N GLY K 8 -31.75 23.75 -20.25
CA GLY K 8 -31.69 22.60 -21.16
C GLY K 8 -30.28 22.32 -21.70
N ALA K 9 -30.13 21.10 -22.24
CA ALA K 9 -28.89 20.64 -22.87
C ALA K 9 -28.51 21.59 -24.02
N GLU K 10 -27.20 21.80 -24.21
CA GLU K 10 -26.68 22.61 -25.30
C GLU K 10 -25.51 21.89 -25.97
N VAL K 11 -25.24 22.28 -27.22
CA VAL K 11 -23.97 22.01 -27.89
C VAL K 11 -23.31 23.37 -28.09
N LYS K 12 -22.01 23.46 -27.77
CA LYS K 12 -21.29 24.73 -27.82
C LYS K 12 -19.94 24.45 -28.48
N LYS K 13 -19.47 25.29 -29.42
CA LYS K 13 -18.25 24.99 -30.19
C LYS K 13 -17.03 25.18 -29.28
N PRO K 14 -15.89 24.47 -29.50
CA PRO K 14 -14.70 24.63 -28.64
C PRO K 14 -14.20 26.07 -28.63
N GLY K 15 -13.84 26.56 -27.44
CA GLY K 15 -13.41 27.95 -27.27
C GLY K 15 -14.57 28.92 -27.02
N ALA K 16 -15.83 28.44 -27.06
CA ALA K 16 -17.01 29.26 -26.77
C ALA K 16 -17.23 29.35 -25.26
N THR K 17 -18.35 29.97 -24.83
CA THR K 17 -18.73 30.02 -23.42
C THR K 17 -20.16 29.49 -23.25
N VAL K 18 -20.45 28.86 -22.11
CA VAL K 18 -21.79 28.37 -21.79
C VAL K 18 -22.23 28.98 -20.47
N LYS K 19 -23.43 29.56 -20.45
CA LYS K 19 -24.08 29.97 -19.23
C LYS K 19 -25.27 29.04 -19.03
N ILE K 20 -25.39 28.42 -17.84
CA ILE K 20 -26.56 27.58 -17.52
C ILE K 20 -27.23 28.08 -16.25
N SER K 21 -28.52 27.74 -16.12
CA SER K 21 -29.46 28.34 -15.19
C SER K 21 -29.81 27.33 -14.10
N CYS K 22 -29.90 27.80 -12.85
CA CYS K 22 -30.40 27.03 -11.71
C CYS K 22 -31.51 27.83 -11.05
N LYS K 23 -32.80 27.51 -11.34
CA LYS K 23 -33.91 28.27 -10.77
C LYS K 23 -34.32 27.69 -9.41
N VAL K 24 -33.82 28.32 -8.32
CA VAL K 24 -34.17 27.97 -6.95
C VAL K 24 -35.61 28.38 -6.69
N SER K 25 -36.35 27.50 -5.98
CA SER K 25 -37.74 27.73 -5.65
C SER K 25 -38.12 26.83 -4.47
N GLY K 26 -39.40 26.84 -4.09
CA GLY K 26 -39.94 25.83 -3.16
C GLY K 26 -39.99 26.36 -1.73
N PHE K 27 -38.81 26.57 -1.14
CA PHE K 27 -38.69 27.22 0.16
C PHE K 27 -38.02 28.59 -0.01
N ASN K 28 -37.02 28.66 -0.90
CA ASN K 28 -36.29 29.87 -1.20
C ASN K 28 -35.89 30.53 0.12
N ILE K 29 -36.28 31.81 0.34
CA ILE K 29 -35.71 32.73 1.34
C ILE K 29 -34.35 33.24 0.83
N LYS K 30 -33.85 34.38 1.33
CA LYS K 30 -32.51 34.87 0.99
C LYS K 30 -31.44 34.06 1.72
N ASP K 31 -30.17 34.32 1.39
CA ASP K 31 -29.02 33.62 1.95
C ASP K 31 -28.95 32.19 1.44
N TYR K 32 -29.40 31.94 0.20
CA TYR K 32 -29.24 30.63 -0.41
C TYR K 32 -27.80 30.49 -0.90
N TYR K 33 -27.32 29.24 -0.93
CA TYR K 33 -25.97 28.86 -1.30
C TYR K 33 -26.03 27.87 -2.47
N ILE K 34 -25.43 28.24 -3.62
CA ILE K 34 -25.52 27.40 -4.81
C ILE K 34 -24.12 26.91 -5.15
N HIS K 35 -24.02 25.62 -5.49
CA HIS K 35 -22.77 24.96 -5.80
C HIS K 35 -22.97 24.30 -7.16
N TRP K 36 -21.90 24.30 -7.97
CA TRP K 36 -21.94 23.68 -9.28
C TRP K 36 -20.96 22.50 -9.29
N VAL K 37 -21.41 21.38 -9.85
CA VAL K 37 -20.67 20.14 -9.90
C VAL K 37 -20.66 19.69 -11.36
N GLN K 38 -19.54 19.10 -11.78
CA GLN K 38 -19.34 18.59 -13.13
C GLN K 38 -19.17 17.08 -13.05
N GLN K 39 -20.00 16.36 -13.79
CA GLN K 39 -19.91 14.92 -13.93
C GLN K 39 -19.53 14.61 -15.37
N ALA K 40 -18.25 14.26 -15.57
CA ALA K 40 -17.71 13.89 -16.87
C ALA K 40 -18.39 12.60 -17.33
N PRO K 41 -18.50 12.33 -18.66
CA PRO K 41 -19.18 11.13 -19.14
C PRO K 41 -18.62 9.87 -18.51
N GLY K 42 -17.28 9.81 -18.39
CA GLY K 42 -16.59 8.70 -17.74
C GLY K 42 -17.20 8.37 -16.38
N LYS K 43 -17.23 9.39 -15.50
CA LYS K 43 -17.88 9.35 -14.20
C LYS K 43 -17.21 10.44 -13.36
N GLY K 44 -17.53 10.47 -12.06
CA GLY K 44 -16.90 11.37 -11.10
C GLY K 44 -17.74 12.63 -10.89
N LEU K 45 -17.64 13.17 -9.68
CA LEU K 45 -18.29 14.43 -9.34
C LEU K 45 -17.19 15.43 -8.98
N GLU K 46 -17.08 16.53 -9.73
CA GLU K 46 -16.03 17.49 -9.47
C GLU K 46 -16.65 18.85 -9.18
N TRP K 47 -16.27 19.46 -8.06
CA TRP K 47 -16.87 20.70 -7.60
C TRP K 47 -16.27 21.91 -8.33
N MET K 48 -17.08 22.59 -9.15
CA MET K 48 -16.65 23.77 -9.87
C MET K 48 -16.56 24.97 -8.92
N GLY K 49 -17.58 25.15 -8.07
CA GLY K 49 -17.60 26.33 -7.23
C GLY K 49 -18.90 26.49 -6.45
N ARG K 50 -18.98 27.60 -5.68
CA ARG K 50 -20.12 27.95 -4.85
C ARG K 50 -20.38 29.45 -4.99
N ILE K 51 -21.56 29.91 -4.59
CA ILE K 51 -21.89 31.35 -4.59
C ILE K 51 -22.81 31.66 -3.42
N ASP K 52 -22.45 32.70 -2.65
CA ASP K 52 -23.34 33.33 -1.68
C ASP K 52 -24.30 34.19 -2.48
N VAL K 53 -25.60 33.89 -2.48
CA VAL K 53 -26.45 34.60 -3.42
C VAL K 53 -26.57 36.05 -2.97
N GLU K 54 -26.73 36.27 -1.66
CA GLU K 54 -27.00 37.58 -1.10
C GLU K 54 -25.77 38.48 -1.31
N ASP K 55 -24.59 38.03 -0.86
CA ASP K 55 -23.32 38.71 -1.10
C ASP K 55 -22.60 37.95 -2.22
N ASP K 56 -22.20 38.61 -3.33
CA ASP K 56 -21.40 37.92 -4.34
C ASP K 56 -20.04 37.54 -3.76
N GLU K 57 -19.99 36.33 -3.15
CA GLU K 57 -18.77 35.76 -2.60
C GLU K 57 -18.59 34.36 -3.17
N THR K 58 -18.30 34.31 -4.47
CA THR K 58 -18.02 33.08 -5.19
C THR K 58 -16.67 32.53 -4.74
N LYS K 59 -16.62 31.19 -4.55
CA LYS K 59 -15.39 30.42 -4.38
C LYS K 59 -15.35 29.40 -5.52
N TYR K 60 -14.19 29.27 -6.17
CA TYR K 60 -14.03 28.43 -7.34
C TYR K 60 -12.96 27.37 -7.08
N ALA K 61 -13.12 26.20 -7.74
CA ALA K 61 -12.09 25.18 -7.70
C ALA K 61 -10.89 25.64 -8.53
N PRO K 62 -9.66 25.29 -8.11
CA PRO K 62 -8.46 25.73 -8.80
C PRO K 62 -8.42 25.28 -10.27
N LYS K 63 -9.05 24.12 -10.55
CA LYS K 63 -9.09 23.51 -11.87
C LYS K 63 -9.84 24.41 -12.85
N PHE K 64 -10.98 24.95 -12.40
CA PHE K 64 -11.86 25.74 -13.26
C PHE K 64 -11.63 27.24 -13.04
N GLN K 65 -10.62 27.60 -12.22
CA GLN K 65 -10.30 29.00 -11.97
C GLN K 65 -9.74 29.63 -13.23
N GLY K 66 -10.15 30.88 -13.48
CA GLY K 66 -9.91 31.58 -14.74
C GLY K 66 -11.08 31.42 -15.72
N ARG K 67 -11.82 30.30 -15.63
CA ARG K 67 -12.68 29.83 -16.70
C ARG K 67 -14.16 29.73 -16.24
N VAL K 68 -14.44 29.85 -14.93
CA VAL K 68 -15.81 29.77 -14.45
C VAL K 68 -16.17 31.06 -13.73
N THR K 69 -17.38 31.57 -14.04
CA THR K 69 -17.95 32.72 -13.34
C THR K 69 -19.34 32.31 -12.87
N ILE K 70 -19.61 32.45 -11.56
CA ILE K 70 -20.93 32.16 -11.03
C ILE K 70 -21.59 33.49 -10.68
N THR K 71 -22.85 33.65 -11.14
CA THR K 71 -23.62 34.86 -10.96
C THR K 71 -24.95 34.47 -10.31
N ALA K 72 -25.53 35.42 -9.55
CA ALA K 72 -26.83 35.24 -8.95
C ALA K 72 -27.70 36.43 -9.35
N ASP K 73 -28.97 36.14 -9.70
CA ASP K 73 -29.99 37.17 -9.78
C ASP K 73 -30.87 37.06 -8.53
N THR K 74 -30.93 38.11 -7.71
CA THR K 74 -31.77 38.03 -6.51
C THR K 74 -33.23 38.23 -6.91
N SER K 75 -33.47 39.03 -7.96
CA SER K 75 -34.81 39.40 -8.40
C SER K 75 -35.63 38.17 -8.81
N THR K 76 -35.07 37.35 -9.71
CA THR K 76 -35.57 36.02 -10.02
C THR K 76 -34.57 35.02 -9.45
N ASP K 77 -35.04 34.06 -8.65
CA ASP K 77 -34.15 33.23 -7.86
C ASP K 77 -33.42 32.26 -8.78
N THR K 78 -32.46 32.76 -9.57
CA THR K 78 -31.77 31.97 -10.58
C THR K 78 -30.25 32.19 -10.43
N ALA K 79 -29.49 31.09 -10.42
CA ALA K 79 -28.03 31.18 -10.34
C ALA K 79 -27.44 30.67 -11.65
N TYR K 80 -26.30 31.25 -12.09
CA TYR K 80 -25.75 30.96 -13.40
C TYR K 80 -24.31 30.47 -13.27
N MET K 81 -23.92 29.52 -14.12
CA MET K 81 -22.52 29.15 -14.25
C MET K 81 -22.08 29.45 -15.67
N GLU K 82 -21.05 30.29 -15.83
CA GLU K 82 -20.53 30.64 -17.14
C GLU K 82 -19.14 29.99 -17.28
N LEU K 83 -18.98 29.11 -18.28
CA LEU K 83 -17.71 28.41 -18.51
C LEU K 83 -17.07 28.94 -19.79
N SER K 84 -16.01 29.76 -19.66
CA SER K 84 -15.24 30.35 -20.74
C SER K 84 -14.41 29.28 -21.45
N SER K 85 -13.80 29.64 -22.61
CA SER K 85 -12.74 28.86 -23.24
C SER K 85 -13.00 27.36 -23.04
N LEU K 86 -14.06 26.85 -23.69
CA LEU K 86 -14.48 25.46 -23.51
C LEU K 86 -13.43 24.50 -24.09
N ARG K 87 -13.45 23.26 -23.56
CA ARG K 87 -12.53 22.19 -23.94
C ARG K 87 -13.35 20.96 -24.31
N SER K 88 -12.74 20.03 -25.07
CA SER K 88 -13.36 18.74 -25.39
C SER K 88 -13.75 18.01 -24.10
N GLU K 89 -12.87 18.09 -23.10
CA GLU K 89 -13.05 17.46 -21.80
C GLU K 89 -14.12 18.19 -20.98
N ASP K 90 -14.64 19.32 -21.48
CA ASP K 90 -15.67 20.07 -20.78
C ASP K 90 -17.05 19.51 -21.10
N THR K 91 -17.16 18.54 -22.02
CA THR K 91 -18.47 17.96 -22.32
C THR K 91 -18.81 17.05 -21.14
N ALA K 92 -19.87 17.42 -20.41
CA ALA K 92 -20.23 16.77 -19.16
C ALA K 92 -21.65 17.15 -18.78
N VAL K 93 -22.17 16.49 -17.73
CA VAL K 93 -23.42 16.92 -17.11
C VAL K 93 -23.04 17.83 -15.95
N TYR K 94 -23.61 19.03 -15.93
CA TYR K 94 -23.37 20.03 -14.91
C TYR K 94 -24.60 20.06 -14.00
N TYR K 95 -24.37 19.85 -12.69
CA TYR K 95 -25.41 19.87 -11.69
C TYR K 95 -25.24 21.12 -10.83
N CYS K 96 -26.34 21.72 -10.38
CA CYS K 96 -26.31 22.72 -9.33
C CYS K 96 -26.93 22.11 -8.08
N ALA K 97 -26.43 22.45 -6.89
CA ALA K 97 -26.88 21.88 -5.64
C ALA K 97 -26.85 22.98 -4.57
N THR K 98 -27.70 22.86 -3.53
CA THR K 98 -27.76 23.81 -2.42
C THR K 98 -27.77 23.03 -1.11
N PRO K 99 -27.10 23.49 -0.04
CA PRO K 99 -27.27 22.87 1.28
C PRO K 99 -28.52 23.41 1.98
N ILE K 100 -28.88 22.83 3.14
CA ILE K 100 -29.97 23.32 3.98
C ILE K 100 -29.52 24.63 4.66
N TYR K 101 -30.42 25.42 5.28
CA TYR K 101 -30.07 26.76 5.71
C TYR K 101 -28.96 26.77 6.78
N GLY K 102 -29.20 26.10 7.90
CA GLY K 102 -28.35 26.23 9.07
C GLY K 102 -27.09 25.37 9.02
N SER K 103 -27.04 24.41 8.06
CA SER K 103 -25.93 23.48 7.94
C SER K 103 -24.65 24.24 7.63
N ARG K 104 -23.73 24.25 8.62
CA ARG K 104 -22.35 24.70 8.43
C ARG K 104 -21.51 23.54 7.91
N GLU K 105 -22.19 22.41 7.71
CA GLU K 105 -21.59 21.14 7.38
C GLU K 105 -21.73 20.93 5.86
N ALA K 106 -22.61 21.74 5.25
CA ALA K 106 -22.68 21.95 3.81
C ALA K 106 -22.83 20.64 3.04
N TRP K 107 -23.65 19.73 3.56
CA TRP K 107 -24.10 18.58 2.76
C TRP K 107 -25.07 19.10 1.69
N PHE K 108 -24.94 18.57 0.46
CA PHE K 108 -25.79 18.96 -0.66
C PHE K 108 -27.13 18.24 -0.55
N ALA K 109 -28.08 18.90 0.14
CA ALA K 109 -29.38 18.32 0.42
C ALA K 109 -30.23 18.25 -0.85
N TYR K 110 -30.22 19.32 -1.66
CA TYR K 110 -31.06 19.39 -2.86
C TYR K 110 -30.19 19.62 -4.10
N TRP K 111 -30.52 18.92 -5.20
CA TRP K 111 -29.75 18.93 -6.44
C TRP K 111 -30.69 19.24 -7.61
N GLY K 112 -30.14 19.80 -8.69
CA GLY K 112 -30.86 20.02 -9.95
C GLY K 112 -30.82 18.77 -10.83
N GLN K 113 -31.61 18.77 -11.90
CA GLN K 113 -31.79 17.58 -12.72
C GLN K 113 -30.54 17.29 -13.56
N GLY K 114 -29.80 18.34 -13.92
CA GLY K 114 -28.57 18.20 -14.70
C GLY K 114 -28.72 18.79 -16.09
N THR K 115 -27.69 19.55 -16.52
CA THR K 115 -27.63 20.09 -17.87
C THR K 115 -26.45 19.45 -18.60
N LEU K 116 -26.69 18.91 -19.81
CA LEU K 116 -25.64 18.28 -20.61
C LEU K 116 -25.07 19.31 -21.58
N VAL K 117 -23.74 19.53 -21.52
CA VAL K 117 -23.08 20.34 -22.54
C VAL K 117 -22.22 19.41 -23.37
N THR K 118 -22.40 19.45 -24.71
CA THR K 118 -21.56 18.70 -25.64
C THR K 118 -20.71 19.69 -26.42
N VAL K 119 -19.47 19.93 -25.95
CA VAL K 119 -18.51 20.78 -26.66
C VAL K 119 -18.00 20.04 -27.89
N SER K 120 -18.55 20.38 -29.07
CA SER K 120 -18.22 19.72 -30.32
C SER K 120 -18.16 20.76 -31.44
N SER K 121 -17.31 20.48 -32.43
CA SER K 121 -17.14 21.35 -33.59
C SER K 121 -18.18 21.02 -34.66
N ALA K 122 -18.90 19.89 -34.49
CA ALA K 122 -19.60 19.20 -35.56
C ALA K 122 -20.90 19.93 -35.94
N SER K 123 -21.65 20.37 -34.91
CA SER K 123 -22.91 21.09 -35.07
C SER K 123 -24.06 20.13 -35.38
N THR K 124 -25.27 20.70 -35.41
CA THR K 124 -26.50 20.06 -34.94
C THR K 124 -27.37 19.54 -36.09
N LYS K 125 -27.86 18.28 -35.97
CA LYS K 125 -28.80 17.68 -36.91
C LYS K 125 -29.94 17.01 -36.15
N GLY K 126 -31.17 17.23 -36.64
CA GLY K 126 -32.36 16.63 -36.07
C GLY K 126 -32.42 15.12 -36.31
N PRO K 127 -33.14 14.37 -35.45
CA PRO K 127 -33.26 12.93 -35.59
C PRO K 127 -34.19 12.46 -36.70
N SER K 128 -33.94 11.26 -37.26
CA SER K 128 -34.89 10.58 -38.14
C SER K 128 -35.52 9.40 -37.39
N VAL K 129 -36.86 9.31 -37.34
CA VAL K 129 -37.53 8.29 -36.54
C VAL K 129 -38.20 7.28 -37.48
N PHE K 130 -37.89 5.99 -37.27
CA PHE K 130 -38.40 4.91 -38.11
C PHE K 130 -38.98 3.81 -37.22
N PRO K 131 -40.24 3.37 -37.44
CA PRO K 131 -40.84 2.32 -36.61
C PRO K 131 -40.11 1.00 -36.76
N LEU K 132 -40.03 0.25 -35.65
CA LEU K 132 -39.56 -1.13 -35.63
C LEU K 132 -40.71 -2.03 -35.20
N ALA K 133 -41.41 -2.65 -36.16
CA ALA K 133 -42.49 -3.58 -35.86
C ALA K 133 -42.17 -4.93 -36.50
N PRO K 134 -42.57 -6.08 -35.88
CA PRO K 134 -42.30 -7.39 -36.49
C PRO K 134 -43.16 -7.59 -37.72
N CYS K 135 -42.56 -8.03 -38.84
CA CYS K 135 -43.37 -8.48 -39.97
C CYS K 135 -44.01 -9.81 -39.57
N SER K 136 -45.09 -10.20 -40.23
CA SER K 136 -45.93 -11.29 -39.76
C SER K 136 -46.29 -11.06 -38.30
N ARG K 137 -46.85 -9.86 -38.02
CA ARG K 137 -47.01 -9.31 -36.68
C ARG K 137 -47.84 -10.22 -35.77
N SER K 138 -48.97 -10.74 -36.29
CA SER K 138 -49.85 -11.57 -35.45
C SER K 138 -49.36 -13.02 -35.43
N THR K 139 -48.19 -13.23 -34.80
CA THR K 139 -47.65 -14.54 -34.44
C THR K 139 -48.17 -14.95 -33.06
N SER K 140 -47.70 -16.08 -32.50
CA SER K 140 -48.28 -16.66 -31.29
C SER K 140 -47.24 -16.83 -30.18
N GLU K 141 -46.82 -15.68 -29.63
CA GLU K 141 -46.16 -15.57 -28.34
C GLU K 141 -47.04 -14.63 -27.51
N SER K 142 -47.00 -14.77 -26.18
CA SER K 142 -47.89 -14.06 -25.27
C SER K 142 -47.74 -12.55 -25.42
N THR K 143 -46.48 -12.09 -25.58
CA THR K 143 -46.13 -10.68 -25.68
C THR K 143 -45.29 -10.41 -26.94
N ALA K 144 -45.45 -9.20 -27.49
CA ALA K 144 -44.71 -8.72 -28.66
C ALA K 144 -43.90 -7.48 -28.28
N ALA K 145 -42.70 -7.36 -28.85
CA ALA K 145 -41.83 -6.22 -28.66
C ALA K 145 -42.01 -5.27 -29.85
N LEU K 146 -42.24 -3.96 -29.58
CA LEU K 146 -42.34 -2.95 -30.62
C LEU K 146 -41.25 -1.90 -30.38
N GLY K 147 -40.85 -1.20 -31.45
CA GLY K 147 -39.66 -0.38 -31.42
C GLY K 147 -39.87 0.95 -32.13
N CYS K 148 -38.88 1.84 -31.95
CA CYS K 148 -38.89 3.19 -32.46
C CYS K 148 -37.43 3.62 -32.63
N LEU K 149 -36.95 3.71 -33.88
CA LEU K 149 -35.53 3.90 -34.17
C LEU K 149 -35.23 5.37 -34.49
N VAL K 150 -34.32 5.94 -33.70
CA VAL K 150 -33.90 7.33 -33.77
C VAL K 150 -32.49 7.37 -34.37
N LYS K 151 -32.41 7.70 -35.67
CA LYS K 151 -31.17 7.59 -36.43
C LYS K 151 -30.69 8.98 -36.86
N ASP K 152 -29.35 9.12 -36.95
CA ASP K 152 -28.68 10.29 -37.51
C ASP K 152 -29.09 11.55 -36.76
N TYR K 153 -28.74 11.63 -35.46
CA TYR K 153 -29.02 12.82 -34.66
C TYR K 153 -27.74 13.29 -33.95
N PHE K 154 -27.55 14.62 -33.93
CA PHE K 154 -26.50 15.25 -33.15
C PHE K 154 -27.02 16.59 -32.64
N PRO K 155 -26.66 17.11 -31.44
CA PRO K 155 -25.89 16.38 -30.42
C PRO K 155 -26.80 15.55 -29.50
N GLU K 156 -26.23 14.88 -28.48
CA GLU K 156 -27.05 14.26 -27.46
C GLU K 156 -27.73 15.34 -26.61
N PRO K 157 -28.91 15.11 -25.97
CA PRO K 157 -29.66 13.85 -26.03
C PRO K 157 -31.04 13.90 -26.69
N VAL K 158 -31.66 12.72 -26.87
CA VAL K 158 -33.06 12.62 -27.24
C VAL K 158 -33.87 12.03 -26.09
N THR K 159 -35.10 12.52 -25.92
CA THR K 159 -36.07 11.95 -24.99
C THR K 159 -37.06 11.12 -25.77
N VAL K 160 -37.05 9.79 -25.62
CA VAL K 160 -38.12 8.97 -26.16
C VAL K 160 -39.02 8.55 -25.01
N SER K 161 -40.28 8.99 -25.07
CA SER K 161 -41.35 8.48 -24.21
C SER K 161 -42.32 7.73 -25.11
N TRP K 162 -43.27 6.95 -24.56
CA TRP K 162 -44.17 6.20 -25.42
C TRP K 162 -45.49 6.93 -25.60
N ASN K 163 -46.59 6.39 -25.07
CA ASN K 163 -47.90 6.95 -25.36
C ASN K 163 -48.11 8.19 -24.49
N SER K 164 -47.40 9.29 -24.87
CA SER K 164 -47.34 10.54 -24.12
C SER K 164 -46.95 10.32 -22.66
N GLY K 165 -46.11 9.30 -22.42
CA GLY K 165 -45.67 8.93 -21.07
C GLY K 165 -46.64 8.01 -20.34
N ALA K 166 -47.70 7.54 -21.04
CA ALA K 166 -48.65 6.59 -20.45
C ALA K 166 -47.95 5.26 -20.18
N LEU K 167 -47.21 4.74 -21.18
CA LEU K 167 -46.49 3.48 -21.09
C LEU K 167 -45.08 3.70 -20.52
N THR K 168 -44.92 3.30 -19.25
CA THR K 168 -43.66 3.39 -18.53
C THR K 168 -43.13 2.00 -18.20
N SER K 169 -43.90 0.98 -18.61
CA SER K 169 -43.65 -0.41 -18.23
C SER K 169 -43.16 -1.19 -19.45
N GLY K 170 -42.07 -1.96 -19.28
CA GLY K 170 -41.49 -2.77 -20.34
C GLY K 170 -40.81 -1.92 -21.44
N VAL K 171 -40.45 -0.69 -21.07
CA VAL K 171 -39.85 0.26 -21.99
C VAL K 171 -38.35 0.28 -21.70
N HIS K 172 -37.55 0.11 -22.76
CA HIS K 172 -36.10 0.22 -22.70
C HIS K 172 -35.64 1.18 -23.78
N THR K 173 -35.18 2.36 -23.39
CA THR K 173 -34.55 3.28 -24.33
C THR K 173 -33.05 3.08 -24.19
N PHE K 174 -32.41 2.57 -25.25
CA PHE K 174 -31.01 2.18 -25.14
C PHE K 174 -30.12 3.42 -25.07
N PRO K 175 -28.91 3.33 -24.48
CA PRO K 175 -27.92 4.38 -24.66
C PRO K 175 -27.60 4.49 -26.14
N ALA K 176 -27.47 5.72 -26.63
CA ALA K 176 -27.14 5.99 -28.02
C ALA K 176 -25.73 5.49 -28.34
N VAL K 177 -25.49 5.11 -29.61
CA VAL K 177 -24.15 4.75 -30.09
C VAL K 177 -23.79 5.71 -31.22
N LEU K 178 -22.59 6.31 -31.13
CA LEU K 178 -22.09 7.16 -32.20
C LEU K 178 -21.78 6.28 -33.41
N GLN K 179 -22.23 6.74 -34.59
CA GLN K 179 -22.20 6.05 -35.87
C GLN K 179 -21.54 7.02 -36.86
N SER K 180 -21.10 6.52 -38.03
CA SER K 180 -20.50 7.36 -39.05
C SER K 180 -19.34 8.13 -38.41
N SER K 181 -19.35 9.46 -38.59
CA SER K 181 -18.37 10.37 -38.01
C SER K 181 -18.92 11.01 -36.73
N GLY K 182 -20.10 11.65 -36.83
CA GLY K 182 -20.69 12.34 -35.70
C GLY K 182 -22.21 12.26 -35.67
N LEU K 183 -22.76 11.06 -35.96
CA LEU K 183 -24.21 10.85 -35.90
C LEU K 183 -24.54 9.77 -34.87
N TYR K 184 -25.45 10.07 -33.93
CA TYR K 184 -25.86 9.11 -32.91
C TYR K 184 -27.12 8.37 -33.36
N SER K 185 -27.21 7.07 -33.01
CA SER K 185 -28.37 6.23 -33.28
C SER K 185 -28.83 5.54 -32.01
N LEU K 186 -30.13 5.60 -31.74
CA LEU K 186 -30.73 5.14 -30.50
C LEU K 186 -31.99 4.36 -30.87
N SER K 187 -32.34 3.36 -30.04
CA SER K 187 -33.56 2.60 -30.24
C SER K 187 -34.36 2.59 -28.93
N SER K 188 -35.70 2.59 -29.06
CA SER K 188 -36.59 2.41 -27.91
C SER K 188 -37.46 1.18 -28.14
N VAL K 189 -37.76 0.44 -27.06
CA VAL K 189 -38.59 -0.74 -27.14
C VAL K 189 -39.74 -0.61 -26.15
N VAL K 190 -40.89 -1.21 -26.49
CA VAL K 190 -41.95 -1.45 -25.53
C VAL K 190 -42.38 -2.92 -25.72
N THR K 191 -42.46 -3.68 -24.62
CA THR K 191 -43.05 -5.01 -24.66
C THR K 191 -44.54 -4.90 -24.29
N VAL K 192 -45.43 -5.25 -25.23
CA VAL K 192 -46.87 -5.17 -25.02
C VAL K 192 -47.48 -6.55 -25.26
N PRO K 193 -48.65 -6.91 -24.67
CA PRO K 193 -49.32 -8.17 -25.00
C PRO K 193 -49.67 -8.23 -26.50
N SER K 194 -49.50 -9.42 -27.11
CA SER K 194 -49.82 -9.63 -28.52
C SER K 194 -51.31 -9.47 -28.80
N SER K 195 -52.16 -9.90 -27.85
CA SER K 195 -53.61 -9.73 -27.92
C SER K 195 -54.01 -8.27 -28.11
N SER K 196 -53.29 -7.33 -27.47
CA SER K 196 -53.63 -5.91 -27.53
C SER K 196 -53.00 -5.21 -28.74
N LEU K 197 -52.22 -5.93 -29.57
CA LEU K 197 -51.47 -5.30 -30.66
C LEU K 197 -52.42 -4.70 -31.69
N GLY K 198 -53.43 -5.50 -32.10
CA GLY K 198 -54.49 -5.03 -32.99
C GLY K 198 -55.39 -3.97 -32.36
N THR K 199 -55.75 -4.15 -31.06
CA THR K 199 -56.72 -3.29 -30.39
C THR K 199 -56.15 -1.90 -30.12
N LYS K 200 -54.86 -1.83 -29.70
CA LYS K 200 -54.24 -0.59 -29.26
C LYS K 200 -53.17 -0.11 -30.26
N THR K 201 -53.17 1.21 -30.49
CA THR K 201 -52.15 1.90 -31.28
C THR K 201 -51.06 2.42 -30.35
N TYR K 202 -49.82 2.04 -30.67
CA TYR K 202 -48.64 2.40 -29.89
C TYR K 202 -47.90 3.51 -30.66
N THR K 203 -47.58 4.58 -29.92
CA THR K 203 -46.89 5.75 -30.45
C THR K 203 -45.76 6.15 -29.51
N CYS K 204 -44.54 6.31 -30.07
CA CYS K 204 -43.35 6.80 -29.39
C CYS K 204 -43.20 8.29 -29.64
N ASN K 205 -43.04 9.10 -28.59
CA ASN K 205 -42.82 10.54 -28.66
C ASN K 205 -41.33 10.84 -28.49
N VAL K 206 -40.66 11.24 -29.60
CA VAL K 206 -39.23 11.53 -29.60
C VAL K 206 -39.05 13.04 -29.54
N ASP K 207 -38.26 13.54 -28.57
CA ASP K 207 -37.98 14.96 -28.41
C ASP K 207 -36.46 15.20 -28.47
N HIS K 208 -36.02 15.99 -29.44
CA HIS K 208 -34.64 16.47 -29.56
C HIS K 208 -34.65 17.97 -29.27
N LYS K 209 -34.46 18.36 -28.00
CA LYS K 209 -34.53 19.76 -27.62
C LYS K 209 -33.44 20.59 -28.31
N PRO K 210 -32.30 20.00 -28.77
CA PRO K 210 -31.18 20.81 -29.23
C PRO K 210 -31.44 21.30 -30.65
N SER K 211 -32.54 20.86 -31.26
CA SER K 211 -32.97 21.26 -32.59
C SER K 211 -34.49 21.50 -32.64
N ASN K 212 -35.14 21.50 -31.46
CA ASN K 212 -36.58 21.71 -31.34
C ASN K 212 -37.34 20.74 -32.23
N THR K 213 -36.84 19.49 -32.32
CA THR K 213 -37.47 18.44 -33.12
C THR K 213 -38.29 17.54 -32.20
N LYS K 214 -39.61 17.78 -32.16
CA LYS K 214 -40.56 17.03 -31.37
C LYS K 214 -41.39 16.20 -32.35
N VAL K 215 -41.11 14.88 -32.45
CA VAL K 215 -41.66 14.01 -33.50
C VAL K 215 -42.31 12.78 -32.86
N ASP K 216 -43.59 12.55 -33.18
CA ASP K 216 -44.34 11.36 -32.72
C ASP K 216 -44.60 10.46 -33.93
N LYS K 217 -44.39 9.14 -33.75
CA LYS K 217 -44.61 8.16 -34.81
C LYS K 217 -45.35 6.95 -34.24
N ARG K 218 -46.40 6.46 -34.92
CA ARG K 218 -47.18 5.33 -34.44
C ARG K 218 -46.55 4.03 -34.94
N VAL K 219 -45.93 3.27 -34.04
CA VAL K 219 -45.44 1.94 -34.38
C VAL K 219 -46.66 1.01 -34.49
N GLY K 220 -47.62 1.17 -33.56
CA GLY K 220 -48.82 0.34 -33.52
C GLY K 220 -48.50 -1.14 -33.39
N ASP L 1 -5.43 20.31 -0.38
CA ASP L 1 -6.82 19.80 -0.27
C ASP L 1 -6.77 18.38 0.32
N ILE L 2 -7.94 17.85 0.71
CA ILE L 2 -8.05 16.53 1.32
C ILE L 2 -8.77 15.61 0.35
N GLN L 3 -8.01 14.67 -0.23
CA GLN L 3 -8.49 13.79 -1.27
C GLN L 3 -9.20 12.59 -0.63
N MET L 4 -10.29 12.16 -1.28
CA MET L 4 -11.16 11.10 -0.78
C MET L 4 -11.13 9.93 -1.77
N THR L 5 -11.00 8.71 -1.22
CA THR L 5 -10.81 7.50 -2.01
C THR L 5 -11.84 6.47 -1.56
N GLN L 6 -12.72 6.03 -2.48
CA GLN L 6 -13.66 4.97 -2.16
C GLN L 6 -13.09 3.68 -2.73
N SER L 7 -12.74 2.72 -1.86
CA SER L 7 -11.89 1.62 -2.26
C SER L 7 -12.63 0.72 -3.26
N PRO L 8 -13.72 0.02 -2.88
CA PRO L 8 -14.36 -0.90 -3.81
C PRO L 8 -14.95 0.00 -4.90
N SER L 9 -14.73 -0.37 -6.16
CA SER L 9 -15.22 0.44 -7.26
C SER L 9 -16.41 -0.25 -7.95
N SER L 10 -16.38 -1.58 -7.97
CA SER L 10 -17.45 -2.39 -8.53
C SER L 10 -17.74 -3.55 -7.58
N LEU L 11 -19.03 -3.72 -7.23
CA LEU L 11 -19.51 -4.70 -6.25
C LEU L 11 -20.63 -5.50 -6.88
N SER L 12 -20.48 -6.80 -7.17
CA SER L 12 -21.66 -7.63 -7.36
C SER L 12 -22.02 -8.29 -6.04
N ALA L 13 -23.15 -7.85 -5.46
CA ALA L 13 -23.75 -8.59 -4.35
C ALA L 13 -25.20 -8.94 -4.71
N SER L 14 -25.67 -10.12 -4.25
CA SER L 14 -27.03 -10.60 -4.50
C SER L 14 -28.03 -9.82 -3.66
N VAL L 15 -29.32 -9.95 -3.99
CA VAL L 15 -30.38 -9.29 -3.24
C VAL L 15 -30.48 -9.90 -1.83
N GLY L 16 -30.82 -9.06 -0.86
CA GLY L 16 -30.90 -9.43 0.53
C GLY L 16 -29.53 -9.79 1.10
N ASP L 17 -28.52 -8.95 0.87
CA ASP L 17 -27.15 -9.26 1.24
C ASP L 17 -26.53 -8.03 1.90
N ARG L 18 -25.57 -8.22 2.81
CA ARG L 18 -24.94 -7.14 3.56
C ARG L 18 -23.75 -6.58 2.80
N VAL L 19 -23.82 -5.33 2.31
CA VAL L 19 -22.75 -4.80 1.47
C VAL L 19 -22.07 -3.64 2.22
N THR L 20 -20.74 -3.52 2.03
CA THR L 20 -19.95 -2.51 2.74
C THR L 20 -18.97 -1.80 1.80
N ILE L 21 -19.16 -0.46 1.69
CA ILE L 21 -18.37 0.43 0.86
C ILE L 21 -17.50 1.27 1.80
N THR L 22 -16.19 1.30 1.50
CA THR L 22 -15.25 2.16 2.21
C THR L 22 -15.16 3.52 1.53
N CYS L 23 -14.78 4.52 2.34
CA CYS L 23 -14.41 5.87 1.92
C CYS L 23 -13.25 6.27 2.83
N THR L 24 -12.15 6.78 2.30
CA THR L 24 -10.98 6.99 3.14
C THR L 24 -10.29 8.27 2.68
N ALA L 25 -9.67 8.99 3.65
CA ALA L 25 -9.26 10.37 3.43
C ALA L 25 -7.75 10.50 3.53
N SER L 26 -7.22 11.44 2.72
CA SER L 26 -5.80 11.77 2.74
C SER L 26 -5.41 12.32 4.12
N SER L 27 -6.27 13.18 4.68
CA SER L 27 -6.08 13.76 5.99
C SER L 27 -7.16 13.20 6.91
N SER L 28 -7.37 13.86 8.04
CA SER L 28 -8.44 13.50 8.95
C SER L 28 -9.63 14.46 8.75
N VAL L 29 -10.81 13.89 8.45
CA VAL L 29 -12.05 14.63 8.33
C VAL L 29 -12.76 14.59 9.69
N SER L 30 -13.25 15.75 10.15
CA SER L 30 -14.16 15.80 11.28
C SER L 30 -15.35 14.91 10.96
N SER L 31 -15.77 14.14 11.97
CA SER L 31 -16.89 13.22 11.84
C SER L 31 -18.08 13.89 11.15
N SER L 32 -18.50 15.05 11.66
CA SER L 32 -19.71 15.74 11.21
C SER L 32 -19.69 16.12 9.73
N TYR L 33 -18.52 16.01 9.06
CA TYR L 33 -18.37 16.58 7.73
C TYR L 33 -18.34 15.56 6.59
N LEU L 34 -18.47 14.25 6.87
CA LEU L 34 -18.54 13.31 5.75
C LEU L 34 -20.00 13.03 5.36
N HIS L 35 -20.31 13.18 4.05
CA HIS L 35 -21.66 12.94 3.54
C HIS L 35 -21.63 11.85 2.47
N TRP L 36 -22.77 11.18 2.25
CA TRP L 36 -22.87 10.13 1.25
C TRP L 36 -24.05 10.42 0.32
N TYR L 37 -23.88 10.07 -0.96
CA TYR L 37 -24.85 10.32 -2.01
C TYR L 37 -25.04 9.03 -2.83
N GLN L 38 -26.26 8.89 -3.36
CA GLN L 38 -26.64 7.78 -4.25
C GLN L 38 -26.97 8.37 -5.63
N GLN L 39 -26.33 7.86 -6.68
CA GLN L 39 -26.60 8.35 -8.04
C GLN L 39 -27.15 7.18 -8.86
N LYS L 40 -28.45 7.23 -9.15
CA LYS L 40 -29.08 6.25 -10.01
C LYS L 40 -28.63 6.57 -11.44
N PRO L 41 -28.69 5.59 -12.38
CA PRO L 41 -27.97 5.68 -13.66
C PRO L 41 -28.09 6.98 -14.45
N GLY L 42 -29.32 7.49 -14.64
CA GLY L 42 -29.53 8.65 -15.49
C GLY L 42 -29.85 9.93 -14.71
N LYS L 43 -29.64 9.91 -13.39
CA LYS L 43 -30.28 10.89 -12.52
C LYS L 43 -29.21 11.61 -11.68
N ALA L 44 -29.60 12.74 -11.07
CA ALA L 44 -28.74 13.49 -10.18
C ALA L 44 -28.53 12.74 -8.88
N PRO L 45 -27.42 12.99 -8.14
CA PRO L 45 -27.19 12.36 -6.84
C PRO L 45 -28.27 12.77 -5.84
N LYS L 46 -28.60 11.85 -4.92
CA LYS L 46 -29.51 12.10 -3.81
C LYS L 46 -28.75 11.83 -2.52
N LEU L 47 -28.96 12.70 -1.53
CA LEU L 47 -28.38 12.55 -0.20
C LEU L 47 -28.86 11.25 0.47
N LEU L 48 -27.94 10.45 1.05
CA LEU L 48 -28.31 9.30 1.89
C LEU L 48 -28.04 9.60 3.36
N ILE L 49 -26.76 9.92 3.65
CA ILE L 49 -26.27 10.14 5.00
C ILE L 49 -25.51 11.47 4.99
N TYR L 50 -25.57 12.23 6.11
CA TYR L 50 -25.00 13.58 6.09
C TYR L 50 -24.06 13.91 7.26
N ARG L 51 -23.87 13.06 8.28
CA ARG L 51 -22.82 13.38 9.24
C ARG L 51 -22.11 12.10 9.64
N THR L 52 -20.82 12.02 9.30
CA THR L 52 -19.98 10.87 9.65
C THR L 52 -20.63 9.60 9.15
N SER L 53 -21.42 9.73 8.10
CA SER L 53 -22.19 8.60 7.64
C SER L 53 -23.17 8.11 8.71
N ASN L 54 -23.52 8.95 9.69
CA ASN L 54 -24.34 8.52 10.81
C ASN L 54 -25.80 8.87 10.58
N LEU L 55 -26.07 10.06 10.01
CA LEU L 55 -27.44 10.58 10.00
C LEU L 55 -28.06 10.42 8.62
N ALA L 56 -29.08 9.54 8.53
CA ALA L 56 -29.79 9.18 7.31
C ALA L 56 -30.98 10.13 7.12
N SER L 57 -31.33 10.50 5.87
CA SER L 57 -32.34 11.54 5.63
C SER L 57 -33.56 11.01 4.86
N GLY L 58 -34.77 11.00 5.47
CA GLY L 58 -35.96 10.35 4.91
C GLY L 58 -35.70 9.11 4.03
N VAL L 59 -34.93 8.10 4.50
CA VAL L 59 -34.28 7.09 3.66
C VAL L 59 -34.46 5.71 4.31
N PRO L 60 -34.34 4.57 3.57
CA PRO L 60 -34.49 3.22 4.15
C PRO L 60 -33.50 2.84 5.27
N SER L 61 -33.90 1.95 6.18
CA SER L 61 -33.16 1.64 7.39
C SER L 61 -31.92 0.80 7.12
N ARG L 62 -31.95 0.00 6.03
CA ARG L 62 -30.83 -0.87 5.64
C ARG L 62 -29.52 -0.08 5.56
N PHE L 63 -29.56 1.17 5.05
CA PHE L 63 -28.39 2.04 4.94
C PHE L 63 -27.90 2.51 6.30
N SER L 64 -26.63 2.19 6.61
CA SER L 64 -25.92 2.68 7.79
C SER L 64 -24.60 3.29 7.35
N GLY L 65 -24.02 4.19 8.16
CA GLY L 65 -22.62 4.53 7.98
C GLY L 65 -21.93 4.76 9.32
N SER L 66 -20.59 4.68 9.31
CA SER L 66 -19.82 4.95 10.49
C SER L 66 -18.43 5.42 10.09
N GLY L 67 -17.66 5.93 11.06
CA GLY L 67 -16.25 6.20 10.84
C GLY L 67 -15.77 7.39 11.65
N SER L 68 -14.46 7.65 11.54
CA SER L 68 -13.82 8.76 12.22
C SER L 68 -12.44 8.97 11.62
N GLY L 69 -12.15 10.23 11.29
CA GLY L 69 -10.80 10.62 10.92
C GLY L 69 -10.51 10.28 9.48
N THR L 70 -10.05 9.04 9.24
CA THR L 70 -9.55 8.68 7.92
C THR L 70 -10.50 7.69 7.27
N ASP L 71 -11.02 6.73 8.04
CA ASP L 71 -11.76 5.61 7.48
C ASP L 71 -13.24 5.74 7.84
N PHE L 72 -14.10 5.77 6.81
CA PHE L 72 -15.55 5.86 6.94
C PHE L 72 -16.15 4.74 6.09
N THR L 73 -17.36 4.28 6.44
CA THR L 73 -17.98 3.15 5.76
C THR L 73 -19.46 3.42 5.55
N LEU L 74 -20.00 2.85 4.46
CA LEU L 74 -21.42 2.84 4.18
C LEU L 74 -21.81 1.38 4.06
N THR L 75 -22.90 0.98 4.71
CA THR L 75 -23.28 -0.43 4.77
C THR L 75 -24.76 -0.55 4.40
N ILE L 76 -25.09 -1.45 3.47
CA ILE L 76 -26.49 -1.78 3.16
C ILE L 76 -26.77 -3.17 3.72
N SER L 77 -27.63 -3.26 4.75
CA SER L 77 -27.84 -4.52 5.46
C SER L 77 -28.53 -5.57 4.57
N SER L 78 -29.65 -5.22 3.92
CA SER L 78 -30.28 -6.09 2.94
C SER L 78 -30.33 -5.36 1.60
N LEU L 79 -29.34 -5.68 0.75
CA LEU L 79 -29.25 -5.11 -0.58
C LEU L 79 -30.53 -5.45 -1.31
N GLN L 80 -30.97 -4.52 -2.16
CA GLN L 80 -32.21 -4.70 -2.89
C GLN L 80 -32.02 -4.16 -4.29
N PRO L 81 -32.86 -4.59 -5.25
CA PRO L 81 -32.56 -4.37 -6.67
C PRO L 81 -32.53 -2.87 -6.97
N GLU L 82 -33.40 -2.14 -6.25
CA GLU L 82 -33.53 -0.69 -6.26
C GLU L 82 -32.19 -0.02 -5.91
N ASP L 83 -31.39 -0.67 -5.05
CA ASP L 83 -30.18 -0.08 -4.47
C ASP L 83 -29.02 -0.09 -5.48
N PHE L 84 -29.26 -0.58 -6.71
CA PHE L 84 -28.27 -0.52 -7.80
C PHE L 84 -27.99 0.93 -8.19
N ALA L 85 -26.78 1.44 -7.88
CA ALA L 85 -26.39 2.81 -8.15
C ALA L 85 -24.89 2.99 -7.95
N THR L 86 -24.36 4.19 -8.26
CA THR L 86 -23.03 4.59 -7.83
C THR L 86 -23.16 5.40 -6.54
N TYR L 87 -22.31 5.09 -5.54
CA TYR L 87 -22.35 5.73 -4.23
C TYR L 87 -21.14 6.63 -4.05
N TYR L 88 -21.36 7.90 -3.69
CA TYR L 88 -20.26 8.85 -3.57
C TYR L 88 -20.16 9.36 -2.14
N CYS L 89 -18.93 9.53 -1.64
CA CYS L 89 -18.72 10.20 -0.36
C CYS L 89 -18.14 11.59 -0.61
N HIS L 90 -18.49 12.55 0.25
CA HIS L 90 -18.13 13.95 0.12
C HIS L 90 -17.62 14.45 1.48
N GLN L 91 -16.61 15.33 1.44
CA GLN L 91 -16.05 15.93 2.65
C GLN L 91 -16.17 17.45 2.52
N TYR L 92 -16.53 18.14 3.60
CA TYR L 92 -16.45 19.59 3.59
C TYR L 92 -15.71 20.05 4.84
N TYR L 93 -14.75 19.23 5.30
CA TYR L 93 -13.96 19.57 6.47
C TYR L 93 -12.95 20.67 6.11
N ARG L 94 -12.42 20.61 4.88
CA ARG L 94 -11.56 21.67 4.37
C ARG L 94 -11.87 21.91 2.90
N SER L 95 -12.18 23.17 2.58
CA SER L 95 -12.49 23.58 1.22
C SER L 95 -11.18 23.60 0.43
N PRO L 96 -11.17 23.26 -0.89
CA PRO L 96 -12.39 22.93 -1.62
C PRO L 96 -12.94 21.55 -1.26
N PRO L 97 -14.28 21.39 -1.36
CA PRO L 97 -14.94 20.11 -1.19
C PRO L 97 -14.48 19.09 -2.23
N THR L 98 -14.32 17.83 -1.77
CA THR L 98 -13.83 16.73 -2.57
C THR L 98 -14.85 15.60 -2.48
N PHE L 99 -15.05 14.89 -3.61
CA PHE L 99 -15.86 13.68 -3.65
C PHE L 99 -14.96 12.48 -3.89
N GLY L 100 -15.43 11.30 -3.52
CA GLY L 100 -14.79 10.04 -3.88
C GLY L 100 -15.07 9.62 -5.32
N GLY L 101 -14.35 8.59 -5.78
CA GLY L 101 -14.44 8.09 -7.15
C GLY L 101 -15.79 7.44 -7.43
N GLY L 102 -16.35 6.78 -6.40
CA GLY L 102 -17.63 6.13 -6.47
C GLY L 102 -17.50 4.62 -6.46
N THR L 103 -18.54 3.98 -5.92
CA THR L 103 -18.63 2.53 -5.91
C THR L 103 -19.92 2.14 -6.63
N LYS L 104 -19.77 1.40 -7.74
CA LYS L 104 -20.86 0.98 -8.61
C LYS L 104 -21.37 -0.36 -8.09
N VAL L 105 -22.48 -0.34 -7.31
CA VAL L 105 -23.15 -1.55 -6.85
C VAL L 105 -23.89 -2.17 -8.03
N GLU L 106 -23.75 -3.49 -8.19
CA GLU L 106 -24.43 -4.31 -9.18
C GLU L 106 -25.06 -5.48 -8.42
N ILE L 107 -26.04 -6.14 -9.03
CA ILE L 107 -26.80 -7.17 -8.34
C ILE L 107 -26.57 -8.53 -9.02
N LYS L 108 -26.21 -9.56 -8.22
CA LYS L 108 -26.34 -10.95 -8.65
C LYS L 108 -27.81 -11.32 -8.63
N ARG L 109 -28.18 -12.17 -9.59
CA ARG L 109 -29.55 -12.57 -9.80
C ARG L 109 -29.50 -13.97 -10.40
N THR L 110 -30.61 -14.72 -10.28
CA THR L 110 -30.70 -16.04 -10.89
C THR L 110 -30.63 -15.83 -12.40
N VAL L 111 -30.08 -16.81 -13.16
CA VAL L 111 -29.91 -16.63 -14.59
C VAL L 111 -31.28 -16.40 -15.22
N ALA L 112 -31.33 -15.51 -16.23
CA ALA L 112 -32.55 -15.23 -16.97
C ALA L 112 -32.22 -15.27 -18.46
N ALA L 113 -33.18 -15.74 -19.26
CA ALA L 113 -33.01 -15.93 -20.68
C ALA L 113 -33.55 -14.72 -21.43
N PRO L 114 -32.95 -14.32 -22.56
CA PRO L 114 -33.43 -13.17 -23.32
C PRO L 114 -34.67 -13.50 -24.15
N SER L 115 -35.62 -12.57 -24.20
CA SER L 115 -36.72 -12.67 -25.14
C SER L 115 -36.26 -12.08 -26.47
N VAL L 116 -35.71 -12.89 -27.38
CA VAL L 116 -35.12 -12.39 -28.61
C VAL L 116 -36.23 -11.91 -29.55
N PHE L 117 -36.00 -10.74 -30.20
CA PHE L 117 -36.90 -10.21 -31.23
C PHE L 117 -36.06 -9.62 -32.38
N ILE L 118 -36.59 -9.69 -33.62
CA ILE L 118 -35.93 -9.19 -34.82
C ILE L 118 -36.85 -8.19 -35.52
N PHE L 119 -36.27 -7.12 -36.11
CA PHE L 119 -37.02 -5.99 -36.63
C PHE L 119 -36.57 -5.62 -38.05
N PRO L 120 -37.47 -5.75 -39.05
CA PRO L 120 -37.19 -5.35 -40.42
C PRO L 120 -37.04 -3.84 -40.55
N PRO L 121 -36.22 -3.36 -41.50
CA PRO L 121 -36.08 -1.92 -41.77
C PRO L 121 -37.40 -1.26 -42.14
N SER L 122 -37.65 -0.04 -41.65
CA SER L 122 -38.90 0.65 -41.93
C SER L 122 -38.96 1.06 -43.40
N ASP L 123 -40.19 1.16 -43.94
CA ASP L 123 -40.45 1.57 -45.31
C ASP L 123 -39.87 2.96 -45.58
N GLU L 124 -40.04 3.87 -44.59
CA GLU L 124 -39.52 5.24 -44.67
C GLU L 124 -37.99 5.20 -44.84
N GLN L 125 -37.32 4.32 -44.08
CA GLN L 125 -35.86 4.27 -44.07
C GLN L 125 -35.35 3.78 -45.43
N LEU L 126 -36.07 2.82 -46.03
CA LEU L 126 -35.69 2.27 -47.33
C LEU L 126 -35.60 3.38 -48.38
N LYS L 127 -36.58 4.31 -48.37
CA LYS L 127 -36.59 5.47 -49.27
C LYS L 127 -35.33 6.32 -49.05
N SER L 128 -34.89 6.44 -47.78
CA SER L 128 -33.67 7.16 -47.43
C SER L 128 -32.45 6.48 -48.06
N GLY L 129 -32.56 5.17 -48.37
CA GLY L 129 -31.49 4.45 -49.04
C GLY L 129 -30.58 3.67 -48.09
N THR L 130 -30.94 3.63 -46.80
CA THR L 130 -30.28 2.80 -45.80
C THR L 130 -31.33 1.91 -45.13
N ALA L 131 -30.90 0.70 -44.76
CA ALA L 131 -31.75 -0.28 -44.10
C ALA L 131 -31.02 -0.81 -42.86
N SER L 132 -31.62 -0.60 -41.67
CA SER L 132 -31.08 -1.06 -40.40
C SER L 132 -31.95 -2.20 -39.87
N VAL L 133 -31.33 -3.37 -39.60
CA VAL L 133 -32.04 -4.50 -39.02
C VAL L 133 -31.69 -4.56 -37.53
N VAL L 134 -32.73 -4.50 -36.67
CA VAL L 134 -32.54 -4.41 -35.22
C VAL L 134 -32.87 -5.76 -34.59
N CYS L 135 -32.13 -6.15 -33.54
CA CYS L 135 -32.37 -7.37 -32.78
C CYS L 135 -32.29 -7.06 -31.28
N LEU L 136 -33.42 -7.27 -30.58
CA LEU L 136 -33.50 -7.09 -29.12
C LEU L 136 -33.31 -8.42 -28.44
N LEU L 137 -32.40 -8.44 -27.47
CA LEU L 137 -32.36 -9.51 -26.49
C LEU L 137 -32.76 -8.87 -25.16
N ASN L 138 -33.94 -9.21 -24.59
CA ASN L 138 -34.64 -8.29 -23.70
C ASN L 138 -34.39 -8.47 -22.20
N ASN L 139 -34.62 -9.63 -21.58
CA ASN L 139 -34.57 -9.61 -20.12
C ASN L 139 -33.68 -10.72 -19.58
N PHE L 140 -32.36 -10.60 -19.86
CA PHE L 140 -31.37 -11.62 -19.48
C PHE L 140 -30.54 -11.09 -18.31
N TYR L 141 -30.01 -11.97 -17.43
CA TYR L 141 -29.23 -11.46 -16.32
C TYR L 141 -27.73 -11.46 -16.61
N PRO L 142 -27.05 -12.60 -16.82
CA PRO L 142 -25.60 -12.52 -17.05
C PRO L 142 -25.40 -11.52 -18.20
N ARG L 143 -24.67 -10.41 -17.98
CA ARG L 143 -24.54 -9.37 -18.99
C ARG L 143 -23.98 -9.93 -20.30
N GLU L 144 -23.00 -10.83 -20.19
CA GLU L 144 -22.30 -11.40 -21.34
C GLU L 144 -23.27 -12.24 -22.17
N ALA L 145 -23.36 -11.90 -23.46
CA ALA L 145 -24.16 -12.63 -24.44
C ALA L 145 -23.54 -12.44 -25.83
N LYS L 146 -23.80 -13.39 -26.76
CA LYS L 146 -23.28 -13.25 -28.12
C LYS L 146 -24.41 -13.19 -29.15
N VAL L 147 -24.31 -12.19 -30.04
CA VAL L 147 -25.24 -11.95 -31.14
C VAL L 147 -24.53 -12.25 -32.45
N GLN L 148 -25.15 -13.12 -33.27
CA GLN L 148 -24.57 -13.57 -34.53
C GLN L 148 -25.51 -13.20 -35.68
N TRP L 149 -25.10 -12.19 -36.47
CA TRP L 149 -25.86 -11.76 -37.63
C TRP L 149 -25.55 -12.66 -38.83
N LYS L 150 -26.59 -13.38 -39.31
CA LYS L 150 -26.49 -14.27 -40.47
C LYS L 150 -27.38 -13.75 -41.60
N VAL L 151 -26.77 -13.48 -42.78
CA VAL L 151 -27.50 -13.03 -43.96
C VAL L 151 -27.49 -14.17 -45.00
N ASP L 152 -28.67 -14.69 -45.34
CA ASP L 152 -28.84 -15.82 -46.23
C ASP L 152 -27.92 -16.97 -45.82
N ASN L 153 -27.90 -17.25 -44.50
CA ASN L 153 -27.11 -18.33 -43.89
C ASN L 153 -25.61 -18.11 -44.09
N ALA L 154 -25.19 -16.84 -44.30
CA ALA L 154 -23.78 -16.46 -44.26
C ALA L 154 -23.53 -15.44 -43.15
N LEU L 155 -22.67 -15.78 -42.18
CA LEU L 155 -22.42 -14.94 -41.02
C LEU L 155 -21.78 -13.64 -41.50
N GLN L 156 -22.48 -12.50 -41.31
CA GLN L 156 -21.97 -11.20 -41.71
C GLN L 156 -21.49 -10.47 -40.45
N SER L 157 -20.20 -10.11 -40.40
CA SER L 157 -19.57 -9.57 -39.20
C SER L 157 -19.29 -8.06 -39.28
N GLY L 158 -19.32 -7.47 -40.49
CA GLY L 158 -19.16 -6.03 -40.61
C GLY L 158 -20.45 -5.28 -40.25
N ASN L 159 -20.30 -4.01 -39.85
CA ASN L 159 -21.41 -3.08 -39.69
C ASN L 159 -22.42 -3.54 -38.63
N SER L 160 -21.91 -4.06 -37.49
CA SER L 160 -22.74 -4.49 -36.38
C SER L 160 -22.40 -3.67 -35.13
N GLN L 161 -23.40 -2.97 -34.56
CA GLN L 161 -23.19 -2.16 -33.35
C GLN L 161 -24.22 -2.52 -32.28
N GLU L 162 -23.77 -2.69 -31.02
CA GLU L 162 -24.63 -3.06 -29.91
C GLU L 162 -24.66 -1.96 -28.84
N SER L 163 -25.84 -1.73 -28.25
CA SER L 163 -26.01 -0.94 -27.03
C SER L 163 -26.69 -1.81 -25.97
N VAL L 164 -26.27 -1.66 -24.70
CA VAL L 164 -26.82 -2.42 -23.59
C VAL L 164 -27.41 -1.44 -22.57
N THR L 165 -28.59 -1.77 -22.00
CA THR L 165 -29.16 -0.97 -20.92
C THR L 165 -28.43 -1.25 -19.61
N GLU L 166 -28.62 -0.38 -18.60
CA GLU L 166 -28.13 -0.67 -17.27
C GLU L 166 -29.13 -1.58 -16.58
N GLN L 167 -28.70 -2.24 -15.50
CA GLN L 167 -29.52 -3.19 -14.77
C GLN L 167 -30.84 -2.53 -14.36
N ASP L 168 -31.98 -3.25 -14.53
CA ASP L 168 -33.30 -2.75 -14.13
C ASP L 168 -33.38 -2.65 -12.61
N SER L 169 -34.08 -1.61 -12.12
CA SER L 169 -34.27 -1.35 -10.69
C SER L 169 -35.14 -2.42 -10.05
N LYS L 170 -36.04 -3.04 -10.83
CA LYS L 170 -37.05 -3.97 -10.32
C LYS L 170 -36.51 -5.41 -10.38
N ASP L 171 -36.36 -5.96 -11.60
CA ASP L 171 -35.65 -7.20 -11.87
C ASP L 171 -34.25 -6.78 -12.31
N SER L 172 -33.20 -7.35 -11.74
CA SER L 172 -31.88 -6.82 -12.02
C SER L 172 -31.36 -7.45 -13.32
N THR L 173 -31.97 -7.05 -14.45
CA THR L 173 -31.72 -7.66 -15.75
C THR L 173 -31.24 -6.61 -16.75
N TYR L 174 -30.52 -7.09 -17.79
CA TYR L 174 -30.00 -6.23 -18.85
C TYR L 174 -30.85 -6.46 -20.10
N SER L 175 -30.92 -5.46 -20.99
CA SER L 175 -31.49 -5.59 -22.33
C SER L 175 -30.45 -5.10 -23.35
N LEU L 176 -30.42 -5.73 -24.54
CA LEU L 176 -29.42 -5.47 -25.55
C LEU L 176 -30.08 -5.29 -26.91
N SER L 177 -29.54 -4.34 -27.70
CA SER L 177 -29.95 -4.09 -29.08
C SER L 177 -28.75 -4.25 -30.00
N SER L 178 -28.89 -5.09 -31.03
CA SER L 178 -27.87 -5.23 -32.07
C SER L 178 -28.46 -4.73 -33.39
N THR L 179 -27.83 -3.73 -34.04
CA THR L 179 -28.37 -3.15 -35.27
C THR L 179 -27.38 -3.34 -36.43
N LEU L 180 -27.80 -4.06 -37.48
CA LEU L 180 -27.04 -4.25 -38.71
C LEU L 180 -27.45 -3.16 -39.70
N THR L 181 -26.54 -2.22 -39.98
CA THR L 181 -26.79 -1.15 -40.94
C THR L 181 -26.25 -1.55 -42.31
N LEU L 182 -27.15 -1.71 -43.32
CA LEU L 182 -26.76 -2.02 -44.69
C LEU L 182 -27.39 -1.02 -45.67
N SER L 183 -26.77 -0.87 -46.84
CA SER L 183 -27.35 -0.11 -47.96
C SER L 183 -28.59 -0.84 -48.47
N LYS L 184 -29.48 -0.08 -49.15
CA LYS L 184 -30.69 -0.67 -49.73
C LYS L 184 -30.32 -1.77 -50.72
N ALA L 185 -29.23 -1.51 -51.48
CA ALA L 185 -28.71 -2.40 -52.50
C ALA L 185 -28.40 -3.78 -51.92
N ASP L 186 -27.65 -3.79 -50.80
CA ASP L 186 -27.26 -5.04 -50.17
C ASP L 186 -28.50 -5.72 -49.58
N TYR L 187 -29.43 -4.91 -49.02
CA TYR L 187 -30.69 -5.41 -48.49
C TYR L 187 -31.47 -6.16 -49.58
N GLU L 188 -31.55 -5.56 -50.78
CA GLU L 188 -32.23 -6.20 -51.91
C GLU L 188 -31.51 -7.49 -52.34
N LYS L 189 -30.17 -7.50 -52.30
CA LYS L 189 -29.38 -8.65 -52.78
C LYS L 189 -29.74 -9.94 -52.05
N HIS L 190 -30.04 -9.86 -50.73
CA HIS L 190 -30.29 -11.05 -49.91
C HIS L 190 -31.75 -11.07 -49.41
N LYS L 191 -32.22 -12.22 -48.92
CA LYS L 191 -33.64 -12.44 -48.62
C LYS L 191 -33.86 -12.74 -47.13
N VAL L 192 -33.12 -13.72 -46.55
CA VAL L 192 -33.29 -14.14 -45.16
C VAL L 192 -32.28 -13.42 -44.27
N TYR L 193 -32.76 -12.72 -43.22
CA TYR L 193 -31.91 -12.04 -42.26
C TYR L 193 -32.15 -12.62 -40.87
N ALA L 194 -31.07 -13.09 -40.19
CA ALA L 194 -31.20 -13.88 -38.98
C ALA L 194 -30.29 -13.38 -37.84
N CYS L 195 -30.77 -13.62 -36.61
CA CYS L 195 -30.13 -13.31 -35.35
C CYS L 195 -29.88 -14.64 -34.65
N GLU L 196 -28.61 -14.98 -34.34
CA GLU L 196 -28.30 -16.12 -33.48
C GLU L 196 -27.78 -15.61 -32.14
N VAL L 197 -28.45 -16.02 -31.05
CA VAL L 197 -28.11 -15.57 -29.70
C VAL L 197 -27.63 -16.75 -28.88
N THR L 198 -26.41 -16.62 -28.33
CA THR L 198 -25.89 -17.57 -27.34
C THR L 198 -25.79 -16.85 -25.99
N HIS L 199 -26.56 -17.36 -25.01
CA HIS L 199 -26.58 -16.88 -23.64
C HIS L 199 -26.69 -18.08 -22.71
N GLN L 200 -26.00 -18.03 -21.56
CA GLN L 200 -26.04 -19.08 -20.55
C GLN L 200 -27.46 -19.57 -20.33
N GLY L 201 -28.46 -18.70 -20.58
CA GLY L 201 -29.87 -18.98 -20.38
C GLY L 201 -30.44 -20.09 -21.25
N LEU L 202 -29.71 -20.52 -22.29
CA LEU L 202 -30.07 -21.73 -23.01
C LEU L 202 -28.85 -22.41 -23.65
N SER L 203 -28.97 -23.74 -23.81
CA SER L 203 -28.00 -24.55 -24.53
C SER L 203 -28.20 -24.37 -26.03
N SER L 204 -29.44 -24.51 -26.48
CA SER L 204 -29.81 -24.20 -27.85
C SER L 204 -29.70 -22.69 -28.09
N PRO L 205 -28.81 -22.17 -28.97
CA PRO L 205 -28.79 -20.74 -29.29
C PRO L 205 -30.05 -20.37 -30.05
N VAL L 206 -30.56 -19.14 -29.85
CA VAL L 206 -31.90 -18.79 -30.33
C VAL L 206 -31.76 -18.08 -31.68
N THR L 207 -31.99 -18.85 -32.75
CA THR L 207 -32.01 -18.32 -34.11
C THR L 207 -33.38 -17.68 -34.32
N LYS L 208 -33.42 -16.40 -34.74
CA LYS L 208 -34.65 -15.67 -34.98
C LYS L 208 -34.49 -14.90 -36.30
N SER L 209 -35.44 -15.03 -37.25
CA SER L 209 -35.17 -14.62 -38.62
C SER L 209 -36.43 -14.03 -39.29
N PHE L 210 -36.19 -13.26 -40.37
CA PHE L 210 -37.26 -12.72 -41.21
C PHE L 210 -36.83 -12.78 -42.68
N ASN L 211 -37.82 -12.75 -43.60
CA ASN L 211 -37.60 -12.79 -45.04
C ASN L 211 -38.07 -11.49 -45.68
N ARG L 212 -37.15 -10.75 -46.33
CA ARG L 212 -37.42 -9.45 -46.92
C ARG L 212 -38.74 -9.48 -47.67
N GLY L 213 -38.86 -10.43 -48.62
CA GLY L 213 -40.06 -10.62 -49.42
C GLY L 213 -41.33 -10.63 -48.56
N GLU L 214 -41.41 -11.58 -47.61
CA GLU L 214 -42.59 -11.74 -46.78
C GLU L 214 -42.91 -10.42 -46.09
N CYS L 215 -44.16 -9.97 -46.18
CA CYS L 215 -44.62 -8.75 -45.56
C CYS L 215 -43.54 -7.65 -45.61
#